data_2JNK
#
_entry.id   2JNK
#
_entity_poly.entity_id   1
_entity_poly.type   'polypeptide(L)'
_entity_poly.pdbx_seq_one_letter_code
;MDKTNLGELINQGKSLLDESVEGFNVGEYHKGAKDGLTVEINKAEEVFNKEDATEEEINLAKESLEGAIARFNSLLIEES
TGDFNGNGKIDIGDLAMVSKNIGSTTNTSLDLNKDGSIDEYEISFINHRILNLEHHHHHH
;
_entity_poly.pdbx_strand_id   A
#
# COMPACT_ATOMS: atom_id res chain seq x y z
N MET A 1 1.50 27.60 13.89
CA MET A 1 1.85 26.19 14.17
C MET A 1 2.67 25.59 13.02
N ASP A 2 3.99 25.76 13.09
CA ASP A 2 4.87 25.23 12.06
C ASP A 2 4.76 23.72 11.96
N LYS A 3 5.67 23.11 11.21
CA LYS A 3 5.67 21.66 11.03
C LYS A 3 4.31 21.16 10.51
N THR A 4 3.60 22.05 9.82
CA THR A 4 2.29 21.70 9.26
C THR A 4 2.40 20.49 8.34
N ASN A 5 3.26 20.61 7.33
CA ASN A 5 3.46 19.53 6.36
C ASN A 5 3.69 18.20 7.07
N LEU A 6 4.36 18.25 8.22
CA LEU A 6 4.65 17.05 8.99
C LEU A 6 3.42 16.61 9.76
N GLY A 7 3.03 17.40 10.76
CA GLY A 7 1.88 17.08 11.56
C GLY A 7 0.63 16.78 10.73
N GLU A 8 0.64 17.20 9.48
CA GLU A 8 -0.50 16.98 8.60
C GLU A 8 -0.32 15.70 7.77
N LEU A 9 0.92 15.31 7.54
CA LEU A 9 1.20 14.12 6.76
C LEU A 9 1.55 12.94 7.65
N ILE A 10 1.94 13.24 8.89
CA ILE A 10 2.31 12.19 9.82
C ILE A 10 1.16 11.76 10.71
N ASN A 11 0.34 12.71 11.16
CA ASN A 11 -0.81 12.40 12.01
C ASN A 11 -1.49 11.13 11.53
N GLN A 12 -1.70 11.09 10.23
CA GLN A 12 -2.33 9.95 9.58
C GLN A 12 -1.33 8.82 9.38
N GLY A 13 -0.08 9.18 9.13
CA GLY A 13 0.96 8.19 8.91
C GLY A 13 1.04 7.16 10.02
N LYS A 14 1.44 7.60 11.20
CA LYS A 14 1.55 6.70 12.35
C LYS A 14 0.19 6.12 12.71
N SER A 15 -0.87 6.76 12.26
CA SER A 15 -2.23 6.30 12.53
C SER A 15 -2.65 5.27 11.48
N LEU A 16 -2.00 5.30 10.32
CA LEU A 16 -2.28 4.37 9.25
C LEU A 16 -1.63 3.02 9.57
N LEU A 17 -0.31 3.05 9.69
CA LEU A 17 0.46 1.86 10.01
C LEU A 17 -0.04 1.22 11.30
N ASP A 18 -0.53 2.06 12.21
CA ASP A 18 -1.06 1.58 13.49
C ASP A 18 -2.53 1.18 13.37
N GLU A 19 -3.11 1.39 12.20
CA GLU A 19 -4.50 1.04 11.95
C GLU A 19 -4.50 -0.18 11.05
N SER A 20 -3.57 -0.16 10.11
CA SER A 20 -3.41 -1.22 9.17
C SER A 20 -2.70 -2.38 9.82
N VAL A 21 -2.71 -3.47 9.12
CA VAL A 21 -2.08 -4.69 9.58
C VAL A 21 -1.73 -5.58 8.40
N GLU A 22 -0.56 -6.18 8.45
CA GLU A 22 -0.14 -7.07 7.38
C GLU A 22 -0.83 -8.43 7.52
N GLY A 23 -1.75 -8.71 6.61
CA GLY A 23 -2.47 -9.97 6.64
C GLY A 23 -2.42 -10.69 5.30
N PHE A 24 -3.43 -10.45 4.46
CA PHE A 24 -3.50 -11.07 3.14
C PHE A 24 -4.87 -10.86 2.50
N ASN A 25 -5.41 -9.65 2.65
CA ASN A 25 -6.71 -9.32 2.07
C ASN A 25 -7.11 -7.88 2.41
N VAL A 26 -8.26 -7.46 1.88
CA VAL A 26 -8.75 -6.10 2.12
C VAL A 26 -8.72 -5.77 3.61
N GLY A 27 -8.03 -4.69 3.95
CA GLY A 27 -7.92 -4.29 5.34
C GLY A 27 -6.60 -4.68 5.95
N GLU A 28 -5.82 -5.50 5.23
CA GLU A 28 -4.54 -5.95 5.69
C GLU A 28 -3.61 -6.18 4.51
N TYR A 29 -2.39 -5.67 4.61
CA TYR A 29 -1.43 -5.81 3.53
C TYR A 29 -0.57 -7.05 3.70
N HIS A 30 0.26 -7.34 2.73
CA HIS A 30 1.12 -8.53 2.79
C HIS A 30 2.33 -8.30 3.69
N LYS A 31 3.28 -7.51 3.20
CA LYS A 31 4.49 -7.22 3.95
C LYS A 31 5.29 -6.10 3.31
N GLY A 32 6.14 -5.45 4.10
CA GLY A 32 6.97 -4.38 3.57
C GLY A 32 6.25 -3.04 3.60
N ALA A 33 5.00 -3.02 4.06
CA ALA A 33 4.23 -1.79 4.13
C ALA A 33 4.51 -1.03 5.42
N LYS A 34 4.39 -1.72 6.56
CA LYS A 34 4.64 -1.13 7.87
C LYS A 34 5.90 -0.26 7.90
N ASP A 35 6.84 -0.53 6.99
CA ASP A 35 8.08 0.23 6.96
C ASP A 35 7.92 1.55 6.20
N GLY A 36 7.75 1.48 4.88
CA GLY A 36 7.60 2.70 4.08
C GLY A 36 6.85 3.79 4.81
N LEU A 37 5.53 3.64 4.93
CA LEU A 37 4.71 4.61 5.60
C LEU A 37 5.29 5.04 6.95
N THR A 38 6.14 4.21 7.55
CA THR A 38 6.76 4.57 8.83
C THR A 38 8.11 5.22 8.57
N VAL A 39 8.81 4.72 7.55
CA VAL A 39 10.11 5.26 7.18
C VAL A 39 9.97 6.76 6.94
N GLU A 40 8.84 7.13 6.38
CA GLU A 40 8.53 8.53 6.14
C GLU A 40 8.29 9.20 7.49
N ILE A 41 7.73 8.42 8.42
CA ILE A 41 7.45 8.90 9.77
C ILE A 41 8.76 9.02 10.56
N ASN A 42 9.51 7.93 10.63
CA ASN A 42 10.80 7.94 11.32
C ASN A 42 11.58 9.16 10.86
N LYS A 43 11.44 9.46 9.57
CA LYS A 43 12.12 10.61 8.97
C LYS A 43 11.29 11.89 9.11
N ALA A 44 9.97 11.76 9.18
CA ALA A 44 9.08 12.92 9.30
C ALA A 44 8.96 13.39 10.74
N GLU A 45 8.51 12.51 11.62
CA GLU A 45 8.33 12.85 13.03
C GLU A 45 9.60 13.51 13.57
N GLU A 46 10.75 12.98 13.18
CA GLU A 46 12.02 13.55 13.60
C GLU A 46 12.10 15.00 13.18
N VAL A 47 11.31 15.35 12.15
CA VAL A 47 11.25 16.72 11.63
C VAL A 47 10.07 17.44 12.26
N PHE A 48 8.93 16.75 12.32
CA PHE A 48 7.72 17.33 12.91
C PHE A 48 8.05 18.03 14.23
N ASN A 49 8.86 17.37 15.04
CA ASN A 49 9.25 17.91 16.33
C ASN A 49 10.67 18.48 16.29
N LYS A 50 11.25 18.57 15.09
CA LYS A 50 12.61 19.10 14.94
C LYS A 50 12.65 20.62 15.06
N GLU A 51 13.83 21.14 15.41
CA GLU A 51 14.01 22.59 15.55
C GLU A 51 14.36 23.18 14.20
N ASP A 52 15.20 22.49 13.45
CA ASP A 52 15.55 22.97 12.12
C ASP A 52 14.50 22.53 11.12
N ALA A 53 13.35 22.10 11.63
CA ALA A 53 12.25 21.69 10.78
C ALA A 53 11.58 22.93 10.22
N THR A 54 12.43 23.84 9.77
CA THR A 54 12.01 25.10 9.20
C THR A 54 11.72 24.93 7.71
N GLU A 55 12.37 25.73 6.92
CA GLU A 55 12.18 25.70 5.48
C GLU A 55 13.08 24.64 4.82
N GLU A 56 14.00 24.08 5.59
CA GLU A 56 14.93 23.08 5.06
C GLU A 56 14.48 21.63 5.34
N GLU A 57 14.08 21.36 6.59
CA GLU A 57 13.70 19.99 6.97
C GLU A 57 12.26 19.61 6.64
N ILE A 58 11.31 20.54 6.79
CA ILE A 58 9.90 20.23 6.52
C ILE A 58 9.73 19.64 5.13
N ASN A 59 10.02 20.43 4.11
CA ASN A 59 9.89 19.96 2.73
C ASN A 59 10.75 18.73 2.52
N LEU A 60 11.85 18.66 3.28
CA LEU A 60 12.76 17.53 3.20
C LEU A 60 12.15 16.30 3.85
N ALA A 61 11.28 16.52 4.83
CA ALA A 61 10.63 15.42 5.54
C ALA A 61 9.25 15.12 4.97
N LYS A 62 8.66 16.09 4.29
CA LYS A 62 7.35 15.91 3.69
C LYS A 62 7.42 15.09 2.42
N GLU A 63 8.59 15.10 1.78
CA GLU A 63 8.81 14.36 0.53
C GLU A 63 8.25 12.95 0.60
N SER A 64 8.79 12.14 1.50
CA SER A 64 8.35 10.77 1.66
C SER A 64 7.01 10.71 2.41
N LEU A 65 6.64 11.80 3.04
CA LEU A 65 5.39 11.85 3.78
C LEU A 65 4.22 11.93 2.81
N GLU A 66 4.45 12.59 1.69
CA GLU A 66 3.42 12.75 0.67
C GLU A 66 3.49 11.63 -0.36
N GLY A 67 4.55 10.83 -0.32
CA GLY A 67 4.71 9.76 -1.27
C GLY A 67 4.76 8.38 -0.62
N ALA A 68 4.97 8.35 0.68
CA ALA A 68 5.04 7.08 1.41
C ALA A 68 3.66 6.65 1.89
N ILE A 69 2.86 7.59 2.38
CA ILE A 69 1.53 7.28 2.83
C ILE A 69 0.71 6.86 1.63
N ALA A 70 0.86 7.62 0.56
CA ALA A 70 0.15 7.34 -0.67
C ALA A 70 0.42 5.91 -1.14
N ARG A 71 1.55 5.38 -0.73
CA ARG A 71 1.93 4.02 -1.09
C ARG A 71 1.24 3.01 -0.19
N PHE A 72 1.50 3.10 1.12
CA PHE A 72 0.90 2.20 2.08
C PHE A 72 -0.63 2.20 2.00
N ASN A 73 -1.21 3.36 1.69
CA ASN A 73 -2.66 3.47 1.59
C ASN A 73 -3.22 2.34 0.72
N SER A 74 -2.46 1.99 -0.31
CA SER A 74 -2.87 0.92 -1.21
C SER A 74 -2.03 -0.34 -1.00
N LEU A 75 -1.60 -0.55 0.24
CA LEU A 75 -0.79 -1.73 0.58
C LEU A 75 -1.67 -2.84 1.17
N LEU A 76 -2.68 -2.44 1.93
CA LEU A 76 -3.60 -3.37 2.58
C LEU A 76 -4.59 -3.94 1.57
N ILE A 77 -4.08 -4.44 0.46
CA ILE A 77 -4.95 -4.98 -0.58
C ILE A 77 -6.02 -3.96 -0.87
N GLU A 78 -5.59 -2.81 -1.37
CA GLU A 78 -6.47 -1.71 -1.69
C GLU A 78 -7.92 -2.16 -1.71
N GLU A 79 -8.72 -1.52 -0.88
CA GLU A 79 -10.13 -1.82 -0.74
C GLU A 79 -10.78 -2.17 -2.09
N SER A 80 -10.18 -1.71 -3.18
CA SER A 80 -10.71 -1.99 -4.51
C SER A 80 -9.60 -2.37 -5.51
N THR A 81 -8.54 -3.03 -5.05
CA THR A 81 -7.46 -3.42 -5.96
C THR A 81 -7.83 -4.65 -6.77
N GLY A 82 -8.90 -5.33 -6.38
CA GLY A 82 -9.33 -6.51 -7.11
C GLY A 82 -9.33 -6.31 -8.61
N ASP A 83 -9.65 -5.10 -9.05
CA ASP A 83 -9.68 -4.78 -10.46
C ASP A 83 -8.27 -4.66 -11.03
N PHE A 84 -7.64 -5.80 -11.26
CA PHE A 84 -6.28 -5.84 -11.79
C PHE A 84 -6.25 -5.34 -13.23
N ASN A 85 -7.12 -5.89 -14.07
CA ASN A 85 -7.18 -5.49 -15.46
C ASN A 85 -7.54 -4.01 -15.60
N GLY A 86 -8.10 -3.45 -14.54
CA GLY A 86 -8.49 -2.05 -14.57
C GLY A 86 -9.82 -1.82 -15.26
N ASN A 87 -10.39 -2.90 -15.81
CA ASN A 87 -11.67 -2.81 -16.50
C ASN A 87 -12.80 -3.37 -15.64
N GLY A 88 -12.45 -4.27 -14.72
CA GLY A 88 -13.45 -4.86 -13.85
C GLY A 88 -13.56 -6.36 -14.04
N LYS A 89 -12.55 -7.09 -13.59
CA LYS A 89 -12.53 -8.54 -13.72
C LYS A 89 -11.58 -9.17 -12.69
N ILE A 90 -12.13 -9.98 -11.81
CA ILE A 90 -11.33 -10.65 -10.79
C ILE A 90 -11.45 -12.16 -10.87
N ASP A 91 -10.63 -12.76 -11.72
CA ASP A 91 -10.66 -14.21 -11.91
C ASP A 91 -9.44 -14.68 -12.70
N ILE A 92 -9.09 -13.92 -13.73
CA ILE A 92 -7.94 -14.25 -14.56
C ILE A 92 -6.77 -13.32 -14.26
N GLY A 93 -7.08 -12.14 -13.73
CA GLY A 93 -6.05 -11.17 -13.39
C GLY A 93 -4.95 -11.77 -12.53
N ASP A 94 -5.25 -12.89 -11.88
CA ASP A 94 -4.27 -13.55 -11.02
C ASP A 94 -3.40 -14.49 -11.84
N LEU A 95 -4.00 -15.12 -12.84
CA LEU A 95 -3.27 -16.05 -13.70
C LEU A 95 -3.09 -15.49 -15.10
N ALA A 96 -3.01 -14.16 -15.20
CA ALA A 96 -2.82 -13.52 -16.50
C ALA A 96 -2.35 -12.07 -16.36
N MET A 97 -2.89 -11.34 -15.40
CA MET A 97 -2.52 -9.95 -15.20
C MET A 97 -1.34 -9.80 -14.23
N VAL A 98 -1.62 -9.99 -12.94
CA VAL A 98 -0.61 -9.85 -11.91
C VAL A 98 0.54 -10.86 -12.08
N SER A 99 0.24 -12.15 -11.99
CA SER A 99 1.28 -13.16 -12.11
C SER A 99 2.13 -12.99 -13.37
N LYS A 100 1.65 -12.18 -14.31
CA LYS A 100 2.37 -11.97 -15.57
C LYS A 100 3.72 -11.32 -15.36
N ASN A 101 3.73 -10.12 -14.83
CA ASN A 101 4.98 -9.40 -14.61
C ASN A 101 5.67 -9.90 -13.34
N ILE A 102 4.91 -10.01 -12.26
CA ILE A 102 5.44 -10.47 -10.98
C ILE A 102 6.82 -9.88 -10.70
N GLY A 103 6.84 -8.84 -9.90
CA GLY A 103 8.09 -8.20 -9.54
C GLY A 103 8.41 -7.00 -10.41
N SER A 104 7.40 -6.45 -11.06
CA SER A 104 7.59 -5.29 -11.94
C SER A 104 7.14 -4.01 -11.24
N THR A 105 8.02 -3.01 -11.24
CA THR A 105 7.71 -1.74 -10.61
C THR A 105 7.19 -0.73 -11.63
N THR A 106 6.66 -1.24 -12.75
CA THR A 106 6.13 -0.39 -13.80
C THR A 106 4.62 -0.56 -13.90
N ASN A 107 4.13 -1.76 -13.60
CA ASN A 107 2.71 -2.04 -13.64
C ASN A 107 2.14 -2.19 -12.23
N THR A 108 2.17 -1.10 -11.47
CA THR A 108 1.66 -1.09 -10.12
C THR A 108 0.15 -0.86 -10.09
N SER A 109 -0.44 -0.68 -11.27
CA SER A 109 -1.86 -0.44 -11.39
C SER A 109 -2.70 -1.61 -10.86
N LEU A 110 -2.08 -2.77 -10.68
CA LEU A 110 -2.82 -3.93 -10.19
C LEU A 110 -2.05 -4.73 -9.13
N ASP A 111 -1.39 -4.03 -8.21
CA ASP A 111 -0.68 -4.67 -7.14
C ASP A 111 -1.42 -4.41 -5.85
N LEU A 112 -2.13 -5.44 -5.35
CA LEU A 112 -2.90 -5.30 -4.11
C LEU A 112 -2.15 -4.47 -3.08
N ASN A 113 -0.83 -4.52 -3.17
CA ASN A 113 0.04 -3.79 -2.28
C ASN A 113 0.51 -2.48 -2.91
N LYS A 114 0.79 -2.54 -4.21
CA LYS A 114 1.29 -1.38 -4.94
C LYS A 114 2.71 -1.09 -4.51
N ASP A 115 3.43 -2.15 -4.17
CA ASP A 115 4.81 -2.03 -3.74
C ASP A 115 5.75 -1.87 -4.93
N GLY A 116 5.17 -1.89 -6.14
CA GLY A 116 5.99 -1.75 -7.33
C GLY A 116 6.64 -3.06 -7.72
N SER A 117 5.90 -4.14 -7.53
CA SER A 117 6.39 -5.48 -7.85
C SER A 117 5.30 -6.50 -7.64
N ILE A 118 4.79 -7.06 -8.73
CA ILE A 118 3.77 -8.06 -8.60
C ILE A 118 4.33 -9.29 -7.94
N ASP A 119 3.97 -9.44 -6.70
CA ASP A 119 4.44 -10.56 -5.90
C ASP A 119 3.31 -11.19 -5.10
N GLU A 120 3.67 -11.85 -4.01
CA GLU A 120 2.69 -12.52 -3.15
C GLU A 120 1.63 -11.54 -2.65
N TYR A 121 2.08 -10.35 -2.27
CA TYR A 121 1.18 -9.32 -1.75
C TYR A 121 0.01 -9.09 -2.71
N GLU A 122 0.27 -9.32 -3.99
CA GLU A 122 -0.75 -9.10 -5.02
C GLU A 122 -1.56 -10.36 -5.35
N ILE A 123 -1.09 -11.51 -4.89
CA ILE A 123 -1.79 -12.77 -5.14
C ILE A 123 -2.71 -13.14 -3.98
N SER A 124 -2.36 -12.67 -2.79
CA SER A 124 -3.13 -12.96 -1.58
C SER A 124 -4.65 -12.86 -1.80
N PHE A 125 -5.11 -11.68 -2.20
CA PHE A 125 -6.54 -11.46 -2.42
C PHE A 125 -7.12 -12.46 -3.42
N ILE A 126 -6.81 -12.25 -4.70
CA ILE A 126 -7.32 -13.13 -5.77
C ILE A 126 -7.26 -14.60 -5.36
N ASN A 127 -6.09 -15.05 -4.92
CA ASN A 127 -5.91 -16.45 -4.50
C ASN A 127 -7.07 -16.91 -3.63
N HIS A 128 -7.59 -16.00 -2.82
CA HIS A 128 -8.72 -16.31 -1.94
C HIS A 128 -10.05 -15.98 -2.61
N ARG A 129 -10.14 -14.77 -3.16
CA ARG A 129 -11.36 -14.32 -3.83
C ARG A 129 -11.78 -15.32 -4.91
N ILE A 130 -10.80 -15.88 -5.60
CA ILE A 130 -11.08 -16.85 -6.65
C ILE A 130 -11.83 -18.06 -6.10
N LEU A 131 -11.25 -18.71 -5.09
CA LEU A 131 -11.87 -19.88 -4.47
C LEU A 131 -13.22 -19.52 -3.86
N ASN A 132 -13.19 -18.63 -2.87
CA ASN A 132 -14.41 -18.19 -2.20
C ASN A 132 -15.10 -17.07 -2.98
N LEU A 133 -15.43 -17.36 -4.23
CA LEU A 133 -16.09 -16.37 -5.08
C LEU A 133 -17.60 -16.65 -5.16
N GLU A 134 -17.96 -17.92 -5.09
CA GLU A 134 -19.37 -18.32 -5.14
C GLU A 134 -19.54 -19.77 -4.70
N HIS A 135 -20.78 -20.17 -4.50
CA HIS A 135 -21.09 -21.54 -4.07
C HIS A 135 -22.38 -22.04 -4.71
N HIS A 136 -22.57 -21.71 -5.98
CA HIS A 136 -23.77 -22.13 -6.71
C HIS A 136 -23.40 -22.99 -7.91
N HIS A 137 -22.44 -22.52 -8.71
CA HIS A 137 -22.01 -23.25 -9.89
C HIS A 137 -20.75 -22.62 -10.48
N HIS A 138 -20.88 -21.39 -10.97
CA HIS A 138 -19.77 -20.68 -11.57
C HIS A 138 -20.13 -19.23 -11.85
N HIS A 139 -19.20 -18.50 -12.47
CA HIS A 139 -19.43 -17.09 -12.80
C HIS A 139 -19.65 -16.27 -11.53
N HIS A 140 -19.31 -14.98 -11.60
CA HIS A 140 -19.47 -14.09 -10.47
C HIS A 140 -20.94 -13.88 -10.14
N MET A 1 8.54 28.19 8.39
CA MET A 1 9.00 27.86 9.78
C MET A 1 7.89 27.21 10.58
N ASP A 2 7.14 26.32 9.93
CA ASP A 2 6.05 25.63 10.59
C ASP A 2 5.98 24.16 10.13
N LYS A 3 5.74 23.27 11.09
CA LYS A 3 5.66 21.84 10.78
C LYS A 3 4.21 21.42 10.55
N THR A 4 3.48 22.22 9.78
CA THR A 4 2.09 21.93 9.48
C THR A 4 1.98 20.86 8.40
N ASN A 5 2.94 20.84 7.49
CA ASN A 5 2.94 19.88 6.39
C ASN A 5 3.17 18.45 6.91
N LEU A 6 3.93 18.33 7.99
CA LEU A 6 4.21 17.03 8.58
C LEU A 6 3.13 16.68 9.58
N GLY A 7 2.94 17.56 10.56
CA GLY A 7 1.92 17.34 11.57
C GLY A 7 0.58 17.01 10.97
N GLU A 8 0.38 17.43 9.73
CA GLU A 8 -0.88 17.18 9.02
C GLU A 8 -0.80 15.87 8.23
N LEU A 9 0.42 15.42 7.94
CA LEU A 9 0.61 14.19 7.18
C LEU A 9 0.96 13.04 8.12
N ILE A 10 1.38 13.37 9.34
CA ILE A 10 1.76 12.35 10.31
C ILE A 10 0.59 11.93 11.18
N ASN A 11 -0.27 12.87 11.52
CA ASN A 11 -1.45 12.55 12.34
C ASN A 11 -2.15 11.34 11.76
N GLN A 12 -2.10 11.23 10.44
CA GLN A 12 -2.72 10.12 9.73
C GLN A 12 -1.69 9.02 9.43
N GLY A 13 -0.44 9.44 9.20
CA GLY A 13 0.61 8.49 8.91
C GLY A 13 0.77 7.45 10.01
N LYS A 14 1.18 7.92 11.19
CA LYS A 14 1.36 7.04 12.34
C LYS A 14 0.06 6.32 12.66
N SER A 15 -1.05 6.95 12.27
CA SER A 15 -2.37 6.36 12.49
C SER A 15 -2.65 5.28 11.45
N LEU A 16 -2.01 5.41 10.29
CA LEU A 16 -2.15 4.45 9.22
C LEU A 16 -1.41 3.18 9.59
N LEU A 17 -0.09 3.29 9.69
CA LEU A 17 0.75 2.16 10.06
C LEU A 17 0.20 1.44 11.28
N ASP A 18 -0.45 2.20 12.16
CA ASP A 18 -1.02 1.64 13.39
C ASP A 18 -2.33 0.90 13.11
N GLU A 19 -3.05 1.33 12.08
CA GLU A 19 -4.34 0.72 11.74
C GLU A 19 -4.19 -0.21 10.53
N SER A 20 -3.06 -0.11 9.83
CA SER A 20 -2.80 -0.94 8.67
C SER A 20 -1.80 -2.02 9.01
N VAL A 21 -2.30 -3.23 9.15
CA VAL A 21 -1.44 -4.36 9.49
C VAL A 21 -1.16 -5.21 8.27
N GLU A 22 0.05 -5.73 8.19
CA GLU A 22 0.43 -6.59 7.08
C GLU A 22 -0.14 -7.99 7.26
N GLY A 23 -1.13 -8.35 6.44
CA GLY A 23 -1.75 -9.65 6.53
C GLY A 23 -1.76 -10.38 5.20
N PHE A 24 -2.88 -10.27 4.49
CA PHE A 24 -3.02 -10.92 3.19
C PHE A 24 -4.45 -10.78 2.65
N ASN A 25 -5.03 -9.59 2.83
CA ASN A 25 -6.39 -9.34 2.36
C ASN A 25 -6.80 -7.90 2.61
N VAL A 26 -7.99 -7.53 2.14
CA VAL A 26 -8.50 -6.17 2.32
C VAL A 26 -8.42 -5.76 3.79
N GLY A 27 -7.64 -4.71 4.06
CA GLY A 27 -7.48 -4.24 5.42
C GLY A 27 -6.08 -4.51 5.94
N GLU A 28 -5.41 -5.50 5.35
CA GLU A 28 -4.07 -5.86 5.73
C GLU A 28 -3.20 -6.05 4.49
N TYR A 29 -1.99 -5.51 4.53
CA TYR A 29 -1.09 -5.61 3.38
C TYR A 29 -0.12 -6.78 3.51
N HIS A 30 0.66 -7.02 2.47
CA HIS A 30 1.62 -8.12 2.48
C HIS A 30 2.86 -7.80 3.31
N LYS A 31 3.69 -6.88 2.82
CA LYS A 31 4.91 -6.50 3.52
C LYS A 31 5.59 -5.33 2.85
N GLY A 32 6.17 -4.44 3.64
CA GLY A 32 6.87 -3.28 3.10
C GLY A 32 6.26 -1.96 3.53
N ALA A 33 4.95 -1.96 3.78
CA ALA A 33 4.26 -0.75 4.20
C ALA A 33 4.79 -0.23 5.53
N LYS A 34 4.74 -1.07 6.57
CA LYS A 34 5.21 -0.69 7.90
C LYS A 34 6.60 -0.06 7.88
N ASP A 35 7.31 -0.15 6.75
CA ASP A 35 8.64 0.43 6.63
C ASP A 35 8.58 1.82 5.99
N GLY A 36 8.26 1.87 4.70
CA GLY A 36 8.16 3.14 3.99
C GLY A 36 7.36 4.18 4.75
N LEU A 37 6.04 4.00 4.81
CA LEU A 37 5.18 4.93 5.53
C LEU A 37 5.73 5.21 6.93
N THR A 38 6.52 4.29 7.45
CA THR A 38 7.09 4.48 8.78
C THR A 38 8.41 5.23 8.65
N VAL A 39 9.13 4.93 7.58
CA VAL A 39 10.40 5.58 7.30
C VAL A 39 10.16 7.08 7.21
N GLU A 40 8.99 7.44 6.72
CA GLU A 40 8.59 8.83 6.65
C GLU A 40 8.11 9.25 8.03
N ILE A 41 7.51 8.30 8.76
CA ILE A 41 7.04 8.53 10.12
C ILE A 41 8.24 8.80 11.02
N ASN A 42 9.05 7.76 11.22
CA ASN A 42 10.25 7.89 12.05
C ASN A 42 11.00 9.17 11.70
N LYS A 43 11.03 9.48 10.41
CA LYS A 43 11.73 10.67 9.93
C LYS A 43 10.85 11.93 9.97
N ALA A 44 9.54 11.76 10.03
CA ALA A 44 8.63 12.91 10.04
C ALA A 44 8.47 13.49 11.44
N GLU A 45 7.90 12.71 12.36
CA GLU A 45 7.70 13.18 13.73
C GLU A 45 8.99 13.75 14.28
N GLU A 46 10.11 13.18 13.85
CA GLU A 46 11.42 13.65 14.28
C GLU A 46 11.63 15.09 13.81
N VAL A 47 10.96 15.44 12.71
CA VAL A 47 11.04 16.78 12.15
C VAL A 47 9.85 17.62 12.63
N PHE A 48 8.66 17.02 12.65
CA PHE A 48 7.46 17.72 13.09
C PHE A 48 7.71 18.45 14.40
N ASN A 49 8.28 17.76 15.37
CA ASN A 49 8.58 18.35 16.67
C ASN A 49 10.02 18.86 16.71
N LYS A 50 10.63 19.02 15.54
CA LYS A 50 12.00 19.50 15.46
C LYS A 50 12.07 21.02 15.33
N GLU A 51 13.26 21.57 15.59
CA GLU A 51 13.46 23.01 15.49
C GLU A 51 13.92 23.40 14.11
N ASP A 52 14.67 22.52 13.45
CA ASP A 52 15.12 22.81 12.10
C ASP A 52 14.06 22.41 11.10
N ALA A 53 12.84 22.18 11.60
CA ALA A 53 11.73 21.86 10.74
C ALA A 53 11.27 23.13 10.08
N THR A 54 12.23 23.83 9.53
CA THR A 54 12.02 25.11 8.85
C THR A 54 11.81 24.89 7.36
N GLU A 55 12.59 25.60 6.59
CA GLU A 55 12.49 25.51 5.13
C GLU A 55 13.38 24.41 4.56
N GLU A 56 14.29 23.88 5.38
CA GLU A 56 15.19 22.83 4.94
C GLU A 56 14.72 21.42 5.32
N GLU A 57 14.54 21.18 6.61
CA GLU A 57 14.16 19.86 7.12
C GLU A 57 12.73 19.43 6.80
N ILE A 58 11.78 20.36 6.78
CA ILE A 58 10.39 19.99 6.49
C ILE A 58 10.25 19.32 5.13
N ASN A 59 10.46 20.10 4.08
CA ASN A 59 10.36 19.56 2.72
C ASN A 59 11.20 18.30 2.61
N LEU A 60 12.26 18.24 3.41
CA LEU A 60 13.16 17.10 3.43
C LEU A 60 12.51 15.93 4.16
N ALA A 61 11.71 16.25 5.17
CA ALA A 61 11.03 15.22 5.96
C ALA A 61 9.64 14.89 5.40
N LYS A 62 9.10 15.80 4.60
CA LYS A 62 7.78 15.62 4.01
C LYS A 62 7.84 14.78 2.74
N GLU A 63 9.01 14.77 2.09
CA GLU A 63 9.21 14.02 0.85
C GLU A 63 8.61 12.62 0.93
N SER A 64 8.97 11.87 1.97
CA SER A 64 8.46 10.52 2.16
C SER A 64 7.16 10.51 2.94
N LEU A 65 6.82 11.64 3.56
CA LEU A 65 5.59 11.74 4.33
C LEU A 65 4.39 11.77 3.41
N GLU A 66 4.56 12.44 2.28
CA GLU A 66 3.50 12.56 1.30
C GLU A 66 3.63 11.49 0.19
N GLY A 67 4.80 10.87 0.11
CA GLY A 67 5.02 9.87 -0.93
C GLY A 67 5.02 8.44 -0.41
N ALA A 68 5.19 8.27 0.90
CA ALA A 68 5.21 6.93 1.48
C ALA A 68 3.81 6.47 1.85
N ILE A 69 3.00 7.39 2.40
CA ILE A 69 1.62 7.05 2.76
C ILE A 69 0.93 6.62 1.51
N ALA A 70 1.18 7.39 0.46
CA ALA A 70 0.60 7.12 -0.84
C ALA A 70 0.79 5.65 -1.21
N ARG A 71 1.84 5.05 -0.65
CA ARG A 71 2.14 3.64 -0.88
C ARG A 71 1.27 2.78 0.03
N PHE A 72 1.46 2.91 1.35
CA PHE A 72 0.69 2.13 2.30
C PHE A 72 -0.81 2.21 2.01
N ASN A 73 -1.30 3.43 1.76
CA ASN A 73 -2.72 3.63 1.47
C ASN A 73 -3.27 2.53 0.58
N SER A 74 -2.52 2.20 -0.46
CA SER A 74 -2.92 1.15 -1.39
C SER A 74 -2.05 -0.09 -1.23
N LEU A 75 -1.80 -0.48 0.02
CA LEU A 75 -0.96 -1.65 0.30
C LEU A 75 -1.74 -2.75 1.00
N LEU A 76 -2.70 -2.37 1.84
CA LEU A 76 -3.52 -3.32 2.58
C LEU A 76 -4.55 -3.95 1.64
N ILE A 77 -4.07 -4.41 0.49
CA ILE A 77 -4.96 -4.99 -0.51
C ILE A 77 -6.07 -4.00 -0.79
N GLU A 78 -5.65 -2.81 -1.22
CA GLU A 78 -6.55 -1.72 -1.51
C GLU A 78 -7.98 -2.20 -1.56
N GLU A 79 -8.79 -1.60 -0.71
CA GLU A 79 -10.20 -1.94 -0.59
C GLU A 79 -10.85 -2.29 -1.94
N SER A 80 -10.26 -1.80 -3.02
CA SER A 80 -10.79 -2.09 -4.36
C SER A 80 -9.67 -2.33 -5.39
N THR A 81 -8.56 -2.98 -4.98
CA THR A 81 -7.47 -3.24 -5.93
C THR A 81 -7.70 -4.54 -6.71
N GLY A 82 -8.80 -5.22 -6.43
CA GLY A 82 -9.10 -6.45 -7.12
C GLY A 82 -9.15 -6.26 -8.62
N ASP A 83 -9.38 -5.03 -9.05
CA ASP A 83 -9.46 -4.70 -10.47
C ASP A 83 -8.06 -4.49 -11.05
N PHE A 84 -7.36 -5.58 -11.31
CA PHE A 84 -6.02 -5.52 -11.86
C PHE A 84 -6.02 -5.02 -13.30
N ASN A 85 -6.77 -5.72 -14.16
CA ASN A 85 -6.86 -5.34 -15.56
C ASN A 85 -7.46 -3.95 -15.72
N GLY A 86 -8.13 -3.48 -14.67
CA GLY A 86 -8.76 -2.18 -14.73
C GLY A 86 -10.01 -2.17 -15.59
N ASN A 87 -10.38 -3.35 -16.09
CA ASN A 87 -11.56 -3.48 -16.94
C ASN A 87 -12.83 -3.56 -16.11
N GLY A 88 -12.69 -4.02 -14.86
CA GLY A 88 -13.84 -4.13 -13.99
C GLY A 88 -14.36 -5.55 -13.88
N LYS A 89 -13.44 -6.50 -13.74
CA LYS A 89 -13.81 -7.90 -13.61
C LYS A 89 -12.69 -8.70 -12.96
N ILE A 90 -12.95 -9.24 -11.78
CA ILE A 90 -11.96 -10.02 -11.06
C ILE A 90 -12.21 -11.52 -11.21
N ASP A 91 -11.29 -12.20 -11.87
CA ASP A 91 -11.41 -13.64 -12.09
C ASP A 91 -10.31 -14.15 -13.01
N ILE A 92 -10.40 -13.79 -14.28
CA ILE A 92 -9.39 -14.21 -15.25
C ILE A 92 -8.09 -13.45 -15.06
N GLY A 93 -8.19 -12.26 -14.48
CA GLY A 93 -7.01 -11.46 -14.24
C GLY A 93 -6.16 -12.00 -13.10
N ASP A 94 -6.49 -13.20 -12.63
CA ASP A 94 -5.76 -13.83 -11.54
C ASP A 94 -4.71 -14.80 -12.08
N LEU A 95 -5.12 -15.67 -12.99
CA LEU A 95 -4.22 -16.65 -13.57
C LEU A 95 -3.73 -16.21 -14.94
N ALA A 96 -3.64 -14.90 -15.15
CA ALA A 96 -3.19 -14.39 -16.44
C ALA A 96 -2.66 -12.95 -16.35
N MET A 97 -3.18 -12.17 -15.41
CA MET A 97 -2.75 -10.79 -15.27
C MET A 97 -1.57 -10.63 -14.31
N VAL A 98 -1.84 -10.75 -13.01
CA VAL A 98 -0.82 -10.58 -11.98
C VAL A 98 0.30 -11.61 -12.07
N SER A 99 0.00 -12.88 -11.81
CA SER A 99 1.03 -13.91 -11.84
C SER A 99 1.84 -13.92 -13.14
N LYS A 100 1.34 -13.24 -14.17
CA LYS A 100 2.05 -13.22 -15.45
C LYS A 100 3.26 -12.29 -15.42
N ASN A 101 3.09 -11.08 -14.90
CA ASN A 101 4.20 -10.15 -14.82
C ASN A 101 5.12 -10.59 -13.70
N ILE A 102 4.53 -10.66 -12.51
CA ILE A 102 5.23 -11.05 -11.30
C ILE A 102 6.63 -10.49 -11.26
N GLY A 103 6.76 -9.41 -10.54
CA GLY A 103 8.02 -8.73 -10.38
C GLY A 103 8.15 -7.51 -11.27
N SER A 104 7.04 -7.14 -11.93
CA SER A 104 7.02 -5.98 -12.82
C SER A 104 6.94 -4.69 -12.02
N THR A 105 7.94 -3.83 -12.19
CA THR A 105 7.98 -2.55 -11.48
C THR A 105 7.39 -1.44 -12.34
N THR A 106 6.52 -1.80 -13.28
CA THR A 106 5.89 -0.82 -14.15
C THR A 106 4.46 -0.52 -13.70
N ASN A 107 3.54 -1.42 -14.02
CA ASN A 107 2.14 -1.24 -13.63
C ASN A 107 1.93 -1.67 -12.19
N THR A 108 1.50 -0.73 -11.36
CA THR A 108 1.26 -1.01 -9.95
C THR A 108 -0.18 -1.43 -9.68
N SER A 109 -1.09 -1.04 -10.57
CA SER A 109 -2.50 -1.37 -10.42
C SER A 109 -2.69 -2.86 -10.15
N LEU A 110 -1.71 -3.66 -10.55
CA LEU A 110 -1.76 -5.11 -10.37
C LEU A 110 -1.15 -5.55 -9.04
N ASP A 111 -0.56 -4.62 -8.31
CA ASP A 111 0.06 -4.94 -7.05
C ASP A 111 -0.78 -4.40 -5.91
N LEU A 112 -1.52 -5.30 -5.27
CA LEU A 112 -2.35 -4.91 -4.13
C LEU A 112 -1.49 -4.14 -3.11
N ASN A 113 -0.18 -4.29 -3.25
CA ASN A 113 0.78 -3.65 -2.38
C ASN A 113 1.39 -2.41 -3.04
N LYS A 114 1.66 -2.52 -4.34
CA LYS A 114 2.26 -1.43 -5.10
C LYS A 114 3.74 -1.34 -4.77
N ASP A 115 4.34 -2.48 -4.48
CA ASP A 115 5.76 -2.53 -4.15
C ASP A 115 6.62 -2.42 -5.40
N GLY A 116 5.98 -2.37 -6.57
CA GLY A 116 6.73 -2.27 -7.82
C GLY A 116 7.23 -3.61 -8.29
N SER A 117 6.40 -4.63 -8.09
CA SER A 117 6.73 -6.00 -8.48
C SER A 117 5.58 -6.91 -8.15
N ILE A 118 4.99 -7.47 -9.18
CA ILE A 118 3.89 -8.38 -8.98
C ILE A 118 4.39 -9.62 -8.27
N ASP A 119 4.07 -9.70 -7.01
CA ASP A 119 4.51 -10.81 -6.18
C ASP A 119 3.37 -11.35 -5.33
N GLU A 120 3.69 -11.83 -4.13
CA GLU A 120 2.68 -12.38 -3.24
C GLU A 120 1.69 -11.31 -2.79
N TYR A 121 2.20 -10.12 -2.52
CA TYR A 121 1.37 -9.00 -2.07
C TYR A 121 0.16 -8.81 -2.99
N GLU A 122 0.29 -9.20 -4.25
CA GLU A 122 -0.82 -9.04 -5.19
C GLU A 122 -1.71 -10.28 -5.26
N ILE A 123 -1.21 -11.38 -4.73
CA ILE A 123 -1.96 -12.64 -4.72
C ILE A 123 -2.74 -12.83 -3.43
N SER A 124 -2.44 -12.02 -2.43
CA SER A 124 -3.11 -12.11 -1.13
C SER A 124 -4.62 -12.23 -1.28
N PHE A 125 -5.22 -11.29 -2.00
CA PHE A 125 -6.66 -11.30 -2.22
C PHE A 125 -7.02 -12.07 -3.48
N ILE A 126 -6.12 -12.07 -4.45
CA ILE A 126 -6.34 -12.77 -5.71
C ILE A 126 -6.25 -14.29 -5.52
N ASN A 127 -5.82 -14.71 -4.34
CA ASN A 127 -5.69 -16.14 -4.05
C ASN A 127 -7.02 -16.72 -3.58
N HIS A 128 -7.70 -16.01 -2.68
CA HIS A 128 -8.98 -16.46 -2.15
C HIS A 128 -10.14 -15.90 -2.96
N ARG A 129 -10.03 -14.63 -3.38
CA ARG A 129 -11.08 -13.98 -4.14
C ARG A 129 -11.61 -14.89 -5.26
N ILE A 130 -10.73 -15.71 -5.81
CA ILE A 130 -11.09 -16.63 -6.87
C ILE A 130 -11.48 -18.00 -6.32
N LEU A 131 -10.86 -18.38 -5.20
CA LEU A 131 -11.16 -19.66 -4.58
C LEU A 131 -12.53 -19.65 -3.93
N ASN A 132 -12.78 -18.63 -3.11
CA ASN A 132 -14.06 -18.51 -2.42
C ASN A 132 -15.21 -18.44 -3.42
N LEU A 133 -14.94 -17.91 -4.60
CA LEU A 133 -15.95 -17.77 -5.64
C LEU A 133 -16.52 -19.15 -6.03
N GLU A 134 -15.67 -20.17 -5.93
CA GLU A 134 -16.08 -21.53 -6.27
C GLU A 134 -15.78 -22.49 -5.12
N HIS A 135 -16.05 -23.77 -5.34
CA HIS A 135 -15.80 -24.79 -4.33
C HIS A 135 -14.33 -24.84 -3.96
N HIS A 136 -14.05 -25.11 -2.69
CA HIS A 136 -12.67 -25.19 -2.20
C HIS A 136 -11.96 -26.41 -2.78
N HIS A 137 -11.25 -26.20 -3.88
CA HIS A 137 -10.53 -27.29 -4.54
C HIS A 137 -11.48 -28.41 -4.95
N HIS A 138 -11.91 -28.38 -6.20
CA HIS A 138 -12.82 -29.39 -6.72
C HIS A 138 -12.68 -29.52 -8.24
N HIS A 139 -11.47 -29.29 -8.75
CA HIS A 139 -11.21 -29.37 -10.17
C HIS A 139 -11.48 -30.78 -10.70
N HIS A 140 -11.22 -31.77 -9.85
CA HIS A 140 -11.44 -33.16 -10.23
C HIS A 140 -12.09 -33.93 -9.09
N MET A 1 4.97 29.72 10.35
CA MET A 1 6.35 29.20 10.18
C MET A 1 6.57 27.93 10.99
N ASP A 2 5.50 27.15 11.16
CA ASP A 2 5.57 25.91 11.92
C ASP A 2 5.78 24.72 10.99
N LYS A 3 5.76 23.52 11.56
CA LYS A 3 5.94 22.29 10.78
C LYS A 3 4.64 21.52 10.67
N THR A 4 3.57 22.21 10.30
CA THR A 4 2.27 21.58 10.14
C THR A 4 2.33 20.48 9.08
N ASN A 5 3.13 20.72 8.04
CA ASN A 5 3.27 19.76 6.95
C ASN A 5 3.55 18.36 7.50
N LEU A 6 4.24 18.29 8.63
CA LEU A 6 4.56 17.02 9.25
C LEU A 6 3.36 16.50 10.03
N GLY A 7 3.00 17.22 11.09
CA GLY A 7 1.87 16.83 11.91
C GLY A 7 0.63 16.53 11.09
N GLU A 8 0.57 17.06 9.88
CA GLU A 8 -0.57 16.84 8.99
C GLU A 8 -0.33 15.64 8.08
N LEU A 9 0.94 15.30 7.87
CA LEU A 9 1.28 14.17 7.02
C LEU A 9 1.62 12.94 7.86
N ILE A 10 1.97 13.19 9.11
CA ILE A 10 2.33 12.11 10.02
C ILE A 10 1.16 11.65 10.87
N ASN A 11 0.36 12.60 11.37
CA ASN A 11 -0.80 12.27 12.18
C ASN A 11 -1.53 11.07 11.59
N GLN A 12 -1.77 11.16 10.28
CA GLN A 12 -2.44 10.10 9.55
C GLN A 12 -1.48 8.95 9.29
N GLY A 13 -0.20 9.27 9.13
CA GLY A 13 0.80 8.26 8.88
C GLY A 13 0.87 7.22 9.98
N LYS A 14 1.26 7.65 11.18
CA LYS A 14 1.35 6.73 12.31
C LYS A 14 -0.01 6.13 12.61
N SER A 15 -1.07 6.84 12.22
CA SER A 15 -2.43 6.37 12.42
C SER A 15 -2.75 5.29 11.38
N LEU A 16 -2.15 5.44 10.20
CA LEU A 16 -2.33 4.48 9.12
C LEU A 16 -1.72 3.15 9.53
N LEU A 17 -0.39 3.15 9.61
CA LEU A 17 0.38 1.96 9.99
C LEU A 17 -0.21 1.30 11.25
N ASP A 18 -0.78 2.12 12.13
CA ASP A 18 -1.36 1.63 13.38
C ASP A 18 -2.69 0.90 13.13
N GLU A 19 -3.41 1.32 12.09
CA GLU A 19 -4.68 0.71 11.76
C GLU A 19 -4.56 -0.23 10.56
N SER A 20 -3.38 -0.24 9.94
CA SER A 20 -3.15 -1.08 8.78
C SER A 20 -2.25 -2.24 9.12
N VAL A 21 -2.85 -3.40 9.30
CA VAL A 21 -2.10 -4.60 9.62
C VAL A 21 -1.74 -5.37 8.37
N GLU A 22 -0.49 -5.83 8.30
CA GLU A 22 -0.05 -6.59 7.14
C GLU A 22 -0.55 -8.02 7.23
N GLY A 23 -1.50 -8.37 6.37
CA GLY A 23 -2.05 -9.71 6.38
C GLY A 23 -2.19 -10.30 4.98
N PHE A 24 -3.30 -9.99 4.31
CA PHE A 24 -3.55 -10.48 2.96
C PHE A 24 -5.03 -10.36 2.60
N ASN A 25 -5.65 -9.24 2.99
CA ASN A 25 -7.07 -9.01 2.70
C ASN A 25 -7.40 -7.53 2.75
N VAL A 26 -8.63 -7.20 2.40
CA VAL A 26 -9.08 -5.81 2.40
C VAL A 26 -8.82 -5.15 3.76
N GLY A 27 -7.97 -4.13 3.75
CA GLY A 27 -7.63 -3.44 4.99
C GLY A 27 -6.31 -3.91 5.56
N GLU A 28 -5.72 -4.94 4.95
CA GLU A 28 -4.46 -5.48 5.40
C GLU A 28 -3.55 -5.74 4.20
N TYR A 29 -2.30 -5.32 4.32
CA TYR A 29 -1.34 -5.50 3.25
C TYR A 29 -0.51 -6.75 3.49
N HIS A 30 0.36 -7.06 2.55
CA HIS A 30 1.20 -8.25 2.68
C HIS A 30 2.38 -7.99 3.61
N LYS A 31 3.28 -7.12 3.18
CA LYS A 31 4.47 -6.79 3.97
C LYS A 31 5.25 -5.66 3.32
N GLY A 32 6.07 -4.98 4.12
CA GLY A 32 6.86 -3.89 3.60
C GLY A 32 6.22 -2.54 3.81
N ALA A 33 4.90 -2.52 3.90
CA ALA A 33 4.16 -1.28 4.10
C ALA A 33 4.58 -0.60 5.41
N LYS A 34 4.51 -1.35 6.52
CA LYS A 34 4.89 -0.82 7.83
C LYS A 34 6.26 -0.15 7.83
N ASP A 35 7.01 -0.25 6.73
CA ASP A 35 8.32 0.36 6.64
C ASP A 35 8.25 1.75 6.00
N GLY A 36 7.95 1.79 4.70
CA GLY A 36 7.85 3.06 3.97
C GLY A 36 7.05 4.11 4.72
N LEU A 37 5.72 3.96 4.74
CA LEU A 37 4.85 4.92 5.42
C LEU A 37 5.38 5.26 6.82
N THR A 38 6.22 4.40 7.38
CA THR A 38 6.79 4.65 8.69
C THR A 38 8.16 5.31 8.54
N VAL A 39 8.89 4.88 7.53
CA VAL A 39 10.20 5.43 7.24
C VAL A 39 10.07 6.93 7.05
N GLU A 40 8.90 7.34 6.62
CA GLU A 40 8.58 8.75 6.45
C GLU A 40 8.21 9.32 7.82
N ILE A 41 7.64 8.46 8.66
CA ILE A 41 7.24 8.83 10.01
C ILE A 41 8.47 8.91 10.90
N ASN A 42 9.16 7.77 11.08
CA ASN A 42 10.38 7.76 11.89
C ASN A 42 11.20 9.00 11.57
N LYS A 43 11.21 9.35 10.29
CA LYS A 43 11.95 10.53 9.82
C LYS A 43 11.14 11.82 10.04
N ALA A 44 9.89 11.83 9.55
CA ALA A 44 9.03 13.01 9.68
C ALA A 44 8.88 13.45 11.13
N GLU A 45 8.44 12.55 11.99
CA GLU A 45 8.27 12.86 13.40
C GLU A 45 9.51 13.55 13.96
N GLU A 46 10.67 13.05 13.57
CA GLU A 46 11.93 13.64 14.01
C GLU A 46 11.99 15.10 13.60
N VAL A 47 11.22 15.45 12.57
CA VAL A 47 11.16 16.82 12.08
C VAL A 47 9.97 17.53 12.70
N PHE A 48 8.83 16.85 12.74
CA PHE A 48 7.62 17.43 13.32
C PHE A 48 7.92 18.08 14.66
N ASN A 49 8.68 17.37 15.49
CA ASN A 49 9.06 17.87 16.80
C ASN A 49 10.45 18.48 16.78
N LYS A 50 10.99 18.70 15.57
CA LYS A 50 12.33 19.28 15.43
C LYS A 50 12.30 20.80 15.51
N GLU A 51 13.47 21.39 15.75
CA GLU A 51 13.61 22.84 15.83
C GLU A 51 13.92 23.42 14.47
N ASP A 52 14.81 22.76 13.74
CA ASP A 52 15.13 23.22 12.40
C ASP A 52 14.09 22.72 11.42
N ALA A 53 12.92 22.34 11.96
CA ALA A 53 11.82 21.89 11.15
C ALA A 53 11.18 23.13 10.56
N THR A 54 12.03 23.97 10.01
CA THR A 54 11.64 25.23 9.43
C THR A 54 11.53 25.11 7.91
N GLU A 55 12.10 26.05 7.21
CA GLU A 55 12.06 26.06 5.75
C GLU A 55 13.06 25.07 5.15
N GLU A 56 13.93 24.51 5.98
CA GLU A 56 14.93 23.56 5.50
C GLU A 56 14.52 22.10 5.70
N GLU A 57 14.52 21.66 6.95
CA GLU A 57 14.20 20.26 7.28
C GLU A 57 12.80 19.83 6.85
N ILE A 58 11.80 20.68 7.05
CA ILE A 58 10.42 20.33 6.69
C ILE A 58 10.33 19.82 5.27
N ASN A 59 10.72 20.66 4.31
CA ASN A 59 10.69 20.27 2.91
C ASN A 59 11.37 18.92 2.72
N LEU A 60 12.44 18.71 3.47
CA LEU A 60 13.18 17.46 3.41
C LEU A 60 12.39 16.34 4.08
N ALA A 61 11.61 16.70 5.10
CA ALA A 61 10.80 15.71 5.83
C ALA A 61 9.46 15.48 5.14
N LYS A 62 9.02 16.44 4.33
CA LYS A 62 7.75 16.33 3.64
C LYS A 62 7.86 15.48 2.36
N GLU A 63 8.92 15.72 1.60
CA GLU A 63 9.16 14.99 0.35
C GLU A 63 9.20 13.48 0.59
N SER A 64 9.45 13.08 1.83
CA SER A 64 9.52 11.67 2.18
C SER A 64 8.18 11.20 2.73
N LEU A 65 7.30 12.14 3.02
CA LEU A 65 5.98 11.83 3.57
C LEU A 65 4.94 11.73 2.46
N GLU A 66 4.83 12.80 1.68
CA GLU A 66 3.87 12.87 0.57
C GLU A 66 3.81 11.57 -0.22
N GLY A 67 4.91 11.24 -0.88
CA GLY A 67 4.96 10.01 -1.65
C GLY A 67 5.17 8.78 -0.79
N ALA A 68 5.10 8.96 0.52
CA ALA A 68 5.27 7.86 1.46
C ALA A 68 3.93 7.30 1.90
N ILE A 69 3.08 8.14 2.48
CA ILE A 69 1.77 7.72 2.90
C ILE A 69 0.99 7.28 1.69
N ALA A 70 1.12 8.07 0.63
CA ALA A 70 0.45 7.79 -0.62
C ALA A 70 0.73 6.37 -1.08
N ARG A 71 1.86 5.83 -0.65
CA ARG A 71 2.25 4.47 -1.02
C ARG A 71 1.49 3.45 -0.16
N PHE A 72 1.75 3.45 1.14
CA PHE A 72 1.10 2.53 2.05
C PHE A 72 -0.41 2.53 1.88
N ASN A 73 -1.00 3.71 1.72
CA ASN A 73 -2.45 3.84 1.56
C ASN A 73 -3.01 2.76 0.65
N SER A 74 -2.30 2.47 -0.42
CA SER A 74 -2.72 1.46 -1.38
C SER A 74 -1.86 0.20 -1.28
N LEU A 75 -1.51 -0.19 -0.06
CA LEU A 75 -0.70 -1.38 0.16
C LEU A 75 -1.51 -2.49 0.85
N LEU A 76 -2.50 -2.09 1.62
CA LEU A 76 -3.38 -3.03 2.32
C LEU A 76 -4.35 -3.68 1.35
N ILE A 77 -3.82 -4.14 0.22
CA ILE A 77 -4.65 -4.75 -0.80
C ILE A 77 -5.84 -3.86 -1.04
N GLU A 78 -5.54 -2.67 -1.58
CA GLU A 78 -6.54 -1.65 -1.86
C GLU A 78 -7.94 -2.19 -1.71
N GLU A 79 -8.72 -1.47 -0.93
CA GLU A 79 -10.10 -1.83 -0.64
C GLU A 79 -10.82 -2.37 -1.87
N SER A 80 -10.31 -2.04 -3.07
CA SER A 80 -10.91 -2.53 -4.30
C SER A 80 -9.85 -2.93 -5.33
N THR A 81 -8.72 -3.50 -4.87
CA THR A 81 -7.65 -3.92 -5.78
C THR A 81 -8.06 -5.11 -6.62
N GLY A 82 -9.16 -5.76 -6.25
CA GLY A 82 -9.63 -6.90 -7.00
C GLY A 82 -9.69 -6.62 -8.50
N ASP A 83 -9.66 -5.33 -8.86
CA ASP A 83 -9.71 -4.94 -10.27
C ASP A 83 -8.31 -4.89 -10.87
N PHE A 84 -7.78 -6.05 -11.22
CA PHE A 84 -6.45 -6.14 -11.81
C PHE A 84 -6.41 -5.47 -13.17
N ASN A 85 -7.13 -6.04 -14.12
CA ASN A 85 -7.19 -5.50 -15.47
C ASN A 85 -7.75 -4.10 -15.46
N GLY A 86 -8.48 -3.77 -14.40
CA GLY A 86 -9.09 -2.46 -14.30
C GLY A 86 -10.36 -2.38 -15.11
N ASN A 87 -10.73 -3.51 -15.72
CA ASN A 87 -11.95 -3.58 -16.53
C ASN A 87 -13.16 -3.91 -15.67
N GLY A 88 -12.93 -4.55 -14.53
CA GLY A 88 -14.03 -4.91 -13.64
C GLY A 88 -14.38 -6.39 -13.70
N LYS A 89 -13.40 -7.24 -13.45
CA LYS A 89 -13.61 -8.68 -13.47
C LYS A 89 -12.53 -9.39 -12.66
N ILE A 90 -12.94 -10.05 -11.58
CA ILE A 90 -12.00 -10.75 -10.72
C ILE A 90 -12.19 -12.26 -10.83
N ASP A 91 -11.26 -12.92 -11.52
CA ASP A 91 -11.32 -14.37 -11.69
C ASP A 91 -10.18 -14.85 -12.57
N ILE A 92 -10.13 -14.39 -13.81
CA ILE A 92 -9.09 -14.78 -14.74
C ILE A 92 -7.84 -13.92 -14.55
N GLY A 93 -8.04 -12.72 -14.03
CA GLY A 93 -6.91 -11.84 -13.79
C GLY A 93 -6.02 -12.33 -12.66
N ASP A 94 -6.40 -13.45 -12.07
CA ASP A 94 -5.65 -14.04 -10.96
C ASP A 94 -4.46 -14.83 -11.49
N LEU A 95 -4.73 -15.75 -12.40
CA LEU A 95 -3.68 -16.58 -12.98
C LEU A 95 -3.39 -16.18 -14.43
N ALA A 96 -3.59 -14.90 -14.74
CA ALA A 96 -3.35 -14.41 -16.09
C ALA A 96 -2.83 -12.98 -16.08
N MET A 97 -3.33 -12.16 -15.16
CA MET A 97 -2.91 -10.76 -15.08
C MET A 97 -1.71 -10.58 -14.15
N VAL A 98 -1.96 -10.65 -12.85
CA VAL A 98 -0.91 -10.46 -11.86
C VAL A 98 0.28 -11.40 -12.06
N SER A 99 0.10 -12.71 -11.93
CA SER A 99 1.20 -13.64 -12.10
C SER A 99 1.90 -13.48 -13.46
N LYS A 100 1.35 -12.64 -14.33
CA LYS A 100 1.94 -12.44 -15.65
C LYS A 100 3.32 -11.83 -15.57
N ASN A 101 3.42 -10.62 -15.05
CA ASN A 101 4.71 -9.97 -14.95
C ASN A 101 5.47 -10.44 -13.73
N ILE A 102 4.81 -10.48 -12.57
CA ILE A 102 5.44 -10.91 -11.33
C ILE A 102 6.80 -10.26 -11.18
N GLY A 103 6.83 -9.23 -10.37
CA GLY A 103 8.06 -8.50 -10.12
C GLY A 103 8.46 -7.64 -11.29
N SER A 104 7.49 -6.97 -11.90
CA SER A 104 7.75 -6.10 -13.05
C SER A 104 8.33 -4.77 -12.60
N THR A 105 7.63 -4.09 -11.70
CA THR A 105 8.08 -2.79 -11.20
C THR A 105 7.84 -1.70 -12.24
N THR A 106 6.82 -1.88 -13.06
CA THR A 106 6.49 -0.92 -14.11
C THR A 106 4.99 -0.66 -14.14
N ASN A 107 4.21 -1.73 -14.11
CA ASN A 107 2.75 -1.62 -14.13
C ASN A 107 2.16 -1.98 -12.78
N THR A 108 1.87 -0.96 -11.98
CA THR A 108 1.30 -1.15 -10.65
C THR A 108 -0.22 -1.37 -10.71
N SER A 109 -0.77 -1.32 -11.92
CA SER A 109 -2.22 -1.51 -12.11
C SER A 109 -2.73 -2.67 -11.26
N LEU A 110 -1.87 -3.66 -11.03
CA LEU A 110 -2.23 -4.83 -10.24
C LEU A 110 -1.86 -4.62 -8.78
N ASP A 111 -0.56 -4.68 -8.50
CA ASP A 111 0.01 -4.52 -7.18
C ASP A 111 -1.02 -4.20 -6.11
N LEU A 112 -1.61 -5.23 -5.54
CA LEU A 112 -2.56 -5.06 -4.45
C LEU A 112 -1.89 -4.21 -3.39
N ASN A 113 -0.56 -4.31 -3.40
CA ASN A 113 0.32 -3.61 -2.50
C ASN A 113 0.86 -2.32 -3.10
N LYS A 114 1.40 -2.46 -4.31
CA LYS A 114 2.03 -1.34 -5.03
C LYS A 114 3.47 -1.23 -4.59
N ASP A 115 4.08 -2.38 -4.33
CA ASP A 115 5.47 -2.40 -3.91
C ASP A 115 6.40 -2.22 -5.11
N GLY A 116 5.83 -2.33 -6.32
CA GLY A 116 6.62 -2.17 -7.53
C GLY A 116 7.12 -3.51 -8.02
N SER A 117 6.29 -4.52 -7.84
CA SER A 117 6.64 -5.87 -8.25
C SER A 117 5.49 -6.82 -7.98
N ILE A 118 4.96 -7.40 -9.04
CA ILE A 118 3.87 -8.35 -8.90
C ILE A 118 4.40 -9.58 -8.18
N ASP A 119 4.02 -9.68 -6.94
CA ASP A 119 4.46 -10.78 -6.10
C ASP A 119 3.31 -11.39 -5.29
N GLU A 120 3.60 -11.85 -4.09
CA GLU A 120 2.58 -12.47 -3.24
C GLU A 120 1.57 -11.46 -2.68
N TYR A 121 2.05 -10.28 -2.31
CA TYR A 121 1.20 -9.24 -1.75
C TYR A 121 -0.11 -9.08 -2.53
N GLU A 122 -0.10 -9.42 -3.80
CA GLU A 122 -1.31 -9.28 -4.61
C GLU A 122 -2.14 -10.56 -4.62
N ILE A 123 -1.69 -11.52 -5.40
CA ILE A 123 -2.36 -12.82 -5.53
C ILE A 123 -3.01 -13.28 -4.22
N SER A 124 -2.37 -12.94 -3.10
CA SER A 124 -2.86 -13.31 -1.78
C SER A 124 -4.39 -13.18 -1.65
N PHE A 125 -4.89 -11.98 -1.88
CA PHE A 125 -6.33 -11.73 -1.78
C PHE A 125 -7.09 -12.28 -2.98
N ILE A 126 -6.39 -12.40 -4.11
CA ILE A 126 -7.00 -12.90 -5.34
C ILE A 126 -7.12 -14.43 -5.30
N ASN A 127 -5.99 -15.10 -5.38
CA ASN A 127 -5.94 -16.57 -5.37
C ASN A 127 -6.97 -17.19 -4.43
N HIS A 128 -7.28 -16.51 -3.32
CA HIS A 128 -8.23 -17.02 -2.35
C HIS A 128 -9.65 -16.52 -2.59
N ARG A 129 -9.80 -15.22 -2.87
CA ARG A 129 -11.11 -14.64 -3.09
C ARG A 129 -11.64 -14.95 -4.50
N ILE A 130 -10.75 -15.39 -5.37
CA ILE A 130 -11.14 -15.71 -6.74
C ILE A 130 -11.49 -17.19 -6.89
N LEU A 131 -10.87 -18.03 -6.05
CA LEU A 131 -11.13 -19.47 -6.09
C LEU A 131 -12.45 -19.81 -5.42
N ASN A 132 -12.64 -19.29 -4.20
CA ASN A 132 -13.86 -19.55 -3.44
C ASN A 132 -14.81 -18.36 -3.53
N LEU A 133 -15.51 -18.25 -4.66
CA LEU A 133 -16.45 -17.17 -4.88
C LEU A 133 -17.78 -17.46 -4.21
N GLU A 134 -18.27 -18.69 -4.39
CA GLU A 134 -19.54 -19.10 -3.80
C GLU A 134 -19.61 -20.63 -3.66
N HIS A 135 -18.44 -21.24 -3.46
CA HIS A 135 -18.37 -22.69 -3.30
C HIS A 135 -18.89 -23.40 -4.55
N HIS A 136 -17.98 -24.04 -5.28
CA HIS A 136 -18.35 -24.75 -6.50
C HIS A 136 -18.42 -26.25 -6.25
N HIS A 137 -17.26 -26.85 -5.95
CA HIS A 137 -17.19 -28.28 -5.69
C HIS A 137 -15.80 -28.68 -5.20
N HIS A 138 -15.75 -29.39 -4.08
CA HIS A 138 -14.48 -29.83 -3.50
C HIS A 138 -14.65 -31.17 -2.78
N HIS A 139 -14.09 -32.22 -3.36
CA HIS A 139 -14.17 -33.55 -2.77
C HIS A 139 -12.96 -34.39 -3.15
N HIS A 140 -12.16 -34.75 -2.15
CA HIS A 140 -10.96 -35.56 -2.39
C HIS A 140 -10.85 -36.67 -1.35
N MET A 1 7.47 28.93 9.17
CA MET A 1 6.20 28.30 9.62
C MET A 1 5.58 27.46 8.52
N ASP A 2 5.88 26.17 8.52
CA ASP A 2 5.35 25.25 7.52
C ASP A 2 5.74 23.81 7.84
N LYS A 3 5.76 23.47 9.13
CA LYS A 3 6.12 22.13 9.56
C LYS A 3 4.87 21.32 9.92
N THR A 4 3.72 21.97 9.94
CA THR A 4 2.47 21.31 10.26
C THR A 4 2.19 20.19 9.26
N ASN A 5 2.56 20.43 8.01
CA ASN A 5 2.36 19.44 6.95
C ASN A 5 2.82 18.06 7.40
N LEU A 6 3.80 18.02 8.30
CA LEU A 6 4.29 16.76 8.82
C LEU A 6 3.37 16.26 9.91
N GLY A 7 3.22 17.06 10.97
CA GLY A 7 2.32 16.67 12.04
C GLY A 7 0.95 16.32 11.51
N GLU A 8 0.63 16.87 10.33
CA GLU A 8 -0.65 16.63 9.68
C GLU A 8 -0.61 15.34 8.86
N LEU A 9 0.59 14.95 8.42
CA LEU A 9 0.73 13.75 7.62
C LEU A 9 1.23 12.57 8.46
N ILE A 10 1.90 12.88 9.56
CA ILE A 10 2.44 11.86 10.44
C ILE A 10 1.41 11.38 11.45
N ASN A 11 0.69 12.31 12.08
CA ASN A 11 -0.32 11.96 13.08
C ASN A 11 -1.12 10.75 12.61
N GLN A 12 -1.46 10.78 11.32
CA GLN A 12 -2.22 9.69 10.71
C GLN A 12 -1.29 8.56 10.29
N GLY A 13 -0.07 8.92 9.91
CA GLY A 13 0.89 7.91 9.47
C GLY A 13 1.18 6.87 10.54
N LYS A 14 1.78 7.31 11.64
CA LYS A 14 2.12 6.39 12.73
C LYS A 14 0.86 5.68 13.24
N SER A 15 -0.27 6.36 13.12
CA SER A 15 -1.55 5.78 13.54
C SER A 15 -2.13 4.92 12.43
N LEU A 16 -1.64 5.11 11.21
CA LEU A 16 -2.09 4.36 10.06
C LEU A 16 -1.43 2.99 10.06
N LEU A 17 -0.10 2.95 10.02
CA LEU A 17 0.61 1.67 10.05
C LEU A 17 0.20 0.88 11.30
N ASP A 18 -0.03 1.62 12.39
CA ASP A 18 -0.43 1.01 13.66
C ASP A 18 -1.93 0.72 13.69
N GLU A 19 -2.64 1.08 12.62
CA GLU A 19 -4.07 0.82 12.51
C GLU A 19 -4.27 -0.31 11.55
N SER A 20 -3.49 -0.27 10.49
CA SER A 20 -3.51 -1.27 9.48
C SER A 20 -2.88 -2.53 10.00
N VAL A 21 -2.87 -3.53 9.18
CA VAL A 21 -2.31 -4.82 9.53
C VAL A 21 -1.91 -5.61 8.30
N GLU A 22 -0.70 -6.14 8.31
CA GLU A 22 -0.24 -6.94 7.19
C GLU A 22 -0.84 -8.35 7.26
N GLY A 23 -1.78 -8.64 6.36
CA GLY A 23 -2.41 -9.94 6.35
C GLY A 23 -2.38 -10.59 4.97
N PHE A 24 -3.44 -10.35 4.19
CA PHE A 24 -3.54 -10.92 2.85
C PHE A 24 -4.95 -10.74 2.28
N ASN A 25 -5.52 -9.56 2.49
CA ASN A 25 -6.87 -9.27 2.00
C ASN A 25 -7.26 -7.82 2.29
N VAL A 26 -8.40 -7.40 1.75
CA VAL A 26 -8.90 -6.04 1.95
C VAL A 26 -8.91 -5.69 3.43
N GLY A 27 -8.17 -4.65 3.80
CA GLY A 27 -8.09 -4.24 5.18
C GLY A 27 -6.74 -4.56 5.79
N GLU A 28 -6.02 -5.48 5.16
CA GLU A 28 -4.71 -5.87 5.62
C GLU A 28 -3.78 -6.06 4.43
N TYR A 29 -2.58 -5.52 4.53
CA TYR A 29 -1.62 -5.63 3.43
C TYR A 29 -0.72 -6.84 3.60
N HIS A 30 0.14 -7.07 2.63
CA HIS A 30 1.04 -8.23 2.68
C HIS A 30 2.27 -7.94 3.54
N LYS A 31 3.15 -7.07 3.04
CA LYS A 31 4.36 -6.72 3.77
C LYS A 31 5.07 -5.54 3.10
N GLY A 32 5.80 -4.78 3.90
CA GLY A 32 6.51 -3.63 3.36
C GLY A 32 5.83 -2.32 3.69
N ALA A 33 4.53 -2.37 3.97
CA ALA A 33 3.78 -1.16 4.30
C ALA A 33 4.21 -0.61 5.66
N LYS A 34 4.20 -1.48 6.67
CA LYS A 34 4.57 -1.09 8.02
C LYS A 34 5.81 -0.18 8.05
N ASP A 35 6.67 -0.31 7.05
CA ASP A 35 7.89 0.50 7.01
C ASP A 35 7.70 1.79 6.21
N GLY A 36 7.59 1.67 4.89
CA GLY A 36 7.41 2.84 4.03
C GLY A 36 6.70 3.98 4.70
N LEU A 37 5.37 3.87 4.80
CA LEU A 37 4.56 4.89 5.43
C LEU A 37 5.11 5.31 6.80
N THR A 38 5.94 4.46 7.41
CA THR A 38 6.52 4.78 8.71
C THR A 38 7.91 5.39 8.53
N VAL A 39 8.65 4.84 7.57
CA VAL A 39 10.00 5.33 7.27
C VAL A 39 9.94 6.82 7.08
N GLU A 40 8.85 7.26 6.46
CA GLU A 40 8.61 8.66 6.24
C GLU A 40 8.43 9.33 7.59
N ILE A 41 7.78 8.61 8.51
CA ILE A 41 7.54 9.08 9.87
C ILE A 41 8.85 9.13 10.64
N ASN A 42 9.54 8.00 10.71
CA ASN A 42 10.83 7.94 11.40
C ASN A 42 11.68 9.12 10.93
N LYS A 43 11.50 9.47 9.66
CA LYS A 43 12.22 10.58 9.05
C LYS A 43 11.43 11.89 9.14
N ALA A 44 10.11 11.79 9.30
CA ALA A 44 9.25 12.97 9.38
C ALA A 44 9.16 13.49 10.82
N GLU A 45 8.72 12.62 11.72
CA GLU A 45 8.59 12.99 13.13
C GLU A 45 9.85 13.68 13.63
N GLU A 46 11.00 13.16 13.20
CA GLU A 46 12.28 13.74 13.58
C GLU A 46 12.35 15.19 13.14
N VAL A 47 11.57 15.53 12.12
CA VAL A 47 11.52 16.90 11.60
C VAL A 47 10.34 17.65 12.20
N PHE A 48 9.18 16.99 12.26
CA PHE A 48 7.98 17.60 12.82
C PHE A 48 8.27 18.24 14.17
N ASN A 49 8.98 17.51 15.03
CA ASN A 49 9.32 18.01 16.35
C ASN A 49 10.70 18.68 16.34
N LYS A 50 11.26 18.87 15.16
CA LYS A 50 12.59 19.50 15.04
C LYS A 50 12.49 21.01 14.94
N GLU A 51 13.62 21.68 15.10
CA GLU A 51 13.69 23.13 15.01
C GLU A 51 14.13 23.56 13.63
N ASP A 52 14.93 22.72 12.98
CA ASP A 52 15.35 23.04 11.63
C ASP A 52 14.28 22.60 10.65
N ALA A 53 13.07 22.36 11.16
CA ALA A 53 11.96 21.98 10.35
C ALA A 53 11.47 23.23 9.67
N THR A 54 12.41 23.90 9.03
CA THR A 54 12.18 25.14 8.34
C THR A 54 11.92 24.89 6.86
N GLU A 55 12.66 25.58 6.02
CA GLU A 55 12.50 25.45 4.58
C GLU A 55 13.32 24.30 4.00
N GLU A 56 14.34 23.85 4.74
CA GLU A 56 15.20 22.77 4.25
C GLU A 56 14.81 21.39 4.78
N GLU A 57 14.64 21.25 6.09
CA GLU A 57 14.33 19.96 6.70
C GLU A 57 12.89 19.48 6.45
N ILE A 58 11.92 20.39 6.48
CA ILE A 58 10.53 20.00 6.27
C ILE A 58 10.35 19.26 4.95
N ASN A 59 10.58 19.97 3.85
CA ASN A 59 10.44 19.37 2.52
C ASN A 59 11.16 18.03 2.47
N LEU A 60 12.33 17.98 3.10
CA LEU A 60 13.12 16.76 3.14
C LEU A 60 12.39 15.69 3.92
N ALA A 61 11.60 16.10 4.90
CA ALA A 61 10.84 15.17 5.73
C ALA A 61 9.41 14.97 5.20
N LYS A 62 8.95 15.92 4.39
CA LYS A 62 7.60 15.86 3.83
C LYS A 62 7.60 15.16 2.47
N GLU A 63 8.75 15.19 1.81
CA GLU A 63 8.90 14.59 0.47
C GLU A 63 8.20 13.23 0.36
N SER A 64 8.59 12.28 1.21
CA SER A 64 8.01 10.95 1.17
C SER A 64 6.87 10.80 2.17
N LEU A 65 6.72 11.76 3.08
CA LEU A 65 5.66 11.69 4.06
C LEU A 65 4.30 11.88 3.41
N GLU A 66 4.29 12.65 2.33
CA GLU A 66 3.07 12.91 1.60
C GLU A 66 2.82 11.83 0.56
N GLY A 67 3.88 11.16 0.13
CA GLY A 67 3.77 10.11 -0.86
C GLY A 67 3.90 8.72 -0.27
N ALA A 68 4.26 8.65 1.01
CA ALA A 68 4.43 7.36 1.69
C ALA A 68 3.10 6.90 2.25
N ILE A 69 2.39 7.80 2.92
CA ILE A 69 1.10 7.46 3.48
C ILE A 69 0.17 7.11 2.34
N ALA A 70 0.31 7.89 1.27
CA ALA A 70 -0.47 7.67 0.06
C ALA A 70 -0.22 6.29 -0.50
N ARG A 71 0.98 5.77 -0.24
CA ARG A 71 1.36 4.44 -0.71
C ARG A 71 0.74 3.38 0.19
N PHE A 72 1.04 3.43 1.49
CA PHE A 72 0.51 2.47 2.44
C PHE A 72 -1.01 2.36 2.33
N ASN A 73 -1.68 3.50 2.23
CA ASN A 73 -3.14 3.52 2.12
C ASN A 73 -3.63 2.50 1.10
N SER A 74 -2.83 2.30 0.07
CA SER A 74 -3.18 1.35 -0.99
C SER A 74 -2.32 0.10 -0.91
N LEU A 75 -2.00 -0.33 0.31
CA LEU A 75 -1.18 -1.53 0.52
C LEU A 75 -2.00 -2.66 1.12
N LEU A 76 -3.03 -2.30 1.89
CA LEU A 76 -3.91 -3.28 2.53
C LEU A 76 -4.88 -3.87 1.52
N ILE A 77 -4.35 -4.33 0.40
CA ILE A 77 -5.18 -4.90 -0.66
C ILE A 77 -6.25 -3.90 -1.00
N GLU A 78 -5.80 -2.72 -1.44
CA GLU A 78 -6.68 -1.62 -1.79
C GLU A 78 -8.12 -2.08 -1.89
N GLU A 79 -8.96 -1.46 -1.09
CA GLU A 79 -10.37 -1.78 -1.02
C GLU A 79 -10.96 -2.15 -2.39
N SER A 80 -10.33 -1.68 -3.47
CA SER A 80 -10.80 -1.99 -4.82
C SER A 80 -9.65 -2.25 -5.79
N THR A 81 -8.57 -2.91 -5.33
CA THR A 81 -7.45 -3.20 -6.23
C THR A 81 -7.70 -4.47 -7.05
N GLY A 82 -8.83 -5.13 -6.79
CA GLY A 82 -9.15 -6.33 -7.54
C GLY A 82 -9.08 -6.11 -9.04
N ASP A 83 -9.28 -4.87 -9.46
CA ASP A 83 -9.24 -4.51 -10.87
C ASP A 83 -7.80 -4.32 -11.33
N PHE A 84 -7.12 -5.43 -11.60
CA PHE A 84 -5.73 -5.40 -12.05
C PHE A 84 -5.63 -4.87 -13.48
N ASN A 85 -6.46 -5.40 -14.36
CA ASN A 85 -6.45 -4.99 -15.76
C ASN A 85 -7.33 -3.76 -15.97
N GLY A 86 -7.89 -3.23 -14.89
CA GLY A 86 -8.74 -2.06 -15.00
C GLY A 86 -9.88 -2.25 -16.00
N ASN A 87 -10.18 -3.52 -16.29
CA ASN A 87 -11.24 -3.84 -17.24
C ASN A 87 -12.56 -4.10 -16.51
N GLY A 88 -12.48 -4.48 -15.24
CA GLY A 88 -13.67 -4.73 -14.47
C GLY A 88 -13.99 -6.21 -14.35
N LYS A 89 -12.96 -7.03 -14.21
CA LYS A 89 -13.15 -8.47 -14.09
C LYS A 89 -12.01 -9.09 -13.27
N ILE A 90 -12.36 -9.65 -12.11
CA ILE A 90 -11.37 -10.26 -11.24
C ILE A 90 -11.47 -11.79 -11.30
N ASP A 91 -10.47 -12.41 -11.91
CA ASP A 91 -10.43 -13.85 -12.04
C ASP A 91 -9.13 -14.31 -12.69
N ILE A 92 -8.96 -13.96 -13.95
CA ILE A 92 -7.76 -14.32 -14.69
C ILE A 92 -6.53 -13.66 -14.08
N GLY A 93 -6.76 -12.57 -13.36
CA GLY A 93 -5.68 -11.84 -12.71
C GLY A 93 -4.85 -12.70 -11.79
N ASP A 94 -5.35 -13.87 -11.44
CA ASP A 94 -4.65 -14.78 -10.55
C ASP A 94 -3.87 -15.84 -11.32
N LEU A 95 -4.39 -16.23 -12.47
CA LEU A 95 -3.75 -17.25 -13.28
C LEU A 95 -3.13 -16.67 -14.54
N ALA A 96 -2.71 -15.40 -14.49
CA ALA A 96 -2.11 -14.77 -15.66
C ALA A 96 -1.66 -13.32 -15.40
N MET A 97 -2.60 -12.39 -15.55
CA MET A 97 -2.33 -10.96 -15.37
C MET A 97 -1.20 -10.65 -14.38
N VAL A 98 -1.48 -10.80 -13.09
CA VAL A 98 -0.48 -10.52 -12.07
C VAL A 98 0.72 -11.46 -12.13
N SER A 99 0.49 -12.77 -12.09
CA SER A 99 1.58 -13.73 -12.12
C SER A 99 2.44 -13.63 -13.39
N LYS A 100 2.04 -12.80 -14.35
CA LYS A 100 2.80 -12.70 -15.59
C LYS A 100 4.02 -11.79 -15.47
N ASN A 101 3.86 -10.69 -14.76
CA ASN A 101 4.96 -9.75 -14.58
C ASN A 101 5.76 -10.14 -13.34
N ILE A 102 5.04 -10.27 -12.23
CA ILE A 102 5.61 -10.64 -10.94
C ILE A 102 7.00 -10.04 -10.75
N GLY A 103 7.03 -8.96 -9.99
CA GLY A 103 8.29 -8.28 -9.71
C GLY A 103 8.49 -7.04 -10.57
N SER A 104 7.46 -6.67 -11.32
CA SER A 104 7.53 -5.50 -12.19
C SER A 104 6.99 -4.26 -11.47
N THR A 105 7.67 -3.13 -11.67
CA THR A 105 7.26 -1.88 -11.04
C THR A 105 6.28 -1.10 -11.93
N THR A 106 6.34 -1.38 -13.23
CA THR A 106 5.46 -0.70 -14.18
C THR A 106 3.99 -0.87 -13.79
N ASN A 107 3.62 -2.08 -13.41
CA ASN A 107 2.25 -2.38 -13.01
C ASN A 107 1.96 -1.83 -11.61
N THR A 108 1.14 -0.79 -11.54
CA THR A 108 0.79 -0.18 -10.26
C THR A 108 -0.48 -0.77 -9.67
N SER A 109 -1.61 -0.56 -10.35
CA SER A 109 -2.89 -1.07 -9.89
C SER A 109 -2.89 -2.59 -9.83
N LEU A 110 -1.94 -3.22 -10.51
CA LEU A 110 -1.84 -4.66 -10.53
C LEU A 110 -1.24 -5.21 -9.23
N ASP A 111 -0.82 -4.32 -8.36
CA ASP A 111 -0.24 -4.70 -7.09
C ASP A 111 -1.18 -4.27 -5.98
N LEU A 112 -1.87 -5.22 -5.38
CA LEU A 112 -2.77 -4.91 -4.27
C LEU A 112 -2.03 -4.07 -3.22
N ASN A 113 -0.69 -4.06 -3.35
CA ASN A 113 0.18 -3.35 -2.45
C ASN A 113 0.87 -2.17 -3.13
N LYS A 114 0.83 -2.16 -4.46
CA LYS A 114 1.49 -1.10 -5.24
C LYS A 114 2.89 -0.85 -4.71
N ASP A 115 3.61 -1.94 -4.43
CA ASP A 115 4.96 -1.86 -3.90
C ASP A 115 5.99 -1.76 -5.03
N GLY A 116 5.52 -1.84 -6.28
CA GLY A 116 6.44 -1.75 -7.41
C GLY A 116 6.98 -3.10 -7.83
N SER A 117 6.15 -4.13 -7.68
CA SER A 117 6.55 -5.50 -8.03
C SER A 117 5.40 -6.45 -7.83
N ILE A 118 4.97 -7.05 -8.92
CA ILE A 118 3.90 -8.00 -8.84
C ILE A 118 4.36 -9.22 -8.06
N ASP A 119 3.93 -9.27 -6.83
CA ASP A 119 4.34 -10.37 -5.95
C ASP A 119 3.16 -10.93 -5.17
N GLU A 120 3.46 -11.62 -4.09
CA GLU A 120 2.45 -12.23 -3.23
C GLU A 120 1.43 -11.20 -2.76
N TYR A 121 1.93 -10.03 -2.36
CA TYR A 121 1.08 -8.95 -1.88
C TYR A 121 -0.07 -8.70 -2.86
N GLU A 122 0.14 -9.01 -4.14
CA GLU A 122 -0.88 -8.80 -5.15
C GLU A 122 -1.73 -10.05 -5.37
N ILE A 123 -1.25 -11.18 -4.90
CA ILE A 123 -1.98 -12.45 -5.03
C ILE A 123 -2.81 -12.74 -3.79
N SER A 124 -2.45 -12.11 -2.68
CA SER A 124 -3.15 -12.31 -1.41
C SER A 124 -4.67 -12.35 -1.57
N PHE A 125 -5.22 -11.33 -2.22
CA PHE A 125 -6.67 -11.26 -2.44
C PHE A 125 -7.05 -11.92 -3.76
N ILE A 126 -6.15 -11.86 -4.72
CA ILE A 126 -6.39 -12.45 -6.03
C ILE A 126 -6.35 -13.98 -5.98
N ASN A 127 -5.93 -14.53 -4.84
CA ASN A 127 -5.84 -15.97 -4.68
C ASN A 127 -7.12 -16.52 -4.05
N HIS A 128 -7.72 -15.72 -3.16
CA HIS A 128 -8.94 -16.13 -2.48
C HIS A 128 -10.18 -15.65 -3.22
N ARG A 129 -10.19 -14.38 -3.61
CA ARG A 129 -11.33 -13.80 -4.33
C ARG A 129 -11.81 -14.74 -5.44
N ILE A 130 -10.88 -15.51 -6.00
CA ILE A 130 -11.20 -16.45 -7.06
C ILE A 130 -11.48 -17.84 -6.48
N LEU A 131 -10.83 -18.16 -5.37
CA LEU A 131 -11.02 -19.46 -4.72
C LEU A 131 -12.42 -19.58 -4.15
N ASN A 132 -13.01 -18.45 -3.77
CA ASN A 132 -14.35 -18.44 -3.21
C ASN A 132 -15.36 -19.07 -4.17
N LEU A 133 -15.09 -18.95 -5.47
CA LEU A 133 -15.98 -19.51 -6.48
C LEU A 133 -15.53 -20.92 -6.86
N GLU A 134 -14.46 -21.01 -7.64
CA GLU A 134 -13.93 -22.29 -8.07
C GLU A 134 -12.65 -22.12 -8.88
N HIS A 135 -11.82 -23.14 -8.90
CA HIS A 135 -10.56 -23.10 -9.64
C HIS A 135 -10.71 -23.76 -11.01
N HIS A 136 -11.28 -24.95 -11.03
CA HIS A 136 -11.49 -25.69 -12.26
C HIS A 136 -12.76 -26.53 -12.20
N HIS A 137 -13.64 -26.35 -13.18
CA HIS A 137 -14.89 -27.08 -13.23
C HIS A 137 -15.52 -27.00 -14.62
N HIS A 138 -15.84 -25.78 -15.05
CA HIS A 138 -16.44 -25.56 -16.36
C HIS A 138 -16.28 -24.11 -16.79
N HIS A 139 -15.17 -23.50 -16.41
CA HIS A 139 -14.90 -22.11 -16.77
C HIS A 139 -14.51 -21.98 -18.24
N HIS A 140 -13.86 -23.02 -18.76
CA HIS A 140 -13.42 -23.02 -20.16
C HIS A 140 -12.46 -21.87 -20.43
N MET A 1 8.38 29.86 8.63
CA MET A 1 8.59 28.48 9.13
C MET A 1 7.29 27.89 9.69
N ASP A 2 7.00 26.66 9.30
CA ASP A 2 5.79 25.99 9.76
C ASP A 2 5.78 24.52 9.31
N LYS A 3 6.04 23.62 10.25
CA LYS A 3 6.07 22.19 9.95
C LYS A 3 4.67 21.59 10.06
N THR A 4 3.74 22.12 9.26
CA THR A 4 2.38 21.63 9.24
C THR A 4 2.27 20.40 8.36
N ASN A 5 2.90 20.47 7.19
CA ASN A 5 2.88 19.37 6.25
C ASN A 5 3.21 18.05 6.93
N LEU A 6 3.99 18.13 8.02
CA LEU A 6 4.36 16.94 8.76
C LEU A 6 3.29 16.62 9.80
N GLY A 7 3.16 17.49 10.81
CA GLY A 7 2.16 17.27 11.83
C GLY A 7 0.79 16.98 11.24
N GLU A 8 0.59 17.41 10.00
CA GLU A 8 -0.67 17.19 9.31
C GLU A 8 -0.64 15.91 8.49
N LEU A 9 0.56 15.46 8.11
CA LEU A 9 0.68 14.24 7.32
C LEU A 9 1.11 13.07 8.18
N ILE A 10 1.61 13.36 9.37
CA ILE A 10 2.07 12.32 10.27
C ILE A 10 0.95 11.81 11.17
N ASN A 11 0.14 12.72 11.72
CA ASN A 11 -0.97 12.33 12.57
C ASN A 11 -1.73 11.16 11.96
N GLN A 12 -1.79 11.18 10.63
CA GLN A 12 -2.45 10.13 9.88
C GLN A 12 -1.49 8.97 9.63
N GLY A 13 -0.24 9.30 9.39
CA GLY A 13 0.76 8.28 9.13
C GLY A 13 0.87 7.27 10.25
N LYS A 14 1.29 7.73 11.44
CA LYS A 14 1.42 6.84 12.59
C LYS A 14 0.10 6.14 12.86
N SER A 15 -1.01 6.78 12.48
CA SER A 15 -2.34 6.21 12.66
C SER A 15 -2.63 5.20 11.55
N LEU A 16 -1.95 5.35 10.43
CA LEU A 16 -2.09 4.46 9.29
C LEU A 16 -1.31 3.18 9.56
N LEU A 17 0.00 3.35 9.68
CA LEU A 17 0.90 2.26 9.94
C LEU A 17 0.47 1.46 11.18
N ASP A 18 -0.12 2.15 12.15
CA ASP A 18 -0.57 1.50 13.38
C ASP A 18 -1.95 0.86 13.20
N GLU A 19 -2.71 1.34 12.22
CA GLU A 19 -4.05 0.80 11.96
C GLU A 19 -4.05 -0.12 10.75
N SER A 20 -2.94 -0.13 10.01
CA SER A 20 -2.83 -0.97 8.83
C SER A 20 -1.94 -2.16 9.11
N VAL A 21 -2.56 -3.32 9.30
CA VAL A 21 -1.83 -4.53 9.57
C VAL A 21 -1.60 -5.32 8.30
N GLU A 22 -0.42 -5.92 8.20
CA GLU A 22 -0.09 -6.72 7.02
C GLU A 22 -0.75 -8.09 7.14
N GLY A 23 -1.76 -8.33 6.31
CA GLY A 23 -2.45 -9.60 6.32
C GLY A 23 -2.49 -10.26 4.96
N PHE A 24 -3.56 -10.02 4.22
CA PHE A 24 -3.72 -10.60 2.89
C PHE A 24 -5.12 -10.36 2.34
N ASN A 25 -5.65 -9.16 2.57
CA ASN A 25 -6.98 -8.80 2.10
C ASN A 25 -7.27 -7.32 2.33
N VAL A 26 -8.43 -6.88 1.84
CA VAL A 26 -8.82 -5.48 2.01
C VAL A 26 -8.72 -5.05 3.47
N GLY A 27 -7.88 -4.04 3.72
CA GLY A 27 -7.68 -3.57 5.07
C GLY A 27 -6.32 -3.96 5.62
N GLU A 28 -5.75 -5.02 5.06
CA GLU A 28 -4.45 -5.50 5.49
C GLU A 28 -3.59 -5.79 4.27
N TYR A 29 -2.35 -5.32 4.30
CA TYR A 29 -1.43 -5.51 3.19
C TYR A 29 -0.61 -6.77 3.38
N HIS A 30 0.20 -7.11 2.38
CA HIS A 30 1.02 -8.32 2.46
C HIS A 30 2.26 -8.08 3.31
N LYS A 31 3.17 -7.24 2.82
CA LYS A 31 4.40 -6.94 3.54
C LYS A 31 5.19 -5.84 2.86
N GLY A 32 5.94 -5.08 3.65
CA GLY A 32 6.75 -4.00 3.10
C GLY A 32 6.10 -2.64 3.28
N ALA A 33 4.78 -2.62 3.44
CA ALA A 33 4.05 -1.37 3.62
C ALA A 33 4.48 -0.65 4.88
N LYS A 34 4.42 -1.35 6.01
CA LYS A 34 4.77 -0.77 7.31
C LYS A 34 6.03 0.10 7.22
N ASP A 35 7.17 -0.55 7.02
CA ASP A 35 8.47 0.13 6.93
C ASP A 35 8.36 1.52 6.28
N GLY A 36 8.08 1.55 4.98
CA GLY A 36 7.98 2.81 4.26
C GLY A 36 7.22 3.88 5.04
N LEU A 37 5.90 3.92 4.87
CA LEU A 37 5.05 4.89 5.55
C LEU A 37 5.50 5.12 7.00
N THR A 38 6.04 4.10 7.65
CA THR A 38 6.50 4.24 9.03
C THR A 38 7.88 4.90 9.07
N VAL A 39 8.77 4.42 8.22
CA VAL A 39 10.13 4.93 8.12
C VAL A 39 10.11 6.44 7.95
N GLU A 40 9.07 6.93 7.30
CA GLU A 40 8.90 8.35 7.11
C GLU A 40 8.30 8.94 8.38
N ILE A 41 7.49 8.13 9.07
CA ILE A 41 6.88 8.57 10.33
C ILE A 41 7.97 8.66 11.38
N ASN A 42 8.66 7.54 11.63
CA ASN A 42 9.75 7.55 12.60
C ASN A 42 10.68 8.72 12.30
N LYS A 43 10.89 8.97 11.01
CA LYS A 43 11.76 10.06 10.57
C LYS A 43 11.01 11.39 10.43
N ALA A 44 9.68 11.34 10.34
CA ALA A 44 8.87 12.56 10.19
C ALA A 44 8.72 13.30 11.51
N GLU A 45 8.13 12.63 12.49
CA GLU A 45 7.91 13.24 13.80
C GLU A 45 9.18 13.91 14.32
N GLU A 46 10.32 13.28 14.05
CA GLU A 46 11.60 13.84 14.46
C GLU A 46 11.78 15.24 13.88
N VAL A 47 11.07 15.50 12.77
CA VAL A 47 11.12 16.79 12.11
C VAL A 47 9.97 17.68 12.59
N PHE A 48 8.77 17.10 12.64
CA PHE A 48 7.59 17.82 13.08
C PHE A 48 7.85 18.56 14.39
N ASN A 49 8.41 17.84 15.36
CA ASN A 49 8.72 18.42 16.65
C ASN A 49 10.14 18.99 16.69
N LYS A 50 10.81 18.98 15.53
CA LYS A 50 12.19 19.50 15.47
C LYS A 50 12.21 21.01 15.34
N GLU A 51 13.39 21.59 15.52
CA GLU A 51 13.56 23.04 15.41
C GLU A 51 14.04 23.41 14.02
N ASP A 52 14.76 22.50 13.37
CA ASP A 52 15.23 22.76 12.02
C ASP A 52 14.18 22.31 11.02
N ALA A 53 12.96 22.10 11.50
CA ALA A 53 11.86 21.74 10.64
C ALA A 53 11.39 22.99 9.94
N THR A 54 12.38 23.70 9.40
CA THR A 54 12.17 24.95 8.70
C THR A 54 12.08 24.71 7.19
N GLU A 55 12.86 25.46 6.45
CA GLU A 55 12.88 25.35 5.00
C GLU A 55 13.80 24.22 4.53
N GLU A 56 14.63 23.71 5.43
CA GLU A 56 15.57 22.65 5.07
C GLU A 56 15.06 21.26 5.44
N GLU A 57 15.03 20.96 6.74
CA GLU A 57 14.62 19.65 7.24
C GLU A 57 13.24 19.20 6.75
N ILE A 58 12.28 20.12 6.71
CA ILE A 58 10.93 19.76 6.28
C ILE A 58 10.91 19.12 4.91
N ASN A 59 11.37 19.85 3.89
CA ASN A 59 11.39 19.32 2.52
C ASN A 59 11.98 17.91 2.51
N LEU A 60 12.91 17.67 3.41
CA LEU A 60 13.57 16.38 3.52
C LEU A 60 12.66 15.37 4.24
N ALA A 61 11.84 15.85 5.17
CA ALA A 61 10.95 14.97 5.92
C ALA A 61 9.54 14.93 5.32
N LYS A 62 9.25 15.87 4.42
CA LYS A 62 7.95 15.98 3.79
C LYS A 62 7.74 14.93 2.69
N GLU A 63 8.57 14.99 1.65
CA GLU A 63 8.47 14.07 0.52
C GLU A 63 8.22 12.63 0.96
N SER A 64 9.10 12.11 1.81
CA SER A 64 8.99 10.75 2.32
C SER A 64 7.74 10.58 3.18
N LEU A 65 7.10 11.67 3.55
CA LEU A 65 5.91 11.61 4.38
C LEU A 65 4.64 11.58 3.55
N GLU A 66 4.54 12.49 2.59
CA GLU A 66 3.36 12.57 1.72
C GLU A 66 3.42 11.51 0.62
N GLY A 67 4.59 11.34 0.02
CA GLY A 67 4.75 10.36 -1.03
C GLY A 67 4.85 8.94 -0.50
N ALA A 68 4.95 8.81 0.81
CA ALA A 68 5.05 7.49 1.44
C ALA A 68 3.69 6.99 1.91
N ILE A 69 2.91 7.87 2.52
CA ILE A 69 1.59 7.49 2.98
C ILE A 69 0.77 7.11 1.77
N ALA A 70 0.93 7.90 0.72
CA ALA A 70 0.25 7.67 -0.54
C ALA A 70 0.55 6.27 -1.05
N ARG A 71 1.71 5.74 -0.68
CA ARG A 71 2.12 4.41 -1.09
C ARG A 71 1.38 3.35 -0.28
N PHE A 72 1.56 3.38 1.04
CA PHE A 72 0.90 2.42 1.91
C PHE A 72 -0.61 2.37 1.65
N ASN A 73 -1.23 3.55 1.55
CA ASN A 73 -2.66 3.66 1.32
C ASN A 73 -3.16 2.60 0.36
N SER A 74 -2.37 2.33 -0.68
CA SER A 74 -2.75 1.33 -1.68
C SER A 74 -1.92 0.07 -1.55
N LEU A 75 -1.71 -0.40 -0.32
CA LEU A 75 -0.94 -1.61 -0.08
C LEU A 75 -1.74 -2.66 0.69
N LEU A 76 -2.73 -2.21 1.46
CA LEU A 76 -3.59 -3.12 2.23
C LEU A 76 -4.65 -3.71 1.33
N ILE A 77 -4.22 -4.25 0.20
CA ILE A 77 -5.14 -4.82 -0.77
C ILE A 77 -6.19 -3.79 -1.08
N GLU A 78 -5.70 -2.65 -1.58
CA GLU A 78 -6.55 -1.51 -1.92
C GLU A 78 -8.01 -1.89 -1.94
N GLU A 79 -8.78 -1.14 -1.19
CA GLU A 79 -10.21 -1.36 -1.05
C GLU A 79 -10.87 -1.81 -2.36
N SER A 80 -10.24 -1.49 -3.50
CA SER A 80 -10.77 -1.89 -4.79
C SER A 80 -9.65 -2.18 -5.81
N THR A 81 -8.62 -2.94 -5.39
CA THR A 81 -7.51 -3.26 -6.30
C THR A 81 -7.74 -4.60 -7.01
N GLY A 82 -8.68 -5.39 -6.51
CA GLY A 82 -8.95 -6.68 -7.13
C GLY A 82 -9.09 -6.59 -8.64
N ASP A 83 -9.53 -5.43 -9.13
CA ASP A 83 -9.71 -5.21 -10.55
C ASP A 83 -8.38 -4.91 -11.24
N PHE A 84 -7.59 -5.96 -11.47
CA PHE A 84 -6.30 -5.82 -12.11
C PHE A 84 -6.45 -5.46 -13.59
N ASN A 85 -7.27 -6.22 -14.29
CA ASN A 85 -7.50 -5.99 -15.71
C ASN A 85 -8.06 -4.60 -15.95
N GLY A 86 -8.58 -3.97 -14.90
CA GLY A 86 -9.15 -2.65 -15.04
C GLY A 86 -10.51 -2.68 -15.70
N ASN A 87 -10.96 -3.87 -16.07
CA ASN A 87 -12.27 -4.00 -16.73
C ASN A 87 -13.36 -4.32 -15.71
N GLY A 88 -12.98 -4.92 -14.59
CA GLY A 88 -13.95 -5.24 -13.56
C GLY A 88 -14.21 -6.73 -13.41
N LYS A 89 -13.17 -7.49 -13.13
CA LYS A 89 -13.30 -8.93 -12.94
C LYS A 89 -12.13 -9.48 -12.15
N ILE A 90 -12.42 -10.16 -11.05
CA ILE A 90 -11.38 -10.74 -10.19
C ILE A 90 -11.50 -12.25 -10.13
N ASP A 91 -10.69 -12.94 -10.95
CA ASP A 91 -10.72 -14.39 -10.98
C ASP A 91 -9.60 -14.93 -11.85
N ILE A 92 -9.63 -14.58 -13.13
CA ILE A 92 -8.62 -15.02 -14.07
C ILE A 92 -7.46 -14.04 -14.13
N GLY A 93 -7.74 -12.79 -13.78
CA GLY A 93 -6.72 -11.76 -13.81
C GLY A 93 -5.58 -12.04 -12.84
N ASP A 94 -5.75 -13.07 -12.01
CA ASP A 94 -4.73 -13.43 -11.03
C ASP A 94 -3.66 -14.32 -11.65
N LEU A 95 -4.11 -15.38 -12.31
CA LEU A 95 -3.20 -16.33 -12.94
C LEU A 95 -2.91 -15.97 -14.40
N ALA A 96 -2.96 -14.67 -14.73
CA ALA A 96 -2.71 -14.25 -16.10
C ALA A 96 -2.44 -12.75 -16.22
N MET A 97 -3.08 -11.95 -15.37
CA MET A 97 -2.90 -10.49 -15.43
C MET A 97 -1.76 -10.00 -14.55
N VAL A 98 -2.00 -9.98 -13.24
CA VAL A 98 -1.01 -9.48 -12.30
C VAL A 98 0.23 -10.37 -12.18
N SER A 99 0.05 -11.65 -11.88
CA SER A 99 1.18 -12.57 -11.72
C SER A 99 1.98 -12.76 -13.00
N LYS A 100 1.50 -12.18 -14.11
CA LYS A 100 2.21 -12.33 -15.38
C LYS A 100 3.57 -11.67 -15.36
N ASN A 101 3.66 -10.50 -14.77
CA ASN A 101 4.94 -9.80 -14.71
C ASN A 101 5.67 -10.13 -13.41
N ILE A 102 4.95 -10.05 -12.29
CA ILE A 102 5.54 -10.34 -10.99
C ILE A 102 6.88 -9.64 -10.83
N GLY A 103 6.85 -8.52 -10.13
CA GLY A 103 8.06 -7.76 -9.88
C GLY A 103 8.30 -6.67 -10.92
N SER A 104 7.24 -6.25 -11.59
CA SER A 104 7.35 -5.20 -12.61
C SER A 104 6.88 -3.86 -12.05
N THR A 105 7.81 -2.92 -11.93
CA THR A 105 7.50 -1.60 -11.42
C THR A 105 6.59 -0.84 -12.39
N THR A 106 6.52 -1.31 -13.63
CA THR A 106 5.69 -0.68 -14.64
C THR A 106 4.27 -1.25 -14.61
N ASN A 107 4.13 -2.47 -14.10
CA ASN A 107 2.83 -3.12 -14.01
C ASN A 107 2.21 -2.95 -12.63
N THR A 108 2.55 -1.85 -11.97
CA THR A 108 2.03 -1.56 -10.64
C THR A 108 0.56 -1.13 -10.71
N SER A 109 0.06 -0.90 -11.92
CA SER A 109 -1.32 -0.49 -12.12
C SER A 109 -2.30 -1.47 -11.49
N LEU A 110 -1.86 -2.71 -11.25
CA LEU A 110 -2.73 -3.72 -10.67
C LEU A 110 -2.03 -4.52 -9.59
N ASP A 111 -1.33 -3.85 -8.69
CA ASP A 111 -0.65 -4.52 -7.60
C ASP A 111 -1.34 -4.17 -6.30
N LEU A 112 -1.99 -5.14 -5.70
CA LEU A 112 -2.70 -4.93 -4.43
C LEU A 112 -1.88 -4.07 -3.49
N ASN A 113 -0.57 -4.18 -3.63
CA ASN A 113 0.36 -3.43 -2.83
C ASN A 113 0.74 -2.13 -3.53
N LYS A 114 0.90 -2.22 -4.84
CA LYS A 114 1.30 -1.08 -5.65
C LYS A 114 2.68 -0.64 -5.21
N ASP A 115 3.47 -1.59 -4.72
CA ASP A 115 4.82 -1.33 -4.27
C ASP A 115 5.78 -1.23 -5.46
N GLY A 116 5.25 -1.40 -6.67
CA GLY A 116 6.09 -1.32 -7.85
C GLY A 116 6.71 -2.66 -8.20
N SER A 117 5.97 -3.72 -7.95
CA SER A 117 6.44 -5.08 -8.23
C SER A 117 5.37 -6.08 -7.92
N ILE A 118 4.86 -6.74 -8.96
CA ILE A 118 3.86 -7.75 -8.76
C ILE A 118 4.48 -8.90 -7.99
N ASP A 119 4.09 -8.99 -6.76
CA ASP A 119 4.65 -10.00 -5.87
C ASP A 119 3.57 -10.72 -5.06
N GLU A 120 3.98 -11.31 -3.95
CA GLU A 120 3.05 -12.05 -3.08
C GLU A 120 1.93 -11.17 -2.56
N TYR A 121 2.11 -9.86 -2.62
CA TYR A 121 1.11 -8.92 -2.13
C TYR A 121 -0.06 -8.73 -3.11
N GLU A 122 0.16 -9.03 -4.39
CA GLU A 122 -0.90 -8.83 -5.39
C GLU A 122 -1.84 -10.03 -5.53
N ILE A 123 -1.47 -11.18 -4.99
CA ILE A 123 -2.33 -12.36 -5.07
C ILE A 123 -3.17 -12.54 -3.80
N SER A 124 -2.78 -11.85 -2.74
CA SER A 124 -3.48 -11.93 -1.46
C SER A 124 -5.00 -11.78 -1.61
N PHE A 125 -5.43 -11.09 -2.66
CA PHE A 125 -6.86 -10.88 -2.89
C PHE A 125 -7.48 -12.02 -3.68
N ILE A 126 -6.96 -12.25 -4.88
CA ILE A 126 -7.45 -13.31 -5.75
C ILE A 126 -7.05 -14.69 -5.25
N ASN A 127 -6.19 -14.74 -4.23
CA ASN A 127 -5.72 -16.00 -3.67
C ASN A 127 -6.89 -16.94 -3.36
N HIS A 128 -7.70 -16.58 -2.36
CA HIS A 128 -8.83 -17.39 -1.95
C HIS A 128 -10.12 -16.98 -2.66
N ARG A 129 -10.16 -15.73 -3.14
CA ARG A 129 -11.35 -15.23 -3.82
C ARG A 129 -11.84 -16.23 -4.87
N ILE A 130 -10.91 -16.96 -5.47
CA ILE A 130 -11.23 -17.94 -6.48
C ILE A 130 -11.41 -19.33 -5.86
N LEU A 131 -10.46 -19.72 -5.01
CA LEU A 131 -10.51 -21.01 -4.36
C LEU A 131 -11.79 -21.16 -3.53
N ASN A 132 -12.28 -20.04 -3.01
CA ASN A 132 -13.48 -20.03 -2.21
C ASN A 132 -14.68 -20.55 -2.99
N LEU A 133 -14.67 -20.30 -4.31
CA LEU A 133 -15.75 -20.73 -5.18
C LEU A 133 -15.20 -21.37 -6.45
N GLU A 134 -14.39 -22.42 -6.27
CA GLU A 134 -13.80 -23.12 -7.41
C GLU A 134 -14.79 -24.12 -8.00
N HIS A 135 -15.10 -25.16 -7.23
CA HIS A 135 -16.03 -26.19 -7.68
C HIS A 135 -16.25 -27.23 -6.59
N HIS A 136 -17.52 -27.42 -6.21
CA HIS A 136 -17.87 -28.38 -5.18
C HIS A 136 -19.38 -28.59 -5.11
N HIS A 137 -19.80 -29.84 -5.22
CA HIS A 137 -21.22 -30.18 -5.17
C HIS A 137 -21.43 -31.69 -5.23
N HIS A 138 -22.32 -32.19 -4.39
CA HIS A 138 -22.60 -33.62 -4.34
C HIS A 138 -24.11 -33.87 -4.38
N HIS A 139 -24.48 -35.14 -4.57
CA HIS A 139 -25.89 -35.51 -4.63
C HIS A 139 -26.31 -36.24 -3.37
N HIS A 140 -25.74 -37.42 -3.15
CA HIS A 140 -26.06 -38.22 -1.98
C HIS A 140 -24.79 -38.70 -1.28
N MET A 1 7.80 30.21 11.35
CA MET A 1 8.67 29.06 11.72
C MET A 1 7.85 27.93 12.36
N ASP A 2 7.33 27.05 11.52
CA ASP A 2 6.53 25.92 12.00
C ASP A 2 6.80 24.67 11.16
N LYS A 3 6.04 23.61 11.44
CA LYS A 3 6.20 22.36 10.72
C LYS A 3 4.88 21.59 10.68
N THR A 4 3.78 22.31 10.51
CA THR A 4 2.47 21.70 10.46
C THR A 4 2.43 20.59 9.41
N ASN A 5 3.19 20.76 8.34
CA ASN A 5 3.24 19.78 7.26
C ASN A 5 3.43 18.37 7.83
N LEU A 6 4.28 18.24 8.84
CA LEU A 6 4.53 16.96 9.46
C LEU A 6 3.32 16.49 10.25
N GLY A 7 2.99 17.24 11.30
CA GLY A 7 1.84 16.90 12.12
C GLY A 7 0.57 16.78 11.31
N GLU A 8 0.57 17.36 10.11
CA GLU A 8 -0.60 17.30 9.24
C GLU A 8 -0.56 16.09 8.34
N LEU A 9 0.64 15.57 8.08
CA LEU A 9 0.79 14.40 7.22
C LEU A 9 0.98 13.15 8.05
N ILE A 10 1.65 13.31 9.19
CA ILE A 10 1.92 12.20 10.08
C ILE A 10 0.70 11.85 10.92
N ASN A 11 -0.06 12.87 11.32
CA ASN A 11 -1.26 12.66 12.13
C ASN A 11 -2.05 11.49 11.58
N GLN A 12 -2.25 11.53 10.27
CA GLN A 12 -2.97 10.46 9.57
C GLN A 12 -2.05 9.26 9.34
N GLY A 13 -0.76 9.54 9.17
CA GLY A 13 0.20 8.48 8.94
C GLY A 13 0.29 7.55 10.14
N LYS A 14 0.40 8.14 11.33
CA LYS A 14 0.47 7.37 12.56
C LYS A 14 -0.76 6.49 12.69
N SER A 15 -1.87 6.98 12.16
CA SER A 15 -3.13 6.24 12.19
C SER A 15 -3.12 5.19 11.10
N LEU A 16 -2.51 5.52 9.96
CA LEU A 16 -2.39 4.60 8.84
C LEU A 16 -1.64 3.36 9.29
N LEU A 17 -0.36 3.55 9.60
CA LEU A 17 0.50 2.48 10.06
C LEU A 17 -0.16 1.70 11.20
N ASP A 18 -1.07 2.36 11.91
CA ASP A 18 -1.77 1.74 13.03
C ASP A 18 -3.03 1.00 12.57
N GLU A 19 -3.54 1.35 11.38
CA GLU A 19 -4.75 0.71 10.86
C GLU A 19 -4.42 -0.33 9.79
N SER A 20 -3.90 0.15 8.65
CA SER A 20 -3.53 -0.73 7.55
C SER A 20 -2.49 -1.71 8.01
N VAL A 21 -2.93 -2.85 8.49
CA VAL A 21 -2.02 -3.86 8.96
C VAL A 21 -1.69 -4.84 7.86
N GLU A 22 -0.46 -5.29 7.85
CA GLU A 22 -0.02 -6.23 6.84
C GLU A 22 -0.57 -7.62 7.13
N GLY A 23 -1.52 -8.06 6.31
CA GLY A 23 -2.12 -9.37 6.48
C GLY A 23 -2.18 -10.16 5.19
N PHE A 24 -3.23 -9.92 4.38
CA PHE A 24 -3.39 -10.62 3.11
C PHE A 24 -4.81 -10.46 2.56
N ASN A 25 -5.34 -9.24 2.63
CA ASN A 25 -6.69 -8.97 2.14
C ASN A 25 -7.05 -7.49 2.30
N VAL A 26 -8.19 -7.10 1.73
CA VAL A 26 -8.64 -5.71 1.82
C VAL A 26 -8.52 -5.19 3.24
N GLY A 27 -7.93 -4.01 3.39
CA GLY A 27 -7.75 -3.43 4.71
C GLY A 27 -6.43 -3.85 5.34
N GLU A 28 -5.75 -4.79 4.71
CA GLU A 28 -4.47 -5.28 5.19
C GLU A 28 -3.55 -5.58 4.03
N TYR A 29 -2.31 -5.13 4.11
CA TYR A 29 -1.36 -5.35 3.02
C TYR A 29 -0.52 -6.59 3.25
N HIS A 30 0.32 -6.92 2.28
CA HIS A 30 1.15 -8.11 2.39
C HIS A 30 2.32 -7.88 3.34
N LYS A 31 3.31 -7.09 2.89
CA LYS A 31 4.48 -6.79 3.70
C LYS A 31 5.36 -5.75 3.03
N GLY A 32 6.08 -4.98 3.84
CA GLY A 32 6.96 -3.96 3.29
C GLY A 32 6.31 -2.59 3.27
N ALA A 33 4.97 -2.55 3.26
CA ALA A 33 4.24 -1.29 3.24
C ALA A 33 4.68 -0.38 4.38
N LYS A 34 4.38 -0.82 5.62
CA LYS A 34 4.73 -0.04 6.81
C LYS A 34 6.05 0.71 6.65
N ASP A 35 7.15 -0.05 6.60
CA ASP A 35 8.50 0.51 6.45
C ASP A 35 8.54 1.81 5.64
N GLY A 36 7.75 1.87 4.57
CA GLY A 36 7.71 3.06 3.73
C GLY A 36 7.08 4.21 4.48
N LEU A 37 5.75 4.15 4.67
CA LEU A 37 5.08 5.19 5.43
C LEU A 37 5.77 5.34 6.77
N THR A 38 6.25 4.22 7.27
CA THR A 38 6.99 4.19 8.53
C THR A 38 8.27 5.00 8.37
N VAL A 39 8.91 4.78 7.23
CA VAL A 39 10.15 5.46 6.90
C VAL A 39 9.91 6.95 6.84
N GLU A 40 8.71 7.33 6.40
CA GLU A 40 8.34 8.73 6.35
C GLU A 40 7.88 9.19 7.72
N ILE A 41 7.29 8.26 8.49
CA ILE A 41 6.84 8.58 9.84
C ILE A 41 8.07 8.77 10.74
N ASN A 42 8.87 7.72 10.84
CA ASN A 42 10.10 7.78 11.63
C ASN A 42 10.86 9.04 11.26
N LYS A 43 11.02 9.24 9.96
CA LYS A 43 11.73 10.41 9.45
C LYS A 43 10.91 11.70 9.62
N ALA A 44 9.58 11.58 9.60
CA ALA A 44 8.72 12.76 9.74
C ALA A 44 8.60 13.19 11.20
N GLU A 45 8.07 12.32 12.04
CA GLU A 45 7.90 12.63 13.46
C GLU A 45 9.17 13.25 14.03
N GLU A 46 10.31 12.66 13.68
CA GLU A 46 11.59 13.16 14.15
C GLU A 46 11.77 14.62 13.75
N VAL A 47 11.04 15.03 12.71
CA VAL A 47 11.09 16.41 12.24
C VAL A 47 9.94 17.20 12.84
N PHE A 48 8.77 16.58 12.90
CA PHE A 48 7.60 17.22 13.48
C PHE A 48 7.92 17.83 14.83
N ASN A 49 8.52 17.01 15.70
CA ASN A 49 8.89 17.46 17.03
C ASN A 49 10.29 18.05 17.05
N LYS A 50 10.90 18.19 15.87
CA LYS A 50 12.25 18.75 15.79
C LYS A 50 12.25 20.27 15.79
N GLU A 51 13.40 20.86 16.10
CA GLU A 51 13.54 22.31 16.13
C GLU A 51 14.07 22.80 14.80
N ASP A 52 14.84 21.97 14.12
CA ASP A 52 15.34 22.33 12.82
C ASP A 52 14.32 21.97 11.76
N ALA A 53 13.09 21.74 12.20
CA ALA A 53 12.00 21.43 11.28
C ALA A 53 11.55 22.73 10.66
N THR A 54 12.54 23.44 10.16
CA THR A 54 12.36 24.73 9.52
C THR A 54 12.22 24.59 8.02
N GLU A 55 13.03 25.32 7.29
CA GLU A 55 13.00 25.28 5.84
C GLU A 55 13.89 24.17 5.27
N GLU A 56 14.73 23.60 6.11
CA GLU A 56 15.64 22.54 5.66
C GLU A 56 15.11 21.13 5.95
N GLU A 57 14.87 20.84 7.22
CA GLU A 57 14.43 19.50 7.64
C GLU A 57 13.00 19.16 7.22
N ILE A 58 12.10 20.13 7.24
CA ILE A 58 10.71 19.87 6.87
C ILE A 58 10.61 19.30 5.47
N ASN A 59 10.93 20.11 4.48
CA ASN A 59 10.88 19.65 3.09
C ASN A 59 11.61 18.32 2.96
N LEU A 60 12.71 18.21 3.67
CA LEU A 60 13.51 17.00 3.66
C LEU A 60 12.74 15.84 4.30
N ALA A 61 11.91 16.16 5.29
CA ALA A 61 11.12 15.14 5.98
C ALA A 61 9.75 14.96 5.34
N LYS A 62 9.32 15.94 4.56
CA LYS A 62 8.02 15.90 3.91
C LYS A 62 8.08 15.13 2.58
N GLU A 63 9.27 15.12 1.97
CA GLU A 63 9.47 14.45 0.69
C GLU A 63 8.81 13.07 0.67
N SER A 64 9.22 12.20 1.59
CA SER A 64 8.67 10.86 1.68
C SER A 64 7.39 10.86 2.50
N LEU A 65 7.11 11.96 3.18
CA LEU A 65 5.92 12.07 4.00
C LEU A 65 4.69 12.15 3.13
N GLU A 66 4.84 12.80 1.99
CA GLU A 66 3.74 12.96 1.05
C GLU A 66 3.78 11.88 -0.02
N GLY A 67 4.91 11.18 -0.14
CA GLY A 67 5.04 10.14 -1.15
C GLY A 67 5.03 8.74 -0.58
N ALA A 68 5.30 8.61 0.72
CA ALA A 68 5.30 7.30 1.35
C ALA A 68 3.89 6.90 1.78
N ILE A 69 3.10 7.88 2.24
CA ILE A 69 1.72 7.61 2.62
C ILE A 69 0.96 7.17 1.40
N ALA A 70 1.21 7.90 0.33
CA ALA A 70 0.58 7.62 -0.94
C ALA A 70 0.73 6.14 -1.30
N ARG A 71 1.76 5.50 -0.74
CA ARG A 71 2.01 4.09 -0.98
C ARG A 71 1.29 3.24 0.05
N PHE A 72 1.60 3.44 1.34
CA PHE A 72 0.99 2.67 2.41
C PHE A 72 -0.54 2.68 2.30
N ASN A 73 -1.09 3.78 1.80
CA ASN A 73 -2.53 3.90 1.65
C ASN A 73 -3.06 2.90 0.62
N SER A 74 -2.27 2.69 -0.43
CA SER A 74 -2.65 1.77 -1.49
C SER A 74 -1.80 0.50 -1.46
N LEU A 75 -1.60 -0.06 -0.27
CA LEU A 75 -0.81 -1.28 -0.12
C LEU A 75 -1.62 -2.40 0.55
N LEU A 76 -2.62 -2.01 1.34
CA LEU A 76 -3.49 -2.95 2.04
C LEU A 76 -4.50 -3.57 1.09
N ILE A 77 -4.02 -4.07 -0.04
CA ILE A 77 -4.92 -4.65 -1.04
C ILE A 77 -5.99 -3.64 -1.36
N GLU A 78 -5.53 -2.50 -1.90
CA GLU A 78 -6.41 -1.41 -2.27
C GLU A 78 -7.85 -1.86 -2.30
N GLU A 79 -8.65 -1.23 -1.48
CA GLU A 79 -10.07 -1.54 -1.34
C GLU A 79 -10.72 -1.94 -2.67
N SER A 80 -10.14 -1.50 -3.79
CA SER A 80 -10.68 -1.83 -5.10
C SER A 80 -9.59 -2.29 -6.09
N THR A 81 -8.54 -2.96 -5.60
CA THR A 81 -7.47 -3.42 -6.49
C THR A 81 -7.82 -4.75 -7.14
N GLY A 82 -8.88 -5.40 -6.65
CA GLY A 82 -9.29 -6.68 -7.20
C GLY A 82 -9.35 -6.66 -8.71
N ASP A 83 -9.78 -5.52 -9.27
CA ASP A 83 -9.88 -5.37 -10.72
C ASP A 83 -8.51 -5.16 -11.35
N PHE A 84 -7.77 -6.25 -11.53
CA PHE A 84 -6.44 -6.18 -12.13
C PHE A 84 -6.51 -5.58 -13.52
N ASN A 85 -7.18 -6.26 -14.44
CA ASN A 85 -7.32 -5.79 -15.80
C ASN A 85 -8.04 -4.45 -15.85
N GLY A 86 -8.74 -4.13 -14.76
CA GLY A 86 -9.48 -2.89 -14.71
C GLY A 86 -10.76 -2.95 -15.52
N ASN A 87 -11.05 -4.14 -16.05
CA ASN A 87 -12.25 -4.35 -16.86
C ASN A 87 -13.45 -4.67 -15.98
N GLY A 88 -13.20 -5.22 -14.79
CA GLY A 88 -14.27 -5.55 -13.88
C GLY A 88 -14.51 -7.05 -13.77
N LYS A 89 -13.46 -7.81 -13.51
CA LYS A 89 -13.57 -9.26 -13.37
C LYS A 89 -12.38 -9.81 -12.59
N ILE A 90 -12.66 -10.40 -11.42
CA ILE A 90 -11.62 -10.96 -10.58
C ILE A 90 -11.75 -12.48 -10.49
N ASP A 91 -10.92 -13.18 -11.26
CA ASP A 91 -10.94 -14.65 -11.26
C ASP A 91 -9.86 -15.20 -12.17
N ILE A 92 -9.94 -14.85 -13.45
CA ILE A 92 -8.96 -15.32 -14.43
C ILE A 92 -7.77 -14.38 -14.51
N GLY A 93 -7.97 -13.13 -14.10
CA GLY A 93 -6.90 -12.16 -14.14
C GLY A 93 -5.85 -12.40 -13.05
N ASP A 94 -6.06 -13.46 -12.26
CA ASP A 94 -5.12 -13.79 -11.20
C ASP A 94 -4.05 -14.76 -11.68
N LEU A 95 -4.44 -15.66 -12.58
CA LEU A 95 -3.51 -16.65 -13.11
C LEU A 95 -3.13 -16.33 -14.55
N ALA A 96 -3.14 -15.05 -14.90
CA ALA A 96 -2.80 -14.62 -16.26
C ALA A 96 -2.50 -13.14 -16.34
N MET A 97 -3.15 -12.33 -15.51
CA MET A 97 -2.95 -10.89 -15.54
C MET A 97 -1.80 -10.44 -14.62
N VAL A 98 -2.06 -10.45 -13.31
CA VAL A 98 -1.07 -10.02 -12.33
C VAL A 98 0.17 -10.92 -12.27
N SER A 99 -0.03 -12.22 -12.08
CA SER A 99 1.09 -13.14 -11.97
C SER A 99 1.92 -13.19 -13.25
N LYS A 100 1.45 -12.53 -14.31
CA LYS A 100 2.17 -12.52 -15.57
C LYS A 100 3.42 -11.64 -15.48
N ASN A 101 3.29 -10.52 -14.81
CA ASN A 101 4.43 -9.61 -14.66
C ASN A 101 5.30 -10.04 -13.50
N ILE A 102 4.68 -10.19 -12.34
CA ILE A 102 5.36 -10.58 -11.12
C ILE A 102 6.74 -9.93 -11.01
N GLY A 103 6.78 -8.86 -10.23
CA GLY A 103 8.02 -8.13 -10.02
C GLY A 103 8.21 -7.00 -11.01
N SER A 104 7.13 -6.56 -11.64
CA SER A 104 7.20 -5.48 -12.61
C SER A 104 6.86 -4.13 -11.95
N THR A 105 7.78 -3.19 -12.07
CA THR A 105 7.58 -1.86 -11.48
C THR A 105 6.77 -0.97 -12.41
N THR A 106 6.78 -1.28 -13.70
CA THR A 106 6.02 -0.51 -14.69
C THR A 106 4.54 -0.49 -14.34
N ASN A 107 3.85 -1.59 -14.65
CA ASN A 107 2.43 -1.71 -14.36
C ASN A 107 2.21 -2.05 -12.89
N THR A 108 2.28 -1.03 -12.03
CA THR A 108 2.11 -1.23 -10.60
C THR A 108 0.65 -1.07 -10.18
N SER A 109 -0.08 -0.23 -10.90
CA SER A 109 -1.49 0.00 -10.60
C SER A 109 -2.25 -1.31 -10.43
N LEU A 110 -1.72 -2.37 -11.06
CA LEU A 110 -2.34 -3.68 -11.00
C LEU A 110 -1.73 -4.53 -9.88
N ASP A 111 -1.17 -3.87 -8.87
CA ASP A 111 -0.57 -4.56 -7.75
C ASP A 111 -1.34 -4.22 -6.49
N LEU A 112 -2.01 -5.22 -5.90
CA LEU A 112 -2.77 -4.99 -4.68
C LEU A 112 -1.99 -4.13 -3.70
N ASN A 113 -0.67 -4.23 -3.79
CA ASN A 113 0.23 -3.48 -2.94
C ASN A 113 0.69 -2.21 -3.62
N LYS A 114 0.97 -2.32 -4.92
CA LYS A 114 1.45 -1.19 -5.71
C LYS A 114 2.86 -0.84 -5.27
N ASP A 115 3.60 -1.85 -4.84
CA ASP A 115 4.98 -1.65 -4.38
C ASP A 115 5.93 -1.57 -5.58
N GLY A 116 5.39 -1.73 -6.79
CA GLY A 116 6.22 -1.67 -7.97
C GLY A 116 6.80 -3.02 -8.33
N SER A 117 6.03 -4.07 -8.05
CA SER A 117 6.46 -5.44 -8.32
C SER A 117 5.38 -6.42 -7.97
N ILE A 118 4.82 -7.06 -8.99
CA ILE A 118 3.80 -8.04 -8.76
C ILE A 118 4.39 -9.23 -8.04
N ASP A 119 4.05 -9.32 -6.78
CA ASP A 119 4.59 -10.38 -5.94
C ASP A 119 3.50 -11.06 -5.10
N GLU A 120 3.87 -11.50 -3.90
CA GLU A 120 2.94 -12.19 -3.01
C GLU A 120 1.83 -11.26 -2.53
N TYR A 121 2.07 -9.95 -2.61
CA TYR A 121 1.07 -8.96 -2.19
C TYR A 121 -0.07 -8.87 -3.19
N GLU A 122 0.13 -9.42 -4.38
CA GLU A 122 -0.88 -9.36 -5.44
C GLU A 122 -1.80 -10.60 -5.43
N ILE A 123 -1.31 -11.67 -4.86
CA ILE A 123 -2.07 -12.92 -4.78
C ILE A 123 -2.77 -13.06 -3.42
N SER A 124 -2.06 -12.68 -2.37
CA SER A 124 -2.57 -12.78 -0.99
C SER A 124 -4.07 -12.53 -0.89
N PHE A 125 -4.60 -11.66 -1.74
CA PHE A 125 -6.03 -11.35 -1.70
C PHE A 125 -6.85 -12.33 -2.53
N ILE A 126 -6.78 -12.18 -3.86
CA ILE A 126 -7.53 -13.04 -4.77
C ILE A 126 -7.12 -14.50 -4.67
N ASN A 127 -5.82 -14.76 -4.57
CA ASN A 127 -5.30 -16.13 -4.48
C ASN A 127 -6.11 -16.94 -3.47
N HIS A 128 -6.45 -16.31 -2.34
CA HIS A 128 -7.22 -16.98 -1.30
C HIS A 128 -8.71 -16.69 -1.48
N ARG A 129 -9.04 -15.42 -1.74
CA ARG A 129 -10.43 -15.02 -1.95
C ARG A 129 -11.10 -15.90 -2.99
N ILE A 130 -10.31 -16.37 -3.94
CA ILE A 130 -10.82 -17.24 -5.01
C ILE A 130 -11.52 -18.46 -4.42
N LEU A 131 -10.72 -19.37 -3.87
CA LEU A 131 -11.26 -20.60 -3.27
C LEU A 131 -12.23 -20.27 -2.15
N ASN A 132 -11.99 -19.15 -1.46
CA ASN A 132 -12.85 -18.72 -0.37
C ASN A 132 -14.30 -18.57 -0.83
N LEU A 133 -14.47 -18.23 -2.10
CA LEU A 133 -15.81 -18.06 -2.68
C LEU A 133 -15.90 -18.72 -4.05
N GLU A 134 -15.30 -19.89 -4.18
CA GLU A 134 -15.32 -20.62 -5.43
C GLU A 134 -16.57 -21.50 -5.53
N HIS A 135 -17.19 -21.51 -6.71
CA HIS A 135 -18.39 -22.29 -6.93
C HIS A 135 -18.86 -22.17 -8.38
N HIS A 136 -18.78 -20.96 -8.93
CA HIS A 136 -19.19 -20.70 -10.30
C HIS A 136 -20.68 -21.00 -10.48
N HIS A 137 -21.28 -20.39 -11.50
CA HIS A 137 -22.70 -20.59 -11.78
C HIS A 137 -22.89 -21.41 -13.04
N HIS A 138 -22.24 -21.01 -14.12
CA HIS A 138 -22.34 -21.71 -15.39
C HIS A 138 -23.78 -21.74 -15.89
N HIS A 139 -24.21 -20.63 -16.49
CA HIS A 139 -25.57 -20.52 -17.01
C HIS A 139 -25.56 -20.43 -18.53
N HIS A 140 -26.75 -20.29 -19.12
CA HIS A 140 -26.88 -20.18 -20.57
C HIS A 140 -27.69 -18.96 -20.95
N MET A 1 1.21 27.89 11.46
CA MET A 1 1.16 27.95 9.98
C MET A 1 2.27 27.11 9.35
N ASP A 2 3.40 27.01 10.06
CA ASP A 2 4.53 26.24 9.57
C ASP A 2 4.83 25.06 10.49
N LYS A 3 5.60 24.10 9.99
CA LYS A 3 5.96 22.92 10.77
C LYS A 3 4.74 22.03 11.03
N THR A 4 3.65 22.32 10.35
CA THR A 4 2.42 21.54 10.50
C THR A 4 2.36 20.41 9.49
N ASN A 5 2.92 20.65 8.30
CA ASN A 5 2.93 19.66 7.23
C ASN A 5 3.26 18.26 7.77
N LEU A 6 4.07 18.22 8.82
CA LEU A 6 4.46 16.97 9.42
C LEU A 6 3.34 16.43 10.29
N GLY A 7 3.08 17.11 11.41
CA GLY A 7 2.03 16.69 12.32
C GLY A 7 0.71 16.43 11.61
N GLU A 8 0.55 17.00 10.42
CA GLU A 8 -0.66 16.82 9.65
C GLU A 8 -0.52 15.68 8.65
N LEU A 9 0.73 15.34 8.31
CA LEU A 9 0.98 14.27 7.37
C LEU A 9 1.36 12.99 8.11
N ILE A 10 1.82 13.15 9.34
CA ILE A 10 2.23 12.03 10.15
C ILE A 10 1.10 11.56 11.06
N ASN A 11 0.33 12.51 11.59
CA ASN A 11 -0.79 12.19 12.47
C ASN A 11 -1.54 10.99 11.92
N GLN A 12 -1.84 11.07 10.63
CA GLN A 12 -2.55 10.01 9.93
C GLN A 12 -1.61 8.86 9.60
N GLY A 13 -0.34 9.19 9.37
CA GLY A 13 0.65 8.19 9.04
C GLY A 13 0.75 7.09 10.08
N LYS A 14 1.22 7.45 11.27
CA LYS A 14 1.37 6.48 12.36
C LYS A 14 0.03 5.83 12.68
N SER A 15 -1.05 6.58 12.48
CA SER A 15 -2.39 6.07 12.73
C SER A 15 -2.81 5.14 11.59
N LEU A 16 -2.22 5.35 10.43
CA LEU A 16 -2.49 4.54 9.25
C LEU A 16 -1.75 3.22 9.39
N LEU A 17 -0.43 3.32 9.55
CA LEU A 17 0.40 2.14 9.73
C LEU A 17 -0.19 1.24 10.80
N ASP A 18 -0.78 1.84 11.82
CA ASP A 18 -1.39 1.09 12.91
C ASP A 18 -2.55 0.23 12.42
N GLU A 19 -3.57 0.88 11.87
CA GLU A 19 -4.75 0.18 11.37
C GLU A 19 -4.38 -0.82 10.27
N SER A 20 -3.90 -0.29 9.14
CA SER A 20 -3.51 -1.12 8.02
C SER A 20 -2.39 -2.05 8.41
N VAL A 21 -2.75 -3.18 8.96
CA VAL A 21 -1.77 -4.15 9.38
C VAL A 21 -1.50 -5.13 8.27
N GLU A 22 -0.28 -5.60 8.19
CA GLU A 22 0.06 -6.55 7.15
C GLU A 22 -0.51 -7.92 7.49
N GLY A 23 -1.53 -8.33 6.74
CA GLY A 23 -2.16 -9.61 6.99
C GLY A 23 -2.34 -10.45 5.73
N PHE A 24 -3.43 -10.19 4.99
CA PHE A 24 -3.71 -10.95 3.77
C PHE A 24 -5.11 -10.67 3.22
N ASN A 25 -5.58 -9.43 3.32
CA ASN A 25 -6.91 -9.08 2.83
C ASN A 25 -7.21 -7.60 3.03
N VAL A 26 -8.35 -7.14 2.50
CA VAL A 26 -8.76 -5.75 2.62
C VAL A 26 -8.56 -5.25 4.05
N GLY A 27 -7.94 -4.08 4.19
CA GLY A 27 -7.69 -3.53 5.50
C GLY A 27 -6.35 -3.98 6.05
N GLU A 28 -5.72 -4.93 5.35
CA GLU A 28 -4.43 -5.45 5.76
C GLU A 28 -3.60 -5.79 4.55
N TYR A 29 -2.34 -5.38 4.55
CA TYR A 29 -1.46 -5.63 3.41
C TYR A 29 -0.62 -6.88 3.62
N HIS A 30 0.13 -7.25 2.60
CA HIS A 30 0.97 -8.45 2.69
C HIS A 30 2.21 -8.18 3.53
N LYS A 31 3.11 -7.34 3.00
CA LYS A 31 4.34 -7.01 3.70
C LYS A 31 5.14 -5.99 2.90
N GLY A 32 5.86 -5.12 3.61
CA GLY A 32 6.65 -4.10 2.96
C GLY A 32 5.99 -2.75 2.97
N ALA A 33 4.66 -2.73 3.07
CA ALA A 33 3.92 -1.48 3.10
C ALA A 33 4.39 -0.58 4.23
N LYS A 34 4.23 -1.05 5.47
CA LYS A 34 4.62 -0.29 6.65
C LYS A 34 5.87 0.56 6.40
N ASP A 35 7.02 -0.11 6.26
CA ASP A 35 8.31 0.55 6.02
C ASP A 35 8.18 1.84 5.21
N GLY A 36 7.45 1.81 4.11
CA GLY A 36 7.26 2.99 3.29
C GLY A 36 6.66 4.12 4.10
N LEU A 37 5.38 3.99 4.44
CA LEU A 37 4.71 5.00 5.24
C LEU A 37 5.46 5.19 6.55
N THR A 38 6.21 4.19 6.96
CA THR A 38 6.98 4.26 8.19
C THR A 38 8.29 4.99 7.95
N VAL A 39 8.83 4.75 6.76
CA VAL A 39 10.08 5.37 6.34
C VAL A 39 9.88 6.88 6.24
N GLU A 40 8.64 7.29 6.11
CA GLU A 40 8.29 8.69 6.05
C GLU A 40 7.92 9.16 7.46
N ILE A 41 7.45 8.23 8.29
CA ILE A 41 7.09 8.54 9.66
C ILE A 41 8.34 8.60 10.50
N ASN A 42 9.10 7.50 10.53
CA ASN A 42 10.36 7.46 11.25
C ASN A 42 11.15 8.72 10.92
N LYS A 43 11.10 9.05 9.63
CA LYS A 43 11.79 10.24 9.12
C LYS A 43 11.02 11.52 9.44
N ALA A 44 9.72 11.54 9.17
CA ALA A 44 8.89 12.71 9.43
C ALA A 44 8.87 13.07 10.91
N GLU A 45 8.45 12.13 11.74
CA GLU A 45 8.40 12.36 13.18
C GLU A 45 9.71 12.96 13.68
N GLU A 46 10.82 12.51 13.09
CA GLU A 46 12.12 13.02 13.46
C GLU A 46 12.22 14.50 13.13
N VAL A 47 11.39 14.93 12.18
CA VAL A 47 11.34 16.33 11.77
C VAL A 47 10.22 17.06 12.51
N PHE A 48 9.06 16.41 12.61
CA PHE A 48 7.92 16.99 13.29
C PHE A 48 8.33 17.55 14.64
N ASN A 49 9.09 16.76 15.39
CA ASN A 49 9.55 17.16 16.71
C ASN A 49 10.92 17.83 16.62
N LYS A 50 11.38 18.09 15.40
CA LYS A 50 12.68 18.72 15.21
C LYS A 50 12.58 20.24 15.23
N GLU A 51 13.73 20.89 15.47
CA GLU A 51 13.79 22.35 15.50
C GLU A 51 14.18 22.89 14.15
N ASP A 52 14.95 22.12 13.40
CA ASP A 52 15.33 22.54 12.07
C ASP A 52 14.24 22.18 11.09
N ALA A 53 13.04 21.88 11.63
CA ALA A 53 11.90 21.57 10.81
C ALA A 53 11.38 22.87 10.26
N THR A 54 12.30 23.60 9.65
CA THR A 54 12.04 24.90 9.07
C THR A 54 11.86 24.79 7.56
N GLU A 55 12.56 25.64 6.84
CA GLU A 55 12.49 25.67 5.38
C GLU A 55 13.33 24.57 4.75
N GLU A 56 14.18 23.91 5.55
CA GLU A 56 15.03 22.85 5.04
C GLU A 56 14.46 21.45 5.29
N GLU A 57 14.35 21.08 6.56
CA GLU A 57 13.89 19.74 6.96
C GLU A 57 12.42 19.44 6.63
N ILE A 58 11.54 20.42 6.75
CA ILE A 58 10.12 20.18 6.47
C ILE A 58 9.91 19.68 5.06
N ASN A 59 10.15 20.55 4.08
CA ASN A 59 9.98 20.17 2.68
C ASN A 59 10.74 18.87 2.40
N LEU A 60 11.79 18.66 3.18
CA LEU A 60 12.61 17.47 3.05
C LEU A 60 11.91 16.26 3.67
N ALA A 61 11.16 16.51 4.74
CA ALA A 61 10.44 15.43 5.44
C ALA A 61 9.01 15.26 4.92
N LYS A 62 8.49 16.28 4.24
CA LYS A 62 7.14 16.23 3.70
C LYS A 62 7.06 15.35 2.46
N GLU A 63 8.15 15.31 1.69
CA GLU A 63 8.20 14.51 0.46
C GLU A 63 7.65 13.11 0.70
N SER A 64 8.35 12.34 1.52
CA SER A 64 7.94 10.96 1.82
C SER A 64 6.66 10.94 2.66
N LEU A 65 6.27 12.08 3.20
CA LEU A 65 5.06 12.16 4.01
C LEU A 65 3.83 12.18 3.13
N GLU A 66 3.92 12.92 2.04
CA GLU A 66 2.82 13.05 1.10
C GLU A 66 2.93 12.04 -0.04
N GLY A 67 4.06 11.35 -0.12
CA GLY A 67 4.27 10.38 -1.18
C GLY A 67 4.32 8.95 -0.68
N ALA A 68 4.52 8.77 0.62
CA ALA A 68 4.61 7.43 1.19
C ALA A 68 3.26 6.97 1.76
N ILE A 69 2.50 7.90 2.36
CA ILE A 69 1.20 7.55 2.90
C ILE A 69 0.30 7.18 1.75
N ALA A 70 0.37 8.00 0.70
CA ALA A 70 -0.42 7.77 -0.49
C ALA A 70 -0.16 6.38 -1.06
N ARG A 71 1.00 5.83 -0.72
CA ARG A 71 1.37 4.49 -1.17
C ARG A 71 0.87 3.45 -0.19
N PHE A 72 1.25 3.58 1.08
CA PHE A 72 0.83 2.65 2.11
C PHE A 72 -0.69 2.48 2.13
N ASN A 73 -1.40 3.57 1.92
CA ASN A 73 -2.87 3.55 1.90
C ASN A 73 -3.37 2.52 0.89
N SER A 74 -2.59 2.33 -0.17
CA SER A 74 -2.95 1.39 -1.22
C SER A 74 -2.09 0.13 -1.17
N LEU A 75 -1.88 -0.40 0.03
CA LEU A 75 -1.07 -1.61 0.20
C LEU A 75 -1.86 -2.71 0.92
N LEU A 76 -2.78 -2.29 1.78
CA LEU A 76 -3.62 -3.21 2.53
C LEU A 76 -4.72 -3.79 1.64
N ILE A 77 -4.31 -4.28 0.48
CA ILE A 77 -5.26 -4.83 -0.48
C ILE A 77 -6.30 -3.78 -0.77
N GLU A 78 -5.82 -2.61 -1.22
CA GLU A 78 -6.66 -1.47 -1.52
C GLU A 78 -8.13 -1.86 -1.51
N GLU A 79 -8.89 -1.17 -0.68
CA GLU A 79 -10.31 -1.44 -0.54
C GLU A 79 -10.98 -1.68 -1.89
N SER A 80 -10.36 -1.21 -2.97
CA SER A 80 -10.92 -1.38 -4.31
C SER A 80 -10.04 -2.27 -5.22
N THR A 81 -9.00 -2.91 -4.66
CA THR A 81 -8.15 -3.77 -5.49
C THR A 81 -8.95 -4.89 -6.09
N GLY A 82 -8.26 -5.83 -6.73
CA GLY A 82 -8.93 -6.93 -7.38
C GLY A 82 -9.05 -6.67 -8.86
N ASP A 83 -9.14 -5.39 -9.23
CA ASP A 83 -9.25 -5.01 -10.62
C ASP A 83 -7.87 -4.74 -11.20
N PHE A 84 -7.13 -5.82 -11.44
CA PHE A 84 -5.79 -5.74 -11.99
C PHE A 84 -5.85 -5.37 -13.46
N ASN A 85 -6.79 -5.96 -14.18
CA ASN A 85 -6.96 -5.70 -15.60
C ASN A 85 -7.24 -4.23 -15.85
N GLY A 86 -7.76 -3.53 -14.83
CA GLY A 86 -8.07 -2.13 -14.97
C GLY A 86 -9.29 -1.90 -15.84
N ASN A 87 -9.85 -2.99 -16.37
CA ASN A 87 -11.03 -2.90 -17.22
C ASN A 87 -12.31 -3.00 -16.40
N GLY A 88 -12.23 -3.64 -15.24
CA GLY A 88 -13.38 -3.78 -14.37
C GLY A 88 -13.85 -5.22 -14.25
N LYS A 89 -12.95 -6.09 -13.80
CA LYS A 89 -13.28 -7.50 -13.63
C LYS A 89 -12.32 -8.17 -12.66
N ILE A 90 -12.84 -9.01 -11.79
CA ILE A 90 -12.01 -9.71 -10.80
C ILE A 90 -12.23 -11.22 -10.86
N ASP A 91 -11.36 -11.90 -11.59
CA ASP A 91 -11.45 -13.35 -11.72
C ASP A 91 -10.21 -13.91 -12.41
N ILE A 92 -9.91 -13.40 -13.59
CA ILE A 92 -8.75 -13.84 -14.35
C ILE A 92 -7.60 -12.83 -14.25
N GLY A 93 -7.87 -11.69 -13.63
CA GLY A 93 -6.86 -10.67 -13.48
C GLY A 93 -5.71 -11.11 -12.61
N ASP A 94 -5.90 -12.21 -11.87
CA ASP A 94 -4.86 -12.71 -10.99
C ASP A 94 -4.06 -13.84 -11.64
N LEU A 95 -4.77 -14.80 -12.22
CA LEU A 95 -4.13 -15.95 -12.87
C LEU A 95 -3.79 -15.67 -14.33
N ALA A 96 -3.52 -14.41 -14.67
CA ALA A 96 -3.18 -14.06 -16.05
C ALA A 96 -2.66 -12.63 -16.17
N MET A 97 -3.18 -11.73 -15.35
CA MET A 97 -2.77 -10.33 -15.39
C MET A 97 -1.59 -10.02 -14.47
N VAL A 98 -1.87 -9.97 -13.17
CA VAL A 98 -0.84 -9.67 -12.19
C VAL A 98 0.30 -10.69 -12.13
N SER A 99 -0.04 -11.97 -12.10
CA SER A 99 0.98 -13.01 -11.98
C SER A 99 1.91 -13.09 -13.20
N LYS A 100 1.51 -12.57 -14.35
CA LYS A 100 2.38 -12.65 -15.52
C LYS A 100 3.52 -11.65 -15.43
N ASN A 101 3.41 -10.70 -14.50
CA ASN A 101 4.47 -9.73 -14.29
C ASN A 101 5.35 -10.21 -13.14
N ILE A 102 4.72 -10.36 -11.99
CA ILE A 102 5.37 -10.81 -10.76
C ILE A 102 6.79 -10.28 -10.67
N GLY A 103 6.93 -9.22 -9.88
CA GLY A 103 8.22 -8.60 -9.69
C GLY A 103 8.53 -7.57 -10.76
N SER A 104 7.50 -7.15 -11.49
CA SER A 104 7.65 -6.16 -12.54
C SER A 104 7.43 -4.75 -12.01
N THR A 105 8.52 -4.07 -11.70
CA THR A 105 8.44 -2.71 -11.18
C THR A 105 7.73 -1.79 -12.15
N THR A 106 7.80 -2.13 -13.44
CA THR A 106 7.16 -1.33 -14.47
C THR A 106 5.65 -1.56 -14.47
N ASN A 107 5.23 -2.75 -14.04
CA ASN A 107 3.82 -3.09 -14.00
C ASN A 107 3.28 -2.92 -12.57
N THR A 108 3.36 -1.69 -12.07
CA THR A 108 2.88 -1.39 -10.72
C THR A 108 1.42 -0.93 -10.76
N SER A 109 0.85 -0.86 -11.95
CA SER A 109 -0.53 -0.42 -12.12
C SER A 109 -1.53 -1.40 -11.49
N LEU A 110 -1.07 -2.60 -11.15
CA LEU A 110 -1.97 -3.58 -10.54
C LEU A 110 -1.29 -4.40 -9.45
N ASP A 111 -0.54 -3.75 -8.57
CA ASP A 111 0.11 -4.43 -7.49
C ASP A 111 -0.61 -4.09 -6.20
N LEU A 112 -1.35 -5.05 -5.65
CA LEU A 112 -2.09 -4.84 -4.40
C LEU A 112 -1.22 -4.09 -3.39
N ASN A 113 0.09 -4.24 -3.56
CA ASN A 113 1.08 -3.62 -2.70
C ASN A 113 1.65 -2.34 -3.32
N LYS A 114 1.67 -2.31 -4.64
CA LYS A 114 2.24 -1.16 -5.34
C LYS A 114 3.67 -0.96 -4.91
N ASP A 115 4.31 -2.05 -4.49
CA ASP A 115 5.69 -2.01 -4.03
C ASP A 115 6.66 -2.07 -5.21
N GLY A 116 6.14 -2.01 -6.43
CA GLY A 116 7.00 -2.07 -7.60
C GLY A 116 7.46 -3.48 -7.92
N SER A 117 6.59 -4.45 -7.65
CA SER A 117 6.91 -5.85 -7.89
C SER A 117 5.73 -6.73 -7.57
N ILE A 118 5.13 -7.28 -8.60
CA ILE A 118 4.02 -8.17 -8.41
C ILE A 118 4.50 -9.42 -7.70
N ASP A 119 4.14 -9.51 -6.44
CA ASP A 119 4.58 -10.63 -5.63
C ASP A 119 3.42 -11.27 -4.86
N GLU A 120 3.71 -11.78 -3.66
CA GLU A 120 2.70 -12.44 -2.84
C GLU A 120 1.63 -11.47 -2.36
N TYR A 121 1.97 -10.18 -2.36
CA TYR A 121 1.03 -9.15 -1.92
C TYR A 121 -0.10 -8.96 -2.94
N GLU A 122 0.17 -9.35 -4.18
CA GLU A 122 -0.82 -9.22 -5.27
C GLU A 122 -1.79 -10.39 -5.31
N ILE A 123 -1.40 -11.48 -4.66
CA ILE A 123 -2.22 -12.69 -4.63
C ILE A 123 -3.07 -12.76 -3.36
N SER A 124 -2.58 -12.10 -2.30
CA SER A 124 -3.28 -12.10 -1.02
C SER A 124 -4.77 -11.85 -1.16
N PHE A 125 -5.16 -11.13 -2.22
CA PHE A 125 -6.57 -10.82 -2.44
C PHE A 125 -7.28 -11.96 -3.19
N ILE A 126 -6.85 -12.19 -4.43
CA ILE A 126 -7.44 -13.23 -5.27
C ILE A 126 -7.12 -14.63 -4.76
N ASN A 127 -6.22 -14.73 -3.79
CA ASN A 127 -5.85 -16.02 -3.24
C ASN A 127 -7.07 -16.72 -2.65
N HIS A 128 -8.00 -15.93 -2.13
CA HIS A 128 -9.21 -16.48 -1.52
C HIS A 128 -10.37 -16.55 -2.50
N ARG A 129 -10.62 -15.46 -3.22
CA ARG A 129 -11.71 -15.42 -4.20
C ARG A 129 -11.73 -16.70 -5.02
N ILE A 130 -10.55 -17.30 -5.18
CA ILE A 130 -10.41 -18.53 -5.94
C ILE A 130 -10.48 -19.75 -5.01
N LEU A 131 -9.94 -19.61 -3.82
CA LEU A 131 -9.94 -20.69 -2.84
C LEU A 131 -11.37 -21.12 -2.50
N ASN A 132 -12.17 -20.15 -2.05
CA ASN A 132 -13.55 -20.42 -1.69
C ASN A 132 -14.39 -20.74 -2.93
N LEU A 133 -14.17 -21.92 -3.48
CA LEU A 133 -14.90 -22.35 -4.68
C LEU A 133 -15.61 -23.69 -4.43
N GLU A 134 -14.91 -24.61 -3.78
CA GLU A 134 -15.47 -25.92 -3.49
C GLU A 134 -15.83 -26.66 -4.77
N HIS A 135 -14.96 -26.57 -5.77
CA HIS A 135 -15.18 -27.23 -7.05
C HIS A 135 -16.45 -26.71 -7.71
N HIS A 136 -16.57 -26.95 -9.01
CA HIS A 136 -17.74 -26.50 -9.77
C HIS A 136 -18.86 -27.53 -9.71
N HIS A 137 -20.08 -27.09 -9.93
CA HIS A 137 -21.24 -27.97 -9.91
C HIS A 137 -21.77 -28.23 -11.31
N HIS A 138 -21.98 -27.15 -12.06
CA HIS A 138 -22.48 -27.25 -13.43
C HIS A 138 -23.93 -27.75 -13.44
N HIS A 139 -24.12 -29.02 -13.10
CA HIS A 139 -25.45 -29.61 -13.08
C HIS A 139 -25.54 -30.71 -12.02
N HIS A 140 -24.54 -31.60 -12.03
CA HIS A 140 -24.50 -32.70 -11.07
C HIS A 140 -23.06 -33.06 -10.72
N MET A 1 3.29 26.39 9.64
CA MET A 1 3.90 27.29 8.63
C MET A 1 5.22 26.73 8.13
N ASP A 2 6.02 26.19 9.04
CA ASP A 2 7.33 25.62 8.70
C ASP A 2 7.50 24.24 9.32
N LYS A 3 6.39 23.52 9.45
CA LYS A 3 6.42 22.17 10.03
C LYS A 3 5.01 21.58 10.12
N THR A 4 4.01 22.44 10.24
CA THR A 4 2.62 22.00 10.33
C THR A 4 2.31 20.98 9.25
N ASN A 5 3.01 21.10 8.12
CA ASN A 5 2.81 20.18 7.01
C ASN A 5 3.07 18.74 7.43
N LEU A 6 3.90 18.55 8.45
CA LEU A 6 4.22 17.24 8.96
C LEU A 6 3.16 16.79 9.95
N GLY A 7 2.96 17.59 11.00
CA GLY A 7 1.97 17.27 12.00
C GLY A 7 0.62 16.92 11.39
N GLU A 8 0.38 17.43 10.18
CA GLU A 8 -0.86 17.16 9.47
C GLU A 8 -0.73 15.97 8.53
N LEU A 9 0.51 15.62 8.20
CA LEU A 9 0.76 14.49 7.31
C LEU A 9 1.15 13.27 8.12
N ILE A 10 1.57 13.49 9.36
CA ILE A 10 1.98 12.40 10.23
C ILE A 10 0.85 11.92 11.12
N ASN A 11 0.03 12.86 11.61
CA ASN A 11 -1.10 12.51 12.47
C ASN A 11 -1.83 11.31 11.89
N GLN A 12 -2.01 11.36 10.57
CA GLN A 12 -2.69 10.29 9.85
C GLN A 12 -1.70 9.17 9.54
N GLY A 13 -0.44 9.54 9.33
CA GLY A 13 0.58 8.56 9.02
C GLY A 13 0.67 7.48 10.08
N LYS A 14 1.11 7.85 11.28
CA LYS A 14 1.23 6.90 12.37
C LYS A 14 -0.10 6.20 12.61
N SER A 15 -1.20 6.87 12.22
CA SER A 15 -2.53 6.30 12.35
C SER A 15 -2.68 5.18 11.33
N LEU A 16 -2.05 5.39 10.18
CA LEU A 16 -2.07 4.41 9.11
C LEU A 16 -1.20 3.23 9.50
N LEU A 17 0.06 3.54 9.82
CA LEU A 17 1.03 2.54 10.25
C LEU A 17 0.49 1.73 11.43
N ASP A 18 -0.49 2.29 12.14
CA ASP A 18 -1.09 1.61 13.28
C ASP A 18 -2.40 0.90 12.90
N GLU A 19 -2.97 1.26 11.75
CA GLU A 19 -4.23 0.65 11.30
C GLU A 19 -4.00 -0.40 10.22
N SER A 20 -3.55 0.04 9.05
CA SER A 20 -3.29 -0.84 7.93
C SER A 20 -2.27 -1.89 8.34
N VAL A 21 -2.77 -3.03 8.77
CA VAL A 21 -1.90 -4.11 9.20
C VAL A 21 -1.58 -5.05 8.06
N GLU A 22 -0.38 -5.58 8.08
CA GLU A 22 0.04 -6.52 7.05
C GLU A 22 -0.59 -7.89 7.30
N GLY A 23 -1.54 -8.27 6.46
CA GLY A 23 -2.20 -9.55 6.62
C GLY A 23 -2.16 -10.37 5.35
N PHE A 24 -3.21 -10.28 4.53
CA PHE A 24 -3.27 -11.04 3.27
C PHE A 24 -4.63 -10.86 2.60
N ASN A 25 -5.20 -9.66 2.67
CA ASN A 25 -6.49 -9.39 2.06
C ASN A 25 -6.94 -7.95 2.32
N VAL A 26 -8.08 -7.57 1.75
CA VAL A 26 -8.61 -6.22 1.93
C VAL A 26 -8.59 -5.81 3.41
N GLY A 27 -7.94 -4.69 3.69
CA GLY A 27 -7.83 -4.22 5.05
C GLY A 27 -6.46 -4.49 5.64
N GLU A 28 -5.74 -5.42 5.03
CA GLU A 28 -4.41 -5.77 5.49
C GLU A 28 -3.51 -6.03 4.30
N TYR A 29 -2.29 -5.50 4.34
CA TYR A 29 -1.36 -5.68 3.24
C TYR A 29 -0.46 -6.89 3.44
N HIS A 30 0.39 -7.16 2.46
CA HIS A 30 1.28 -8.33 2.55
C HIS A 30 2.44 -8.09 3.51
N LYS A 31 3.43 -7.33 3.08
CA LYS A 31 4.60 -7.05 3.92
C LYS A 31 5.53 -6.04 3.28
N GLY A 32 6.31 -5.35 4.10
CA GLY A 32 7.25 -4.36 3.61
C GLY A 32 6.62 -2.99 3.40
N ALA A 33 5.38 -2.83 3.82
CA ALA A 33 4.68 -1.56 3.68
C ALA A 33 4.91 -0.65 4.89
N LYS A 34 4.50 -1.11 6.06
CA LYS A 34 4.64 -0.36 7.31
C LYS A 34 5.92 0.49 7.33
N ASP A 35 7.07 -0.18 7.30
CA ASP A 35 8.37 0.48 7.32
C ASP A 35 8.36 1.83 6.60
N GLY A 36 8.22 1.81 5.28
CA GLY A 36 8.19 3.04 4.50
C GLY A 36 7.48 4.18 5.22
N LEU A 37 6.16 4.22 5.11
CA LEU A 37 5.37 5.26 5.76
C LEU A 37 5.87 5.53 7.18
N THR A 38 6.22 4.48 7.91
CA THR A 38 6.71 4.65 9.27
C THR A 38 8.08 5.33 9.25
N VAL A 39 8.96 4.83 8.42
CA VAL A 39 10.30 5.37 8.27
C VAL A 39 10.23 6.88 8.08
N GLU A 40 9.34 7.31 7.20
CA GLU A 40 9.14 8.72 6.97
C GLU A 40 8.44 9.33 8.18
N ILE A 41 7.65 8.51 8.88
CA ILE A 41 6.95 8.96 10.08
C ILE A 41 7.97 9.16 11.19
N ASN A 42 8.61 8.06 11.61
CA ASN A 42 9.63 8.13 12.64
C ASN A 42 10.55 9.31 12.35
N LYS A 43 10.86 9.48 11.07
CA LYS A 43 11.72 10.58 10.63
C LYS A 43 10.93 11.90 10.55
N ALA A 44 9.64 11.81 10.19
CA ALA A 44 8.79 13.00 10.07
C ALA A 44 8.51 13.62 11.43
N GLU A 45 7.95 12.82 12.34
CA GLU A 45 7.64 13.29 13.68
C GLU A 45 8.83 14.03 14.26
N GLU A 46 10.00 13.45 14.10
CA GLU A 46 11.23 14.07 14.57
C GLU A 46 11.33 15.47 13.98
N VAL A 47 10.86 15.61 12.74
CA VAL A 47 10.86 16.89 12.05
C VAL A 47 9.70 17.75 12.51
N PHE A 48 8.51 17.16 12.58
CA PHE A 48 7.33 17.89 13.04
C PHE A 48 7.66 18.63 14.33
N ASN A 49 8.55 18.04 15.13
CA ASN A 49 8.96 18.63 16.39
C ASN A 49 10.43 19.07 16.36
N LYS A 50 11.14 18.73 15.29
CA LYS A 50 12.55 19.09 15.18
C LYS A 50 12.75 20.61 15.22
N GLU A 51 13.98 21.03 15.56
CA GLU A 51 14.30 22.44 15.62
C GLU A 51 14.74 22.93 14.25
N ASP A 52 15.52 22.12 13.56
CA ASP A 52 15.95 22.48 12.22
C ASP A 52 14.89 22.05 11.21
N ALA A 53 13.69 21.77 11.70
CA ALA A 53 12.58 21.40 10.85
C ALA A 53 12.07 22.65 10.15
N THR A 54 13.03 23.44 9.69
CA THR A 54 12.76 24.69 9.01
C THR A 54 12.71 24.49 7.50
N GLU A 55 13.43 25.34 6.79
CA GLU A 55 13.46 25.27 5.34
C GLU A 55 14.27 24.07 4.84
N GLU A 56 14.97 23.40 5.75
CA GLU A 56 15.78 22.25 5.38
C GLU A 56 15.08 20.91 5.60
N GLU A 57 14.81 20.60 6.87
CA GLU A 57 14.20 19.32 7.25
C GLU A 57 12.74 19.17 6.80
N ILE A 58 11.99 20.25 6.70
CA ILE A 58 10.59 20.15 6.29
C ILE A 58 10.45 19.53 4.91
N ASN A 59 10.83 20.29 3.89
CA ASN A 59 10.75 19.80 2.51
C ASN A 59 11.43 18.44 2.40
N LEU A 60 12.41 18.22 3.27
CA LEU A 60 13.13 16.97 3.29
C LEU A 60 12.31 15.88 3.95
N ALA A 61 11.47 16.27 4.92
CA ALA A 61 10.63 15.33 5.64
C ALA A 61 9.23 15.23 5.05
N LYS A 62 8.83 16.23 4.27
CA LYS A 62 7.50 16.25 3.66
C LYS A 62 7.38 15.25 2.51
N GLU A 63 8.41 15.18 1.68
CA GLU A 63 8.41 14.27 0.54
C GLU A 63 8.09 12.84 0.97
N SER A 64 8.87 12.33 1.92
CA SER A 64 8.67 10.99 2.43
C SER A 64 7.38 10.87 3.22
N LEU A 65 6.79 12.00 3.58
CA LEU A 65 5.56 12.00 4.35
C LEU A 65 4.34 11.91 3.44
N GLU A 66 4.42 12.55 2.29
CA GLU A 66 3.32 12.57 1.33
C GLU A 66 3.43 11.40 0.33
N GLY A 67 4.57 11.31 -0.34
CA GLY A 67 4.76 10.26 -1.31
C GLY A 67 4.89 8.87 -0.72
N ALA A 68 4.95 8.78 0.61
CA ALA A 68 5.08 7.49 1.28
C ALA A 68 3.73 6.96 1.73
N ILE A 69 2.93 7.81 2.38
CA ILE A 69 1.60 7.39 2.84
C ILE A 69 0.84 6.90 1.63
N ALA A 70 0.98 7.67 0.56
CA ALA A 70 0.33 7.36 -0.69
C ALA A 70 0.51 5.89 -1.04
N ARG A 71 1.60 5.30 -0.56
CA ARG A 71 1.88 3.90 -0.79
C ARG A 71 1.15 3.03 0.23
N PHE A 72 1.52 3.16 1.50
CA PHE A 72 0.90 2.40 2.57
C PHE A 72 -0.63 2.37 2.45
N ASN A 73 -1.20 3.51 2.03
CA ASN A 73 -2.65 3.62 1.87
C ASN A 73 -3.18 2.58 0.90
N SER A 74 -2.41 2.32 -0.15
CA SER A 74 -2.81 1.36 -1.18
C SER A 74 -1.97 0.08 -1.09
N LEU A 75 -1.65 -0.33 0.13
CA LEU A 75 -0.86 -1.54 0.33
C LEU A 75 -1.72 -2.67 0.90
N LEU A 76 -2.69 -2.30 1.73
CA LEU A 76 -3.60 -3.27 2.35
C LEU A 76 -4.56 -3.87 1.33
N ILE A 77 -4.03 -4.32 0.20
CA ILE A 77 -4.87 -4.89 -0.84
C ILE A 77 -5.97 -3.91 -1.16
N GLU A 78 -5.54 -2.73 -1.64
CA GLU A 78 -6.46 -1.66 -1.99
C GLU A 78 -7.90 -2.17 -2.02
N GLU A 79 -8.69 -1.63 -1.12
CA GLU A 79 -10.09 -2.01 -0.97
C GLU A 79 -10.76 -2.42 -2.29
N SER A 80 -10.23 -1.95 -3.42
CA SER A 80 -10.79 -2.31 -4.72
C SER A 80 -9.70 -2.58 -5.75
N THR A 81 -8.59 -3.21 -5.35
CA THR A 81 -7.51 -3.50 -6.30
C THR A 81 -7.76 -4.80 -7.06
N GLY A 82 -8.74 -5.58 -6.62
CA GLY A 82 -9.06 -6.84 -7.29
C GLY A 82 -9.17 -6.69 -8.80
N ASP A 83 -9.54 -5.48 -9.24
CA ASP A 83 -9.68 -5.20 -10.66
C ASP A 83 -8.31 -4.92 -11.30
N PHE A 84 -7.57 -5.98 -11.56
CA PHE A 84 -6.25 -5.86 -12.17
C PHE A 84 -6.34 -5.17 -13.52
N ASN A 85 -7.02 -5.80 -14.46
CA ASN A 85 -7.19 -5.25 -15.80
C ASN A 85 -7.93 -3.93 -15.75
N GLY A 86 -8.61 -3.68 -14.64
CA GLY A 86 -9.38 -2.45 -14.50
C GLY A 86 -10.68 -2.51 -15.28
N ASN A 87 -10.93 -3.66 -15.92
CA ASN A 87 -12.15 -3.84 -16.71
C ASN A 87 -13.34 -4.15 -15.80
N GLY A 88 -13.06 -4.69 -14.62
CA GLY A 88 -14.14 -5.01 -13.69
C GLY A 88 -14.41 -6.51 -13.62
N LYS A 89 -13.41 -7.32 -13.93
CA LYS A 89 -13.56 -8.77 -13.89
C LYS A 89 -12.43 -9.40 -13.08
N ILE A 90 -12.78 -10.01 -11.96
CA ILE A 90 -11.78 -10.63 -11.10
C ILE A 90 -11.91 -12.15 -11.13
N ASP A 91 -11.03 -12.79 -11.91
CA ASP A 91 -11.05 -14.25 -12.01
C ASP A 91 -9.85 -14.75 -12.82
N ILE A 92 -9.81 -14.39 -14.09
CA ILE A 92 -8.72 -14.81 -14.95
C ILE A 92 -7.62 -13.75 -15.02
N GLY A 93 -7.79 -12.70 -14.22
CA GLY A 93 -6.80 -11.64 -14.20
C GLY A 93 -5.69 -11.92 -13.21
N ASP A 94 -5.80 -13.03 -12.50
CA ASP A 94 -4.81 -13.41 -11.50
C ASP A 94 -3.81 -14.40 -12.08
N LEU A 95 -4.32 -15.36 -12.84
CA LEU A 95 -3.48 -16.36 -13.47
C LEU A 95 -3.10 -15.98 -14.89
N ALA A 96 -3.03 -14.67 -15.16
CA ALA A 96 -2.69 -14.20 -16.51
C ALA A 96 -2.38 -12.71 -16.53
N MET A 97 -3.05 -11.94 -15.70
CA MET A 97 -2.84 -10.49 -15.67
C MET A 97 -1.73 -10.08 -14.69
N VAL A 98 -2.04 -10.12 -13.40
CA VAL A 98 -1.08 -9.71 -12.37
C VAL A 98 0.10 -10.67 -12.24
N SER A 99 -0.16 -11.96 -12.08
CA SER A 99 0.91 -12.93 -11.92
C SER A 99 1.79 -13.03 -13.16
N LYS A 100 1.36 -12.41 -14.25
CA LYS A 100 2.13 -12.46 -15.49
C LYS A 100 3.38 -11.59 -15.39
N ASN A 101 3.26 -10.44 -14.74
CA ASN A 101 4.39 -9.55 -14.58
C ASN A 101 5.23 -10.00 -13.39
N ILE A 102 4.58 -10.11 -12.23
CA ILE A 102 5.23 -10.51 -10.99
C ILE A 102 6.61 -9.90 -10.88
N GLY A 103 6.67 -8.82 -10.11
CA GLY A 103 7.91 -8.12 -9.89
C GLY A 103 8.19 -7.06 -10.94
N SER A 104 7.13 -6.55 -11.56
CA SER A 104 7.26 -5.53 -12.59
C SER A 104 6.96 -4.14 -12.01
N THR A 105 8.00 -3.32 -11.88
CA THR A 105 7.86 -1.98 -11.35
C THR A 105 7.01 -1.12 -12.28
N THR A 106 7.00 -1.48 -13.57
CA THR A 106 6.22 -0.74 -14.55
C THR A 106 4.76 -1.19 -14.54
N ASN A 107 4.54 -2.44 -14.15
CA ASN A 107 3.19 -3.00 -14.08
C ASN A 107 2.61 -2.83 -12.68
N THR A 108 2.63 -1.60 -12.18
CA THR A 108 2.11 -1.31 -10.85
C THR A 108 0.63 -0.92 -10.92
N SER A 109 0.08 -0.89 -12.13
CA SER A 109 -1.31 -0.53 -12.33
C SER A 109 -2.28 -1.54 -11.72
N LEU A 110 -1.79 -2.73 -11.40
CA LEU A 110 -2.67 -3.76 -10.83
C LEU A 110 -1.99 -4.59 -9.74
N ASP A 111 -1.27 -3.92 -8.83
CA ASP A 111 -0.63 -4.60 -7.74
C ASP A 111 -1.40 -4.27 -6.48
N LEU A 112 -2.05 -5.26 -5.90
CA LEU A 112 -2.83 -5.03 -4.68
C LEU A 112 -2.03 -4.20 -3.68
N ASN A 113 -0.71 -4.20 -3.84
CA ASN A 113 0.19 -3.46 -2.98
C ASN A 113 0.76 -2.24 -3.67
N LYS A 114 0.72 -2.24 -5.00
CA LYS A 114 1.27 -1.15 -5.80
C LYS A 114 2.65 -0.77 -5.29
N ASP A 115 3.41 -1.79 -4.87
CA ASP A 115 4.75 -1.57 -4.34
C ASP A 115 5.79 -1.55 -5.47
N GLY A 116 5.33 -1.67 -6.72
CA GLY A 116 6.24 -1.66 -7.85
C GLY A 116 6.81 -3.03 -8.14
N SER A 117 6.03 -4.07 -7.88
CA SER A 117 6.46 -5.44 -8.12
C SER A 117 5.36 -6.41 -7.79
N ILE A 118 4.78 -7.00 -8.82
CA ILE A 118 3.74 -7.98 -8.63
C ILE A 118 4.32 -9.19 -7.92
N ASP A 119 3.97 -9.32 -6.67
CA ASP A 119 4.49 -10.40 -5.85
C ASP A 119 3.39 -11.10 -5.05
N GLU A 120 3.74 -11.59 -3.87
CA GLU A 120 2.80 -12.31 -3.01
C GLU A 120 1.69 -11.39 -2.52
N TYR A 121 1.91 -10.09 -2.61
CA TYR A 121 0.91 -9.11 -2.17
C TYR A 121 -0.21 -8.96 -3.19
N GLU A 122 0.00 -9.49 -4.40
CA GLU A 122 -0.98 -9.38 -5.48
C GLU A 122 -1.93 -10.59 -5.53
N ILE A 123 -1.57 -11.66 -4.87
CA ILE A 123 -2.39 -12.87 -4.87
C ILE A 123 -3.29 -12.91 -3.63
N SER A 124 -2.79 -12.37 -2.52
CA SER A 124 -3.52 -12.35 -1.25
C SER A 124 -5.03 -12.12 -1.43
N PHE A 125 -5.42 -11.38 -2.45
CA PHE A 125 -6.84 -11.08 -2.68
C PHE A 125 -7.56 -12.22 -3.41
N ILE A 126 -7.26 -12.37 -4.69
CA ILE A 126 -7.92 -13.38 -5.51
C ILE A 126 -7.41 -14.80 -5.23
N ASN A 127 -6.13 -14.93 -4.91
CA ASN A 127 -5.54 -16.25 -4.62
C ASN A 127 -6.44 -17.04 -3.67
N HIS A 128 -6.98 -16.36 -2.67
CA HIS A 128 -7.86 -17.00 -1.70
C HIS A 128 -9.32 -16.87 -2.11
N ARG A 129 -9.72 -15.65 -2.47
CA ARG A 129 -11.10 -15.39 -2.89
C ARG A 129 -11.55 -16.39 -3.95
N ILE A 130 -10.59 -16.88 -4.72
CA ILE A 130 -10.86 -17.87 -5.77
C ILE A 130 -11.51 -19.11 -5.17
N LEU A 131 -10.71 -19.90 -4.46
CA LEU A 131 -11.20 -21.13 -3.84
C LEU A 131 -12.29 -20.83 -2.81
N ASN A 132 -12.30 -19.61 -2.30
CA ASN A 132 -13.29 -19.20 -1.30
C ASN A 132 -14.71 -19.51 -1.78
N LEU A 133 -14.90 -19.52 -3.10
CA LEU A 133 -16.20 -19.81 -3.68
C LEU A 133 -16.24 -21.22 -4.26
N GLU A 134 -15.09 -21.69 -4.74
CA GLU A 134 -14.99 -23.02 -5.32
C GLU A 134 -14.56 -24.05 -4.27
N HIS A 135 -14.36 -25.28 -4.72
CA HIS A 135 -13.94 -26.35 -3.82
C HIS A 135 -13.60 -27.61 -4.61
N HIS A 136 -12.89 -28.53 -3.96
CA HIS A 136 -12.50 -29.78 -4.60
C HIS A 136 -13.38 -30.94 -4.12
N HIS A 137 -13.05 -32.14 -4.57
CA HIS A 137 -13.81 -33.34 -4.20
C HIS A 137 -12.90 -34.38 -3.56
N HIS A 138 -12.02 -34.97 -4.38
CA HIS A 138 -11.10 -35.99 -3.89
C HIS A 138 -10.02 -35.36 -3.01
N HIS A 139 -10.26 -35.37 -1.70
CA HIS A 139 -9.31 -34.82 -0.75
C HIS A 139 -9.74 -35.12 0.69
N HIS A 140 -9.25 -36.24 1.21
CA HIS A 140 -9.58 -36.66 2.56
C HIS A 140 -8.81 -35.83 3.59
N MET A 1 2.63 27.79 10.42
CA MET A 1 2.94 28.46 9.12
C MET A 1 3.57 27.48 8.13
N ASP A 2 4.71 26.92 8.52
CA ASP A 2 5.42 25.96 7.67
C ASP A 2 6.05 24.85 8.50
N LYS A 3 5.37 24.46 9.57
CA LYS A 3 5.86 23.41 10.45
C LYS A 3 4.77 22.37 10.74
N THR A 4 3.61 22.53 10.08
CA THR A 4 2.49 21.63 10.27
C THR A 4 2.54 20.48 9.26
N ASN A 5 3.28 20.68 8.16
CA ASN A 5 3.39 19.67 7.12
C ASN A 5 3.55 18.27 7.70
N LEU A 6 4.37 18.15 8.75
CA LEU A 6 4.58 16.86 9.40
C LEU A 6 3.35 16.49 10.20
N GLY A 7 3.09 17.28 11.25
CA GLY A 7 1.94 17.02 12.10
C GLY A 7 0.66 16.83 11.31
N GLU A 8 0.64 17.32 10.08
CA GLU A 8 -0.53 17.20 9.24
C GLU A 8 -0.51 15.88 8.47
N LEU A 9 0.68 15.34 8.27
CA LEU A 9 0.83 14.07 7.55
C LEU A 9 1.00 12.92 8.53
N ILE A 10 1.74 13.15 9.60
CA ILE A 10 1.97 12.12 10.60
C ILE A 10 0.69 11.82 11.39
N ASN A 11 -0.15 12.84 11.55
CA ASN A 11 -1.42 12.68 12.26
C ASN A 11 -2.17 11.48 11.70
N GLN A 12 -2.01 11.28 10.39
CA GLN A 12 -2.66 10.16 9.70
C GLN A 12 -1.70 8.99 9.57
N GLY A 13 -0.40 9.29 9.51
CA GLY A 13 0.60 8.25 9.38
C GLY A 13 0.68 7.40 10.64
N LYS A 14 0.72 8.06 11.79
CA LYS A 14 0.78 7.38 13.07
C LYS A 14 -0.39 6.40 13.20
N SER A 15 -1.49 6.74 12.55
CA SER A 15 -2.69 5.92 12.57
C SER A 15 -2.59 4.82 11.52
N LEU A 16 -2.03 5.16 10.37
CA LEU A 16 -1.86 4.22 9.28
C LEU A 16 -0.96 3.06 9.72
N LEU A 17 0.29 3.40 10.03
CA LEU A 17 1.26 2.42 10.48
C LEU A 17 0.78 1.70 11.74
N ASP A 18 -0.21 2.29 12.42
CA ASP A 18 -0.76 1.68 13.63
C ASP A 18 -2.03 0.88 13.34
N GLU A 19 -2.68 1.16 12.20
CA GLU A 19 -3.91 0.46 11.83
C GLU A 19 -3.67 -0.59 10.75
N SER A 20 -3.29 -0.14 9.56
CA SER A 20 -3.03 -1.03 8.44
C SER A 20 -1.98 -2.06 8.81
N VAL A 21 -2.42 -3.26 9.06
CA VAL A 21 -1.50 -4.32 9.43
C VAL A 21 -1.22 -5.22 8.24
N GLU A 22 0.01 -5.72 8.19
CA GLU A 22 0.40 -6.59 7.09
C GLU A 22 -0.18 -7.99 7.30
N GLY A 23 -1.15 -8.35 6.47
CA GLY A 23 -1.79 -9.65 6.56
C GLY A 23 -1.81 -10.39 5.24
N PHE A 24 -2.91 -10.25 4.49
CA PHE A 24 -3.05 -10.92 3.20
C PHE A 24 -4.45 -10.72 2.61
N ASN A 25 -5.00 -9.53 2.77
CA ASN A 25 -6.33 -9.23 2.25
C ASN A 25 -6.73 -7.79 2.54
N VAL A 26 -7.90 -7.40 2.04
CA VAL A 26 -8.40 -6.04 2.24
C VAL A 26 -8.31 -5.64 3.72
N GLY A 27 -7.63 -4.55 3.99
CA GLY A 27 -7.46 -4.09 5.35
C GLY A 27 -6.08 -4.42 5.90
N GLU A 28 -5.40 -5.35 5.25
CA GLU A 28 -4.06 -5.75 5.66
C GLU A 28 -3.19 -5.92 4.43
N TYR A 29 -1.94 -5.46 4.52
CA TYR A 29 -1.01 -5.57 3.38
C TYR A 29 -0.08 -6.76 3.52
N HIS A 30 0.76 -6.98 2.51
CA HIS A 30 1.69 -8.10 2.55
C HIS A 30 3.15 -7.66 2.61
N LYS A 31 3.57 -7.17 3.77
CA LYS A 31 4.96 -6.74 3.98
C LYS A 31 5.40 -5.70 2.96
N GLY A 32 6.45 -4.96 3.30
CA GLY A 32 6.98 -3.95 2.40
C GLY A 32 6.21 -2.64 2.42
N ALA A 33 5.06 -2.62 3.09
CA ALA A 33 4.25 -1.42 3.16
C ALA A 33 4.64 -0.53 4.34
N LYS A 34 4.45 -1.04 5.55
CA LYS A 34 4.75 -0.28 6.77
C LYS A 34 6.04 0.53 6.66
N ASP A 35 7.16 -0.18 6.53
CA ASP A 35 8.48 0.45 6.44
C ASP A 35 8.44 1.82 5.75
N GLY A 36 8.18 1.82 4.44
CA GLY A 36 8.12 3.07 3.69
C GLY A 36 7.54 4.22 4.49
N LEU A 37 6.21 4.30 4.55
CA LEU A 37 5.55 5.34 5.30
C LEU A 37 6.17 5.51 6.69
N THR A 38 6.36 4.39 7.39
CA THR A 38 6.94 4.45 8.73
C THR A 38 8.34 5.06 8.70
N VAL A 39 9.07 4.76 7.64
CA VAL A 39 10.43 5.25 7.47
C VAL A 39 10.42 6.76 7.30
N GLU A 40 9.34 7.27 6.73
CA GLU A 40 9.19 8.70 6.57
C GLU A 40 8.47 9.25 7.79
N ILE A 41 7.74 8.36 8.49
CA ILE A 41 7.04 8.72 9.71
C ILE A 41 8.07 8.87 10.81
N ASN A 42 8.79 7.77 11.09
CA ASN A 42 9.84 7.79 12.09
C ASN A 42 10.74 8.98 11.82
N LYS A 43 11.00 9.22 10.53
CA LYS A 43 11.83 10.33 10.11
C LYS A 43 11.06 11.66 10.05
N ALA A 44 9.72 11.58 9.93
CA ALA A 44 8.89 12.78 9.86
C ALA A 44 8.73 13.41 11.24
N GLU A 45 8.21 12.65 12.19
CA GLU A 45 8.02 13.15 13.55
C GLU A 45 9.32 13.78 14.06
N GLU A 46 10.43 13.14 13.72
CA GLU A 46 11.74 13.65 14.10
C GLU A 46 11.89 15.09 13.65
N VAL A 47 11.15 15.44 12.59
CA VAL A 47 11.15 16.78 12.04
C VAL A 47 9.99 17.58 12.61
N PHE A 48 8.82 16.95 12.68
CA PHE A 48 7.63 17.61 13.22
C PHE A 48 7.97 18.35 14.51
N ASN A 49 8.67 17.65 15.40
CA ASN A 49 9.06 18.23 16.68
C ASN A 49 10.49 18.77 16.64
N LYS A 50 11.09 18.78 15.44
CA LYS A 50 12.46 19.27 15.28
C LYS A 50 12.53 20.80 15.36
N GLU A 51 13.70 21.31 15.73
CA GLU A 51 13.91 22.75 15.81
C GLU A 51 14.31 23.30 14.46
N ASP A 52 15.12 22.53 13.73
CA ASP A 52 15.52 22.95 12.40
C ASP A 52 14.47 22.53 11.38
N ALA A 53 13.31 22.13 11.89
CA ALA A 53 12.20 21.73 11.05
C ALA A 53 11.58 22.98 10.43
N THR A 54 12.46 23.85 9.98
CA THR A 54 12.10 25.11 9.38
C THR A 54 11.76 24.93 7.91
N GLU A 55 12.45 25.65 7.08
CA GLU A 55 12.24 25.61 5.64
C GLU A 55 13.09 24.52 4.98
N GLU A 56 14.06 23.97 5.72
CA GLU A 56 14.94 22.95 5.17
C GLU A 56 14.49 21.52 5.53
N GLU A 57 14.23 21.28 6.82
CA GLU A 57 13.86 19.93 7.27
C GLU A 57 12.42 19.54 6.93
N ILE A 58 11.49 20.49 7.01
CA ILE A 58 10.09 20.19 6.72
C ILE A 58 9.93 19.59 5.33
N ASN A 59 10.19 20.41 4.31
CA ASN A 59 10.08 19.94 2.93
C ASN A 59 10.83 18.62 2.76
N LEU A 60 11.99 18.53 3.38
CA LEU A 60 12.80 17.32 3.33
C LEU A 60 12.07 16.17 4.00
N ALA A 61 11.32 16.49 5.06
CA ALA A 61 10.58 15.47 5.80
C ALA A 61 9.18 15.26 5.22
N LYS A 62 8.71 16.24 4.44
CA LYS A 62 7.38 16.16 3.83
C LYS A 62 7.45 15.52 2.44
N GLU A 63 8.61 15.64 1.80
CA GLU A 63 8.82 15.10 0.45
C GLU A 63 8.23 13.71 0.29
N SER A 64 8.66 12.77 1.13
CA SER A 64 8.18 11.39 1.05
C SER A 64 7.04 11.14 2.02
N LEU A 65 6.92 11.97 3.05
CA LEU A 65 5.87 11.81 4.04
C LEU A 65 4.51 12.15 3.43
N GLU A 66 4.53 12.82 2.28
CA GLU A 66 3.31 13.20 1.60
C GLU A 66 2.92 12.18 0.54
N GLY A 67 3.93 11.56 -0.07
CA GLY A 67 3.68 10.57 -1.11
C GLY A 67 3.90 9.15 -0.65
N ALA A 68 4.51 8.98 0.52
CA ALA A 68 4.76 7.65 1.08
C ALA A 68 3.48 7.12 1.71
N ILE A 69 2.76 8.00 2.40
CA ILE A 69 1.50 7.62 3.01
C ILE A 69 0.60 7.13 1.90
N ALA A 70 0.64 7.91 0.83
CA ALA A 70 -0.13 7.61 -0.35
C ALA A 70 0.06 6.16 -0.78
N ARG A 71 1.19 5.57 -0.37
CA ARG A 71 1.50 4.19 -0.69
C ARG A 71 0.90 3.24 0.35
N PHE A 72 1.28 3.43 1.62
CA PHE A 72 0.78 2.58 2.69
C PHE A 72 -0.74 2.49 2.67
N ASN A 73 -1.39 3.59 2.32
CA ASN A 73 -2.84 3.61 2.26
C ASN A 73 -3.36 2.60 1.24
N SER A 74 -2.59 2.44 0.15
CA SER A 74 -2.96 1.51 -0.90
C SER A 74 -2.04 0.29 -0.91
N LEU A 75 -1.70 -0.21 0.27
CA LEU A 75 -0.83 -1.37 0.38
C LEU A 75 -1.54 -2.56 1.04
N LEU A 76 -2.56 -2.26 1.85
CA LEU A 76 -3.34 -3.28 2.54
C LEU A 76 -4.35 -3.91 1.60
N ILE A 77 -3.87 -4.37 0.45
CA ILE A 77 -4.75 -4.95 -0.55
C ILE A 77 -5.86 -3.97 -0.84
N GLU A 78 -5.46 -2.82 -1.36
CA GLU A 78 -6.38 -1.74 -1.68
C GLU A 78 -7.82 -2.25 -1.70
N GLU A 79 -8.64 -1.60 -0.90
CA GLU A 79 -10.05 -1.95 -0.75
C GLU A 79 -10.68 -2.42 -2.08
N SER A 80 -10.12 -2.00 -3.21
CA SER A 80 -10.64 -2.42 -4.51
C SER A 80 -9.53 -2.70 -5.53
N THR A 81 -8.44 -3.34 -5.10
CA THR A 81 -7.36 -3.64 -6.03
C THR A 81 -7.56 -4.98 -6.73
N GLY A 82 -8.59 -5.72 -6.33
CA GLY A 82 -8.87 -7.00 -6.95
C GLY A 82 -9.03 -6.89 -8.46
N ASP A 83 -9.37 -5.69 -8.92
CA ASP A 83 -9.56 -5.45 -10.35
C ASP A 83 -8.22 -5.21 -11.04
N PHE A 84 -7.49 -6.30 -11.28
CA PHE A 84 -6.19 -6.23 -11.93
C PHE A 84 -6.34 -6.02 -13.44
N ASN A 85 -7.31 -6.70 -14.02
CA ASN A 85 -7.55 -6.61 -15.45
C ASN A 85 -7.86 -5.17 -15.86
N GLY A 86 -8.24 -4.35 -14.89
CA GLY A 86 -8.55 -2.96 -15.18
C GLY A 86 -9.83 -2.83 -16.00
N ASN A 87 -10.45 -3.96 -16.31
CA ASN A 87 -11.69 -3.96 -17.09
C ASN A 87 -12.91 -3.96 -16.17
N GLY A 88 -12.73 -4.44 -14.95
CA GLY A 88 -13.84 -4.48 -14.00
C GLY A 88 -14.40 -5.88 -13.81
N LYS A 89 -13.51 -6.87 -13.79
CA LYS A 89 -13.93 -8.26 -13.61
C LYS A 89 -12.77 -9.11 -13.11
N ILE A 90 -13.00 -9.84 -12.03
CA ILE A 90 -11.97 -10.69 -11.44
C ILE A 90 -12.21 -12.16 -11.79
N ASP A 91 -11.30 -12.74 -12.56
CA ASP A 91 -11.41 -14.14 -12.96
C ASP A 91 -10.22 -14.55 -13.82
N ILE A 92 -10.10 -13.94 -14.99
CA ILE A 92 -8.99 -14.24 -15.89
C ILE A 92 -7.74 -13.46 -15.51
N GLY A 93 -7.95 -12.34 -14.81
CA GLY A 93 -6.84 -11.52 -14.38
C GLY A 93 -6.12 -12.11 -13.18
N ASP A 94 -6.41 -13.38 -12.88
CA ASP A 94 -5.79 -14.07 -11.76
C ASP A 94 -4.59 -14.90 -12.23
N LEU A 95 -4.81 -15.70 -13.27
CA LEU A 95 -3.76 -16.56 -13.80
C LEU A 95 -3.24 -16.06 -15.15
N ALA A 96 -3.28 -14.74 -15.36
CA ALA A 96 -2.80 -14.18 -16.62
C ALA A 96 -2.42 -12.71 -16.50
N MET A 97 -3.12 -11.97 -15.65
CA MET A 97 -2.85 -10.55 -15.49
C MET A 97 -1.69 -10.28 -14.53
N VAL A 98 -1.96 -10.43 -13.24
CA VAL A 98 -0.96 -10.16 -12.21
C VAL A 98 0.20 -11.14 -12.19
N SER A 99 -0.04 -12.41 -11.86
CA SER A 99 1.03 -13.40 -11.78
C SER A 99 1.87 -13.44 -13.05
N LYS A 100 1.34 -12.91 -14.15
CA LYS A 100 2.06 -12.91 -15.41
C LYS A 100 3.26 -11.98 -15.34
N ASN A 101 3.15 -10.93 -14.56
CA ASN A 101 4.24 -9.97 -14.42
C ASN A 101 5.17 -10.41 -13.30
N ILE A 102 4.59 -10.60 -12.12
CA ILE A 102 5.32 -11.00 -10.92
C ILE A 102 6.71 -10.35 -10.89
N GLY A 103 6.80 -9.29 -10.12
CA GLY A 103 8.04 -8.56 -10.00
C GLY A 103 8.48 -7.95 -11.32
N SER A 104 7.53 -7.35 -12.03
CA SER A 104 7.81 -6.74 -13.32
C SER A 104 8.54 -5.41 -13.16
N THR A 105 8.25 -4.71 -12.06
CA THR A 105 8.88 -3.42 -11.79
C THR A 105 8.42 -2.38 -12.81
N THR A 106 7.18 -2.54 -13.29
CA THR A 106 6.62 -1.62 -14.26
C THR A 106 5.10 -1.50 -14.09
N ASN A 107 4.44 -2.65 -13.96
CA ASN A 107 2.99 -2.67 -13.77
C ASN A 107 2.62 -2.77 -12.29
N THR A 108 2.42 -1.62 -11.67
CA THR A 108 2.07 -1.56 -10.26
C THR A 108 0.55 -1.57 -10.06
N SER A 109 -0.19 -1.58 -11.16
CA SER A 109 -1.65 -1.57 -11.11
C SER A 109 -2.22 -2.86 -10.52
N LEU A 110 -1.61 -3.99 -10.85
CA LEU A 110 -2.10 -5.28 -10.35
C LEU A 110 -1.40 -5.69 -9.06
N ASP A 111 -0.84 -4.73 -8.35
CA ASP A 111 -0.16 -5.01 -7.11
C ASP A 111 -0.99 -4.51 -5.95
N LEU A 112 -1.71 -5.42 -5.30
CA LEU A 112 -2.54 -5.05 -4.16
C LEU A 112 -1.75 -4.16 -3.20
N ASN A 113 -0.42 -4.25 -3.31
CA ASN A 113 0.49 -3.47 -2.49
C ASN A 113 0.98 -2.25 -3.24
N LYS A 114 1.14 -2.40 -4.55
CA LYS A 114 1.65 -1.34 -5.40
C LYS A 114 3.09 -1.04 -5.02
N ASP A 115 3.82 -2.08 -4.63
CA ASP A 115 5.20 -1.94 -4.24
C ASP A 115 6.12 -1.90 -5.47
N GLY A 116 5.53 -2.00 -6.66
CA GLY A 116 6.31 -1.97 -7.88
C GLY A 116 6.87 -3.33 -8.24
N SER A 117 6.10 -4.36 -7.96
CA SER A 117 6.52 -5.73 -8.25
C SER A 117 5.43 -6.70 -7.87
N ILE A 118 4.88 -7.37 -8.86
CA ILE A 118 3.85 -8.34 -8.59
C ILE A 118 4.45 -9.49 -7.83
N ASP A 119 4.11 -9.54 -6.56
CA ASP A 119 4.64 -10.58 -5.68
C ASP A 119 3.54 -11.21 -4.82
N GLU A 120 3.90 -11.62 -3.61
CA GLU A 120 2.96 -12.27 -2.71
C GLU A 120 1.88 -11.30 -2.21
N TYR A 121 2.13 -10.01 -2.38
CA TYR A 121 1.17 -8.99 -1.94
C TYR A 121 0.00 -8.89 -2.91
N GLU A 122 0.21 -9.33 -4.15
CA GLU A 122 -0.84 -9.25 -5.18
C GLU A 122 -1.69 -10.53 -5.26
N ILE A 123 -1.18 -11.61 -4.69
CA ILE A 123 -1.88 -12.89 -4.71
C ILE A 123 -2.89 -13.03 -3.58
N SER A 124 -2.66 -12.30 -2.48
CA SER A 124 -3.55 -12.35 -1.32
C SER A 124 -5.02 -12.29 -1.72
N PHE A 125 -5.41 -11.19 -2.36
CA PHE A 125 -6.79 -10.98 -2.79
C PHE A 125 -7.22 -12.06 -3.79
N ILE A 126 -6.61 -12.05 -4.97
CA ILE A 126 -6.94 -13.01 -6.02
C ILE A 126 -7.17 -14.40 -5.47
N ASN A 127 -6.10 -15.04 -4.98
CA ASN A 127 -6.20 -16.40 -4.43
C ASN A 127 -7.48 -16.60 -3.63
N HIS A 128 -7.96 -15.54 -2.99
CA HIS A 128 -9.18 -15.63 -2.19
C HIS A 128 -10.41 -15.25 -3.00
N ARG A 129 -10.38 -14.06 -3.63
CA ARG A 129 -11.50 -13.59 -4.43
C ARG A 129 -12.07 -14.69 -5.30
N ILE A 130 -11.22 -15.62 -5.71
CA ILE A 130 -11.64 -16.73 -6.54
C ILE A 130 -12.12 -17.90 -5.69
N LEU A 131 -11.38 -18.22 -4.64
CA LEU A 131 -11.73 -19.31 -3.75
C LEU A 131 -13.09 -19.07 -3.11
N ASN A 132 -13.19 -18.00 -2.34
CA ASN A 132 -14.44 -17.65 -1.66
C ASN A 132 -15.12 -16.47 -2.35
N LEU A 133 -16.25 -16.74 -3.01
CA LEU A 133 -16.99 -15.70 -3.71
C LEU A 133 -18.40 -15.56 -3.14
N GLU A 134 -19.05 -16.70 -2.89
CA GLU A 134 -20.39 -16.71 -2.35
C GLU A 134 -20.68 -18.03 -1.64
N HIS A 135 -20.72 -17.98 -0.30
CA HIS A 135 -20.98 -19.17 0.48
C HIS A 135 -19.93 -20.24 0.24
N HIS A 136 -19.77 -21.15 1.20
CA HIS A 136 -18.80 -22.24 1.08
C HIS A 136 -19.26 -23.28 0.08
N HIS A 137 -19.05 -23.02 -1.21
CA HIS A 137 -19.45 -23.94 -2.25
C HIS A 137 -19.00 -23.44 -3.62
N HIS A 138 -19.02 -24.33 -4.62
CA HIS A 138 -18.61 -23.96 -5.97
C HIS A 138 -19.80 -23.46 -6.78
N HIS A 139 -20.67 -24.40 -7.18
CA HIS A 139 -21.85 -24.04 -7.96
C HIS A 139 -21.45 -23.38 -9.28
N HIS A 140 -22.44 -23.18 -10.15
CA HIS A 140 -22.19 -22.55 -11.44
C HIS A 140 -23.50 -22.35 -12.21
N MET A 1 5.45 24.12 3.47
CA MET A 1 5.34 25.52 3.96
C MET A 1 5.63 25.61 5.46
N ASP A 2 5.31 24.55 6.18
CA ASP A 2 5.54 24.51 7.62
C ASP A 2 5.58 23.07 8.13
N LYS A 3 6.06 22.89 9.35
CA LYS A 3 6.14 21.57 9.96
C LYS A 3 4.75 20.99 10.17
N THR A 4 3.76 21.86 10.34
CA THR A 4 2.38 21.43 10.55
C THR A 4 1.99 20.37 9.52
N ASN A 5 2.57 20.48 8.32
CA ASN A 5 2.27 19.53 7.24
C ASN A 5 2.60 18.11 7.68
N LEU A 6 3.50 17.96 8.65
CA LEU A 6 3.89 16.66 9.15
C LEU A 6 2.91 16.19 10.22
N GLY A 7 2.81 16.95 11.30
CA GLY A 7 1.89 16.59 12.37
C GLY A 7 0.49 16.29 11.84
N GLU A 8 0.18 16.83 10.67
CA GLU A 8 -1.12 16.62 10.05
C GLU A 8 -1.08 15.46 9.05
N LEU A 9 0.13 15.09 8.61
CA LEU A 9 0.29 14.00 7.67
C LEU A 9 0.71 12.74 8.40
N ILE A 10 1.40 12.93 9.51
CA ILE A 10 1.87 11.84 10.33
C ILE A 10 0.78 11.37 11.28
N ASN A 11 0.00 12.31 11.79
CA ASN A 11 -1.10 11.98 12.70
C ASN A 11 -1.90 10.83 12.13
N GLN A 12 -2.25 10.99 10.85
CA GLN A 12 -3.00 9.97 10.13
C GLN A 12 -2.10 8.78 9.82
N GLY A 13 -0.82 9.05 9.59
CA GLY A 13 0.13 7.99 9.29
C GLY A 13 0.33 7.07 10.48
N LYS A 14 0.65 7.66 11.63
CA LYS A 14 0.86 6.92 12.85
C LYS A 14 -0.33 5.99 13.10
N SER A 15 -1.51 6.42 12.65
CA SER A 15 -2.73 5.64 12.80
C SER A 15 -2.94 4.74 11.60
N LEU A 16 -2.39 5.15 10.45
CA LEU A 16 -2.50 4.38 9.23
C LEU A 16 -1.80 3.05 9.42
N LEU A 17 -0.48 3.10 9.59
CA LEU A 17 0.33 1.91 9.82
C LEU A 17 -0.24 1.09 10.96
N ASP A 18 -0.58 1.75 12.05
CA ASP A 18 -1.12 1.09 13.24
C ASP A 18 -2.45 0.41 12.92
N GLU A 19 -3.24 1.05 12.05
CA GLU A 19 -4.54 0.50 11.66
C GLU A 19 -4.41 -0.44 10.46
N SER A 20 -3.27 -0.34 9.77
CA SER A 20 -3.02 -1.18 8.61
C SER A 20 -2.01 -2.26 8.93
N VAL A 21 -2.52 -3.44 9.22
CA VAL A 21 -1.65 -4.57 9.53
C VAL A 21 -1.38 -5.39 8.29
N GLU A 22 -0.16 -5.88 8.17
CA GLU A 22 0.20 -6.69 7.01
C GLU A 22 -0.37 -8.10 7.17
N GLY A 23 -1.37 -8.42 6.35
CA GLY A 23 -1.99 -9.73 6.40
C GLY A 23 -2.14 -10.35 5.02
N PHE A 24 -3.28 -10.08 4.38
CA PHE A 24 -3.55 -10.61 3.04
C PHE A 24 -5.01 -10.43 2.65
N ASN A 25 -5.54 -9.23 2.85
CA ASN A 25 -6.93 -8.94 2.51
C ASN A 25 -7.23 -7.45 2.63
N VAL A 26 -8.40 -7.04 2.13
CA VAL A 26 -8.80 -5.63 2.18
C VAL A 26 -8.67 -5.10 3.60
N GLY A 27 -7.66 -4.25 3.81
CA GLY A 27 -7.42 -3.71 5.13
C GLY A 27 -6.05 -4.08 5.64
N GLU A 28 -5.52 -5.19 5.15
CA GLU A 28 -4.21 -5.67 5.55
C GLU A 28 -3.36 -5.95 4.31
N TYR A 29 -2.14 -5.46 4.33
CA TYR A 29 -1.22 -5.64 3.21
C TYR A 29 -0.36 -6.88 3.39
N HIS A 30 0.37 -7.25 2.34
CA HIS A 30 1.22 -8.43 2.42
C HIS A 30 2.44 -8.18 3.30
N LYS A 31 3.35 -7.33 2.82
CA LYS A 31 4.56 -7.01 3.55
C LYS A 31 5.38 -5.95 2.82
N GLY A 32 6.02 -5.08 3.59
CA GLY A 32 6.82 -4.04 2.99
C GLY A 32 6.15 -2.68 3.04
N ALA A 33 4.81 -2.69 3.12
CA ALA A 33 4.05 -1.45 3.17
C ALA A 33 4.50 -0.58 4.34
N LYS A 34 4.41 -1.13 5.56
CA LYS A 34 4.79 -0.39 6.77
C LYS A 34 5.98 0.53 6.52
N ASP A 35 7.17 -0.06 6.35
CA ASP A 35 8.41 0.70 6.12
C ASP A 35 8.14 2.01 5.36
N GLY A 36 7.78 1.91 4.09
CA GLY A 36 7.50 3.11 3.31
C GLY A 36 6.84 4.20 4.14
N LEU A 37 5.58 3.99 4.51
CA LEU A 37 4.85 4.95 5.32
C LEU A 37 5.48 5.09 6.71
N THR A 38 6.31 4.13 7.10
CA THR A 38 6.98 4.19 8.40
C THR A 38 8.27 4.98 8.29
N VAL A 39 9.15 4.51 7.41
CA VAL A 39 10.42 5.14 7.16
C VAL A 39 10.23 6.65 7.05
N GLU A 40 9.07 7.03 6.52
CA GLU A 40 8.71 8.43 6.40
C GLU A 40 8.23 8.93 7.75
N ILE A 41 7.49 8.08 8.47
CA ILE A 41 7.00 8.40 9.80
C ILE A 41 8.19 8.59 10.73
N ASN A 42 8.95 7.52 10.92
CA ASN A 42 10.15 7.58 11.75
C ASN A 42 10.96 8.81 11.35
N LYS A 43 11.01 9.03 10.04
CA LYS A 43 11.75 10.16 9.48
C LYS A 43 10.93 11.46 9.52
N ALA A 44 9.60 11.34 9.61
CA ALA A 44 8.72 12.52 9.64
C ALA A 44 8.62 13.08 11.05
N GLU A 45 8.10 12.27 11.96
CA GLU A 45 7.95 12.68 13.35
C GLU A 45 9.19 13.39 13.85
N GLU A 46 10.36 12.86 13.50
CA GLU A 46 11.63 13.45 13.91
C GLU A 46 11.68 14.91 13.45
N VAL A 47 10.91 15.21 12.40
CA VAL A 47 10.84 16.57 11.87
C VAL A 47 9.70 17.34 12.51
N PHE A 48 8.54 16.71 12.62
CA PHE A 48 7.37 17.36 13.22
C PHE A 48 7.73 17.93 14.59
N ASN A 49 8.44 17.15 15.39
CA ASN A 49 8.84 17.57 16.72
C ASN A 49 10.23 18.21 16.71
N LYS A 50 10.86 18.27 15.54
CA LYS A 50 12.21 18.85 15.45
C LYS A 50 12.16 20.38 15.48
N GLU A 51 13.31 20.99 15.75
CA GLU A 51 13.40 22.44 15.79
C GLU A 51 13.92 22.97 14.47
N ASP A 52 14.67 22.15 13.75
CA ASP A 52 15.16 22.57 12.46
C ASP A 52 14.15 22.22 11.38
N ALA A 53 12.93 21.91 11.81
CA ALA A 53 11.86 21.60 10.89
C ALA A 53 11.38 22.91 10.30
N THR A 54 12.35 23.66 9.80
CA THR A 54 12.13 24.96 9.20
C THR A 54 12.08 24.84 7.68
N GLU A 55 12.85 25.66 7.01
CA GLU A 55 12.89 25.69 5.55
C GLU A 55 13.75 24.55 5.00
N GLU A 56 14.52 23.89 5.86
CA GLU A 56 15.39 22.80 5.40
C GLU A 56 14.77 21.42 5.61
N GLU A 57 14.30 21.14 6.83
CA GLU A 57 13.75 19.82 7.17
C GLU A 57 12.33 19.59 6.66
N ILE A 58 11.41 20.52 6.91
CA ILE A 58 10.02 20.36 6.49
C ILE A 58 9.93 19.90 5.04
N ASN A 59 10.42 20.74 4.15
CA ASN A 59 10.41 20.41 2.72
C ASN A 59 11.15 19.10 2.50
N LEU A 60 12.05 18.80 3.43
CA LEU A 60 12.84 17.57 3.37
C LEU A 60 12.02 16.39 3.88
N ALA A 61 11.13 16.65 4.84
CA ALA A 61 10.30 15.60 5.41
C ALA A 61 8.92 15.53 4.75
N LYS A 62 8.54 16.61 4.06
CA LYS A 62 7.25 16.70 3.40
C LYS A 62 7.16 15.74 2.21
N GLU A 63 7.94 16.01 1.18
CA GLU A 63 7.94 15.19 -0.03
C GLU A 63 8.15 13.71 0.30
N SER A 64 8.74 13.44 1.46
CA SER A 64 9.00 12.09 1.91
C SER A 64 7.82 11.53 2.70
N LEU A 65 6.89 12.41 3.06
CA LEU A 65 5.73 12.02 3.85
C LEU A 65 4.47 11.85 2.96
N GLU A 66 4.19 12.87 2.14
CA GLU A 66 3.04 12.85 1.24
C GLU A 66 3.00 11.56 0.43
N GLY A 67 3.96 11.41 -0.48
CA GLY A 67 4.02 10.20 -1.28
C GLY A 67 4.38 8.99 -0.44
N ALA A 68 4.59 9.23 0.85
CA ALA A 68 4.94 8.17 1.79
C ALA A 68 3.70 7.43 2.23
N ILE A 69 2.62 8.17 2.46
CA ILE A 69 1.36 7.57 2.84
C ILE A 69 0.65 7.11 1.61
N ALA A 70 0.70 7.98 0.60
CA ALA A 70 0.07 7.71 -0.67
C ALA A 70 0.48 6.35 -1.23
N ARG A 71 1.63 5.83 -0.78
CA ARG A 71 2.10 4.54 -1.23
C ARG A 71 1.53 3.42 -0.36
N PHE A 72 1.60 3.57 0.97
CA PHE A 72 1.07 2.55 1.86
C PHE A 72 -0.43 2.39 1.66
N ASN A 73 -1.14 3.51 1.55
CA ASN A 73 -2.59 3.49 1.36
C ASN A 73 -2.99 2.46 0.30
N SER A 74 -2.09 2.22 -0.65
CA SER A 74 -2.35 1.26 -1.72
C SER A 74 -1.53 -0.02 -1.53
N LEU A 75 -1.47 -0.52 -0.29
CA LEU A 75 -0.72 -1.74 0.00
C LEU A 75 -1.57 -2.77 0.74
N LEU A 76 -2.52 -2.29 1.53
CA LEU A 76 -3.42 -3.17 2.31
C LEU A 76 -4.49 -3.74 1.40
N ILE A 77 -4.07 -4.32 0.28
CA ILE A 77 -5.02 -4.87 -0.67
C ILE A 77 -6.00 -3.79 -1.06
N GLU A 78 -5.46 -2.69 -1.56
CA GLU A 78 -6.26 -1.54 -1.96
C GLU A 78 -7.72 -1.89 -2.01
N GLU A 79 -8.51 -1.19 -1.21
CA GLU A 79 -9.93 -1.41 -1.11
C GLU A 79 -10.57 -1.74 -2.47
N SER A 80 -9.92 -1.32 -3.55
CA SER A 80 -10.42 -1.59 -4.89
C SER A 80 -9.32 -2.15 -5.81
N THR A 81 -8.37 -2.91 -5.25
CA THR A 81 -7.29 -3.48 -6.05
C THR A 81 -7.78 -4.63 -6.91
N GLY A 82 -8.91 -5.23 -6.54
CA GLY A 82 -9.44 -6.34 -7.30
C GLY A 82 -9.44 -6.10 -8.79
N ASP A 83 -9.61 -4.83 -9.18
CA ASP A 83 -9.62 -4.46 -10.59
C ASP A 83 -8.22 -4.43 -11.17
N PHE A 84 -7.65 -5.60 -11.44
CA PHE A 84 -6.31 -5.68 -12.01
C PHE A 84 -6.25 -5.01 -13.37
N ASN A 85 -6.95 -5.59 -14.33
CA ASN A 85 -6.98 -5.05 -15.68
C ASN A 85 -7.60 -3.64 -15.68
N GLY A 86 -8.32 -3.32 -14.61
CA GLY A 86 -8.96 -2.03 -14.52
C GLY A 86 -10.15 -1.91 -15.44
N ASN A 87 -10.50 -3.01 -16.10
CA ASN A 87 -11.63 -3.02 -17.02
C ASN A 87 -12.93 -3.41 -16.31
N GLY A 88 -12.80 -4.17 -15.22
CA GLY A 88 -13.97 -4.60 -14.47
C GLY A 88 -14.11 -6.10 -14.43
N LYS A 89 -13.03 -6.78 -14.07
CA LYS A 89 -13.05 -8.25 -14.00
C LYS A 89 -12.10 -8.75 -12.92
N ILE A 90 -12.67 -9.39 -11.89
CA ILE A 90 -11.86 -9.92 -10.81
C ILE A 90 -12.12 -11.41 -10.63
N ASP A 91 -11.38 -12.22 -11.38
CA ASP A 91 -11.53 -13.67 -11.31
C ASP A 91 -10.38 -14.35 -12.05
N ILE A 92 -10.29 -14.06 -13.34
CA ILE A 92 -9.22 -14.64 -14.16
C ILE A 92 -8.00 -13.73 -14.17
N GLY A 93 -8.24 -12.44 -13.90
CA GLY A 93 -7.13 -11.49 -13.87
C GLY A 93 -6.11 -11.83 -12.81
N ASP A 94 -6.45 -12.77 -11.92
CA ASP A 94 -5.55 -13.18 -10.86
C ASP A 94 -4.49 -14.14 -11.39
N LEU A 95 -4.95 -15.21 -12.04
CA LEU A 95 -4.03 -16.22 -12.58
C LEU A 95 -3.78 -15.98 -14.07
N ALA A 96 -3.85 -14.71 -14.49
CA ALA A 96 -3.62 -14.37 -15.89
C ALA A 96 -3.12 -12.94 -16.06
N MET A 97 -3.63 -12.02 -15.25
CA MET A 97 -3.24 -10.62 -15.34
C MET A 97 -2.02 -10.31 -14.46
N VAL A 98 -2.24 -10.25 -13.16
CA VAL A 98 -1.18 -9.93 -12.22
C VAL A 98 -0.06 -10.98 -12.17
N SER A 99 -0.42 -12.24 -11.93
CA SER A 99 0.59 -13.29 -11.85
C SER A 99 1.38 -13.44 -13.15
N LYS A 100 0.95 -12.76 -14.21
CA LYS A 100 1.63 -12.84 -15.48
C LYS A 100 2.95 -12.09 -15.45
N ASN A 101 2.96 -10.93 -14.80
CA ASN A 101 4.17 -10.14 -14.70
C ASN A 101 5.04 -10.67 -13.57
N ILE A 102 4.44 -10.74 -12.38
CA ILE A 102 5.12 -11.19 -11.18
C ILE A 102 6.56 -10.69 -11.13
N GLY A 103 6.74 -9.63 -10.36
CA GLY A 103 8.05 -9.03 -10.22
C GLY A 103 8.52 -8.38 -11.51
N SER A 104 7.60 -7.68 -12.18
CA SER A 104 7.93 -7.02 -13.44
C SER A 104 8.82 -5.80 -13.21
N THR A 105 8.62 -5.13 -12.08
CA THR A 105 9.39 -3.94 -11.75
C THR A 105 9.12 -2.81 -12.74
N THR A 106 7.93 -2.84 -13.34
CA THR A 106 7.53 -1.81 -14.31
C THR A 106 6.06 -1.46 -14.13
N ASN A 107 5.18 -2.39 -14.51
CA ASN A 107 3.76 -2.18 -14.38
C ASN A 107 3.32 -2.38 -12.93
N THR A 108 3.60 -1.38 -12.09
CA THR A 108 3.25 -1.46 -10.67
C THR A 108 1.87 -0.88 -10.38
N SER A 109 1.20 -0.38 -11.42
CA SER A 109 -0.13 0.18 -11.25
C SER A 109 -1.18 -0.93 -11.08
N LEU A 110 -0.73 -2.18 -11.09
CA LEU A 110 -1.62 -3.32 -10.95
C LEU A 110 -1.20 -4.20 -9.77
N ASP A 111 -0.49 -3.61 -8.80
CA ASP A 111 -0.05 -4.33 -7.63
C ASP A 111 -0.79 -3.80 -6.42
N LEU A 112 -1.58 -4.65 -5.77
CA LEU A 112 -2.31 -4.22 -4.58
C LEU A 112 -1.34 -3.64 -3.55
N ASN A 113 -0.05 -3.89 -3.77
CA ASN A 113 1.01 -3.42 -2.90
C ASN A 113 1.83 -2.33 -3.56
N LYS A 114 1.75 -2.25 -4.88
CA LYS A 114 2.53 -1.27 -5.64
C LYS A 114 3.97 -1.24 -5.15
N ASP A 115 4.48 -2.41 -4.77
CA ASP A 115 5.84 -2.52 -4.27
C ASP A 115 6.85 -2.58 -5.42
N GLY A 116 6.35 -2.54 -6.65
CA GLY A 116 7.24 -2.59 -7.81
C GLY A 116 7.61 -4.01 -8.18
N SER A 117 6.70 -4.93 -7.94
CA SER A 117 6.94 -6.34 -8.24
C SER A 117 5.72 -7.17 -7.93
N ILE A 118 5.09 -7.68 -8.96
CA ILE A 118 3.93 -8.51 -8.77
C ILE A 118 4.34 -9.78 -8.07
N ASP A 119 4.00 -9.85 -6.80
CA ASP A 119 4.36 -11.00 -5.99
C ASP A 119 3.17 -11.50 -5.17
N GLU A 120 3.45 -12.03 -3.98
CA GLU A 120 2.41 -12.56 -3.10
C GLU A 120 1.48 -11.45 -2.61
N TYR A 121 1.99 -10.23 -2.59
CA TYR A 121 1.22 -9.07 -2.13
C TYR A 121 0.11 -8.74 -3.12
N GLU A 122 0.18 -9.30 -4.32
CA GLU A 122 -0.82 -9.03 -5.36
C GLU A 122 -1.92 -10.08 -5.37
N ILE A 123 -1.61 -11.24 -4.86
CA ILE A 123 -2.56 -12.36 -4.82
C ILE A 123 -3.34 -12.38 -3.50
N SER A 124 -2.75 -11.83 -2.45
CA SER A 124 -3.38 -11.78 -1.13
C SER A 124 -4.88 -11.50 -1.23
N PHE A 125 -5.28 -10.74 -2.26
CA PHE A 125 -6.68 -10.40 -2.45
C PHE A 125 -7.44 -11.51 -3.16
N ILE A 126 -7.07 -11.77 -4.42
CA ILE A 126 -7.72 -12.80 -5.22
C ILE A 126 -7.41 -14.20 -4.68
N ASN A 127 -6.12 -14.52 -4.57
CA ASN A 127 -5.69 -15.83 -4.08
C ASN A 127 -6.65 -16.39 -3.04
N HIS A 128 -7.13 -15.52 -2.16
CA HIS A 128 -8.07 -15.92 -1.13
C HIS A 128 -9.51 -15.71 -1.57
N ARG A 129 -9.78 -14.56 -2.18
CA ARG A 129 -11.12 -14.24 -2.65
C ARG A 129 -11.71 -15.37 -3.48
N ILE A 130 -10.83 -16.12 -4.14
CA ILE A 130 -11.26 -17.24 -4.97
C ILE A 130 -11.23 -18.55 -4.17
N LEU A 131 -10.09 -18.84 -3.54
CA LEU A 131 -9.93 -20.05 -2.76
C LEU A 131 -10.96 -20.11 -1.63
N ASN A 132 -11.41 -18.94 -1.17
CA ASN A 132 -12.38 -18.86 -0.09
C ASN A 132 -13.65 -19.64 -0.45
N LEU A 133 -14.50 -19.04 -1.27
CA LEU A 133 -15.74 -19.69 -1.69
C LEU A 133 -16.61 -20.04 -0.48
N GLU A 134 -17.07 -19.02 0.23
CA GLU A 134 -17.90 -19.23 1.40
C GLU A 134 -19.18 -19.98 1.04
N HIS A 135 -20.04 -19.32 0.26
CA HIS A 135 -21.30 -19.93 -0.16
C HIS A 135 -22.01 -19.05 -1.19
N HIS A 136 -23.24 -19.40 -1.51
CA HIS A 136 -24.02 -18.63 -2.48
C HIS A 136 -24.81 -17.52 -1.80
N HIS A 137 -24.27 -16.30 -1.87
CA HIS A 137 -24.92 -15.15 -1.25
C HIS A 137 -25.00 -13.99 -2.24
N HIS A 138 -26.21 -13.50 -2.47
CA HIS A 138 -26.42 -12.39 -3.39
C HIS A 138 -26.10 -11.06 -2.72
N HIS A 139 -26.83 -10.74 -1.65
CA HIS A 139 -26.63 -9.50 -0.92
C HIS A 139 -27.05 -8.29 -1.76
N HIS A 140 -26.28 -8.01 -2.80
CA HIS A 140 -26.58 -6.88 -3.69
C HIS A 140 -26.51 -7.31 -5.15
N MET A 1 4.29 28.24 8.38
CA MET A 1 3.67 28.18 9.74
C MET A 1 3.76 26.79 10.33
N ASP A 2 4.78 26.55 11.15
CA ASP A 2 4.97 25.26 11.78
C ASP A 2 5.16 24.16 10.74
N LYS A 3 5.18 22.91 11.18
CA LYS A 3 5.36 21.78 10.29
C LYS A 3 4.03 21.05 10.06
N THR A 4 2.97 21.82 9.87
CA THR A 4 1.65 21.26 9.65
C THR A 4 1.70 20.13 8.62
N ASN A 5 2.39 20.38 7.50
CA ASN A 5 2.52 19.39 6.45
C ASN A 5 2.99 18.05 7.00
N LEU A 6 3.69 18.09 8.13
CA LEU A 6 4.18 16.88 8.78
C LEU A 6 3.17 16.39 9.78
N GLY A 7 2.96 17.15 10.84
CA GLY A 7 1.98 16.77 11.85
C GLY A 7 0.64 16.40 11.23
N GLU A 8 0.39 16.93 10.04
CA GLU A 8 -0.85 16.65 9.32
C GLU A 8 -0.71 15.42 8.45
N LEU A 9 0.53 15.08 8.09
CA LEU A 9 0.79 13.91 7.26
C LEU A 9 1.25 12.73 8.10
N ILE A 10 1.75 13.02 9.30
CA ILE A 10 2.23 11.97 10.19
C ILE A 10 1.14 11.46 11.11
N ASN A 11 0.45 12.37 11.80
CA ASN A 11 -0.63 11.98 12.71
C ASN A 11 -1.49 10.90 12.07
N GLN A 12 -1.71 11.05 10.78
CA GLN A 12 -2.51 10.09 10.02
C GLN A 12 -1.64 8.93 9.55
N GLY A 13 -0.38 9.22 9.28
CA GLY A 13 0.54 8.18 8.82
C GLY A 13 0.88 7.18 9.91
N LYS A 14 1.44 7.69 11.01
CA LYS A 14 1.81 6.83 12.13
C LYS A 14 0.57 6.14 12.69
N SER A 15 -0.57 6.81 12.55
CA SER A 15 -1.84 6.25 13.01
C SER A 15 -2.38 5.27 11.98
N LEU A 16 -1.94 5.43 10.73
CA LEU A 16 -2.35 4.56 9.64
C LEU A 16 -1.63 3.23 9.78
N LEU A 17 -0.30 3.30 9.74
CA LEU A 17 0.54 2.11 9.90
C LEU A 17 0.16 1.35 11.16
N ASP A 18 -0.08 2.10 12.24
CA ASP A 18 -0.45 1.51 13.53
C ASP A 18 -1.94 1.14 13.58
N GLU A 19 -2.66 1.43 12.50
CA GLU A 19 -4.07 1.09 12.41
C GLU A 19 -4.21 -0.07 11.46
N SER A 20 -3.41 -0.02 10.41
CA SER A 20 -3.37 -1.04 9.41
C SER A 20 -2.63 -2.24 9.95
N VAL A 21 -2.68 -3.29 9.19
CA VAL A 21 -2.02 -4.53 9.55
C VAL A 21 -1.70 -5.36 8.33
N GLU A 22 -0.51 -5.91 8.30
CA GLU A 22 -0.10 -6.75 7.18
C GLU A 22 -0.73 -8.14 7.32
N GLY A 23 -1.69 -8.44 6.46
CA GLY A 23 -2.35 -9.74 6.51
C GLY A 23 -2.30 -10.45 5.17
N PHE A 24 -3.34 -10.26 4.36
CA PHE A 24 -3.41 -10.89 3.04
C PHE A 24 -4.80 -10.73 2.43
N ASN A 25 -5.38 -9.54 2.58
CA ASN A 25 -6.71 -9.26 2.03
C ASN A 25 -7.13 -7.82 2.31
N VAL A 26 -8.30 -7.45 1.80
CA VAL A 26 -8.81 -6.09 2.00
C VAL A 26 -8.82 -5.73 3.48
N GLY A 27 -8.04 -4.70 3.83
CA GLY A 27 -7.96 -4.28 5.22
C GLY A 27 -6.58 -4.55 5.80
N GLU A 28 -5.88 -5.53 5.22
CA GLU A 28 -4.56 -5.89 5.66
C GLU A 28 -3.63 -6.05 4.46
N TYR A 29 -2.45 -5.46 4.56
CA TYR A 29 -1.49 -5.52 3.46
C TYR A 29 -0.55 -6.69 3.61
N HIS A 30 0.34 -6.89 2.64
CA HIS A 30 1.28 -8.01 2.69
C HIS A 30 2.72 -7.52 2.70
N LYS A 31 3.15 -7.01 3.86
CA LYS A 31 4.51 -6.51 4.01
C LYS A 31 4.81 -5.41 3.00
N GLY A 32 5.83 -4.61 3.29
CA GLY A 32 6.21 -3.53 2.40
C GLY A 32 5.52 -2.23 2.74
N ALA A 33 4.34 -2.31 3.36
CA ALA A 33 3.59 -1.12 3.73
C ALA A 33 4.18 -0.46 4.97
N LYS A 34 4.24 -1.22 6.08
CA LYS A 34 4.78 -0.71 7.34
C LYS A 34 5.93 0.28 7.12
N ASP A 35 7.07 -0.24 6.66
CA ASP A 35 8.26 0.58 6.42
C ASP A 35 7.95 1.90 5.74
N GLY A 36 7.56 1.85 4.46
CA GLY A 36 7.26 3.06 3.70
C GLY A 36 6.55 4.12 4.52
N LEU A 37 5.26 3.96 4.71
CA LEU A 37 4.46 4.90 5.46
C LEU A 37 5.09 5.21 6.84
N THR A 38 5.98 4.34 7.31
CA THR A 38 6.64 4.58 8.60
C THR A 38 7.96 5.30 8.38
N VAL A 39 8.68 4.87 7.35
CA VAL A 39 9.96 5.46 7.00
C VAL A 39 9.79 6.96 6.83
N GLU A 40 8.61 7.34 6.36
CA GLU A 40 8.27 8.74 6.20
C GLU A 40 8.01 9.34 7.57
N ILE A 41 7.48 8.52 8.47
CA ILE A 41 7.19 8.93 9.83
C ILE A 41 8.47 9.03 10.64
N ASN A 42 9.18 7.90 10.78
CA ASN A 42 10.44 7.89 11.51
C ASN A 42 11.26 9.11 11.13
N LYS A 43 11.21 9.45 9.85
CA LYS A 43 11.93 10.61 9.33
C LYS A 43 11.13 11.90 9.53
N ALA A 44 9.81 11.82 9.31
CA ALA A 44 8.94 12.99 9.47
C ALA A 44 8.88 13.45 10.91
N GLU A 45 8.46 12.56 11.80
CA GLU A 45 8.35 12.88 13.22
C GLU A 45 9.62 13.55 13.72
N GLU A 46 10.76 13.00 13.31
CA GLU A 46 12.05 13.56 13.70
C GLU A 46 12.15 15.01 13.23
N VAL A 47 11.35 15.36 12.23
CA VAL A 47 11.33 16.70 11.68
C VAL A 47 10.19 17.51 12.30
N PHE A 48 9.00 16.94 12.31
CA PHE A 48 7.82 17.61 12.88
C PHE A 48 8.14 18.18 14.25
N ASN A 49 8.78 17.39 15.09
CA ASN A 49 9.14 17.83 16.44
C ASN A 49 10.54 18.42 16.46
N LYS A 50 11.15 18.60 15.29
CA LYS A 50 12.50 19.16 15.21
C LYS A 50 12.49 20.69 15.13
N GLU A 51 13.65 21.28 15.34
CA GLU A 51 13.81 22.73 15.27
C GLU A 51 14.37 23.14 13.93
N ASP A 52 15.17 22.25 13.33
CA ASP A 52 15.70 22.55 12.01
C ASP A 52 14.67 22.18 10.96
N ALA A 53 13.43 22.00 11.41
CA ALA A 53 12.34 21.70 10.51
C ALA A 53 11.96 22.99 9.82
N THR A 54 12.97 23.61 9.26
CA THR A 54 12.84 24.87 8.57
C THR A 54 12.58 24.63 7.09
N GLU A 55 13.41 25.22 6.27
CA GLU A 55 13.27 25.09 4.82
C GLU A 55 14.04 23.89 4.29
N GLU A 56 14.94 23.32 5.09
CA GLU A 56 15.74 22.18 4.66
C GLU A 56 15.19 20.83 5.12
N GLU A 57 14.73 20.73 6.37
CA GLU A 57 14.27 19.46 6.91
C GLU A 57 12.80 19.13 6.62
N ILE A 58 11.92 20.13 6.67
CA ILE A 58 10.49 19.89 6.43
C ILE A 58 10.26 19.22 5.08
N ASN A 59 10.58 19.93 4.01
CA ASN A 59 10.39 19.39 2.66
C ASN A 59 11.13 18.07 2.52
N LEU A 60 12.24 17.97 3.24
CA LEU A 60 13.06 16.76 3.23
C LEU A 60 12.37 15.65 4.00
N ALA A 61 11.56 16.03 4.98
CA ALA A 61 10.84 15.06 5.80
C ALA A 61 9.41 14.84 5.30
N LYS A 62 8.91 15.76 4.49
CA LYS A 62 7.56 15.67 3.95
C LYS A 62 7.52 14.80 2.70
N GLU A 63 8.66 14.72 2.01
CA GLU A 63 8.76 13.94 0.77
C GLU A 63 8.09 12.58 0.91
N SER A 64 8.57 11.77 1.85
CA SER A 64 8.03 10.44 2.08
C SER A 64 6.68 10.52 2.80
N LEU A 65 6.35 11.68 3.34
CA LEU A 65 5.10 11.86 4.05
C LEU A 65 3.95 11.93 3.04
N GLU A 66 4.21 12.62 1.93
CA GLU A 66 3.21 12.76 0.90
C GLU A 66 3.31 11.65 -0.15
N GLY A 67 4.35 10.83 -0.06
CA GLY A 67 4.53 9.76 -1.02
C GLY A 67 4.48 8.37 -0.41
N ALA A 68 4.58 8.29 0.91
CA ALA A 68 4.55 7.00 1.59
C ALA A 68 3.14 6.64 2.06
N ILE A 69 2.42 7.61 2.63
CA ILE A 69 1.07 7.38 3.08
C ILE A 69 0.22 7.06 1.87
N ALA A 70 0.47 7.83 0.80
CA ALA A 70 -0.23 7.63 -0.45
C ALA A 70 0.01 6.21 -0.96
N ARG A 71 1.14 5.65 -0.56
CA ARG A 71 1.50 4.30 -0.95
C ARG A 71 0.81 3.30 -0.03
N PHE A 72 1.12 3.37 1.27
CA PHE A 72 0.54 2.47 2.25
C PHE A 72 -0.99 2.44 2.14
N ASN A 73 -1.59 3.60 1.88
CA ASN A 73 -3.04 3.70 1.77
C ASN A 73 -3.58 2.57 0.89
N SER A 74 -2.85 2.27 -0.17
CA SER A 74 -3.24 1.22 -1.09
C SER A 74 -2.41 -0.06 -0.90
N LEU A 75 -1.90 -0.26 0.31
CA LEU A 75 -1.08 -1.43 0.61
C LEU A 75 -1.94 -2.57 1.17
N LEU A 76 -2.96 -2.20 1.93
CA LEU A 76 -3.87 -3.17 2.55
C LEU A 76 -4.80 -3.80 1.52
N ILE A 77 -4.23 -4.29 0.43
CA ILE A 77 -5.04 -4.89 -0.63
C ILE A 77 -6.14 -3.94 -1.00
N GLU A 78 -5.72 -2.76 -1.46
CA GLU A 78 -6.63 -1.69 -1.84
C GLU A 78 -8.07 -2.19 -1.88
N GLU A 79 -8.89 -1.55 -1.08
CA GLU A 79 -10.30 -1.90 -0.98
C GLU A 79 -10.92 -2.31 -2.32
N SER A 80 -10.29 -1.87 -3.42
CA SER A 80 -10.79 -2.23 -4.75
C SER A 80 -9.65 -2.50 -5.75
N THR A 81 -8.54 -3.10 -5.29
CA THR A 81 -7.43 -3.40 -6.21
C THR A 81 -7.69 -4.68 -6.99
N GLY A 82 -8.72 -5.43 -6.61
CA GLY A 82 -9.04 -6.66 -7.31
C GLY A 82 -9.12 -6.46 -8.81
N ASP A 83 -9.44 -5.24 -9.21
CA ASP A 83 -9.55 -4.90 -10.63
C ASP A 83 -8.16 -4.70 -11.24
N PHE A 84 -7.48 -5.80 -11.52
CA PHE A 84 -6.15 -5.76 -12.08
C PHE A 84 -6.14 -5.04 -13.43
N ASN A 85 -6.77 -5.64 -14.42
CA ASN A 85 -6.84 -5.06 -15.75
C ASN A 85 -7.61 -3.74 -15.74
N GLY A 86 -8.33 -3.48 -14.65
CA GLY A 86 -9.12 -2.27 -14.56
C GLY A 86 -10.32 -2.32 -15.47
N ASN A 87 -10.57 -3.49 -16.05
CA ASN A 87 -11.71 -3.65 -16.95
C ASN A 87 -12.99 -3.93 -16.19
N GLY A 88 -12.85 -4.47 -14.98
CA GLY A 88 -14.02 -4.76 -14.16
C GLY A 88 -14.35 -6.25 -14.14
N LYS A 89 -13.34 -7.08 -13.96
CA LYS A 89 -13.53 -8.52 -13.91
C LYS A 89 -12.36 -9.19 -13.19
N ILE A 90 -12.65 -9.83 -12.06
CA ILE A 90 -11.62 -10.50 -11.28
C ILE A 90 -11.76 -12.02 -11.37
N ASP A 91 -10.85 -12.64 -12.10
CA ASP A 91 -10.86 -14.09 -12.28
C ASP A 91 -9.50 -14.58 -12.75
N ILE A 92 -9.12 -14.20 -13.95
CA ILE A 92 -7.83 -14.60 -14.50
C ILE A 92 -6.79 -13.53 -14.27
N GLY A 93 -7.23 -12.35 -13.84
CA GLY A 93 -6.30 -11.30 -13.56
C GLY A 93 -5.25 -11.76 -12.56
N ASP A 94 -5.54 -12.88 -11.91
CA ASP A 94 -4.63 -13.45 -10.94
C ASP A 94 -3.79 -14.56 -11.58
N LEU A 95 -4.34 -15.19 -12.61
CA LEU A 95 -3.65 -16.26 -13.30
C LEU A 95 -3.22 -15.84 -14.72
N ALA A 96 -2.97 -14.55 -14.92
CA ALA A 96 -2.56 -14.08 -16.24
C ALA A 96 -2.21 -12.59 -16.27
N MET A 97 -2.86 -11.79 -15.45
CA MET A 97 -2.61 -10.34 -15.43
C MET A 97 -1.50 -9.95 -14.45
N VAL A 98 -1.80 -9.96 -13.16
CA VAL A 98 -0.82 -9.56 -12.15
C VAL A 98 0.39 -10.47 -12.12
N SER A 99 0.17 -11.78 -12.00
CA SER A 99 1.28 -12.73 -11.93
C SER A 99 2.14 -12.69 -13.19
N LYS A 100 1.65 -12.06 -14.24
CA LYS A 100 2.41 -11.98 -15.49
C LYS A 100 3.61 -11.07 -15.34
N ASN A 101 3.45 -10.00 -14.59
CA ASN A 101 4.54 -9.06 -14.37
C ASN A 101 5.42 -9.55 -13.24
N ILE A 102 4.79 -9.79 -12.08
CA ILE A 102 5.49 -10.25 -10.89
C ILE A 102 6.84 -9.57 -10.75
N GLY A 103 6.86 -8.56 -9.90
CA GLY A 103 8.09 -7.83 -9.66
C GLY A 103 8.62 -7.16 -10.92
N SER A 104 7.72 -6.55 -11.68
CA SER A 104 8.09 -5.87 -12.92
C SER A 104 8.73 -4.51 -12.63
N THR A 105 8.32 -3.89 -11.52
CA THR A 105 8.85 -2.59 -11.14
C THR A 105 8.47 -1.52 -12.16
N THR A 106 7.35 -1.74 -12.85
CA THR A 106 6.86 -0.81 -13.86
C THR A 106 5.36 -0.62 -13.72
N ASN A 107 4.60 -1.66 -14.05
CA ASN A 107 3.15 -1.61 -13.96
C ASN A 107 2.69 -2.00 -12.56
N THR A 108 2.61 -1.02 -11.68
CA THR A 108 2.19 -1.25 -10.30
C THR A 108 0.68 -1.10 -10.12
N SER A 109 -0.02 -0.76 -11.20
CA SER A 109 -1.47 -0.60 -11.14
C SER A 109 -2.15 -1.85 -10.59
N LEU A 110 -1.47 -2.98 -10.68
CA LEU A 110 -2.02 -4.24 -10.19
C LEU A 110 -1.70 -4.46 -8.71
N ASP A 111 -0.42 -4.30 -8.36
CA ASP A 111 0.04 -4.48 -7.00
C ASP A 111 -1.01 -4.10 -5.99
N LEU A 112 -1.72 -5.11 -5.49
CA LEU A 112 -2.74 -4.90 -4.46
C LEU A 112 -2.15 -4.05 -3.35
N ASN A 113 -0.83 -4.13 -3.25
CA ASN A 113 -0.06 -3.40 -2.27
C ASN A 113 0.38 -2.06 -2.84
N LYS A 114 1.06 -2.16 -3.99
CA LYS A 114 1.61 -1.00 -4.70
C LYS A 114 3.04 -0.76 -4.26
N ASP A 115 3.74 -1.84 -3.96
CA ASP A 115 5.13 -1.76 -3.53
C ASP A 115 6.06 -1.59 -4.73
N GLY A 116 5.50 -1.66 -5.92
CA GLY A 116 6.31 -1.52 -7.13
C GLY A 116 6.89 -2.84 -7.57
N SER A 117 6.10 -3.90 -7.40
CA SER A 117 6.53 -5.24 -7.76
C SER A 117 5.43 -6.24 -7.51
N ILE A 118 4.90 -6.81 -8.57
CA ILE A 118 3.84 -7.79 -8.43
C ILE A 118 4.41 -9.01 -7.73
N ASP A 119 4.02 -9.13 -6.49
CA ASP A 119 4.50 -10.23 -5.65
C ASP A 119 3.37 -10.90 -4.87
N GLU A 120 3.69 -11.42 -3.69
CA GLU A 120 2.72 -12.10 -2.85
C GLU A 120 1.68 -11.15 -2.25
N TYR A 121 2.00 -9.86 -2.25
CA TYR A 121 1.09 -8.87 -1.70
C TYR A 121 -0.15 -8.67 -2.58
N GLU A 122 -0.08 -9.09 -3.84
CA GLU A 122 -1.23 -8.92 -4.73
C GLU A 122 -2.13 -10.16 -4.70
N ILE A 123 -1.69 -11.20 -5.40
CA ILE A 123 -2.42 -12.45 -5.49
C ILE A 123 -3.03 -12.87 -4.15
N SER A 124 -2.37 -12.46 -3.06
CA SER A 124 -2.83 -12.79 -1.70
C SER A 124 -4.36 -12.74 -1.58
N PHE A 125 -4.99 -11.84 -2.33
CA PHE A 125 -6.43 -11.71 -2.29
C PHE A 125 -7.10 -12.63 -3.30
N ILE A 126 -6.98 -12.29 -4.59
CA ILE A 126 -7.58 -13.09 -5.66
C ILE A 126 -7.38 -14.59 -5.44
N ASN A 127 -6.11 -15.02 -5.34
CA ASN A 127 -5.80 -16.43 -5.13
C ASN A 127 -6.70 -17.03 -4.05
N HIS A 128 -7.10 -16.21 -3.09
CA HIS A 128 -7.97 -16.67 -2.01
C HIS A 128 -9.44 -16.44 -2.34
N ARG A 129 -9.77 -15.19 -2.65
CA ARG A 129 -11.15 -14.83 -2.98
C ARG A 129 -11.72 -15.77 -4.04
N ILE A 130 -10.86 -16.22 -4.94
CA ILE A 130 -11.27 -17.13 -6.01
C ILE A 130 -11.80 -18.44 -5.43
N LEU A 131 -10.92 -19.19 -4.77
CA LEU A 131 -11.30 -20.46 -4.17
C LEU A 131 -12.43 -20.29 -3.16
N ASN A 132 -12.50 -19.09 -2.56
CA ASN A 132 -13.52 -18.80 -1.57
C ASN A 132 -14.92 -19.02 -2.15
N LEU A 133 -15.05 -18.81 -3.46
CA LEU A 133 -16.34 -18.99 -4.13
C LEU A 133 -16.58 -20.46 -4.45
N GLU A 134 -15.60 -21.11 -5.06
CA GLU A 134 -15.71 -22.51 -5.41
C GLU A 134 -16.88 -22.74 -6.37
N HIS A 135 -17.04 -21.83 -7.32
CA HIS A 135 -18.10 -21.93 -8.31
C HIS A 135 -17.83 -21.03 -9.51
N HIS A 136 -17.79 -21.63 -10.70
CA HIS A 136 -17.54 -20.89 -11.92
C HIS A 136 -18.81 -20.20 -12.41
N HIS A 137 -18.66 -19.01 -12.98
CA HIS A 137 -19.79 -18.26 -13.50
C HIS A 137 -19.37 -17.35 -14.66
N HIS A 138 -19.37 -17.91 -15.86
CA HIS A 138 -18.98 -17.16 -17.04
C HIS A 138 -19.18 -17.99 -18.31
N HIS A 139 -20.25 -17.71 -19.04
CA HIS A 139 -20.56 -18.42 -20.27
C HIS A 139 -20.76 -19.91 -19.99
N HIS A 140 -21.20 -20.65 -21.00
CA HIS A 140 -21.44 -22.08 -20.87
C HIS A 140 -20.15 -22.82 -20.51
N MET A 1 1.14 24.81 6.11
CA MET A 1 2.43 25.53 6.08
C MET A 1 3.59 24.61 6.44
N ASP A 2 4.79 25.18 6.53
CA ASP A 2 5.98 24.41 6.87
C ASP A 2 5.82 23.76 8.24
N LYS A 3 6.38 22.55 8.38
CA LYS A 3 6.31 21.81 9.64
C LYS A 3 4.92 21.22 9.84
N THR A 4 3.91 22.09 9.92
CA THR A 4 2.53 21.65 10.09
C THR A 4 2.17 20.57 9.08
N ASN A 5 2.78 20.65 7.90
CA ASN A 5 2.53 19.68 6.84
C ASN A 5 2.79 18.26 7.34
N LEU A 6 3.68 18.13 8.31
CA LEU A 6 4.02 16.83 8.87
C LEU A 6 3.01 16.44 9.93
N GLY A 7 2.90 17.26 10.97
CA GLY A 7 1.95 16.97 12.03
C GLY A 7 0.57 16.67 11.51
N GLU A 8 0.27 17.16 10.31
CA GLU A 8 -1.02 16.93 9.69
C GLU A 8 -0.98 15.74 8.75
N LEU A 9 0.22 15.35 8.35
CA LEU A 9 0.39 14.21 7.45
C LEU A 9 0.77 12.96 8.23
N ILE A 10 1.39 13.18 9.39
CA ILE A 10 1.81 12.09 10.24
C ILE A 10 0.69 11.67 11.18
N ASN A 11 -0.15 12.63 11.57
CA ASN A 11 -1.27 12.35 12.45
C ASN A 11 -2.06 11.17 11.93
N GLN A 12 -2.14 11.07 10.60
CA GLN A 12 -2.84 9.98 9.94
C GLN A 12 -1.88 8.83 9.70
N GLY A 13 -0.61 9.16 9.44
CA GLY A 13 0.39 8.14 9.21
C GLY A 13 0.60 7.28 10.43
N LYS A 14 0.79 7.93 11.58
CA LYS A 14 0.96 7.22 12.85
C LYS A 14 -0.19 6.26 13.06
N SER A 15 -1.34 6.59 12.48
CA SER A 15 -2.53 5.76 12.58
C SER A 15 -2.49 4.65 11.54
N LEU A 16 -1.99 4.97 10.36
CA LEU A 16 -1.88 4.00 9.28
C LEU A 16 -0.89 2.90 9.67
N LEU A 17 0.37 3.27 9.76
CA LEU A 17 1.44 2.35 10.14
C LEU A 17 1.04 1.50 11.35
N ASP A 18 0.18 2.05 12.20
CA ASP A 18 -0.27 1.34 13.39
C ASP A 18 -1.57 0.57 13.14
N GLU A 19 -2.41 1.07 12.24
CA GLU A 19 -3.68 0.42 11.92
C GLU A 19 -3.51 -0.60 10.80
N SER A 20 -3.17 -0.11 9.61
CA SER A 20 -2.96 -0.97 8.46
C SER A 20 -2.02 -2.10 8.80
N VAL A 21 -2.58 -3.25 9.13
CA VAL A 21 -1.80 -4.41 9.49
C VAL A 21 -1.54 -5.29 8.28
N GLU A 22 -0.36 -5.89 8.23
CA GLU A 22 -0.02 -6.77 7.13
C GLU A 22 -0.69 -8.13 7.31
N GLY A 23 -1.68 -8.43 6.48
CA GLY A 23 -2.37 -9.70 6.57
C GLY A 23 -2.39 -10.43 5.24
N PHE A 24 -3.49 -10.28 4.50
CA PHE A 24 -3.62 -10.94 3.20
C PHE A 24 -5.02 -10.72 2.63
N ASN A 25 -5.55 -9.51 2.79
CA ASN A 25 -6.88 -9.19 2.29
C ASN A 25 -7.21 -7.71 2.50
N VAL A 26 -8.36 -7.29 2.00
CA VAL A 26 -8.80 -5.91 2.14
C VAL A 26 -8.74 -5.47 3.60
N GLY A 27 -7.92 -4.47 3.88
CA GLY A 27 -7.77 -3.98 5.23
C GLY A 27 -6.39 -4.30 5.79
N GLU A 28 -5.76 -5.33 5.23
CA GLU A 28 -4.44 -5.75 5.65
C GLU A 28 -3.57 -5.96 4.43
N TYR A 29 -2.29 -5.63 4.54
CA TYR A 29 -1.37 -5.78 3.41
C TYR A 29 -0.42 -6.96 3.61
N HIS A 30 0.43 -7.20 2.62
CA HIS A 30 1.37 -8.31 2.71
C HIS A 30 2.81 -7.81 2.87
N LYS A 31 3.09 -7.20 4.02
CA LYS A 31 4.43 -6.68 4.31
C LYS A 31 4.87 -5.67 3.27
N GLY A 32 5.89 -4.88 3.60
CA GLY A 32 6.39 -3.88 2.69
C GLY A 32 5.87 -2.49 3.00
N ALA A 33 4.61 -2.42 3.43
CA ALA A 33 3.99 -1.13 3.75
C ALA A 33 4.56 -0.54 5.03
N LYS A 34 4.51 -1.32 6.11
CA LYS A 34 4.99 -0.88 7.43
C LYS A 34 6.20 0.06 7.33
N ASP A 35 7.35 -0.48 6.95
CA ASP A 35 8.59 0.31 6.85
C ASP A 35 8.41 1.63 6.10
N GLY A 36 8.20 1.56 4.79
CA GLY A 36 8.02 2.76 3.97
C GLY A 36 7.43 3.92 4.73
N LEU A 37 6.11 3.99 4.74
CA LEU A 37 5.40 5.05 5.44
C LEU A 37 6.02 5.33 6.81
N THR A 38 6.36 4.28 7.56
CA THR A 38 6.96 4.47 8.87
C THR A 38 8.32 5.15 8.76
N VAL A 39 9.16 4.62 7.90
CA VAL A 39 10.49 5.16 7.69
C VAL A 39 10.45 6.66 7.46
N GLU A 40 9.33 7.14 6.93
CA GLU A 40 9.16 8.56 6.72
C GLU A 40 8.40 9.13 7.90
N ILE A 41 7.59 8.29 8.56
CA ILE A 41 6.85 8.73 9.75
C ILE A 41 7.86 8.89 10.87
N ASN A 42 8.58 7.80 11.18
CA ASN A 42 9.63 7.84 12.20
C ASN A 42 10.48 9.08 11.98
N LYS A 43 10.88 9.28 10.73
CA LYS A 43 11.70 10.44 10.37
C LYS A 43 10.87 11.72 10.29
N ALA A 44 9.56 11.58 10.04
CA ALA A 44 8.67 12.74 9.93
C ALA A 44 8.41 13.38 11.29
N GLU A 45 7.84 12.60 12.21
CA GLU A 45 7.54 13.10 13.55
C GLU A 45 8.73 13.88 14.09
N GLU A 46 9.92 13.30 13.92
CA GLU A 46 11.14 13.96 14.36
C GLU A 46 11.19 15.36 13.76
N VAL A 47 10.73 15.46 12.51
CA VAL A 47 10.69 16.73 11.80
C VAL A 47 9.51 17.57 12.28
N PHE A 48 8.34 16.94 12.40
CA PHE A 48 7.16 17.65 12.87
C PHE A 48 7.49 18.43 14.15
N ASN A 49 8.38 17.85 14.95
CA ASN A 49 8.80 18.48 16.20
C ASN A 49 10.26 18.94 16.14
N LYS A 50 10.95 18.64 15.04
CA LYS A 50 12.36 19.03 14.91
C LYS A 50 12.51 20.55 14.92
N GLU A 51 13.73 21.01 15.25
CA GLU A 51 14.03 22.43 15.29
C GLU A 51 14.44 22.90 13.90
N ASP A 52 15.25 22.10 13.22
CA ASP A 52 15.64 22.46 11.87
C ASP A 52 14.58 22.00 10.89
N ALA A 53 13.38 21.73 11.41
CA ALA A 53 12.26 21.34 10.58
C ALA A 53 11.73 22.60 9.95
N THR A 54 12.65 23.36 9.38
CA THR A 54 12.37 24.62 8.75
C THR A 54 12.25 24.45 7.24
N GLU A 55 12.94 25.31 6.52
CA GLU A 55 12.91 25.26 5.05
C GLU A 55 13.77 24.12 4.50
N GLU A 56 14.55 23.49 5.37
CA GLU A 56 15.42 22.39 4.94
C GLU A 56 14.81 21.01 5.17
N GLU A 57 14.74 20.61 6.44
CA GLU A 57 14.23 19.29 6.81
C GLU A 57 12.79 19.02 6.38
N ILE A 58 11.92 20.02 6.49
CA ILE A 58 10.51 19.85 6.13
C ILE A 58 10.37 19.34 4.71
N ASN A 59 10.80 20.14 3.74
CA ASN A 59 10.70 19.74 2.32
C ASN A 59 11.22 18.31 2.14
N LEU A 60 12.27 17.98 2.88
CA LEU A 60 12.85 16.65 2.81
C LEU A 60 11.98 15.64 3.54
N ALA A 61 11.30 16.10 4.59
CA ALA A 61 10.42 15.24 5.38
C ALA A 61 9.02 15.16 4.79
N LYS A 62 8.66 16.12 3.94
CA LYS A 62 7.34 16.16 3.33
C LYS A 62 7.25 15.25 2.11
N GLU A 63 8.21 15.36 1.21
CA GLU A 63 8.23 14.54 -0.01
C GLU A 63 8.32 13.05 0.32
N SER A 64 8.75 12.73 1.52
CA SER A 64 8.88 11.35 1.95
C SER A 64 7.66 10.88 2.71
N LEU A 65 6.78 11.81 3.07
CA LEU A 65 5.57 11.46 3.80
C LEU A 65 4.36 11.41 2.88
N GLU A 66 4.14 12.48 2.14
CA GLU A 66 3.00 12.57 1.21
C GLU A 66 2.94 11.37 0.28
N GLY A 67 3.92 11.26 -0.61
CA GLY A 67 3.96 10.15 -1.53
C GLY A 67 4.27 8.83 -0.85
N ALA A 68 4.41 8.86 0.47
CA ALA A 68 4.71 7.66 1.23
C ALA A 68 3.44 7.04 1.80
N ILE A 69 2.65 7.83 2.54
CA ILE A 69 1.40 7.32 3.07
C ILE A 69 0.60 6.81 1.91
N ALA A 70 0.64 7.61 0.86
CA ALA A 70 -0.06 7.29 -0.37
C ALA A 70 0.25 5.87 -0.81
N ARG A 71 1.42 5.37 -0.41
CA ARG A 71 1.83 4.02 -0.75
C ARG A 71 1.11 3.03 0.17
N PHE A 72 1.39 3.10 1.48
CA PHE A 72 0.74 2.21 2.43
C PHE A 72 -0.76 2.14 2.21
N ASN A 73 -1.39 3.30 2.09
CA ASN A 73 -2.85 3.38 1.89
C ASN A 73 -3.32 2.37 0.85
N SER A 74 -2.49 2.09 -0.15
CA SER A 74 -2.84 1.15 -1.21
C SER A 74 -2.05 -0.15 -1.10
N LEU A 75 -1.70 -0.56 0.12
CA LEU A 75 -0.94 -1.78 0.32
C LEU A 75 -1.79 -2.88 0.96
N LEU A 76 -2.77 -2.47 1.73
CA LEU A 76 -3.68 -3.40 2.41
C LEU A 76 -4.66 -4.03 1.44
N ILE A 77 -4.14 -4.58 0.35
CA ILE A 77 -4.99 -5.18 -0.67
C ILE A 77 -6.02 -4.16 -1.09
N GLU A 78 -5.51 -3.01 -1.52
CA GLU A 78 -6.34 -1.88 -1.95
C GLU A 78 -7.80 -2.27 -2.04
N GLU A 79 -8.62 -1.56 -1.29
CA GLU A 79 -10.05 -1.81 -1.24
C GLU A 79 -10.62 -2.19 -2.60
N SER A 80 -9.95 -1.79 -3.68
CA SER A 80 -10.39 -2.11 -5.02
C SER A 80 -9.24 -2.61 -5.90
N THR A 81 -8.25 -3.28 -5.31
CA THR A 81 -7.12 -3.79 -6.08
C THR A 81 -7.54 -4.92 -7.01
N GLY A 82 -8.65 -5.58 -6.68
CA GLY A 82 -9.14 -6.67 -7.49
C GLY A 82 -9.15 -6.33 -8.97
N ASP A 83 -9.51 -5.09 -9.29
CA ASP A 83 -9.56 -4.64 -10.68
C ASP A 83 -8.16 -4.45 -11.24
N PHE A 84 -7.51 -5.55 -11.60
CA PHE A 84 -6.15 -5.51 -12.14
C PHE A 84 -6.12 -4.77 -13.48
N ASN A 85 -6.75 -5.36 -14.49
CA ASN A 85 -6.79 -4.76 -15.82
C ASN A 85 -7.51 -3.41 -15.78
N GLY A 86 -8.28 -3.20 -14.72
CA GLY A 86 -9.02 -1.95 -14.60
C GLY A 86 -10.30 -1.98 -15.41
N ASN A 87 -10.55 -3.11 -16.08
CA ASN A 87 -11.76 -3.25 -16.90
C ASN A 87 -13.00 -3.47 -16.03
N GLY A 88 -12.80 -3.94 -14.81
CA GLY A 88 -13.92 -4.17 -13.92
C GLY A 88 -14.34 -5.63 -13.85
N LYS A 89 -13.37 -6.53 -13.70
CA LYS A 89 -13.66 -7.96 -13.61
C LYS A 89 -12.50 -8.68 -12.94
N ILE A 90 -12.77 -9.26 -11.78
CA ILE A 90 -11.75 -9.99 -11.03
C ILE A 90 -12.03 -11.49 -11.04
N ASP A 91 -11.26 -12.23 -11.83
CA ASP A 91 -11.44 -13.67 -11.92
C ASP A 91 -10.32 -14.32 -12.72
N ILE A 92 -10.15 -13.90 -13.96
CA ILE A 92 -9.11 -14.46 -14.81
C ILE A 92 -7.81 -13.69 -14.65
N GLY A 93 -7.93 -12.40 -14.40
CA GLY A 93 -6.76 -11.57 -14.23
C GLY A 93 -5.93 -11.99 -13.02
N ASP A 94 -6.49 -12.89 -12.21
CA ASP A 94 -5.79 -13.37 -11.02
C ASP A 94 -4.62 -14.26 -11.40
N LEU A 95 -4.85 -15.15 -12.35
CA LEU A 95 -3.80 -16.07 -12.80
C LEU A 95 -3.36 -15.77 -14.23
N ALA A 96 -3.44 -14.50 -14.63
CA ALA A 96 -3.04 -14.11 -15.98
C ALA A 96 -2.59 -12.65 -16.06
N MET A 97 -3.21 -11.77 -15.27
CA MET A 97 -2.87 -10.36 -15.31
C MET A 97 -1.74 -10.01 -14.34
N VAL A 98 -2.07 -9.96 -13.04
CA VAL A 98 -1.10 -9.59 -12.03
C VAL A 98 0.10 -10.53 -11.97
N SER A 99 -0.15 -11.83 -11.80
CA SER A 99 0.95 -12.79 -11.72
C SER A 99 1.76 -12.86 -13.00
N LYS A 100 1.26 -12.27 -14.07
CA LYS A 100 1.98 -12.28 -15.34
C LYS A 100 3.18 -11.36 -15.26
N ASN A 101 3.09 -10.33 -14.44
CA ASN A 101 4.19 -9.41 -14.27
C ASN A 101 5.11 -9.88 -13.16
N ILE A 102 4.53 -10.08 -11.97
CA ILE A 102 5.27 -10.52 -10.80
C ILE A 102 6.65 -9.87 -10.74
N GLY A 103 6.74 -8.83 -9.93
CA GLY A 103 7.99 -8.10 -9.79
C GLY A 103 8.33 -7.34 -11.06
N SER A 104 7.30 -6.88 -11.75
CA SER A 104 7.47 -6.14 -13.00
C SER A 104 8.38 -4.92 -12.81
N THR A 105 8.18 -4.21 -11.71
CA THR A 105 8.97 -3.02 -11.42
C THR A 105 8.54 -1.86 -12.31
N THR A 106 7.24 -1.78 -12.58
CA THR A 106 6.69 -0.72 -13.42
C THR A 106 5.17 -0.85 -13.53
N ASN A 107 4.70 -2.09 -13.64
CA ASN A 107 3.27 -2.35 -13.75
C ASN A 107 2.60 -2.30 -12.38
N THR A 108 2.67 -1.14 -11.73
CA THR A 108 2.06 -0.95 -10.42
C THR A 108 0.56 -0.66 -10.53
N SER A 109 0.06 -0.62 -11.76
CA SER A 109 -1.34 -0.33 -12.00
C SER A 109 -2.28 -1.40 -11.42
N LEU A 110 -1.73 -2.54 -10.99
CA LEU A 110 -2.58 -3.60 -10.44
C LEU A 110 -1.88 -4.43 -9.38
N ASP A 111 -1.07 -3.81 -8.52
CA ASP A 111 -0.39 -4.54 -7.48
C ASP A 111 -1.07 -4.27 -6.14
N LEU A 112 -1.64 -5.31 -5.54
CA LEU A 112 -2.30 -5.18 -4.24
C LEU A 112 -1.48 -4.28 -3.32
N ASN A 113 -0.18 -4.39 -3.49
CA ASN A 113 0.79 -3.64 -2.71
C ASN A 113 1.23 -2.35 -3.41
N LYS A 114 1.12 -2.34 -4.73
CA LYS A 114 1.56 -1.19 -5.53
C LYS A 114 2.93 -0.74 -5.04
N ASP A 115 3.73 -1.71 -4.58
CA ASP A 115 5.07 -1.43 -4.10
C ASP A 115 6.09 -1.43 -5.23
N GLY A 116 5.61 -1.65 -6.45
CA GLY A 116 6.51 -1.66 -7.60
C GLY A 116 7.04 -3.05 -7.92
N SER A 117 6.24 -4.07 -7.65
CA SER A 117 6.64 -5.45 -7.90
C SER A 117 5.52 -6.40 -7.54
N ILE A 118 4.93 -7.00 -8.55
CA ILE A 118 3.88 -7.96 -8.31
C ILE A 118 4.48 -9.16 -7.60
N ASP A 119 4.16 -9.27 -6.34
CA ASP A 119 4.70 -10.35 -5.53
C ASP A 119 3.61 -11.07 -4.73
N GLU A 120 3.99 -11.56 -3.54
CA GLU A 120 3.06 -12.30 -2.68
C GLU A 120 1.99 -11.38 -2.09
N TYR A 121 2.18 -10.07 -2.23
CA TYR A 121 1.22 -9.10 -1.72
C TYR A 121 0.05 -8.93 -2.69
N GLU A 122 0.24 -9.36 -3.94
CA GLU A 122 -0.78 -9.25 -4.97
C GLU A 122 -1.64 -10.51 -5.06
N ILE A 123 -1.12 -11.60 -4.52
CA ILE A 123 -1.82 -12.88 -4.54
C ILE A 123 -2.60 -13.12 -3.26
N SER A 124 -2.08 -12.62 -2.15
CA SER A 124 -2.71 -12.78 -0.84
C SER A 124 -4.24 -12.73 -0.93
N PHE A 125 -4.76 -11.76 -1.66
CA PHE A 125 -6.20 -11.60 -1.82
C PHE A 125 -6.71 -12.32 -3.07
N ILE A 126 -5.91 -12.29 -4.12
CA ILE A 126 -6.29 -12.92 -5.38
C ILE A 126 -6.25 -14.44 -5.30
N ASN A 127 -5.74 -14.98 -4.20
CA ASN A 127 -5.65 -16.42 -4.03
C ASN A 127 -6.94 -16.97 -3.42
N HIS A 128 -7.60 -16.16 -2.59
CA HIS A 128 -8.84 -16.57 -1.95
C HIS A 128 -10.07 -16.17 -2.75
N ARG A 129 -10.16 -14.87 -3.08
CA ARG A 129 -11.30 -14.34 -3.83
C ARG A 129 -11.72 -15.29 -4.95
N ILE A 130 -10.74 -15.99 -5.53
CA ILE A 130 -11.01 -16.93 -6.60
C ILE A 130 -11.19 -18.35 -6.07
N LEU A 131 -10.35 -18.72 -5.10
CA LEU A 131 -10.40 -20.05 -4.51
C LEU A 131 -11.78 -20.31 -3.89
N ASN A 132 -12.13 -19.50 -2.88
CA ASN A 132 -13.42 -19.64 -2.21
C ASN A 132 -14.37 -18.51 -2.60
N LEU A 133 -15.44 -18.86 -3.31
CA LEU A 133 -16.42 -17.88 -3.74
C LEU A 133 -17.62 -17.85 -2.80
N GLU A 134 -17.95 -19.02 -2.24
CA GLU A 134 -19.07 -19.13 -1.32
C GLU A 134 -20.38 -18.74 -2.00
N HIS A 135 -21.49 -19.17 -1.43
CA HIS A 135 -22.81 -18.85 -1.98
C HIS A 135 -22.96 -19.42 -3.39
N HIS A 136 -24.19 -19.46 -3.88
CA HIS A 136 -24.49 -19.97 -5.22
C HIS A 136 -23.74 -21.27 -5.49
N HIS A 137 -24.40 -22.39 -5.21
CA HIS A 137 -23.81 -23.71 -5.42
C HIS A 137 -24.70 -24.58 -6.30
N HIS A 138 -24.64 -24.34 -7.60
CA HIS A 138 -25.45 -25.09 -8.55
C HIS A 138 -24.93 -26.52 -8.69
N HIS A 139 -25.83 -27.49 -8.58
CA HIS A 139 -25.46 -28.90 -8.69
C HIS A 139 -26.70 -29.79 -8.61
N HIS A 140 -27.07 -30.39 -9.74
CA HIS A 140 -28.23 -31.27 -9.79
C HIS A 140 -27.81 -32.73 -9.77
N MET A 1 0.96 24.96 4.98
CA MET A 1 2.08 25.51 5.80
C MET A 1 3.11 24.43 6.12
N ASP A 2 4.35 24.87 6.34
CA ASP A 2 5.43 23.94 6.67
C ASP A 2 5.18 23.26 8.00
N LYS A 3 5.97 22.23 8.30
CA LYS A 3 5.85 21.48 9.54
C LYS A 3 4.56 20.67 9.57
N THR A 4 3.43 21.37 9.58
CA THR A 4 2.12 20.73 9.60
C THR A 4 1.98 19.69 8.50
N ASN A 5 2.70 19.88 7.40
CA ASN A 5 2.63 18.94 6.28
C ASN A 5 2.79 17.49 6.72
N LEU A 6 4.00 17.10 7.13
CA LEU A 6 4.22 15.74 7.59
C LEU A 6 3.47 15.55 8.90
N GLY A 7 3.29 16.64 9.64
CA GLY A 7 2.54 16.57 10.88
C GLY A 7 1.10 16.14 10.62
N GLU A 8 0.67 16.37 9.38
CA GLU A 8 -0.68 16.01 8.95
C GLU A 8 -0.69 14.60 8.37
N LEU A 9 0.49 14.11 7.99
CA LEU A 9 0.60 12.77 7.42
C LEU A 9 1.08 11.78 8.46
N ILE A 10 1.68 12.29 9.53
CA ILE A 10 2.18 11.45 10.59
C ILE A 10 1.09 11.15 11.62
N ASN A 11 0.25 12.14 11.87
CA ASN A 11 -0.86 11.96 12.80
C ASN A 11 -1.76 10.84 12.30
N GLN A 12 -1.91 10.77 10.98
CA GLN A 12 -2.72 9.74 10.35
C GLN A 12 -1.83 8.59 9.89
N GLY A 13 -0.55 8.89 9.62
CA GLY A 13 0.38 7.87 9.18
C GLY A 13 0.71 6.88 10.28
N LYS A 14 1.28 7.38 11.36
CA LYS A 14 1.64 6.54 12.49
C LYS A 14 0.40 5.81 13.01
N SER A 15 -0.76 6.40 12.76
CA SER A 15 -2.03 5.80 13.18
C SER A 15 -2.54 4.85 12.11
N LEU A 16 -2.15 5.12 10.86
CA LEU A 16 -2.54 4.27 9.74
C LEU A 16 -1.72 2.99 9.78
N LEU A 17 -0.41 3.14 9.56
CA LEU A 17 0.51 2.01 9.58
C LEU A 17 0.18 1.06 10.73
N ASP A 18 -0.25 1.63 11.87
CA ASP A 18 -0.60 0.84 13.04
C ASP A 18 -1.91 0.09 12.83
N GLU A 19 -2.97 0.83 12.48
CA GLU A 19 -4.28 0.23 12.26
C GLU A 19 -4.24 -0.65 11.02
N SER A 20 -3.28 -0.38 10.14
CA SER A 20 -3.13 -1.14 8.91
C SER A 20 -2.13 -2.26 9.13
N VAL A 21 -2.64 -3.42 9.48
CA VAL A 21 -1.79 -4.57 9.72
C VAL A 21 -1.62 -5.41 8.47
N GLU A 22 -0.44 -5.99 8.34
CA GLU A 22 -0.14 -6.83 7.20
C GLU A 22 -0.79 -8.21 7.35
N GLY A 23 -1.81 -8.47 6.53
CA GLY A 23 -2.50 -9.74 6.59
C GLY A 23 -2.60 -10.41 5.24
N PHE A 24 -3.71 -10.17 4.53
CA PHE A 24 -3.93 -10.75 3.21
C PHE A 24 -5.36 -10.48 2.72
N ASN A 25 -5.85 -9.27 2.95
CA ASN A 25 -7.20 -8.91 2.54
C ASN A 25 -7.46 -7.43 2.78
N VAL A 26 -8.62 -6.94 2.33
CA VAL A 26 -8.99 -5.55 2.52
C VAL A 26 -8.84 -5.12 3.98
N GLY A 27 -8.04 -4.10 4.20
CA GLY A 27 -7.80 -3.62 5.55
C GLY A 27 -6.43 -4.01 6.05
N GLU A 28 -5.86 -5.06 5.46
CA GLU A 28 -4.54 -5.55 5.83
C GLU A 28 -3.70 -5.72 4.57
N TYR A 29 -2.39 -5.58 4.72
CA TYR A 29 -1.50 -5.71 3.56
C TYR A 29 -0.57 -6.90 3.68
N HIS A 30 0.26 -7.14 2.67
CA HIS A 30 1.17 -8.27 2.68
C HIS A 30 2.63 -7.81 2.82
N LYS A 31 2.95 -7.23 3.96
CA LYS A 31 4.31 -6.76 4.24
C LYS A 31 4.75 -5.71 3.22
N GLY A 32 5.75 -4.91 3.60
CA GLY A 32 6.26 -3.88 2.72
C GLY A 32 5.66 -2.52 3.01
N ALA A 33 4.41 -2.50 3.44
CA ALA A 33 3.73 -1.25 3.75
C ALA A 33 4.29 -0.59 5.01
N LYS A 34 4.26 -1.32 6.12
CA LYS A 34 4.73 -0.82 7.41
C LYS A 34 5.93 0.13 7.26
N ASP A 35 7.09 -0.40 6.89
CA ASP A 35 8.29 0.42 6.74
C ASP A 35 8.06 1.63 5.84
N GLY A 36 7.91 1.40 4.53
CA GLY A 36 7.69 2.49 3.59
C GLY A 36 7.05 3.71 4.22
N LEU A 37 5.74 3.69 4.35
CA LEU A 37 4.98 4.79 4.96
C LEU A 37 5.70 5.31 6.21
N THR A 38 6.04 4.40 7.12
CA THR A 38 6.72 4.76 8.36
C THR A 38 8.09 5.39 8.11
N VAL A 39 8.90 4.75 7.29
CA VAL A 39 10.24 5.24 6.97
C VAL A 39 10.20 6.73 6.65
N GLU A 40 9.05 7.18 6.17
CA GLU A 40 8.85 8.59 5.86
C GLU A 40 8.32 9.30 7.10
N ILE A 41 7.55 8.55 7.91
CA ILE A 41 7.01 9.09 9.16
C ILE A 41 8.14 9.21 10.17
N ASN A 42 8.85 8.09 10.41
CA ASN A 42 9.98 8.11 11.35
C ASN A 42 10.82 9.34 11.09
N LYS A 43 11.22 9.51 9.84
CA LYS A 43 12.01 10.66 9.44
C LYS A 43 11.21 11.96 9.59
N ALA A 44 9.89 11.86 9.39
CA ALA A 44 9.01 13.02 9.49
C ALA A 44 8.81 13.47 10.94
N GLU A 45 8.43 12.53 11.82
CA GLU A 45 8.22 12.85 13.23
C GLU A 45 9.37 13.68 13.76
N GLU A 46 10.58 13.17 13.58
CA GLU A 46 11.78 13.87 14.02
C GLU A 46 11.76 15.30 13.49
N VAL A 47 11.05 15.50 12.38
CA VAL A 47 10.91 16.81 11.76
C VAL A 47 9.73 17.56 12.36
N PHE A 48 8.60 16.86 12.53
CA PHE A 48 7.42 17.48 13.11
C PHE A 48 7.73 18.15 14.43
N ASN A 49 8.48 17.43 15.27
CA ASN A 49 8.85 17.94 16.58
C ASN A 49 10.22 18.62 16.55
N LYS A 50 10.83 18.71 15.37
CA LYS A 50 12.15 19.34 15.26
C LYS A 50 12.05 20.86 15.24
N GLU A 51 13.19 21.51 15.40
CA GLU A 51 13.26 22.97 15.39
C GLU A 51 13.72 23.46 14.02
N ASP A 52 14.51 22.64 13.33
CA ASP A 52 14.96 23.00 12.00
C ASP A 52 13.94 22.56 10.97
N ALA A 53 12.76 22.18 11.43
CA ALA A 53 11.68 21.78 10.55
C ALA A 53 11.11 23.01 9.87
N THR A 54 12.03 23.84 9.41
CA THR A 54 11.72 25.09 8.74
C THR A 54 11.58 24.86 7.25
N GLU A 55 12.32 25.62 6.49
CA GLU A 55 12.29 25.51 5.03
C GLU A 55 13.13 24.33 4.54
N GLU A 56 13.97 23.78 5.42
CA GLU A 56 14.83 22.66 5.05
C GLU A 56 14.26 21.29 5.43
N GLU A 57 14.27 21.01 6.73
CA GLU A 57 13.82 19.71 7.25
C GLU A 57 12.43 19.30 6.78
N ILE A 58 11.53 20.26 6.58
CA ILE A 58 10.18 19.94 6.16
C ILE A 58 10.15 19.30 4.77
N ASN A 59 10.47 20.09 3.75
CA ASN A 59 10.45 19.59 2.37
C ASN A 59 11.04 18.19 2.28
N LEU A 60 12.10 17.94 3.05
CA LEU A 60 12.75 16.63 3.03
C LEU A 60 11.95 15.62 3.84
N ALA A 61 11.25 16.08 4.89
CA ALA A 61 10.46 15.18 5.72
C ALA A 61 9.02 15.06 5.19
N LYS A 62 8.61 16.02 4.36
CA LYS A 62 7.27 16.04 3.80
C LYS A 62 7.23 15.32 2.44
N GLU A 63 8.26 15.56 1.63
CA GLU A 63 8.35 14.96 0.30
C GLU A 63 8.32 13.44 0.34
N SER A 64 8.57 12.86 1.52
CA SER A 64 8.58 11.42 1.66
C SER A 64 7.23 10.92 2.14
N LEU A 65 6.58 11.69 3.01
CA LEU A 65 5.27 11.32 3.54
C LEU A 65 4.20 11.50 2.48
N GLU A 66 4.40 12.45 1.60
CA GLU A 66 3.44 12.70 0.52
C GLU A 66 3.29 11.43 -0.31
N GLY A 67 4.39 10.69 -0.43
CA GLY A 67 4.39 9.45 -1.17
C GLY A 67 4.64 8.27 -0.25
N ALA A 68 4.46 8.48 1.05
CA ALA A 68 4.66 7.43 2.05
C ALA A 68 3.34 6.75 2.34
N ILE A 69 2.42 7.51 2.93
CA ILE A 69 1.10 6.99 3.24
C ILE A 69 0.35 6.78 1.95
N ALA A 70 0.55 7.71 1.03
CA ALA A 70 -0.09 7.63 -0.28
C ALA A 70 0.29 6.31 -0.95
N ARG A 71 1.43 5.78 -0.53
CA ARG A 71 1.93 4.53 -1.05
C ARG A 71 1.35 3.38 -0.22
N PHE A 72 1.39 3.52 1.11
CA PHE A 72 0.85 2.52 2.00
C PHE A 72 -0.64 2.32 1.79
N ASN A 73 -1.38 3.42 1.74
CA ASN A 73 -2.84 3.38 1.56
C ASN A 73 -3.24 2.31 0.54
N SER A 74 -2.38 2.11 -0.45
CA SER A 74 -2.64 1.11 -1.49
C SER A 74 -1.85 -0.17 -1.25
N LEU A 75 -1.77 -0.61 0.01
CA LEU A 75 -1.03 -1.82 0.35
C LEU A 75 -1.91 -2.83 1.08
N LEU A 76 -2.85 -2.35 1.87
CA LEU A 76 -3.76 -3.22 2.63
C LEU A 76 -4.80 -3.84 1.71
N ILE A 77 -4.34 -4.44 0.62
CA ILE A 77 -5.26 -5.03 -0.35
C ILE A 77 -6.26 -3.98 -0.75
N GLU A 78 -5.73 -2.86 -1.25
CA GLU A 78 -6.52 -1.72 -1.66
C GLU A 78 -8.00 -2.07 -1.69
N GLU A 79 -8.77 -1.28 -0.95
CA GLU A 79 -10.22 -1.48 -0.85
C GLU A 79 -10.83 -1.88 -2.20
N SER A 80 -10.16 -1.52 -3.30
CA SER A 80 -10.63 -1.86 -4.63
C SER A 80 -9.50 -2.41 -5.50
N THR A 81 -8.55 -3.12 -4.88
CA THR A 81 -7.43 -3.69 -5.63
C THR A 81 -7.89 -4.77 -6.61
N GLY A 82 -9.05 -5.36 -6.33
CA GLY A 82 -9.58 -6.41 -7.19
C GLY A 82 -9.51 -6.05 -8.66
N ASP A 83 -9.77 -4.79 -8.98
CA ASP A 83 -9.73 -4.32 -10.36
C ASP A 83 -8.29 -4.18 -10.85
N PHE A 84 -7.67 -5.31 -11.19
CA PHE A 84 -6.30 -5.31 -11.68
C PHE A 84 -6.18 -4.52 -12.98
N ASN A 85 -6.79 -5.04 -14.02
CA ASN A 85 -6.77 -4.38 -15.34
C ASN A 85 -7.54 -3.06 -15.30
N GLY A 86 -8.33 -2.87 -14.25
CA GLY A 86 -9.11 -1.65 -14.13
C GLY A 86 -10.35 -1.69 -15.02
N ASN A 87 -10.57 -2.81 -15.70
CA ASN A 87 -11.73 -2.96 -16.58
C ASN A 87 -12.99 -3.20 -15.77
N GLY A 88 -12.85 -3.73 -14.56
CA GLY A 88 -13.99 -4.00 -13.72
C GLY A 88 -14.33 -5.48 -13.64
N LYS A 89 -13.33 -6.33 -13.88
CA LYS A 89 -13.53 -7.78 -13.84
C LYS A 89 -12.46 -8.43 -12.96
N ILE A 90 -12.90 -9.04 -11.86
CA ILE A 90 -11.97 -9.70 -10.95
C ILE A 90 -12.20 -11.20 -10.94
N ASP A 91 -11.41 -11.92 -11.74
CA ASP A 91 -11.53 -13.37 -11.83
C ASP A 91 -10.32 -13.97 -12.54
N ILE A 92 -10.13 -13.57 -13.79
CA ILE A 92 -9.00 -14.06 -14.58
C ILE A 92 -7.82 -13.11 -14.49
N GLY A 93 -8.00 -12.00 -13.79
CA GLY A 93 -6.92 -11.03 -13.64
C GLY A 93 -5.95 -11.42 -12.55
N ASP A 94 -6.23 -12.54 -11.87
CA ASP A 94 -5.38 -13.01 -10.79
C ASP A 94 -4.42 -14.09 -11.30
N LEU A 95 -4.91 -14.90 -12.22
CA LEU A 95 -4.10 -15.98 -12.79
C LEU A 95 -3.71 -15.67 -14.23
N ALA A 96 -3.58 -14.37 -14.55
CA ALA A 96 -3.22 -13.96 -15.90
C ALA A 96 -2.66 -12.53 -15.91
N MET A 97 -3.23 -11.66 -15.09
CA MET A 97 -2.78 -10.27 -15.03
C MET A 97 -1.56 -10.11 -14.13
N VAL A 98 -1.79 -10.18 -12.83
CA VAL A 98 -0.72 -10.03 -11.85
C VAL A 98 0.38 -11.08 -12.00
N SER A 99 0.01 -12.35 -11.94
CA SER A 99 0.98 -13.42 -12.06
C SER A 99 1.84 -13.29 -13.32
N LYS A 100 1.35 -12.52 -14.29
CA LYS A 100 2.08 -12.34 -15.54
C LYS A 100 3.27 -11.41 -15.38
N ASN A 101 3.10 -10.36 -14.59
CA ASN A 101 4.18 -9.42 -14.37
C ASN A 101 5.11 -9.96 -13.29
N ILE A 102 4.51 -10.26 -12.14
CA ILE A 102 5.22 -10.79 -10.99
C ILE A 102 6.66 -10.30 -10.93
N GLY A 103 6.85 -9.29 -10.11
CA GLY A 103 8.17 -8.72 -9.95
C GLY A 103 8.60 -7.94 -11.19
N SER A 104 7.66 -7.26 -11.81
CA SER A 104 7.92 -6.48 -13.00
C SER A 104 8.57 -5.14 -12.66
N THR A 105 8.06 -4.50 -11.60
CA THR A 105 8.57 -3.21 -11.15
C THR A 105 7.99 -2.06 -11.98
N THR A 106 8.03 -2.20 -13.30
CA THR A 106 7.49 -1.17 -14.20
C THR A 106 6.02 -0.89 -13.87
N ASN A 107 5.15 -1.79 -14.31
CA ASN A 107 3.72 -1.64 -14.06
C ASN A 107 3.39 -2.08 -12.65
N THR A 108 3.64 -1.20 -11.69
CA THR A 108 3.39 -1.50 -10.28
C THR A 108 1.99 -1.08 -9.85
N SER A 109 1.39 -0.15 -10.60
CA SER A 109 0.05 0.33 -10.27
C SER A 109 -0.93 -0.84 -10.13
N LEU A 110 -0.58 -1.97 -10.72
CA LEU A 110 -1.41 -3.17 -10.67
C LEU A 110 -0.99 -4.09 -9.51
N ASP A 111 -0.30 -3.54 -8.53
CA ASP A 111 0.14 -4.33 -7.39
C ASP A 111 -0.69 -3.99 -6.17
N LEU A 112 -1.41 -4.98 -5.64
CA LEU A 112 -2.23 -4.78 -4.43
C LEU A 112 -1.49 -3.91 -3.43
N ASN A 113 -0.18 -4.04 -3.44
CA ASN A 113 0.70 -3.33 -2.54
C ASN A 113 1.35 -2.13 -3.22
N LYS A 114 1.82 -2.36 -4.44
CA LYS A 114 2.53 -1.33 -5.20
C LYS A 114 3.94 -1.19 -4.66
N ASP A 115 4.49 -2.31 -4.20
CA ASP A 115 5.85 -2.31 -3.66
C ASP A 115 6.88 -2.32 -4.78
N GLY A 116 6.41 -2.41 -6.02
CA GLY A 116 7.30 -2.42 -7.16
C GLY A 116 7.64 -3.82 -7.62
N SER A 117 6.71 -4.74 -7.42
CA SER A 117 6.91 -6.13 -7.81
C SER A 117 5.68 -6.96 -7.54
N ILE A 118 5.06 -7.42 -8.60
CA ILE A 118 3.88 -8.25 -8.48
C ILE A 118 4.27 -9.55 -7.81
N ASP A 119 3.91 -9.66 -6.56
CA ASP A 119 4.23 -10.84 -5.78
C ASP A 119 3.03 -11.35 -4.97
N GLU A 120 3.30 -11.92 -3.80
CA GLU A 120 2.24 -12.45 -2.95
C GLU A 120 1.27 -11.35 -2.53
N TYR A 121 1.81 -10.18 -2.24
CA TYR A 121 1.00 -9.03 -1.81
C TYR A 121 -0.12 -8.74 -2.81
N GLU A 122 0.05 -9.17 -4.05
CA GLU A 122 -0.97 -8.93 -5.09
C GLU A 122 -1.96 -10.09 -5.21
N ILE A 123 -1.54 -11.27 -4.80
CA ILE A 123 -2.38 -12.45 -4.87
C ILE A 123 -3.12 -12.71 -3.56
N SER A 124 -2.46 -12.39 -2.44
CA SER A 124 -3.04 -12.60 -1.11
C SER A 124 -4.54 -12.34 -1.08
N PHE A 125 -5.01 -11.40 -1.90
CA PHE A 125 -6.42 -11.07 -1.94
C PHE A 125 -7.18 -12.05 -2.84
N ILE A 126 -7.02 -11.89 -4.16
CA ILE A 126 -7.69 -12.76 -5.12
C ILE A 126 -7.38 -14.22 -4.85
N ASN A 127 -6.09 -14.56 -4.81
CA ASN A 127 -5.65 -15.93 -4.56
C ASN A 127 -6.50 -16.61 -3.49
N HIS A 128 -6.88 -15.85 -2.47
CA HIS A 128 -7.67 -16.40 -1.37
C HIS A 128 -9.17 -16.18 -1.59
N ARG A 129 -9.53 -15.21 -2.44
CA ARG A 129 -10.93 -14.92 -2.69
C ARG A 129 -11.44 -15.62 -3.95
N ILE A 130 -11.00 -15.15 -5.11
CA ILE A 130 -11.43 -15.72 -6.38
C ILE A 130 -11.06 -17.19 -6.50
N LEU A 131 -10.14 -17.66 -5.66
CA LEU A 131 -9.72 -19.06 -5.70
C LEU A 131 -10.51 -19.90 -4.70
N ASN A 132 -10.93 -19.26 -3.60
CA ASN A 132 -11.69 -19.96 -2.57
C ASN A 132 -13.02 -20.46 -3.12
N LEU A 133 -13.57 -19.71 -4.07
CA LEU A 133 -14.85 -20.07 -4.69
C LEU A 133 -14.63 -20.80 -6.01
N GLU A 134 -13.58 -21.61 -6.07
CA GLU A 134 -13.26 -22.36 -7.28
C GLU A 134 -12.43 -23.59 -6.95
N HIS A 135 -13.10 -24.70 -6.65
CA HIS A 135 -12.42 -25.94 -6.32
C HIS A 135 -12.14 -26.77 -7.57
N HIS A 136 -13.16 -26.89 -8.41
CA HIS A 136 -13.03 -27.66 -9.66
C HIS A 136 -14.27 -27.51 -10.52
N HIS A 137 -14.19 -27.97 -11.76
CA HIS A 137 -15.31 -27.89 -12.69
C HIS A 137 -15.45 -29.19 -13.47
N HIS A 138 -16.40 -30.02 -13.06
CA HIS A 138 -16.65 -31.30 -13.73
C HIS A 138 -17.96 -31.27 -14.50
N HIS A 139 -18.28 -30.11 -15.06
CA HIS A 139 -19.52 -29.95 -15.83
C HIS A 139 -19.29 -30.29 -17.29
N HIS A 140 -20.21 -31.07 -17.86
CA HIS A 140 -20.11 -31.48 -19.26
C HIS A 140 -18.82 -32.26 -19.51
N MET A 1 2.45 25.90 5.97
CA MET A 1 3.58 26.22 5.06
C MET A 1 4.85 25.46 5.44
N ASP A 2 4.96 25.12 6.73
CA ASP A 2 6.12 24.39 7.22
C ASP A 2 5.74 23.47 8.38
N LYS A 3 6.42 22.34 8.47
CA LYS A 3 6.15 21.36 9.53
C LYS A 3 4.81 20.67 9.33
N THR A 4 3.74 21.47 9.39
CA THR A 4 2.38 20.96 9.22
C THR A 4 2.29 19.96 8.07
N ASN A 5 3.13 20.13 7.06
CA ASN A 5 3.11 19.24 5.90
C ASN A 5 3.24 17.78 6.32
N LEU A 6 4.23 17.46 7.13
CA LEU A 6 4.39 16.10 7.61
C LEU A 6 3.51 15.90 8.82
N GLY A 7 3.46 16.93 9.68
CA GLY A 7 2.61 16.89 10.85
C GLY A 7 1.18 16.58 10.50
N GLU A 8 0.80 16.88 9.25
CA GLU A 8 -0.54 16.62 8.77
C GLU A 8 -0.62 15.23 8.16
N LEU A 9 0.53 14.66 7.82
CA LEU A 9 0.59 13.33 7.23
C LEU A 9 0.94 12.28 8.29
N ILE A 10 1.61 12.72 9.36
CA ILE A 10 1.98 11.80 10.42
C ILE A 10 0.81 11.58 11.37
N ASN A 11 0.17 12.67 11.78
CA ASN A 11 -0.98 12.60 12.67
C ASN A 11 -1.85 11.41 12.32
N GLN A 12 -2.08 11.25 11.02
CA GLN A 12 -2.88 10.14 10.51
C GLN A 12 -2.00 8.95 10.13
N GLY A 13 -0.74 9.24 9.78
CA GLY A 13 0.18 8.18 9.40
C GLY A 13 0.38 7.16 10.49
N LYS A 14 0.98 7.59 11.60
CA LYS A 14 1.22 6.71 12.73
C LYS A 14 -0.07 6.09 13.23
N SER A 15 -1.21 6.66 12.82
CA SER A 15 -2.51 6.16 13.22
C SER A 15 -2.90 4.97 12.34
N LEU A 16 -2.59 5.06 11.05
CA LEU A 16 -2.90 3.99 10.12
C LEU A 16 -1.89 2.87 10.24
N LEU A 17 -0.62 3.22 10.36
CA LEU A 17 0.43 2.22 10.52
C LEU A 17 0.05 1.28 11.66
N ASP A 18 -0.52 1.87 12.71
CA ASP A 18 -0.95 1.10 13.87
C ASP A 18 -2.26 0.36 13.59
N GLU A 19 -3.04 0.86 12.64
CA GLU A 19 -4.32 0.24 12.29
C GLU A 19 -4.16 -0.71 11.10
N SER A 20 -3.84 -0.15 9.93
CA SER A 20 -3.65 -0.94 8.72
C SER A 20 -2.62 -2.02 8.98
N VAL A 21 -3.10 -3.19 9.34
CA VAL A 21 -2.21 -4.30 9.64
C VAL A 21 -1.97 -5.17 8.42
N GLU A 22 -0.78 -5.72 8.32
CA GLU A 22 -0.43 -6.58 7.21
C GLU A 22 -1.06 -7.97 7.42
N GLY A 23 -2.06 -8.29 6.62
CA GLY A 23 -2.73 -9.57 6.75
C GLY A 23 -2.74 -10.37 5.46
N PHE A 24 -3.83 -10.27 4.69
CA PHE A 24 -3.95 -11.00 3.44
C PHE A 24 -5.32 -10.77 2.80
N ASN A 25 -5.85 -9.56 2.92
CA ASN A 25 -7.16 -9.24 2.35
C ASN A 25 -7.54 -7.78 2.60
N VAL A 26 -8.66 -7.35 2.05
CA VAL A 26 -9.13 -5.98 2.21
C VAL A 26 -9.12 -5.59 3.69
N GLY A 27 -8.37 -4.53 4.00
CA GLY A 27 -8.27 -4.09 5.39
C GLY A 27 -6.90 -4.36 5.96
N GLU A 28 -6.23 -5.37 5.40
CA GLU A 28 -4.89 -5.75 5.82
C GLU A 28 -4.00 -5.94 4.61
N TYR A 29 -2.76 -5.47 4.70
CA TYR A 29 -1.83 -5.59 3.58
C TYR A 29 -0.89 -6.77 3.74
N HIS A 30 -0.03 -6.99 2.74
CA HIS A 30 0.90 -8.11 2.80
C HIS A 30 2.15 -7.78 3.61
N LYS A 31 2.97 -6.87 3.08
CA LYS A 31 4.20 -6.46 3.76
C LYS A 31 4.86 -5.28 3.06
N GLY A 32 5.47 -4.41 3.83
CA GLY A 32 6.14 -3.25 3.27
C GLY A 32 5.52 -1.93 3.70
N ALA A 33 4.24 -1.97 4.07
CA ALA A 33 3.53 -0.77 4.51
C ALA A 33 4.06 -0.27 5.84
N LYS A 34 3.87 -1.07 6.90
CA LYS A 34 4.32 -0.70 8.24
C LYS A 34 5.69 -0.01 8.25
N ASP A 35 6.52 -0.31 7.25
CA ASP A 35 7.86 0.29 7.19
C ASP A 35 7.87 1.54 6.30
N GLY A 36 7.72 1.34 4.98
CA GLY A 36 7.72 2.44 4.03
C GLY A 36 7.15 3.72 4.61
N LEU A 37 5.83 3.80 4.69
CA LEU A 37 5.17 4.97 5.23
C LEU A 37 5.85 5.44 6.52
N THR A 38 6.11 4.50 7.42
CA THR A 38 6.74 4.82 8.69
C THR A 38 8.20 5.23 8.51
N VAL A 39 8.82 4.77 7.42
CA VAL A 39 10.21 5.10 7.15
C VAL A 39 10.33 6.57 6.80
N GLU A 40 9.27 7.11 6.23
CA GLU A 40 9.20 8.51 5.89
C GLU A 40 8.59 9.25 7.07
N ILE A 41 7.85 8.50 7.90
CA ILE A 41 7.22 9.02 9.09
C ILE A 41 8.25 9.16 10.20
N ASN A 42 9.00 8.08 10.44
CA ASN A 42 10.04 8.12 11.46
C ASN A 42 10.91 9.33 11.19
N LYS A 43 11.29 9.48 9.93
CA LYS A 43 12.10 10.61 9.51
C LYS A 43 11.30 11.92 9.53
N ALA A 44 9.97 11.81 9.41
CA ALA A 44 9.10 12.99 9.41
C ALA A 44 8.79 13.45 10.84
N GLU A 45 8.25 12.55 11.66
CA GLU A 45 7.93 12.89 13.05
C GLU A 45 9.09 13.62 13.69
N GLU A 46 10.29 13.08 13.50
CA GLU A 46 11.49 13.72 14.03
C GLU A 46 11.56 15.15 13.52
N VAL A 47 11.11 15.34 12.28
CA VAL A 47 11.09 16.66 11.66
C VAL A 47 9.95 17.49 12.23
N PHE A 48 8.76 16.90 12.30
CA PHE A 48 7.60 17.61 12.84
C PHE A 48 7.95 18.20 14.21
N ASN A 49 8.85 17.52 14.92
CA ASN A 49 9.29 17.97 16.22
C ASN A 49 10.74 18.46 16.20
N LYS A 50 11.39 18.32 15.04
CA LYS A 50 12.79 18.74 14.90
C LYS A 50 12.93 20.26 14.97
N GLU A 51 14.16 20.72 15.23
CA GLU A 51 14.45 22.15 15.30
C GLU A 51 14.89 22.65 13.94
N ASP A 52 15.71 21.87 13.25
CA ASP A 52 16.13 22.24 11.92
C ASP A 52 15.07 21.82 10.92
N ALA A 53 13.88 21.53 11.42
CA ALA A 53 12.75 21.16 10.58
C ALA A 53 12.23 22.41 9.90
N THR A 54 13.17 23.19 9.40
CA THR A 54 12.90 24.44 8.73
C THR A 54 12.75 24.22 7.23
N GLU A 55 13.46 24.99 6.46
CA GLU A 55 13.39 24.90 5.00
C GLU A 55 14.17 23.69 4.47
N GLU A 56 14.96 23.06 5.33
CA GLU A 56 15.78 21.92 4.93
C GLU A 56 15.11 20.57 5.25
N GLU A 57 14.83 20.33 6.53
CA GLU A 57 14.25 19.06 6.95
C GLU A 57 12.80 18.87 6.50
N ILE A 58 11.97 19.91 6.59
CA ILE A 58 10.56 19.80 6.19
C ILE A 58 10.44 19.18 4.81
N ASN A 59 10.97 19.88 3.82
CA ASN A 59 10.92 19.41 2.43
C ASN A 59 11.35 17.95 2.36
N LEU A 60 12.49 17.66 2.97
CA LEU A 60 13.01 16.30 2.99
C LEU A 60 12.04 15.36 3.71
N ALA A 61 11.30 15.90 4.68
CA ALA A 61 10.35 15.11 5.45
C ALA A 61 8.97 15.08 4.79
N LYS A 62 8.71 16.06 3.93
CA LYS A 62 7.42 16.16 3.25
C LYS A 62 7.39 15.33 1.96
N GLU A 63 8.42 15.50 1.14
CA GLU A 63 8.51 14.80 -0.15
C GLU A 63 8.42 13.29 0.02
N SER A 64 8.69 12.80 1.23
CA SER A 64 8.65 11.36 1.48
C SER A 64 7.31 10.93 2.06
N LEU A 65 6.74 11.73 2.95
CA LEU A 65 5.46 11.42 3.56
C LEU A 65 4.35 11.47 2.53
N GLU A 66 4.51 12.36 1.57
CA GLU A 66 3.53 12.51 0.49
C GLU A 66 3.42 11.19 -0.26
N GLY A 67 4.57 10.52 -0.40
CA GLY A 67 4.62 9.24 -1.07
C GLY A 67 4.87 8.10 -0.10
N ALA A 68 4.72 8.39 1.19
CA ALA A 68 4.92 7.40 2.24
C ALA A 68 3.58 6.79 2.64
N ILE A 69 2.67 7.64 3.12
CA ILE A 69 1.34 7.18 3.50
C ILE A 69 0.64 6.68 2.28
N ALA A 70 0.81 7.44 1.20
CA ALA A 70 0.21 7.12 -0.08
C ALA A 70 0.41 5.64 -0.40
N ARG A 71 1.48 5.06 0.11
CA ARG A 71 1.78 3.65 -0.11
C ARG A 71 0.87 2.79 0.76
N PHE A 72 1.06 2.87 2.07
CA PHE A 72 0.25 2.12 3.02
C PHE A 72 -1.23 2.20 2.71
N ASN A 73 -1.71 3.42 2.45
CA ASN A 73 -3.12 3.66 2.14
C ASN A 73 -3.65 2.62 1.14
N SER A 74 -2.87 2.36 0.11
CA SER A 74 -3.26 1.41 -0.92
C SER A 74 -2.45 0.12 -0.82
N LEU A 75 -2.24 -0.36 0.41
CA LEU A 75 -1.46 -1.59 0.62
C LEU A 75 -2.32 -2.69 1.23
N LEU A 76 -3.32 -2.31 2.02
CA LEU A 76 -4.22 -3.27 2.67
C LEU A 76 -5.18 -3.85 1.65
N ILE A 77 -4.63 -4.34 0.54
CA ILE A 77 -5.46 -4.90 -0.52
C ILE A 77 -6.50 -3.89 -0.88
N GLU A 78 -6.02 -2.72 -1.33
CA GLU A 78 -6.89 -1.62 -1.71
C GLU A 78 -8.33 -2.07 -1.83
N GLU A 79 -9.17 -1.46 -1.02
CA GLU A 79 -10.59 -1.78 -0.96
C GLU A 79 -11.16 -2.19 -2.33
N SER A 80 -10.53 -1.72 -3.42
CA SER A 80 -11.00 -2.08 -4.75
C SER A 80 -9.83 -2.35 -5.72
N THR A 81 -8.78 -3.03 -5.26
CA THR A 81 -7.65 -3.32 -6.13
C THR A 81 -7.82 -4.64 -6.88
N GLY A 82 -8.87 -5.39 -6.54
CA GLY A 82 -9.12 -6.66 -7.21
C GLY A 82 -9.08 -6.53 -8.71
N ASP A 83 -9.48 -5.35 -9.21
CA ASP A 83 -9.48 -5.09 -10.63
C ASP A 83 -8.10 -4.63 -11.10
N PHE A 84 -7.25 -5.60 -11.42
CA PHE A 84 -5.90 -5.31 -11.88
C PHE A 84 -5.93 -4.72 -13.28
N ASN A 85 -6.38 -5.52 -14.23
CA ASN A 85 -6.47 -5.10 -15.62
C ASN A 85 -7.45 -3.94 -15.79
N GLY A 86 -8.31 -3.74 -14.79
CA GLY A 86 -9.29 -2.67 -14.85
C GLY A 86 -10.49 -3.03 -15.70
N ASN A 87 -10.47 -4.23 -16.31
CA ASN A 87 -11.58 -4.67 -17.14
C ASN A 87 -12.87 -4.79 -16.33
N GLY A 88 -12.72 -4.97 -15.02
CA GLY A 88 -13.88 -5.10 -14.16
C GLY A 88 -14.22 -6.54 -13.84
N LYS A 89 -13.24 -7.43 -14.00
CA LYS A 89 -13.46 -8.85 -13.73
C LYS A 89 -12.24 -9.44 -13.02
N ILE A 90 -12.45 -9.89 -11.79
CA ILE A 90 -11.37 -10.48 -11.00
C ILE A 90 -11.45 -12.00 -11.01
N ASP A 91 -10.49 -12.63 -11.68
CA ASP A 91 -10.46 -14.09 -11.76
C ASP A 91 -9.28 -14.55 -12.61
N ILE A 92 -9.33 -14.23 -13.90
CA ILE A 92 -8.27 -14.60 -14.82
C ILE A 92 -7.11 -13.62 -14.75
N GLY A 93 -7.37 -12.45 -14.17
CA GLY A 93 -6.33 -11.45 -14.05
C GLY A 93 -5.31 -11.79 -12.97
N ASP A 94 -5.45 -12.96 -12.37
CA ASP A 94 -4.55 -13.39 -11.31
C ASP A 94 -3.45 -14.30 -11.85
N LEU A 95 -3.86 -15.32 -12.61
CA LEU A 95 -2.92 -16.26 -13.19
C LEU A 95 -2.54 -15.90 -14.63
N ALA A 96 -2.58 -14.60 -14.94
CA ALA A 96 -2.25 -14.14 -16.27
C ALA A 96 -1.84 -12.67 -16.28
N MET A 97 -2.47 -11.87 -15.43
CA MET A 97 -2.18 -10.44 -15.35
C MET A 97 -1.04 -10.16 -14.39
N VAL A 98 -1.33 -10.25 -13.09
CA VAL A 98 -0.36 -9.97 -12.05
C VAL A 98 0.89 -10.87 -12.15
N SER A 99 0.74 -12.17 -11.97
CA SER A 99 1.88 -13.08 -12.02
C SER A 99 2.74 -12.87 -13.27
N LYS A 100 2.23 -12.13 -14.25
CA LYS A 100 2.97 -11.88 -15.48
C LYS A 100 4.22 -11.06 -15.27
N ASN A 101 4.07 -9.82 -14.80
CA ASN A 101 5.23 -8.97 -14.58
C ASN A 101 5.99 -9.42 -13.35
N ILE A 102 5.26 -9.56 -12.25
CA ILE A 102 5.82 -9.97 -10.98
C ILE A 102 7.18 -9.32 -10.74
N GLY A 103 7.15 -8.26 -9.96
CA GLY A 103 8.35 -7.53 -9.63
C GLY A 103 8.51 -6.26 -10.44
N SER A 104 7.57 -6.00 -11.34
CA SER A 104 7.61 -4.81 -12.18
C SER A 104 7.02 -3.61 -11.44
N THR A 105 7.64 -2.46 -11.60
CA THR A 105 7.18 -1.23 -10.95
C THR A 105 6.19 -0.49 -11.83
N THR A 106 6.29 -0.69 -13.13
CA THR A 106 5.40 -0.04 -14.09
C THR A 106 3.94 -0.34 -13.76
N ASN A 107 3.69 -1.56 -13.29
CA ASN A 107 2.34 -1.99 -12.93
C ASN A 107 2.00 -1.54 -11.51
N THR A 108 1.16 -0.53 -11.40
CA THR A 108 0.77 0.00 -10.09
C THR A 108 -0.53 -0.64 -9.58
N SER A 109 -1.62 -0.38 -10.28
CA SER A 109 -2.93 -0.91 -9.91
C SER A 109 -2.92 -2.43 -9.85
N LEU A 110 -1.93 -3.04 -10.50
CA LEU A 110 -1.82 -4.49 -10.53
C LEU A 110 -1.26 -5.04 -9.22
N ASP A 111 -0.92 -4.15 -8.29
CA ASP A 111 -0.38 -4.55 -7.02
C ASP A 111 -1.32 -4.10 -5.92
N LEU A 112 -1.96 -5.06 -5.27
CA LEU A 112 -2.87 -4.74 -4.17
C LEU A 112 -2.14 -3.87 -3.14
N ASN A 113 -0.81 -3.81 -3.28
CA ASN A 113 0.04 -3.05 -2.40
C ASN A 113 0.67 -1.85 -3.11
N LYS A 114 0.61 -1.85 -4.43
CA LYS A 114 1.21 -0.79 -5.24
C LYS A 114 2.60 -0.46 -4.71
N ASP A 115 3.34 -1.50 -4.34
CA ASP A 115 4.69 -1.33 -3.81
C ASP A 115 5.72 -1.19 -4.93
N GLY A 116 5.27 -1.24 -6.17
CA GLY A 116 6.18 -1.10 -7.30
C GLY A 116 6.83 -2.41 -7.71
N SER A 117 6.06 -3.49 -7.57
CA SER A 117 6.56 -4.82 -7.93
C SER A 117 5.46 -5.84 -7.74
N ILE A 118 5.04 -6.45 -8.83
CA ILE A 118 4.02 -7.46 -8.76
C ILE A 118 4.56 -8.66 -8.00
N ASP A 119 4.11 -8.80 -6.78
CA ASP A 119 4.58 -9.88 -5.92
C ASP A 119 3.44 -10.59 -5.21
N GLU A 120 3.70 -11.06 -4.00
CA GLU A 120 2.70 -11.78 -3.21
C GLU A 120 1.57 -10.85 -2.76
N TYR A 121 1.93 -9.62 -2.41
CA TYR A 121 0.96 -8.64 -1.95
C TYR A 121 -0.17 -8.44 -2.96
N GLU A 122 0.07 -8.80 -4.22
CA GLU A 122 -0.95 -8.64 -5.26
C GLU A 122 -1.80 -9.90 -5.44
N ILE A 123 -1.26 -11.03 -5.03
CA ILE A 123 -1.97 -12.30 -5.14
C ILE A 123 -2.69 -12.63 -3.84
N SER A 124 -2.09 -12.23 -2.72
CA SER A 124 -2.65 -12.49 -1.40
C SER A 124 -4.18 -12.44 -1.38
N PHE A 125 -4.76 -11.58 -2.20
CA PHE A 125 -6.22 -11.44 -2.27
C PHE A 125 -6.81 -12.36 -3.32
N ILE A 126 -6.63 -11.98 -4.59
CA ILE A 126 -7.18 -12.76 -5.70
C ILE A 126 -6.74 -14.23 -5.64
N ASN A 127 -5.48 -14.47 -5.33
CA ASN A 127 -4.96 -15.84 -5.24
C ASN A 127 -5.89 -16.72 -4.40
N HIS A 128 -6.37 -16.17 -3.29
CA HIS A 128 -7.27 -16.91 -2.41
C HIS A 128 -8.73 -16.63 -2.76
N ARG A 129 -9.07 -15.36 -2.91
CA ARG A 129 -10.44 -14.97 -3.23
C ARG A 129 -10.98 -15.80 -4.39
N ILE A 130 -10.08 -16.24 -5.27
CA ILE A 130 -10.46 -17.06 -6.41
C ILE A 130 -11.18 -18.32 -5.96
N LEU A 131 -10.44 -19.22 -5.32
CA LEU A 131 -11.00 -20.47 -4.83
C LEU A 131 -12.08 -20.21 -3.78
N ASN A 132 -11.92 -19.12 -3.04
CA ASN A 132 -12.87 -18.76 -2.00
C ASN A 132 -14.15 -18.19 -2.60
N LEU A 133 -14.85 -19.02 -3.37
CA LEU A 133 -16.10 -18.60 -4.01
C LEU A 133 -17.17 -19.68 -3.88
N GLU A 134 -17.10 -20.44 -2.80
CA GLU A 134 -18.06 -21.52 -2.56
C GLU A 134 -19.19 -21.05 -1.65
N HIS A 135 -20.19 -21.90 -1.46
CA HIS A 135 -21.33 -21.57 -0.61
C HIS A 135 -21.19 -22.24 0.75
N HIS A 136 -20.68 -23.46 0.76
CA HIS A 136 -20.49 -24.21 2.00
C HIS A 136 -19.53 -23.48 2.94
N HIS A 137 -19.44 -23.97 4.17
CA HIS A 137 -18.56 -23.36 5.17
C HIS A 137 -17.51 -24.36 5.64
N HIS A 138 -16.25 -23.91 5.70
CA HIS A 138 -15.16 -24.76 6.13
C HIS A 138 -14.10 -23.95 6.88
N HIS A 139 -12.96 -24.57 7.14
CA HIS A 139 -11.86 -23.92 7.84
C HIS A 139 -10.63 -24.81 7.91
N HIS A 140 -9.51 -24.30 7.43
CA HIS A 140 -8.26 -25.06 7.43
C HIS A 140 -7.75 -25.26 8.85
N MET A 1 1.81 28.73 12.91
CA MET A 1 2.26 27.46 13.55
C MET A 1 2.95 26.56 12.52
N ASP A 2 4.28 26.63 12.46
CA ASP A 2 5.05 25.83 11.53
C ASP A 2 4.83 24.34 11.79
N LYS A 3 5.59 23.50 11.09
CA LYS A 3 5.48 22.06 11.25
C LYS A 3 4.08 21.57 10.90
N THR A 4 3.45 22.25 9.93
CA THR A 4 2.11 21.88 9.51
C THR A 4 2.12 20.59 8.72
N ASN A 5 2.79 20.61 7.57
CA ASN A 5 2.88 19.44 6.70
C ASN A 5 3.22 18.18 7.49
N LEU A 6 4.14 18.33 8.45
CA LEU A 6 4.55 17.21 9.27
C LEU A 6 3.42 16.77 10.20
N GLY A 7 3.11 17.61 11.17
CA GLY A 7 2.04 17.29 12.11
C GLY A 7 0.72 17.01 11.42
N GLU A 8 0.57 17.47 10.19
CA GLU A 8 -0.66 17.26 9.45
C GLU A 8 -0.60 16.02 8.56
N LEU A 9 0.62 15.59 8.21
CA LEU A 9 0.77 14.42 7.37
C LEU A 9 1.14 13.19 8.20
N ILE A 10 1.76 13.44 9.35
CA ILE A 10 2.17 12.35 10.22
C ILE A 10 1.02 11.83 11.07
N ASN A 11 0.16 12.74 11.54
CA ASN A 11 -0.99 12.33 12.35
C ASN A 11 -1.70 11.17 11.69
N GLN A 12 -1.85 11.26 10.37
CA GLN A 12 -2.49 10.21 9.59
C GLN A 12 -1.49 9.11 9.24
N GLY A 13 -0.23 9.50 9.12
CA GLY A 13 0.81 8.53 8.79
C GLY A 13 0.90 7.42 9.82
N LYS A 14 1.30 7.78 11.04
CA LYS A 14 1.41 6.80 12.12
C LYS A 14 0.05 6.17 12.39
N SER A 15 -1.01 6.91 12.06
CA SER A 15 -2.36 6.42 12.24
C SER A 15 -2.71 5.41 11.15
N LEU A 16 -2.01 5.53 10.01
CA LEU A 16 -2.21 4.63 8.89
C LEU A 16 -1.59 3.28 9.22
N LEU A 17 -0.27 3.30 9.44
CA LEU A 17 0.47 2.10 9.78
C LEU A 17 -0.10 1.44 11.03
N ASP A 18 -0.78 2.23 11.85
CA ASP A 18 -1.39 1.72 13.07
C ASP A 18 -2.72 1.03 12.79
N GLU A 19 -3.35 1.38 11.67
CA GLU A 19 -4.63 0.80 11.29
C GLU A 19 -4.45 -0.24 10.18
N SER A 20 -3.43 -0.05 9.36
CA SER A 20 -3.13 -0.97 8.26
C SER A 20 -2.01 -1.91 8.65
N VAL A 21 -2.35 -3.17 8.81
CA VAL A 21 -1.37 -4.16 9.17
C VAL A 21 -1.10 -5.09 8.01
N GLU A 22 0.13 -5.58 7.95
CA GLU A 22 0.50 -6.48 6.87
C GLU A 22 -0.08 -7.87 7.11
N GLY A 23 -1.06 -8.24 6.30
CA GLY A 23 -1.69 -9.55 6.42
C GLY A 23 -1.78 -10.27 5.09
N PHE A 24 -2.86 -10.02 4.35
CA PHE A 24 -3.07 -10.66 3.05
C PHE A 24 -4.50 -10.47 2.55
N ASN A 25 -5.02 -9.25 2.66
CA ASN A 25 -6.37 -8.96 2.21
C ASN A 25 -6.73 -7.50 2.45
N VAL A 26 -7.88 -7.07 1.94
CA VAL A 26 -8.34 -5.69 2.11
C VAL A 26 -8.21 -5.25 3.56
N GLY A 27 -7.50 -4.16 3.79
CA GLY A 27 -7.30 -3.67 5.14
C GLY A 27 -5.93 -4.03 5.68
N GLU A 28 -5.31 -5.04 5.08
CA GLU A 28 -3.99 -5.48 5.49
C GLU A 28 -3.13 -5.73 4.26
N TYR A 29 -1.90 -5.23 4.29
CA TYR A 29 -1.00 -5.39 3.16
C TYR A 29 -0.13 -6.63 3.30
N HIS A 30 0.68 -6.91 2.28
CA HIS A 30 1.54 -8.08 2.31
C HIS A 30 2.81 -7.83 3.13
N LYS A 31 3.71 -7.01 2.62
CA LYS A 31 4.95 -6.70 3.31
C LYS A 31 5.71 -5.56 2.64
N GLY A 32 6.38 -4.74 3.45
CA GLY A 32 7.14 -3.62 2.92
C GLY A 32 6.40 -2.30 3.03
N ALA A 33 5.08 -2.35 3.12
CA ALA A 33 4.27 -1.15 3.22
C ALA A 33 4.67 -0.31 4.44
N LYS A 34 4.42 -0.85 5.64
CA LYS A 34 4.72 -0.16 6.90
C LYS A 34 5.99 0.70 6.80
N ASP A 35 7.14 0.03 6.66
CA ASP A 35 8.43 0.71 6.57
C ASP A 35 8.35 2.05 5.84
N GLY A 36 8.09 2.01 4.54
CA GLY A 36 7.99 3.22 3.74
C GLY A 36 7.34 4.37 4.49
N LEU A 37 6.02 4.31 4.63
CA LEU A 37 5.28 5.35 5.34
C LEU A 37 5.89 5.61 6.71
N THR A 38 6.17 4.56 7.46
CA THR A 38 6.75 4.71 8.78
C THR A 38 8.12 5.36 8.71
N VAL A 39 8.91 4.94 7.74
CA VAL A 39 10.25 5.47 7.54
C VAL A 39 10.20 6.99 7.45
N GLU A 40 9.18 7.50 6.78
CA GLU A 40 9.00 8.95 6.68
C GLU A 40 8.43 9.45 8.01
N ILE A 41 7.72 8.57 8.72
CA ILE A 41 7.16 8.92 10.03
C ILE A 41 8.30 9.06 11.01
N ASN A 42 9.04 7.96 11.22
CA ASN A 42 10.19 7.97 12.11
C ASN A 42 11.04 9.19 11.80
N LYS A 43 11.19 9.47 10.52
CA LYS A 43 11.98 10.60 10.05
C LYS A 43 11.18 11.91 10.13
N ALA A 44 9.85 11.82 10.07
CA ALA A 44 8.99 13.01 10.12
C ALA A 44 8.78 13.48 11.55
N GLU A 45 8.24 12.60 12.39
CA GLU A 45 7.99 12.93 13.78
C GLU A 45 9.21 13.58 14.42
N GLU A 46 10.38 12.99 14.15
CA GLU A 46 11.63 13.52 14.66
C GLU A 46 11.80 14.96 14.23
N VAL A 47 11.13 15.32 13.12
CA VAL A 47 11.18 16.68 12.60
C VAL A 47 9.98 17.47 13.11
N PHE A 48 8.82 16.83 13.13
CA PHE A 48 7.60 17.47 13.58
C PHE A 48 7.82 18.14 14.94
N ASN A 49 8.44 17.40 15.85
CA ASN A 49 8.72 17.92 17.18
C ASN A 49 10.13 18.51 17.24
N LYS A 50 10.75 18.71 16.09
CA LYS A 50 12.11 19.25 16.04
C LYS A 50 12.11 20.77 15.99
N GLU A 51 13.26 21.36 16.31
CA GLU A 51 13.40 22.81 16.29
C GLU A 51 13.85 23.28 14.93
N ASP A 52 14.61 22.44 14.22
CA ASP A 52 15.03 22.80 12.88
C ASP A 52 13.98 22.36 11.87
N ALA A 53 12.77 22.08 12.37
CA ALA A 53 11.68 21.73 11.50
C ALA A 53 11.17 23.00 10.86
N THR A 54 12.12 23.75 10.34
CA THR A 54 11.86 25.03 9.70
C THR A 54 11.65 24.85 8.21
N GLU A 55 12.38 25.60 7.44
CA GLU A 55 12.26 25.55 5.98
C GLU A 55 13.19 24.50 5.36
N GLU A 56 14.14 24.00 6.14
CA GLU A 56 15.09 23.01 5.64
C GLU A 56 14.68 21.56 5.97
N GLU A 57 14.36 21.31 7.24
CA GLU A 57 14.03 19.95 7.68
C GLU A 57 12.60 19.52 7.32
N ILE A 58 11.64 20.43 7.39
CA ILE A 58 10.25 20.08 7.09
C ILE A 58 10.12 19.51 5.68
N ASN A 59 10.34 20.35 4.68
CA ASN A 59 10.25 19.90 3.28
C ASN A 59 11.04 18.61 3.12
N LEU A 60 12.19 18.57 3.78
CA LEU A 60 13.05 17.40 3.74
C LEU A 60 12.37 16.20 4.40
N ALA A 61 11.61 16.47 5.47
CA ALA A 61 10.90 15.42 6.19
C ALA A 61 9.53 15.13 5.57
N LYS A 62 9.03 16.06 4.77
CA LYS A 62 7.71 15.91 4.13
C LYS A 62 7.82 15.20 2.78
N GLU A 63 9.00 15.27 2.15
CA GLU A 63 9.22 14.65 0.85
C GLU A 63 8.64 13.23 0.81
N SER A 64 8.98 12.43 1.80
CA SER A 64 8.49 11.05 1.87
C SER A 64 7.25 10.95 2.76
N LEU A 65 6.94 12.00 3.48
CA LEU A 65 5.80 12.01 4.36
C LEU A 65 4.51 11.99 3.56
N GLU A 66 4.49 12.78 2.49
CA GLU A 66 3.33 12.85 1.63
C GLU A 66 3.45 11.91 0.44
N GLY A 67 4.69 11.59 0.06
CA GLY A 67 4.91 10.72 -1.08
C GLY A 67 4.91 9.24 -0.71
N ALA A 68 5.12 8.93 0.57
CA ALA A 68 5.14 7.55 1.00
C ALA A 68 3.77 7.07 1.46
N ILE A 69 3.01 7.95 2.12
CA ILE A 69 1.67 7.60 2.57
C ILE A 69 0.86 7.25 1.37
N ALA A 70 1.03 8.07 0.34
CA ALA A 70 0.35 7.87 -0.91
C ALA A 70 0.52 6.43 -1.39
N ARG A 71 1.63 5.81 -0.95
CA ARG A 71 1.92 4.44 -1.30
C ARG A 71 1.31 3.50 -0.26
N PHE A 72 1.71 3.65 1.01
CA PHE A 72 1.20 2.81 2.08
C PHE A 72 -0.32 2.73 2.05
N ASN A 73 -0.96 3.85 1.71
CA ASN A 73 -2.42 3.91 1.63
C ASN A 73 -2.95 2.85 0.69
N SER A 74 -2.19 2.59 -0.37
CA SER A 74 -2.58 1.60 -1.37
C SER A 74 -1.71 0.34 -1.27
N LEU A 75 -1.40 -0.06 -0.04
CA LEU A 75 -0.57 -1.24 0.19
C LEU A 75 -1.38 -2.38 0.81
N LEU A 76 -2.35 -2.00 1.65
CA LEU A 76 -3.22 -2.96 2.33
C LEU A 76 -4.25 -3.55 1.38
N ILE A 77 -3.79 -4.06 0.26
CA ILE A 77 -4.69 -4.62 -0.74
C ILE A 77 -5.76 -3.61 -1.05
N GLU A 78 -5.31 -2.47 -1.57
CA GLU A 78 -6.19 -1.37 -1.91
C GLU A 78 -7.63 -1.82 -1.91
N GLU A 79 -8.40 -1.18 -1.05
CA GLU A 79 -9.82 -1.49 -0.87
C GLU A 79 -10.50 -1.92 -2.18
N SER A 80 -9.96 -1.50 -3.32
CA SER A 80 -10.52 -1.87 -4.61
C SER A 80 -9.44 -2.19 -5.66
N THR A 81 -8.37 -2.90 -5.26
CA THR A 81 -7.31 -3.24 -6.21
C THR A 81 -7.59 -4.56 -6.92
N GLY A 82 -8.60 -5.29 -6.46
CA GLY A 82 -8.94 -6.55 -7.08
C GLY A 82 -9.04 -6.46 -8.59
N ASP A 83 -9.35 -5.27 -9.09
CA ASP A 83 -9.48 -5.05 -10.52
C ASP A 83 -8.10 -4.84 -11.17
N PHE A 84 -7.38 -5.94 -11.36
CA PHE A 84 -6.06 -5.89 -11.97
C PHE A 84 -6.14 -5.48 -13.43
N ASN A 85 -6.86 -6.26 -14.22
CA ASN A 85 -7.02 -5.98 -15.63
C ASN A 85 -7.72 -4.64 -15.83
N GLY A 86 -8.52 -4.26 -14.84
CA GLY A 86 -9.25 -3.01 -14.93
C GLY A 86 -10.54 -3.16 -15.71
N ASN A 87 -10.73 -4.33 -16.31
CA ASN A 87 -11.93 -4.60 -17.09
C ASN A 87 -13.17 -4.62 -16.21
N GLY A 88 -12.98 -4.89 -14.92
CA GLY A 88 -14.10 -4.92 -14.00
C GLY A 88 -14.57 -6.32 -13.68
N LYS A 89 -13.62 -7.23 -13.47
CA LYS A 89 -13.94 -8.62 -13.17
C LYS A 89 -12.77 -9.31 -12.47
N ILE A 90 -12.97 -9.71 -11.22
CA ILE A 90 -11.93 -10.37 -10.45
C ILE A 90 -12.15 -11.88 -10.42
N ASP A 91 -11.25 -12.62 -11.04
CA ASP A 91 -11.34 -14.07 -11.08
C ASP A 91 -10.23 -14.67 -11.94
N ILE A 92 -10.32 -14.45 -13.24
CA ILE A 92 -9.33 -14.97 -14.17
C ILE A 92 -8.10 -14.06 -14.22
N GLY A 93 -8.22 -12.86 -13.65
CA GLY A 93 -7.12 -11.94 -13.64
C GLY A 93 -6.03 -12.32 -12.66
N ASP A 94 -6.21 -13.46 -11.98
CA ASP A 94 -5.24 -13.92 -11.00
C ASP A 94 -4.32 -14.96 -11.61
N LEU A 95 -4.91 -15.95 -12.28
CA LEU A 95 -4.14 -17.03 -12.90
C LEU A 95 -3.81 -16.71 -14.36
N ALA A 96 -3.68 -15.43 -14.68
CA ALA A 96 -3.37 -15.03 -16.05
C ALA A 96 -2.87 -13.59 -16.13
N MET A 97 -3.38 -12.73 -15.26
CA MET A 97 -2.99 -11.32 -15.25
C MET A 97 -1.77 -11.06 -14.35
N VAL A 98 -1.98 -11.14 -13.05
CA VAL A 98 -0.92 -10.88 -12.08
C VAL A 98 0.26 -11.84 -12.22
N SER A 99 0.01 -13.15 -12.08
CA SER A 99 1.08 -14.13 -12.15
C SER A 99 1.84 -14.08 -13.47
N LYS A 100 1.38 -13.28 -14.43
CA LYS A 100 2.05 -13.21 -15.73
C LYS A 100 3.26 -12.29 -15.71
N ASN A 101 3.13 -11.14 -15.08
CA ASN A 101 4.24 -10.21 -15.00
C ASN A 101 5.14 -10.61 -13.85
N ILE A 102 4.54 -10.71 -12.67
CA ILE A 102 5.23 -11.08 -11.45
C ILE A 102 6.63 -10.51 -11.40
N GLY A 103 6.74 -9.42 -10.67
CA GLY A 103 8.02 -8.74 -10.54
C GLY A 103 8.43 -8.03 -11.81
N SER A 104 7.44 -7.59 -12.58
CA SER A 104 7.69 -6.90 -13.84
C SER A 104 8.16 -5.47 -13.60
N THR A 105 7.75 -4.90 -12.47
CA THR A 105 8.11 -3.53 -12.12
C THR A 105 7.64 -2.54 -13.19
N THR A 106 6.59 -2.92 -13.91
CA THR A 106 6.03 -2.07 -14.96
C THR A 106 4.69 -1.48 -14.52
N ASN A 107 3.66 -2.31 -14.52
CA ASN A 107 2.33 -1.86 -14.12
C ASN A 107 2.11 -2.12 -12.64
N THR A 108 1.65 -1.09 -11.93
CA THR A 108 1.41 -1.20 -10.49
C THR A 108 -0.03 -1.61 -10.19
N SER A 109 -0.96 -1.17 -11.03
CA SER A 109 -2.37 -1.47 -10.84
C SER A 109 -2.60 -2.95 -10.53
N LEU A 110 -1.66 -3.80 -10.92
CA LEU A 110 -1.78 -5.22 -10.70
C LEU A 110 -1.19 -5.66 -9.36
N ASP A 111 -0.67 -4.71 -8.58
CA ASP A 111 -0.11 -5.02 -7.31
C ASP A 111 -0.98 -4.46 -6.21
N LEU A 112 -1.64 -5.36 -5.49
CA LEU A 112 -2.49 -4.93 -4.38
C LEU A 112 -1.66 -4.12 -3.38
N ASN A 113 -0.35 -4.14 -3.59
CA ASN A 113 0.61 -3.44 -2.74
C ASN A 113 1.28 -2.30 -3.49
N LYS A 114 1.23 -2.37 -4.82
CA LYS A 114 1.89 -1.38 -5.67
C LYS A 114 3.32 -1.13 -5.20
N ASP A 115 4.06 -2.22 -5.02
CA ASP A 115 5.44 -2.13 -4.58
C ASP A 115 6.39 -2.05 -5.78
N GLY A 116 5.87 -2.31 -6.98
CA GLY A 116 6.69 -2.26 -8.17
C GLY A 116 7.18 -3.63 -8.57
N SER A 117 6.36 -4.63 -8.30
CA SER A 117 6.69 -6.02 -8.60
C SER A 117 5.53 -6.92 -8.30
N ILE A 118 4.96 -7.49 -9.33
CA ILE A 118 3.86 -8.40 -9.16
C ILE A 118 4.34 -9.63 -8.42
N ASP A 119 3.99 -9.70 -7.17
CA ASP A 119 4.40 -10.81 -6.32
C ASP A 119 3.25 -11.36 -5.51
N GLU A 120 3.54 -11.85 -4.31
CA GLU A 120 2.50 -12.39 -3.44
C GLU A 120 1.52 -11.31 -3.01
N TYR A 121 2.06 -10.14 -2.69
CA TYR A 121 1.26 -9.00 -2.26
C TYR A 121 0.05 -8.80 -3.19
N GLU A 122 0.17 -9.20 -4.45
CA GLU A 122 -0.92 -9.03 -5.41
C GLU A 122 -1.83 -10.25 -5.48
N ILE A 123 -1.35 -11.37 -4.98
CA ILE A 123 -2.13 -12.60 -4.98
C ILE A 123 -2.90 -12.77 -3.68
N SER A 124 -2.35 -12.22 -2.60
CA SER A 124 -2.96 -12.32 -1.28
C SER A 124 -4.49 -12.14 -1.32
N PHE A 125 -4.98 -11.35 -2.26
CA PHE A 125 -6.42 -11.11 -2.38
C PHE A 125 -7.08 -12.09 -3.34
N ILE A 126 -6.86 -11.87 -4.65
CA ILE A 126 -7.45 -12.73 -5.68
C ILE A 126 -7.44 -14.21 -5.29
N ASN A 127 -6.26 -14.72 -4.94
CA ASN A 127 -6.14 -16.13 -4.54
C ASN A 127 -7.30 -16.56 -3.66
N HIS A 128 -7.82 -15.63 -2.86
CA HIS A 128 -8.93 -15.93 -1.97
C HIS A 128 -10.27 -15.58 -2.63
N ARG A 129 -10.37 -14.39 -3.18
CA ARG A 129 -11.60 -13.94 -3.85
C ARG A 129 -12.15 -15.02 -4.77
N ILE A 130 -11.25 -15.84 -5.30
CA ILE A 130 -11.64 -16.93 -6.20
C ILE A 130 -11.85 -18.23 -5.42
N LEU A 131 -10.99 -18.47 -4.43
CA LEU A 131 -11.07 -19.67 -3.62
C LEU A 131 -12.42 -19.75 -2.91
N ASN A 132 -12.85 -18.63 -2.33
CA ASN A 132 -14.12 -18.57 -1.62
C ASN A 132 -15.30 -18.69 -2.60
N LEU A 133 -15.51 -19.89 -3.11
CA LEU A 133 -16.60 -20.14 -4.06
C LEU A 133 -17.41 -21.36 -3.65
N GLU A 134 -16.78 -22.52 -3.66
CA GLU A 134 -17.44 -23.77 -3.28
C GLU A 134 -18.63 -24.05 -4.20
N HIS A 135 -18.37 -24.74 -5.30
CA HIS A 135 -19.41 -25.08 -6.26
C HIS A 135 -19.43 -26.58 -6.55
N HIS A 136 -18.25 -27.15 -6.76
CA HIS A 136 -18.13 -28.58 -7.05
C HIS A 136 -18.55 -29.41 -5.84
N HIS A 137 -19.85 -29.54 -5.63
CA HIS A 137 -20.37 -30.31 -4.51
C HIS A 137 -21.90 -30.36 -4.56
N HIS A 138 -22.52 -29.24 -4.89
CA HIS A 138 -23.97 -29.15 -4.98
C HIS A 138 -24.51 -30.12 -6.03
N HIS A 139 -25.82 -30.31 -6.02
CA HIS A 139 -26.47 -31.20 -6.98
C HIS A 139 -26.92 -30.45 -8.22
N HIS A 140 -26.69 -31.05 -9.38
CA HIS A 140 -27.07 -30.42 -10.64
C HIS A 140 -27.77 -31.43 -11.56
N MET A 1 3.72 29.03 10.46
CA MET A 1 3.99 28.12 11.60
C MET A 1 4.83 26.92 11.17
N ASP A 2 4.67 26.51 9.92
CA ASP A 2 5.40 25.37 9.38
C ASP A 2 5.10 24.11 10.17
N LYS A 3 5.77 23.01 9.81
CA LYS A 3 5.57 21.73 10.50
C LYS A 3 4.14 21.23 10.30
N THR A 4 3.52 21.65 9.20
CA THR A 4 2.15 21.25 8.90
C THR A 4 2.11 20.00 8.05
N ASN A 5 2.79 20.05 6.89
CA ASN A 5 2.82 18.91 5.98
C ASN A 5 3.18 17.62 6.69
N LEU A 6 4.12 17.69 7.63
CA LEU A 6 4.54 16.52 8.37
C LEU A 6 3.54 16.22 9.47
N GLY A 7 3.41 17.14 10.42
CA GLY A 7 2.46 16.96 11.51
C GLY A 7 1.09 16.57 11.00
N GLU A 8 0.81 16.91 9.75
CA GLU A 8 -0.49 16.59 9.15
C GLU A 8 -0.42 15.27 8.37
N LEU A 9 0.79 14.86 8.00
CA LEU A 9 0.97 13.62 7.26
C LEU A 9 1.42 12.50 8.18
N ILE A 10 1.97 12.88 9.33
CA ILE A 10 2.46 11.91 10.30
C ILE A 10 1.38 11.55 11.31
N ASN A 11 0.76 12.56 11.92
CA ASN A 11 -0.30 12.32 12.90
C ASN A 11 -1.17 11.15 12.48
N GLN A 12 -1.50 11.13 11.19
CA GLN A 12 -2.32 10.07 10.62
C GLN A 12 -1.44 8.93 10.11
N GLY A 13 -0.23 9.26 9.68
CA GLY A 13 0.68 8.26 9.17
C GLY A 13 1.06 7.22 10.22
N LYS A 14 1.73 7.67 11.28
CA LYS A 14 2.14 6.76 12.35
C LYS A 14 0.91 6.10 12.97
N SER A 15 -0.24 6.73 12.80
CA SER A 15 -1.50 6.20 13.31
C SER A 15 -2.06 5.19 12.31
N LEU A 16 -1.80 5.43 11.03
CA LEU A 16 -2.25 4.54 9.97
C LEU A 16 -1.53 3.21 10.09
N LEU A 17 -0.21 3.25 9.98
CA LEU A 17 0.61 2.08 10.09
C LEU A 17 0.21 1.27 11.33
N ASP A 18 -0.07 1.99 12.42
CA ASP A 18 -0.47 1.36 13.68
C ASP A 18 -1.97 1.14 13.77
N GLU A 19 -2.71 1.52 12.72
CA GLU A 19 -4.15 1.33 12.69
C GLU A 19 -4.47 0.19 11.76
N SER A 20 -3.74 0.16 10.65
CA SER A 20 -3.92 -0.86 9.67
C SER A 20 -3.46 -2.18 10.24
N VAL A 21 -3.45 -3.17 9.40
CA VAL A 21 -3.05 -4.51 9.79
C VAL A 21 -2.59 -5.34 8.60
N GLU A 22 -1.38 -5.87 8.68
CA GLU A 22 -0.86 -6.69 7.60
C GLU A 22 -1.45 -8.11 7.71
N GLY A 23 -2.33 -8.46 6.78
CA GLY A 23 -2.94 -9.77 6.79
C GLY A 23 -2.84 -10.46 5.45
N PHE A 24 -3.90 -10.36 4.66
CA PHE A 24 -3.93 -10.97 3.33
C PHE A 24 -5.32 -10.86 2.71
N ASN A 25 -5.96 -9.70 2.91
CA ASN A 25 -7.30 -9.48 2.37
C ASN A 25 -7.72 -8.02 2.54
N VAL A 26 -8.90 -7.69 2.01
CA VAL A 26 -9.43 -6.33 2.11
C VAL A 26 -9.41 -5.84 3.55
N GLY A 27 -8.65 -4.78 3.81
CA GLY A 27 -8.55 -4.24 5.14
C GLY A 27 -7.21 -4.56 5.78
N GLU A 28 -6.49 -5.52 5.21
CA GLU A 28 -5.19 -5.92 5.72
C GLU A 28 -4.21 -6.10 4.58
N TYR A 29 -3.02 -5.54 4.73
CA TYR A 29 -2.00 -5.63 3.70
C TYR A 29 -1.08 -6.83 3.94
N HIS A 30 -0.29 -7.19 2.94
CA HIS A 30 0.60 -8.33 3.09
C HIS A 30 1.90 -7.94 3.79
N LYS A 31 2.78 -7.26 3.07
CA LYS A 31 4.06 -6.83 3.63
C LYS A 31 4.61 -5.64 2.87
N GLY A 32 5.10 -4.65 3.61
CA GLY A 32 5.65 -3.46 2.99
C GLY A 32 5.07 -2.18 3.55
N ALA A 33 3.91 -2.29 4.20
CA ALA A 33 3.27 -1.11 4.77
C ALA A 33 3.94 -0.69 6.08
N LYS A 34 3.97 -1.60 7.06
CA LYS A 34 4.58 -1.32 8.36
C LYS A 34 5.94 -0.62 8.20
N ASP A 35 6.60 -0.83 7.07
CA ASP A 35 7.90 -0.20 6.85
C ASP A 35 7.76 1.09 6.07
N GLY A 36 7.44 0.99 4.78
CA GLY A 36 7.28 2.16 3.92
C GLY A 36 6.71 3.36 4.63
N LEU A 37 5.37 3.41 4.74
CA LEU A 37 4.69 4.52 5.41
C LEU A 37 5.45 4.96 6.67
N THR A 38 5.83 4.00 7.50
CA THR A 38 6.54 4.30 8.75
C THR A 38 7.94 4.84 8.49
N VAL A 39 8.67 4.18 7.60
CA VAL A 39 10.03 4.59 7.26
C VAL A 39 10.08 6.08 6.96
N GLU A 40 8.96 6.61 6.48
CA GLU A 40 8.86 8.02 6.19
C GLU A 40 8.40 8.75 7.45
N ILE A 41 7.58 8.05 8.25
CA ILE A 41 7.12 8.61 9.52
C ILE A 41 8.30 8.79 10.45
N ASN A 42 9.06 7.71 10.61
CA ASN A 42 10.26 7.74 11.44
C ASN A 42 11.14 8.89 10.96
N LYS A 43 11.36 8.93 9.65
CA LYS A 43 12.17 9.97 9.04
C LYS A 43 11.43 11.33 9.05
N ALA A 44 10.11 11.29 9.20
CA ALA A 44 9.30 12.51 9.23
C ALA A 44 9.28 13.12 10.62
N GLU A 45 8.81 12.34 11.59
CA GLU A 45 8.73 12.80 12.97
C GLU A 45 10.01 13.52 13.40
N GLU A 46 11.15 12.97 12.97
CA GLU A 46 12.43 13.56 13.30
C GLU A 46 12.47 15.01 12.83
N VAL A 47 11.65 15.32 11.83
CA VAL A 47 11.55 16.68 11.30
C VAL A 47 10.39 17.43 11.94
N PHE A 48 9.24 16.76 12.03
CA PHE A 48 8.06 17.37 12.64
C PHE A 48 8.41 18.03 13.96
N ASN A 49 9.25 17.37 14.74
CA ASN A 49 9.67 17.90 16.03
C ASN A 49 11.06 18.51 15.95
N LYS A 50 11.55 18.76 14.74
CA LYS A 50 12.88 19.33 14.55
C LYS A 50 12.84 20.85 14.50
N GLU A 51 14.02 21.47 14.67
CA GLU A 51 14.12 22.93 14.62
C GLU A 51 14.44 23.38 13.22
N ASP A 52 15.25 22.60 12.51
CA ASP A 52 15.56 22.94 11.13
C ASP A 52 14.43 22.48 10.23
N ALA A 53 13.30 22.14 10.84
CA ALA A 53 12.13 21.75 10.09
C ALA A 53 11.49 22.98 9.52
N THR A 54 12.33 23.74 8.83
CA THR A 54 11.95 24.97 8.21
C THR A 54 11.54 24.73 6.77
N GLU A 55 12.20 25.42 5.87
CA GLU A 55 11.90 25.31 4.44
C GLU A 55 12.72 24.21 3.77
N GLU A 56 13.82 23.80 4.41
CA GLU A 56 14.69 22.77 3.82
C GLU A 56 14.41 21.36 4.34
N GLU A 57 14.34 21.19 5.67
CA GLU A 57 14.13 19.86 6.25
C GLU A 57 12.72 19.32 6.06
N ILE A 58 11.71 20.13 6.33
CA ILE A 58 10.31 19.68 6.19
C ILE A 58 10.08 19.04 4.84
N ASN A 59 10.23 19.84 3.79
CA ASN A 59 10.04 19.35 2.43
C ASN A 59 10.78 18.04 2.22
N LEU A 60 12.06 18.03 2.56
CA LEU A 60 12.87 16.83 2.43
C LEU A 60 12.29 15.70 3.26
N ALA A 61 11.63 16.04 4.37
CA ALA A 61 11.04 15.05 5.25
C ALA A 61 9.60 14.71 4.85
N LYS A 62 8.98 15.60 4.07
CA LYS A 62 7.61 15.41 3.62
C LYS A 62 7.55 14.68 2.29
N GLU A 63 8.58 14.87 1.47
CA GLU A 63 8.65 14.25 0.15
C GLU A 63 8.46 12.73 0.23
N SER A 64 8.73 12.16 1.40
CA SER A 64 8.59 10.73 1.58
C SER A 64 7.23 10.41 2.20
N LEU A 65 6.73 11.33 3.01
CA LEU A 65 5.43 11.15 3.66
C LEU A 65 4.34 11.15 2.62
N GLU A 66 4.50 12.02 1.63
CA GLU A 66 3.55 12.11 0.54
C GLU A 66 3.43 10.77 -0.16
N GLY A 67 4.56 10.06 -0.24
CA GLY A 67 4.58 8.76 -0.86
C GLY A 67 4.74 7.66 0.18
N ALA A 68 4.49 8.01 1.44
CA ALA A 68 4.58 7.08 2.55
C ALA A 68 3.22 6.50 2.86
N ILE A 69 2.33 7.36 3.33
CA ILE A 69 0.98 6.95 3.65
C ILE A 69 0.26 6.60 2.37
N ALA A 70 0.48 7.44 1.36
CA ALA A 70 -0.14 7.23 0.06
C ALA A 70 0.07 5.79 -0.40
N ARG A 71 1.15 5.18 0.07
CA ARG A 71 1.44 3.80 -0.27
C ARG A 71 0.55 2.88 0.55
N PHE A 72 0.72 2.90 1.87
CA PHE A 72 -0.07 2.08 2.77
C PHE A 72 -1.55 2.07 2.39
N ASN A 73 -2.10 3.26 2.14
CA ASN A 73 -3.52 3.38 1.77
C ASN A 73 -3.93 2.30 0.77
N SER A 74 -3.05 2.04 -0.19
CA SER A 74 -3.33 1.02 -1.20
C SER A 74 -2.46 -0.22 -0.98
N LEU A 75 -2.34 -0.65 0.28
CA LEU A 75 -1.54 -1.82 0.61
C LEU A 75 -2.39 -2.91 1.25
N LEU A 76 -3.46 -2.52 1.93
CA LEU A 76 -4.37 -3.46 2.59
C LEU A 76 -5.34 -4.06 1.60
N ILE A 77 -4.81 -4.55 0.48
CA ILE A 77 -5.65 -5.13 -0.57
C ILE A 77 -6.73 -4.15 -0.94
N GLU A 78 -6.28 -2.95 -1.35
CA GLU A 78 -7.17 -1.87 -1.73
C GLU A 78 -8.60 -2.35 -1.82
N GLU A 79 -9.43 -1.79 -0.94
CA GLU A 79 -10.85 -2.15 -0.84
C GLU A 79 -11.45 -2.56 -2.19
N SER A 80 -10.91 -2.05 -3.29
CA SER A 80 -11.41 -2.39 -4.61
C SER A 80 -10.28 -2.68 -5.60
N THR A 81 -9.19 -3.32 -5.15
CA THR A 81 -8.09 -3.63 -6.03
C THR A 81 -8.42 -4.76 -7.00
N GLY A 82 -9.46 -5.53 -6.68
CA GLY A 82 -9.88 -6.64 -7.53
C GLY A 82 -9.69 -6.35 -9.01
N ASP A 83 -9.91 -5.11 -9.40
CA ASP A 83 -9.76 -4.71 -10.79
C ASP A 83 -8.29 -4.53 -11.15
N PHE A 84 -7.61 -5.65 -11.37
CA PHE A 84 -6.19 -5.62 -11.72
C PHE A 84 -5.96 -4.87 -13.02
N ASN A 85 -6.67 -5.27 -14.06
CA ASN A 85 -6.54 -4.63 -15.37
C ASN A 85 -6.91 -3.15 -15.28
N GLY A 86 -7.65 -2.78 -14.24
CA GLY A 86 -8.05 -1.40 -14.08
C GLY A 86 -9.27 -1.07 -14.92
N ASN A 87 -9.74 -2.03 -15.71
CA ASN A 87 -10.90 -1.81 -16.57
C ASN A 87 -12.17 -2.39 -15.91
N GLY A 88 -12.00 -3.36 -15.03
CA GLY A 88 -13.14 -3.95 -14.35
C GLY A 88 -13.38 -5.41 -14.74
N LYS A 89 -12.46 -6.27 -14.33
CA LYS A 89 -12.59 -7.70 -14.61
C LYS A 89 -11.73 -8.51 -13.65
N ILE A 90 -12.39 -9.34 -12.82
CA ILE A 90 -11.69 -10.16 -11.85
C ILE A 90 -11.86 -11.64 -12.14
N ASP A 91 -10.85 -12.23 -12.77
CA ASP A 91 -10.89 -13.65 -13.12
C ASP A 91 -9.58 -14.08 -13.75
N ILE A 92 -9.19 -13.39 -14.81
CA ILE A 92 -7.94 -13.70 -15.50
C ILE A 92 -6.82 -12.77 -15.05
N GLY A 93 -7.19 -11.66 -14.41
CA GLY A 93 -6.20 -10.72 -13.94
C GLY A 93 -5.40 -11.25 -12.76
N ASP A 94 -5.74 -12.44 -12.28
CA ASP A 94 -5.04 -13.03 -11.15
C ASP A 94 -3.92 -13.94 -11.64
N LEU A 95 -4.19 -14.71 -12.69
CA LEU A 95 -3.21 -15.63 -13.25
C LEU A 95 -2.77 -15.19 -14.65
N ALA A 96 -2.80 -13.89 -14.90
CA ALA A 96 -2.40 -13.37 -16.21
C ALA A 96 -1.97 -11.90 -16.14
N MET A 97 -2.58 -11.13 -15.25
CA MET A 97 -2.26 -9.71 -15.12
C MET A 97 -1.14 -9.47 -14.11
N VAL A 98 -1.48 -9.64 -12.83
CA VAL A 98 -0.51 -9.40 -11.76
C VAL A 98 0.76 -10.24 -11.91
N SER A 99 0.66 -11.54 -11.66
CA SER A 99 1.82 -12.43 -11.74
C SER A 99 2.49 -12.43 -13.11
N LYS A 100 1.89 -11.74 -14.08
CA LYS A 100 2.46 -11.70 -15.42
C LYS A 100 3.83 -11.03 -15.45
N ASN A 101 4.14 -10.23 -14.44
CA ASN A 101 5.43 -9.57 -14.38
C ASN A 101 6.16 -9.98 -13.11
N ILE A 102 5.45 -10.00 -11.98
CA ILE A 102 6.04 -10.39 -10.70
C ILE A 102 7.33 -9.62 -10.44
N GLY A 103 7.22 -8.63 -9.56
CA GLY A 103 8.38 -7.85 -9.21
C GLY A 103 8.51 -6.57 -10.01
N SER A 104 7.51 -6.26 -10.83
CA SER A 104 7.54 -5.06 -11.66
C SER A 104 7.02 -3.85 -10.89
N THR A 105 7.82 -2.78 -10.87
CA THR A 105 7.44 -1.56 -10.18
C THR A 105 6.79 -0.57 -11.12
N THR A 106 7.15 -0.65 -12.40
CA THR A 106 6.59 0.24 -13.41
C THR A 106 5.07 0.10 -13.47
N ASN A 107 4.59 -1.03 -13.97
CA ASN A 107 3.16 -1.28 -14.06
C ASN A 107 2.60 -1.72 -12.71
N THR A 108 2.43 -0.76 -11.80
CA THR A 108 1.92 -1.05 -10.48
C THR A 108 0.39 -1.02 -10.44
N SER A 109 -0.23 -0.73 -11.58
CA SER A 109 -1.69 -0.68 -11.68
C SER A 109 -2.32 -1.90 -11.01
N LEU A 110 -1.58 -3.01 -10.98
CA LEU A 110 -2.06 -4.24 -10.38
C LEU A 110 -1.81 -4.26 -8.87
N ASP A 111 -0.53 -4.40 -8.49
CA ASP A 111 -0.11 -4.44 -7.10
C ASP A 111 -1.14 -3.86 -6.16
N LEU A 112 -2.13 -4.66 -5.78
CA LEU A 112 -3.15 -4.21 -4.86
C LEU A 112 -2.47 -3.62 -3.63
N ASN A 113 -1.24 -4.09 -3.40
CA ASN A 113 -0.42 -3.63 -2.30
C ASN A 113 0.29 -2.34 -2.68
N LYS A 114 0.68 -2.25 -3.94
CA LYS A 114 1.37 -1.08 -4.47
C LYS A 114 2.79 -0.99 -3.92
N ASP A 115 3.37 -2.14 -3.58
CA ASP A 115 4.72 -2.18 -3.05
C ASP A 115 5.72 -1.81 -4.14
N GLY A 116 5.29 -1.88 -5.39
CA GLY A 116 6.16 -1.55 -6.50
C GLY A 116 6.76 -2.81 -7.11
N SER A 117 6.01 -3.89 -7.04
CA SER A 117 6.45 -5.18 -7.56
C SER A 117 5.37 -6.22 -7.41
N ILE A 118 5.04 -6.88 -8.50
CA ILE A 118 4.05 -7.92 -8.45
C ILE A 118 4.60 -9.06 -7.62
N ASP A 119 4.08 -9.15 -6.42
CA ASP A 119 4.54 -10.15 -5.47
C ASP A 119 3.38 -10.85 -4.78
N GLU A 120 3.65 -11.41 -3.61
CA GLU A 120 2.65 -12.13 -2.83
C GLU A 120 1.63 -11.17 -2.22
N TYR A 121 2.05 -9.95 -1.94
CA TYR A 121 1.17 -8.95 -1.36
C TYR A 121 -0.03 -8.69 -2.25
N GLU A 122 0.11 -8.95 -3.54
CA GLU A 122 -1.00 -8.71 -4.45
C GLU A 122 -1.85 -9.96 -4.66
N ILE A 123 -1.35 -10.88 -5.47
CA ILE A 123 -2.05 -12.14 -5.78
C ILE A 123 -2.83 -12.66 -4.58
N SER A 124 -2.27 -12.50 -3.39
CA SER A 124 -2.90 -12.95 -2.15
C SER A 124 -4.39 -12.61 -2.10
N PHE A 125 -4.79 -11.57 -2.84
CA PHE A 125 -6.19 -11.16 -2.84
C PHE A 125 -7.07 -12.13 -3.64
N ILE A 126 -6.93 -12.11 -4.96
CA ILE A 126 -7.72 -12.98 -5.83
C ILE A 126 -7.15 -14.38 -5.91
N ASN A 127 -5.81 -14.49 -5.92
CA ASN A 127 -5.16 -15.79 -5.99
C ASN A 127 -5.71 -16.74 -4.93
N HIS A 128 -6.03 -16.18 -3.76
CA HIS A 128 -6.58 -16.98 -2.66
C HIS A 128 -8.10 -16.96 -2.69
N ARG A 129 -8.69 -15.77 -2.76
CA ARG A 129 -10.14 -15.63 -2.79
C ARG A 129 -10.75 -16.58 -3.81
N ILE A 130 -9.99 -16.88 -4.86
CA ILE A 130 -10.45 -17.79 -5.90
C ILE A 130 -10.77 -19.15 -5.31
N LEU A 131 -9.92 -19.63 -4.42
CA LEU A 131 -10.11 -20.93 -3.78
C LEU A 131 -11.07 -20.81 -2.59
N ASN A 132 -10.91 -19.75 -1.81
CA ASN A 132 -11.76 -19.52 -0.65
C ASN A 132 -12.82 -18.47 -0.95
N LEU A 133 -13.90 -18.89 -1.58
CA LEU A 133 -14.99 -17.98 -1.93
C LEU A 133 -16.33 -18.53 -1.46
N GLU A 134 -16.74 -19.65 -2.05
CA GLU A 134 -18.01 -20.28 -1.69
C GLU A 134 -17.76 -21.58 -0.92
N HIS A 135 -18.18 -21.60 0.35
CA HIS A 135 -18.02 -22.77 1.19
C HIS A 135 -18.79 -23.96 0.63
N HIS A 136 -18.08 -25.04 0.31
CA HIS A 136 -18.69 -26.24 -0.22
C HIS A 136 -18.73 -27.35 0.82
N HIS A 137 -19.71 -27.27 1.72
CA HIS A 137 -19.85 -28.28 2.77
C HIS A 137 -20.25 -29.63 2.18
N HIS A 138 -20.38 -30.63 3.04
CA HIS A 138 -20.75 -31.97 2.61
C HIS A 138 -21.27 -32.80 3.78
N HIS A 139 -20.58 -32.73 4.91
CA HIS A 139 -20.98 -33.47 6.09
C HIS A 139 -22.22 -32.86 6.72
N HIS A 140 -23.39 -33.30 6.25
CA HIS A 140 -24.66 -32.80 6.77
C HIS A 140 -25.66 -33.94 6.95
N MET A 1 6.87 28.23 7.26
CA MET A 1 5.86 28.54 6.22
C MET A 1 4.96 27.34 5.92
N ASP A 2 5.53 26.14 6.08
CA ASP A 2 4.80 24.91 5.83
C ASP A 2 5.37 23.75 6.64
N LYS A 3 5.04 23.72 7.93
CA LYS A 3 5.53 22.67 8.82
C LYS A 3 4.41 21.73 9.21
N THR A 4 3.28 22.30 9.61
CA THR A 4 2.10 21.53 10.01
C THR A 4 1.89 20.32 9.09
N ASN A 5 2.27 20.47 7.82
CA ASN A 5 2.13 19.39 6.85
C ASN A 5 2.58 18.06 7.43
N LEU A 6 3.56 18.12 8.33
CA LEU A 6 4.07 16.93 8.97
C LEU A 6 3.07 16.42 10.00
N GLY A 7 2.88 17.18 11.07
CA GLY A 7 1.91 16.79 12.08
C GLY A 7 0.57 16.44 11.47
N GLU A 8 0.31 16.99 10.28
CA GLU A 8 -0.94 16.74 9.57
C GLU A 8 -0.83 15.52 8.67
N LEU A 9 0.41 15.15 8.30
CA LEU A 9 0.62 13.99 7.44
C LEU A 9 1.03 12.78 8.27
N ILE A 10 1.75 13.05 9.35
CA ILE A 10 2.22 11.98 10.22
C ILE A 10 1.12 11.47 11.14
N ASN A 11 0.34 12.38 11.71
CA ASN A 11 -0.76 12.00 12.61
C ASN A 11 -1.50 10.80 12.03
N GLN A 12 -1.79 10.89 10.75
CA GLN A 12 -2.48 9.82 10.03
C GLN A 12 -1.51 8.70 9.71
N GLY A 13 -0.25 9.06 9.43
CA GLY A 13 0.74 8.07 9.10
C GLY A 13 0.90 7.00 10.17
N LYS A 14 1.38 7.42 11.34
CA LYS A 14 1.57 6.49 12.46
C LYS A 14 0.25 5.82 12.82
N SER A 15 -0.86 6.52 12.55
CA SER A 15 -2.18 5.98 12.84
C SER A 15 -2.59 4.98 11.76
N LEU A 16 -2.00 5.14 10.58
CA LEU A 16 -2.26 4.25 9.45
C LEU A 16 -1.55 2.94 9.68
N LEU A 17 -0.22 2.99 9.70
CA LEU A 17 0.61 1.82 9.93
C LEU A 17 0.08 1.02 11.12
N ASP A 18 -0.39 1.74 12.15
CA ASP A 18 -0.92 1.12 13.35
C ASP A 18 -2.31 0.52 13.10
N GLU A 19 -3.04 1.10 12.15
CA GLU A 19 -4.38 0.61 11.81
C GLU A 19 -4.36 -0.20 10.52
N SER A 20 -3.16 -0.42 9.98
CA SER A 20 -3.00 -1.18 8.76
C SER A 20 -1.96 -2.27 8.97
N VAL A 21 -2.41 -3.48 9.23
CA VAL A 21 -1.48 -4.58 9.44
C VAL A 21 -1.28 -5.38 8.16
N GLU A 22 -0.10 -5.95 8.04
CA GLU A 22 0.22 -6.76 6.88
C GLU A 22 -0.39 -8.16 7.03
N GLY A 23 -1.39 -8.45 6.22
CA GLY A 23 -2.04 -9.75 6.27
C GLY A 23 -2.10 -10.43 4.92
N PHE A 24 -3.22 -10.26 4.23
CA PHE A 24 -3.40 -10.85 2.91
C PHE A 24 -4.83 -10.69 2.42
N ASN A 25 -5.40 -9.51 2.65
CA ASN A 25 -6.78 -9.24 2.23
C ASN A 25 -7.14 -7.77 2.45
N VAL A 26 -8.30 -7.36 1.93
CA VAL A 26 -8.76 -5.98 2.06
C VAL A 26 -8.68 -5.54 3.51
N GLY A 27 -7.74 -4.66 3.80
CA GLY A 27 -7.54 -4.18 5.15
C GLY A 27 -6.14 -4.48 5.66
N GLU A 28 -5.56 -5.55 5.12
CA GLU A 28 -4.21 -5.95 5.49
C GLU A 28 -3.37 -6.14 4.23
N TYR A 29 -2.16 -5.59 4.27
CA TYR A 29 -1.26 -5.66 3.12
C TYR A 29 -0.24 -6.79 3.28
N HIS A 30 0.60 -6.94 2.27
CA HIS A 30 1.63 -8.00 2.29
C HIS A 30 3.04 -7.40 2.27
N LYS A 31 3.48 -6.90 3.42
CA LYS A 31 4.81 -6.31 3.55
C LYS A 31 5.00 -5.13 2.61
N GLY A 32 5.89 -4.21 3.01
CA GLY A 32 6.16 -3.03 2.18
C GLY A 32 5.57 -1.75 2.76
N ALA A 33 4.56 -1.89 3.60
CA ALA A 33 3.90 -0.73 4.20
C ALA A 33 4.59 -0.31 5.50
N LYS A 34 4.54 -1.19 6.51
CA LYS A 34 5.13 -0.93 7.83
C LYS A 34 6.45 -0.14 7.77
N ASP A 35 7.17 -0.20 6.66
CA ASP A 35 8.45 0.51 6.55
C ASP A 35 8.30 1.91 5.96
N GLY A 36 7.99 1.99 4.67
CA GLY A 36 7.83 3.28 4.00
C GLY A 36 7.05 4.29 4.80
N LEU A 37 5.73 4.13 4.84
CA LEU A 37 4.85 5.05 5.56
C LEU A 37 5.42 5.38 6.95
N THR A 38 6.24 4.51 7.49
CA THR A 38 6.84 4.76 8.79
C THR A 38 8.20 5.42 8.62
N VAL A 39 8.91 5.00 7.59
CA VAL A 39 10.22 5.57 7.27
C VAL A 39 10.07 7.07 7.12
N GLU A 40 8.91 7.47 6.60
CA GLU A 40 8.58 8.87 6.44
C GLU A 40 8.27 9.45 7.81
N ILE A 41 7.66 8.62 8.67
CA ILE A 41 7.32 9.02 10.03
C ILE A 41 8.57 9.14 10.87
N ASN A 42 9.31 8.03 11.03
CA ASN A 42 10.54 8.05 11.80
C ASN A 42 11.37 9.26 11.40
N LYS A 43 11.32 9.59 10.12
CA LYS A 43 12.06 10.73 9.58
C LYS A 43 11.23 12.02 9.63
N ALA A 44 9.91 11.89 9.67
CA ALA A 44 9.03 13.06 9.73
C ALA A 44 8.86 13.56 11.15
N GLU A 45 8.38 12.69 12.03
CA GLU A 45 8.18 13.05 13.42
C GLU A 45 9.43 13.70 14.00
N GLU A 46 10.58 13.13 13.66
CA GLU A 46 11.85 13.67 14.13
C GLU A 46 12.01 15.11 13.64
N VAL A 47 11.27 15.44 12.58
CA VAL A 47 11.30 16.78 12.03
C VAL A 47 10.14 17.62 12.55
N PHE A 48 8.96 17.00 12.63
CA PHE A 48 7.76 17.70 13.13
C PHE A 48 8.02 18.29 14.51
N ASN A 49 8.53 17.46 15.41
CA ASN A 49 8.85 17.90 16.75
C ASN A 49 10.20 18.60 16.79
N LYS A 50 10.83 18.73 15.63
CA LYS A 50 12.15 19.37 15.52
C LYS A 50 12.03 20.88 15.41
N GLU A 51 13.17 21.56 15.54
CA GLU A 51 13.21 23.02 15.43
C GLU A 51 13.66 23.43 14.05
N ASP A 52 14.45 22.59 13.40
CA ASP A 52 14.89 22.90 12.06
C ASP A 52 13.84 22.45 11.06
N ALA A 53 12.62 22.19 11.57
CA ALA A 53 11.52 21.82 10.72
C ALA A 53 11.05 23.06 10.00
N THR A 54 12.02 23.73 9.40
CA THR A 54 11.81 24.96 8.67
C THR A 54 11.78 24.70 7.18
N GLU A 55 12.49 25.51 6.43
CA GLU A 55 12.53 25.38 4.97
C GLU A 55 13.45 24.24 4.53
N GLU A 56 14.32 23.79 5.42
CA GLU A 56 15.27 22.72 5.09
C GLU A 56 14.79 21.33 5.50
N GLU A 57 14.81 21.08 6.81
CA GLU A 57 14.43 19.77 7.36
C GLU A 57 13.04 19.27 6.93
N ILE A 58 12.06 20.17 6.87
CA ILE A 58 10.71 19.76 6.50
C ILE A 58 10.69 19.03 5.15
N ASN A 59 11.06 19.75 4.09
CA ASN A 59 11.07 19.16 2.75
C ASN A 59 11.75 17.79 2.77
N LEU A 60 12.77 17.67 3.61
CA LEU A 60 13.50 16.42 3.74
C LEU A 60 12.65 15.37 4.45
N ALA A 61 11.77 15.82 5.34
CA ALA A 61 10.91 14.91 6.09
C ALA A 61 9.54 14.77 5.44
N LYS A 62 9.18 15.72 4.59
CA LYS A 62 7.89 15.72 3.91
C LYS A 62 7.92 14.86 2.66
N GLU A 63 9.08 14.77 2.03
CA GLU A 63 9.26 14.00 0.80
C GLU A 63 8.56 12.64 0.89
N SER A 64 9.06 11.78 1.77
CA SER A 64 8.49 10.45 1.96
C SER A 64 7.17 10.53 2.71
N LEU A 65 6.87 11.68 3.28
CA LEU A 65 5.64 11.87 4.02
C LEU A 65 4.45 11.83 3.09
N GLU A 66 4.49 12.68 2.08
CA GLU A 66 3.43 12.73 1.09
C GLU A 66 3.58 11.64 0.04
N GLY A 67 4.70 10.92 0.07
CA GLY A 67 4.92 9.87 -0.90
C GLY A 67 4.89 8.47 -0.30
N ALA A 68 4.96 8.39 1.03
CA ALA A 68 4.94 7.09 1.70
C ALA A 68 3.53 6.71 2.14
N ILE A 69 2.79 7.66 2.72
CA ILE A 69 1.43 7.40 3.13
C ILE A 69 0.64 7.06 1.89
N ALA A 70 0.90 7.84 0.85
CA ALA A 70 0.25 7.63 -0.43
C ALA A 70 0.48 6.19 -0.90
N ARG A 71 1.58 5.61 -0.42
CA ARG A 71 1.92 4.23 -0.75
C ARG A 71 1.06 3.27 0.05
N PHE A 72 1.17 3.32 1.38
CA PHE A 72 0.38 2.45 2.24
C PHE A 72 -1.10 2.44 1.83
N ASN A 73 -1.66 3.62 1.60
CA ASN A 73 -3.06 3.73 1.21
C ASN A 73 -3.39 2.63 0.20
N SER A 74 -2.43 2.34 -0.67
CA SER A 74 -2.56 1.30 -1.67
C SER A 74 -1.66 0.11 -1.34
N LEU A 75 -1.76 -0.38 -0.09
CA LEU A 75 -0.94 -1.51 0.35
C LEU A 75 -1.82 -2.65 0.88
N LEU A 76 -2.79 -2.30 1.71
CA LEU A 76 -3.71 -3.27 2.31
C LEU A 76 -4.66 -3.85 1.28
N ILE A 77 -4.12 -4.35 0.18
CA ILE A 77 -4.95 -4.92 -0.89
C ILE A 77 -6.03 -3.92 -1.23
N GLU A 78 -5.56 -2.73 -1.67
CA GLU A 78 -6.44 -1.63 -2.03
C GLU A 78 -7.89 -2.09 -2.08
N GLU A 79 -8.70 -1.45 -1.26
CA GLU A 79 -10.11 -1.77 -1.15
C GLU A 79 -10.75 -2.12 -2.51
N SER A 80 -10.13 -1.65 -3.59
CA SER A 80 -10.64 -1.94 -4.93
C SER A 80 -9.53 -2.38 -5.88
N THR A 81 -8.50 -3.07 -5.37
CA THR A 81 -7.39 -3.53 -6.22
C THR A 81 -7.82 -4.71 -7.08
N GLY A 82 -8.89 -5.39 -6.68
CA GLY A 82 -9.37 -6.54 -7.45
C GLY A 82 -9.36 -6.29 -8.94
N ASP A 83 -9.65 -5.05 -9.33
CA ASP A 83 -9.67 -4.68 -10.74
C ASP A 83 -8.26 -4.56 -11.30
N PHE A 84 -7.64 -5.71 -11.58
CA PHE A 84 -6.29 -5.74 -12.12
C PHE A 84 -6.19 -4.95 -13.42
N ASN A 85 -6.87 -5.45 -14.44
CA ASN A 85 -6.87 -4.79 -15.75
C ASN A 85 -7.68 -3.49 -15.71
N GLY A 86 -8.40 -3.27 -14.61
CA GLY A 86 -9.21 -2.07 -14.49
C GLY A 86 -10.42 -2.14 -15.39
N ASN A 87 -10.69 -3.31 -15.96
CA ASN A 87 -11.82 -3.50 -16.85
C ASN A 87 -13.08 -3.87 -16.07
N GLY A 88 -12.89 -4.44 -14.88
CA GLY A 88 -14.03 -4.82 -14.06
C GLY A 88 -14.27 -6.32 -14.04
N LYS A 89 -13.24 -7.09 -13.73
CA LYS A 89 -13.35 -8.55 -13.67
C LYS A 89 -12.24 -9.12 -12.82
N ILE A 90 -12.60 -9.74 -11.70
CA ILE A 90 -11.61 -10.31 -10.80
C ILE A 90 -11.80 -11.83 -10.69
N ASP A 91 -10.99 -12.57 -11.43
CA ASP A 91 -11.06 -14.02 -11.41
C ASP A 91 -9.94 -14.62 -12.26
N ILE A 92 -9.95 -14.30 -13.55
CA ILE A 92 -8.93 -14.79 -14.46
C ILE A 92 -7.72 -13.87 -14.48
N GLY A 93 -7.94 -12.62 -14.09
CA GLY A 93 -6.85 -11.65 -14.07
C GLY A 93 -5.83 -11.95 -12.99
N ASP A 94 -6.06 -13.00 -12.22
CA ASP A 94 -5.15 -13.38 -11.13
C ASP A 94 -4.05 -14.28 -11.66
N LEU A 95 -4.44 -15.37 -12.30
CA LEU A 95 -3.48 -16.32 -12.85
C LEU A 95 -3.17 -16.01 -14.31
N ALA A 96 -3.26 -14.74 -14.69
CA ALA A 96 -2.99 -14.35 -16.07
C ALA A 96 -2.58 -12.87 -16.18
N MET A 97 -3.18 -12.01 -15.36
CA MET A 97 -2.87 -10.58 -15.40
C MET A 97 -1.72 -10.22 -14.47
N VAL A 98 -1.99 -10.19 -13.17
CA VAL A 98 -0.98 -9.83 -12.19
C VAL A 98 0.15 -10.85 -12.09
N SER A 99 -0.19 -12.12 -11.92
CA SER A 99 0.82 -13.16 -11.79
C SER A 99 1.69 -13.27 -13.04
N LYS A 100 1.35 -12.51 -14.08
CA LYS A 100 2.12 -12.56 -15.33
C LYS A 100 3.49 -11.93 -15.17
N ASN A 101 3.51 -10.65 -14.80
CA ASN A 101 4.77 -9.95 -14.62
C ASN A 101 5.46 -10.41 -13.35
N ILE A 102 4.73 -10.35 -12.24
CA ILE A 102 5.24 -10.74 -10.94
C ILE A 102 6.67 -10.25 -10.76
N GLY A 103 6.78 -9.14 -10.07
CA GLY A 103 8.08 -8.55 -9.81
C GLY A 103 8.37 -7.36 -10.69
N SER A 104 7.38 -6.88 -11.42
CA SER A 104 7.54 -5.74 -12.31
C SER A 104 7.23 -4.44 -11.59
N THR A 105 8.02 -3.41 -11.87
CA THR A 105 7.83 -2.11 -11.25
C THR A 105 6.94 -1.21 -12.12
N THR A 106 6.93 -1.48 -13.43
CA THR A 106 6.12 -0.71 -14.35
C THR A 106 4.65 -1.07 -14.22
N ASN A 107 4.38 -2.32 -13.84
CA ASN A 107 3.01 -2.79 -13.67
C ASN A 107 2.58 -2.69 -12.21
N THR A 108 2.21 -1.49 -11.79
CA THR A 108 1.77 -1.25 -10.42
C THR A 108 0.26 -1.40 -10.30
N SER A 109 -0.44 -1.12 -11.40
CA SER A 109 -1.91 -1.20 -11.42
C SER A 109 -2.41 -2.49 -10.76
N LEU A 110 -1.58 -3.52 -10.80
CA LEU A 110 -1.94 -4.81 -10.22
C LEU A 110 -1.31 -4.99 -8.84
N ASP A 111 -0.25 -4.25 -8.57
CA ASP A 111 0.42 -4.34 -7.30
C ASP A 111 -0.43 -3.70 -6.24
N LEU A 112 -1.40 -4.45 -5.72
CA LEU A 112 -2.27 -3.94 -4.67
C LEU A 112 -1.42 -3.29 -3.57
N ASN A 113 -0.15 -3.69 -3.56
CA ASN A 113 0.82 -3.17 -2.62
C ASN A 113 1.49 -1.92 -3.16
N LYS A 114 1.78 -1.97 -4.47
CA LYS A 114 2.46 -0.87 -5.13
C LYS A 114 3.93 -0.85 -4.73
N ASP A 115 4.47 -2.03 -4.44
CA ASP A 115 5.86 -2.15 -4.04
C ASP A 115 6.77 -2.12 -5.26
N GLY A 116 6.19 -2.01 -6.45
CA GLY A 116 6.98 -1.97 -7.66
C GLY A 116 7.41 -3.35 -8.09
N SER A 117 6.56 -4.32 -7.81
CA SER A 117 6.83 -5.71 -8.15
C SER A 117 5.64 -6.59 -7.83
N ILE A 118 5.02 -7.13 -8.86
CA ILE A 118 3.90 -7.99 -8.66
C ILE A 118 4.37 -9.26 -7.96
N ASP A 119 4.00 -9.36 -6.72
CA ASP A 119 4.41 -10.49 -5.89
C ASP A 119 3.26 -11.09 -5.09
N GLU A 120 3.58 -11.61 -3.91
CA GLU A 120 2.58 -12.23 -3.05
C GLU A 120 1.59 -11.20 -2.49
N TYR A 121 1.92 -9.93 -2.62
CA TYR A 121 1.06 -8.86 -2.13
C TYR A 121 -0.08 -8.59 -3.11
N GLU A 122 0.06 -9.06 -4.35
CA GLU A 122 -0.98 -8.84 -5.37
C GLU A 122 -1.98 -9.98 -5.42
N ILE A 123 -1.64 -11.07 -4.77
CA ILE A 123 -2.50 -12.26 -4.75
C ILE A 123 -3.39 -12.29 -3.52
N SER A 124 -3.00 -11.56 -2.48
CA SER A 124 -3.77 -11.52 -1.24
C SER A 124 -5.26 -11.32 -1.50
N PHE A 125 -5.60 -10.70 -2.63
CA PHE A 125 -6.99 -10.46 -2.98
C PHE A 125 -7.63 -11.65 -3.68
N ILE A 126 -7.14 -11.95 -4.88
CA ILE A 126 -7.65 -13.06 -5.67
C ILE A 126 -7.25 -14.42 -5.11
N ASN A 127 -6.38 -14.42 -4.12
CA ASN A 127 -5.92 -15.67 -3.50
C ASN A 127 -7.12 -16.54 -3.10
N HIS A 128 -7.91 -16.05 -2.16
CA HIS A 128 -9.08 -16.78 -1.68
C HIS A 128 -10.34 -16.41 -2.44
N ARG A 129 -10.36 -15.20 -3.02
CA ARG A 129 -11.51 -14.74 -3.77
C ARG A 129 -12.01 -15.81 -4.75
N ILE A 130 -11.07 -16.60 -5.27
CA ILE A 130 -11.40 -17.66 -6.20
C ILE A 130 -11.60 -18.98 -5.46
N LEU A 131 -10.66 -19.31 -4.58
CA LEU A 131 -10.73 -20.56 -3.82
C LEU A 131 -12.02 -20.62 -3.00
N ASN A 132 -12.54 -19.47 -2.61
CA ASN A 132 -13.76 -19.40 -1.83
C ASN A 132 -14.98 -19.61 -2.71
N LEU A 133 -15.05 -18.85 -3.80
CA LEU A 133 -16.16 -18.96 -4.74
C LEU A 133 -16.26 -20.35 -5.32
N GLU A 134 -15.22 -20.77 -6.04
CA GLU A 134 -15.18 -22.09 -6.65
C GLU A 134 -13.83 -22.77 -6.41
N HIS A 135 -13.68 -23.98 -6.94
CA HIS A 135 -12.45 -24.73 -6.78
C HIS A 135 -11.92 -25.21 -8.12
N HIS A 136 -12.81 -25.76 -8.93
CA HIS A 136 -12.44 -26.27 -10.26
C HIS A 136 -13.65 -26.32 -11.18
N HIS A 137 -13.57 -25.60 -12.30
CA HIS A 137 -14.66 -25.56 -13.27
C HIS A 137 -14.12 -25.44 -14.69
N HIS A 138 -14.43 -26.43 -15.53
CA HIS A 138 -13.98 -26.43 -16.91
C HIS A 138 -12.45 -26.49 -16.98
N HIS A 139 -11.94 -27.21 -17.97
CA HIS A 139 -10.50 -27.34 -18.16
C HIS A 139 -9.85 -27.96 -16.93
N HIS A 140 -9.39 -29.21 -17.07
CA HIS A 140 -8.75 -29.91 -15.96
C HIS A 140 -7.24 -29.71 -15.99
N MET A 1 8.77 28.56 8.47
CA MET A 1 9.56 27.62 9.29
C MET A 1 8.66 26.78 10.19
N ASP A 2 7.50 26.39 9.66
CA ASP A 2 6.54 25.60 10.42
C ASP A 2 6.71 24.10 10.12
N LYS A 3 5.89 23.28 10.76
CA LYS A 3 5.95 21.83 10.57
C LYS A 3 4.55 21.26 10.45
N THR A 4 3.67 21.95 9.73
CA THR A 4 2.30 21.49 9.54
C THR A 4 2.25 20.31 8.58
N ASN A 5 2.91 20.45 7.44
CA ASN A 5 2.93 19.38 6.43
C ASN A 5 3.23 18.03 7.06
N LEU A 6 4.10 18.02 8.06
CA LEU A 6 4.45 16.79 8.75
C LEU A 6 3.43 16.47 9.83
N GLY A 7 3.35 17.31 10.84
CA GLY A 7 2.40 17.11 11.91
C GLY A 7 0.99 16.85 11.40
N GLU A 8 0.74 17.30 10.17
CA GLU A 8 -0.57 17.13 9.54
C GLU A 8 -0.59 15.88 8.67
N LEU A 9 0.58 15.38 8.28
CA LEU A 9 0.66 14.19 7.45
C LEU A 9 1.00 12.97 8.30
N ILE A 10 1.78 13.20 9.34
CA ILE A 10 2.19 12.13 10.24
C ILE A 10 1.05 11.72 11.17
N ASN A 11 0.31 12.70 11.66
CA ASN A 11 -0.83 12.44 12.55
C ASN A 11 -1.60 11.23 12.07
N GLN A 12 -1.90 11.23 10.78
CA GLN A 12 -2.63 10.14 10.15
C GLN A 12 -1.66 9.02 9.76
N GLY A 13 -0.42 9.40 9.47
CA GLY A 13 0.59 8.41 9.09
C GLY A 13 0.77 7.33 10.14
N LYS A 14 1.26 7.71 11.31
CA LYS A 14 1.46 6.73 12.39
C LYS A 14 0.16 6.01 12.67
N SER A 15 -0.96 6.68 12.40
CA SER A 15 -2.28 6.08 12.59
C SER A 15 -2.51 5.03 11.51
N LEU A 16 -1.92 5.27 10.34
CA LEU A 16 -2.01 4.35 9.23
C LEU A 16 -1.20 3.11 9.54
N LEU A 17 0.09 3.32 9.82
CA LEU A 17 1.01 2.26 10.16
C LEU A 17 0.47 1.46 11.35
N ASP A 18 -0.37 2.09 12.16
CA ASP A 18 -0.95 1.44 13.33
C ASP A 18 -2.30 0.78 13.02
N GLU A 19 -2.90 1.14 11.89
CA GLU A 19 -4.20 0.58 11.50
C GLU A 19 -4.04 -0.48 10.42
N SER A 20 -3.61 -0.05 9.24
CA SER A 20 -3.39 -0.95 8.11
C SER A 20 -2.40 -2.02 8.50
N VAL A 21 -2.89 -3.22 8.68
CA VAL A 21 -2.03 -4.33 9.05
C VAL A 21 -1.75 -5.22 7.86
N GLU A 22 -0.54 -5.75 7.82
CA GLU A 22 -0.15 -6.62 6.73
C GLU A 22 -0.78 -8.01 6.92
N GLY A 23 -1.75 -8.33 6.07
CA GLY A 23 -2.42 -9.61 6.16
C GLY A 23 -2.45 -10.37 4.86
N PHE A 24 -3.50 -10.16 4.06
CA PHE A 24 -3.63 -10.84 2.76
C PHE A 24 -5.01 -10.60 2.15
N ASN A 25 -5.48 -9.36 2.21
CA ASN A 25 -6.78 -9.00 1.65
C ASN A 25 -7.13 -7.55 1.94
N VAL A 26 -8.24 -7.08 1.41
CA VAL A 26 -8.68 -5.70 1.62
C VAL A 26 -8.62 -5.35 3.11
N GLY A 27 -7.99 -4.21 3.41
CA GLY A 27 -7.86 -3.80 4.80
C GLY A 27 -6.52 -4.21 5.38
N GLU A 28 -5.84 -5.14 4.72
CA GLU A 28 -4.53 -5.61 5.17
C GLU A 28 -3.61 -5.80 3.97
N TYR A 29 -2.36 -5.38 4.12
CA TYR A 29 -1.40 -5.49 3.02
C TYR A 29 -0.49 -6.70 3.17
N HIS A 30 0.38 -6.92 2.20
CA HIS A 30 1.29 -8.06 2.25
C HIS A 30 2.76 -7.62 2.34
N LYS A 31 3.15 -7.16 3.53
CA LYS A 31 4.53 -6.74 3.77
C LYS A 31 4.98 -5.68 2.76
N GLY A 32 6.06 -4.97 3.11
CA GLY A 32 6.59 -3.94 2.23
C GLY A 32 5.90 -2.60 2.37
N ALA A 33 4.76 -2.58 3.05
CA ALA A 33 4.01 -1.33 3.24
C ALA A 33 4.47 -0.56 4.48
N LYS A 34 4.29 -1.17 5.65
CA LYS A 34 4.64 -0.55 6.93
C LYS A 34 5.89 0.33 6.82
N ASP A 35 7.05 -0.31 6.63
CA ASP A 35 8.34 0.39 6.53
C ASP A 35 8.22 1.75 5.85
N GLY A 36 7.94 1.75 4.56
CA GLY A 36 7.83 2.98 3.79
C GLY A 36 7.28 4.14 4.60
N LEU A 37 5.95 4.24 4.68
CA LEU A 37 5.31 5.30 5.42
C LEU A 37 5.91 5.45 6.82
N THR A 38 6.12 4.34 7.52
CA THR A 38 6.68 4.40 8.86
C THR A 38 8.08 5.02 8.82
N VAL A 39 8.89 4.54 7.89
CA VAL A 39 10.24 5.04 7.72
C VAL A 39 10.25 6.55 7.61
N GLU A 40 9.24 7.08 6.93
CA GLU A 40 9.12 8.52 6.81
C GLU A 40 8.49 9.07 8.07
N ILE A 41 7.67 8.23 8.75
CA ILE A 41 7.07 8.63 10.01
C ILE A 41 8.18 8.77 11.03
N ASN A 42 8.88 7.67 11.30
CA ASN A 42 10.00 7.68 12.23
C ASN A 42 10.91 8.86 11.89
N LYS A 43 11.13 9.06 10.59
CA LYS A 43 11.97 10.16 10.11
C LYS A 43 11.21 11.49 10.07
N ALA A 44 9.88 11.44 10.03
CA ALA A 44 9.07 12.65 9.98
C ALA A 44 8.90 13.27 11.35
N GLU A 45 8.31 12.52 12.27
CA GLU A 45 8.09 12.99 13.63
C GLU A 45 9.34 13.65 14.19
N GLU A 46 10.49 13.03 13.94
CA GLU A 46 11.76 13.58 14.41
C GLU A 46 11.94 15.00 13.89
N VAL A 47 11.25 15.30 12.79
CA VAL A 47 11.31 16.63 12.20
C VAL A 47 10.14 17.47 12.68
N PHE A 48 8.95 16.87 12.70
CA PHE A 48 7.73 17.56 13.14
C PHE A 48 7.96 18.24 14.48
N ASN A 49 8.49 17.49 15.44
CA ASN A 49 8.76 18.02 16.77
C ASN A 49 10.17 18.59 16.85
N LYS A 50 10.82 18.74 15.70
CA LYS A 50 12.18 19.27 15.66
C LYS A 50 12.20 20.79 15.61
N GLU A 51 13.37 21.37 15.86
CA GLU A 51 13.54 22.82 15.83
C GLU A 51 13.95 23.27 14.44
N ASP A 52 14.62 22.39 13.70
CA ASP A 52 15.03 22.73 12.35
C ASP A 52 13.98 22.33 11.34
N ALA A 53 12.78 22.03 11.84
CA ALA A 53 11.67 21.67 10.98
C ALA A 53 11.16 22.94 10.30
N THR A 54 12.11 23.75 9.88
CA THR A 54 11.84 25.02 9.24
C THR A 54 11.58 24.82 7.75
N GLU A 55 12.31 25.55 6.94
CA GLU A 55 12.16 25.48 5.49
C GLU A 55 13.07 24.41 4.88
N GLU A 56 14.06 23.96 5.63
CA GLU A 56 15.00 22.96 5.13
C GLU A 56 14.64 21.53 5.55
N GLU A 57 14.49 21.30 6.85
CA GLU A 57 14.22 19.96 7.37
C GLU A 57 12.80 19.46 7.11
N ILE A 58 11.85 20.36 6.82
CA ILE A 58 10.48 19.95 6.56
C ILE A 58 10.36 19.19 5.25
N ASN A 59 10.44 19.91 4.14
CA ASN A 59 10.34 19.29 2.82
C ASN A 59 11.27 18.08 2.74
N LEU A 60 12.37 18.17 3.48
CA LEU A 60 13.34 17.09 3.52
C LEU A 60 12.75 15.88 4.25
N ALA A 61 11.93 16.15 5.26
CA ALA A 61 11.30 15.09 6.04
C ALA A 61 9.90 14.77 5.54
N LYS A 62 9.30 15.70 4.80
CA LYS A 62 7.95 15.53 4.28
C LYS A 62 7.95 14.90 2.87
N GLU A 63 8.94 15.25 2.06
CA GLU A 63 9.04 14.74 0.70
C GLU A 63 8.99 13.21 0.67
N SER A 64 9.32 12.57 1.79
CA SER A 64 9.30 11.13 1.89
C SER A 64 8.00 10.64 2.49
N LEU A 65 7.21 11.58 3.02
CA LEU A 65 5.94 11.25 3.66
C LEU A 65 4.77 11.39 2.68
N GLU A 66 4.64 12.56 2.08
CA GLU A 66 3.56 12.84 1.13
C GLU A 66 3.38 11.70 0.13
N GLY A 67 4.45 11.35 -0.58
CA GLY A 67 4.37 10.26 -1.53
C GLY A 67 4.52 8.91 -0.87
N ALA A 68 4.63 8.91 0.45
CA ALA A 68 4.78 7.68 1.20
C ALA A 68 3.44 7.18 1.74
N ILE A 69 2.73 8.05 2.47
CA ILE A 69 1.42 7.70 2.99
C ILE A 69 0.56 7.28 1.82
N ALA A 70 0.68 8.10 0.78
CA ALA A 70 -0.05 7.87 -0.45
C ALA A 70 0.11 6.43 -0.92
N ARG A 71 1.20 5.79 -0.50
CA ARG A 71 1.48 4.40 -0.87
C ARG A 71 0.87 3.45 0.15
N PHE A 72 1.33 3.54 1.40
CA PHE A 72 0.83 2.68 2.48
C PHE A 72 -0.69 2.62 2.47
N ASN A 73 -1.33 3.73 2.10
CA ASN A 73 -2.79 3.79 2.06
C ASN A 73 -3.34 2.80 1.05
N SER A 74 -2.59 2.61 -0.03
CA SER A 74 -2.99 1.70 -1.09
C SER A 74 -2.12 0.44 -1.10
N LEU A 75 -1.76 -0.04 0.08
CA LEU A 75 -0.93 -1.23 0.21
C LEU A 75 -1.74 -2.40 0.75
N LEU A 76 -2.76 -2.09 1.55
CA LEU A 76 -3.64 -3.10 2.15
C LEU A 76 -4.60 -3.65 1.10
N ILE A 77 -4.07 -4.08 -0.03
CA ILE A 77 -4.90 -4.60 -1.10
C ILE A 77 -5.97 -3.58 -1.40
N GLU A 78 -5.52 -2.40 -1.81
CA GLU A 78 -6.40 -1.28 -2.11
C GLU A 78 -7.83 -1.76 -2.24
N GLU A 79 -8.68 -1.19 -1.40
CA GLU A 79 -10.09 -1.55 -1.34
C GLU A 79 -10.68 -1.79 -2.74
N SER A 80 -10.05 -1.23 -3.77
CA SER A 80 -10.52 -1.42 -5.14
C SER A 80 -9.41 -1.85 -6.10
N THR A 81 -8.38 -2.55 -5.61
CA THR A 81 -7.29 -2.99 -6.48
C THR A 81 -7.58 -4.35 -7.10
N GLY A 82 -8.60 -5.04 -6.58
CA GLY A 82 -8.96 -6.34 -7.12
C GLY A 82 -9.07 -6.32 -8.64
N ASP A 83 -9.40 -5.16 -9.18
CA ASP A 83 -9.55 -5.01 -10.62
C ASP A 83 -8.19 -4.86 -11.30
N PHE A 84 -7.49 -5.98 -11.46
CA PHE A 84 -6.17 -5.98 -12.10
C PHE A 84 -6.26 -5.42 -13.51
N ASN A 85 -6.97 -6.11 -14.38
CA ASN A 85 -7.14 -5.67 -15.77
C ASN A 85 -7.83 -4.33 -15.83
N GLY A 86 -8.47 -3.93 -14.73
CA GLY A 86 -9.18 -2.68 -14.69
C GLY A 86 -10.53 -2.78 -15.38
N ASN A 87 -10.84 -3.98 -15.87
CA ASN A 87 -12.11 -4.22 -16.56
C ASN A 87 -13.24 -4.47 -15.57
N GLY A 88 -12.89 -4.95 -14.38
CA GLY A 88 -13.88 -5.21 -13.36
C GLY A 88 -14.12 -6.70 -13.13
N LYS A 89 -13.10 -7.51 -13.45
CA LYS A 89 -13.21 -8.96 -13.26
C LYS A 89 -12.10 -9.45 -12.36
N ILE A 90 -12.47 -9.97 -11.19
CA ILE A 90 -11.50 -10.48 -10.24
C ILE A 90 -11.65 -11.98 -10.03
N ASP A 91 -10.92 -12.76 -10.81
CA ASP A 91 -10.97 -14.20 -10.71
C ASP A 91 -9.90 -14.87 -11.55
N ILE A 92 -9.99 -14.70 -12.86
CA ILE A 92 -9.02 -15.29 -13.77
C ILE A 92 -7.79 -14.41 -13.94
N GLY A 93 -7.97 -13.12 -13.70
CA GLY A 93 -6.87 -12.18 -13.82
C GLY A 93 -5.88 -12.31 -12.69
N ASP A 94 -6.15 -13.20 -11.74
CA ASP A 94 -5.27 -13.41 -10.60
C ASP A 94 -4.18 -14.42 -10.92
N LEU A 95 -4.50 -15.38 -11.78
CA LEU A 95 -3.55 -16.41 -12.17
C LEU A 95 -3.14 -16.27 -13.63
N ALA A 96 -3.15 -15.04 -14.13
CA ALA A 96 -2.77 -14.79 -15.52
C ALA A 96 -2.50 -13.32 -15.80
N MET A 97 -3.17 -12.43 -15.08
CA MET A 97 -2.99 -10.99 -15.29
C MET A 97 -1.83 -10.44 -14.46
N VAL A 98 -2.06 -10.28 -13.16
CA VAL A 98 -1.04 -9.74 -12.27
C VAL A 98 0.20 -10.63 -12.18
N SER A 99 0.01 -11.91 -11.90
CA SER A 99 1.12 -12.84 -11.78
C SER A 99 1.93 -12.96 -13.07
N LYS A 100 1.45 -12.34 -14.14
CA LYS A 100 2.13 -12.39 -15.43
C LYS A 100 3.52 -11.79 -15.34
N ASN A 101 3.61 -10.56 -14.88
CA ASN A 101 4.89 -9.88 -14.77
C ASN A 101 5.63 -10.29 -13.51
N ILE A 102 4.93 -10.26 -12.37
CA ILE A 102 5.52 -10.60 -11.08
C ILE A 102 6.90 -9.94 -10.92
N GLY A 103 6.89 -8.85 -10.18
CA GLY A 103 8.12 -8.13 -9.92
C GLY A 103 8.41 -7.05 -10.95
N SER A 104 7.37 -6.57 -11.61
CA SER A 104 7.53 -5.53 -12.62
C SER A 104 7.16 -4.15 -12.05
N THR A 105 8.16 -3.30 -11.93
CA THR A 105 7.95 -1.96 -11.40
C THR A 105 7.14 -1.09 -12.37
N THR A 106 6.99 -1.57 -13.60
CA THR A 106 6.23 -0.85 -14.61
C THR A 106 4.77 -1.27 -14.60
N ASN A 107 4.51 -2.49 -14.13
CA ASN A 107 3.15 -3.01 -14.06
C ASN A 107 2.57 -2.83 -12.67
N THR A 108 2.54 -1.58 -12.21
CA THR A 108 2.00 -1.25 -10.89
C THR A 108 0.52 -0.91 -10.98
N SER A 109 -0.02 -0.93 -12.19
CA SER A 109 -1.42 -0.61 -12.42
C SER A 109 -2.35 -1.65 -11.80
N LEU A 110 -1.81 -2.78 -11.37
CA LEU A 110 -2.65 -3.82 -10.77
C LEU A 110 -1.95 -4.62 -9.68
N ASP A 111 -1.25 -3.93 -8.78
CA ASP A 111 -0.59 -4.58 -7.68
C ASP A 111 -1.34 -4.24 -6.41
N LEU A 112 -1.99 -5.23 -5.80
CA LEU A 112 -2.75 -4.99 -4.58
C LEU A 112 -1.94 -4.14 -3.59
N ASN A 113 -0.63 -4.11 -3.79
CA ASN A 113 0.28 -3.37 -2.93
C ASN A 113 0.88 -2.17 -3.65
N LYS A 114 0.83 -2.20 -4.99
CA LYS A 114 1.40 -1.14 -5.80
C LYS A 114 2.80 -0.81 -5.32
N ASP A 115 3.54 -1.85 -4.96
CA ASP A 115 4.91 -1.69 -4.47
C ASP A 115 5.90 -1.69 -5.63
N GLY A 116 5.39 -1.71 -6.86
CA GLY A 116 6.27 -1.70 -8.02
C GLY A 116 6.90 -3.06 -8.27
N SER A 117 6.13 -4.11 -8.02
CA SER A 117 6.61 -5.48 -8.21
C SER A 117 5.51 -6.47 -7.91
N ILE A 118 4.97 -7.08 -8.95
CA ILE A 118 3.94 -8.08 -8.77
C ILE A 118 4.53 -9.27 -8.04
N ASP A 119 4.14 -9.37 -6.80
CA ASP A 119 4.63 -10.44 -5.94
C ASP A 119 3.51 -11.12 -5.16
N GLU A 120 3.82 -11.57 -3.94
CA GLU A 120 2.84 -12.25 -3.09
C GLU A 120 1.75 -11.29 -2.64
N TYR A 121 2.06 -10.01 -2.60
CA TYR A 121 1.10 -8.99 -2.18
C TYR A 121 -0.04 -8.87 -3.19
N GLU A 122 0.16 -9.41 -4.39
CA GLU A 122 -0.84 -9.34 -5.45
C GLU A 122 -1.75 -10.58 -5.43
N ILE A 123 -1.24 -11.65 -4.86
CA ILE A 123 -1.98 -12.91 -4.77
C ILE A 123 -2.67 -13.05 -3.41
N SER A 124 -1.94 -12.69 -2.36
CA SER A 124 -2.43 -12.79 -0.98
C SER A 124 -3.93 -12.54 -0.84
N PHE A 125 -4.48 -11.65 -1.67
CA PHE A 125 -5.90 -11.34 -1.58
C PHE A 125 -6.74 -12.29 -2.45
N ILE A 126 -6.63 -12.14 -3.76
CA ILE A 126 -7.39 -12.96 -4.69
C ILE A 126 -6.99 -14.44 -4.66
N ASN A 127 -5.92 -14.76 -3.92
CA ASN A 127 -5.45 -16.14 -3.84
C ASN A 127 -6.60 -17.11 -3.62
N HIS A 128 -7.25 -17.03 -2.45
CA HIS A 128 -8.37 -17.90 -2.13
C HIS A 128 -9.70 -17.25 -2.47
N ARG A 129 -9.84 -15.97 -2.15
CA ARG A 129 -11.07 -15.23 -2.44
C ARG A 129 -11.63 -15.60 -3.81
N ILE A 130 -10.72 -15.88 -4.73
CA ILE A 130 -11.10 -16.25 -6.10
C ILE A 130 -11.92 -17.54 -6.10
N LEU A 131 -11.46 -18.55 -5.37
CA LEU A 131 -12.16 -19.82 -5.30
C LEU A 131 -13.15 -19.85 -4.14
N ASN A 132 -12.89 -19.03 -3.13
CA ASN A 132 -13.76 -18.97 -1.96
C ASN A 132 -14.90 -17.97 -2.17
N LEU A 133 -15.74 -18.25 -3.18
CA LEU A 133 -16.87 -17.38 -3.48
C LEU A 133 -18.17 -18.17 -3.52
N GLU A 134 -18.12 -19.33 -4.18
CA GLU A 134 -19.30 -20.18 -4.30
C GLU A 134 -19.26 -21.30 -3.26
N HIS A 135 -18.75 -20.98 -2.08
CA HIS A 135 -18.67 -21.97 -1.00
C HIS A 135 -19.91 -21.93 -0.12
N HIS A 136 -20.19 -20.77 0.47
CA HIS A 136 -21.35 -20.60 1.33
C HIS A 136 -21.29 -21.55 2.53
N HIS A 137 -20.07 -21.85 2.97
CA HIS A 137 -19.87 -22.74 4.10
C HIS A 137 -18.39 -22.86 4.46
N HIS A 138 -18.08 -23.69 5.45
CA HIS A 138 -16.71 -23.88 5.88
C HIS A 138 -16.22 -25.29 5.54
N HIS A 139 -17.05 -26.29 5.84
CA HIS A 139 -16.71 -27.68 5.57
C HIS A 139 -15.48 -28.11 6.35
N HIS A 140 -14.30 -27.74 5.86
CA HIS A 140 -13.04 -28.10 6.51
C HIS A 140 -12.14 -26.87 6.64
N MET A 1 6.10 26.32 8.05
CA MET A 1 6.48 27.39 9.00
C MET A 1 6.53 26.87 10.43
N ASP A 2 5.53 26.07 10.80
CA ASP A 2 5.48 25.50 12.14
C ASP A 2 5.15 24.01 12.09
N LYS A 3 6.05 23.24 11.48
CA LYS A 3 5.89 21.79 11.33
C LYS A 3 4.41 21.38 11.29
N THR A 4 3.66 21.95 10.36
CA THR A 4 2.25 21.64 10.21
C THR A 4 2.04 20.49 9.24
N ASN A 5 2.61 20.62 8.05
CA ASN A 5 2.49 19.58 7.02
C ASN A 5 2.87 18.21 7.57
N LEU A 6 3.79 18.19 8.53
CA LEU A 6 4.24 16.96 9.13
C LEU A 6 3.21 16.45 10.13
N GLY A 7 3.04 17.18 11.23
CA GLY A 7 2.08 16.79 12.24
C GLY A 7 0.72 16.43 11.67
N GLU A 8 0.41 16.96 10.49
CA GLU A 8 -0.86 16.69 9.84
C GLU A 8 -0.74 15.53 8.86
N LEU A 9 0.48 15.24 8.42
CA LEU A 9 0.70 14.15 7.48
C LEU A 9 1.19 12.92 8.20
N ILE A 10 1.70 13.12 9.41
CA ILE A 10 2.21 12.02 10.21
C ILE A 10 1.14 11.49 11.16
N ASN A 11 0.29 12.38 11.65
CA ASN A 11 -0.80 11.98 12.55
C ASN A 11 -1.55 10.79 11.97
N GLN A 12 -1.55 10.71 10.64
CA GLN A 12 -2.23 9.63 9.94
C GLN A 12 -1.27 8.48 9.66
N GLY A 13 0.01 8.83 9.45
CA GLY A 13 1.01 7.81 9.18
C GLY A 13 1.10 6.79 10.30
N LYS A 14 1.57 7.23 11.45
CA LYS A 14 1.69 6.34 12.60
C LYS A 14 0.36 5.68 12.92
N SER A 15 -0.73 6.32 12.50
CA SER A 15 -2.07 5.78 12.72
C SER A 15 -2.43 4.78 11.62
N LEU A 16 -1.80 4.93 10.46
CA LEU A 16 -2.02 4.04 9.34
C LEU A 16 -1.30 2.73 9.59
N LEU A 17 0.02 2.83 9.77
CA LEU A 17 0.85 1.65 10.04
C LEU A 17 0.32 0.89 11.25
N ASP A 18 -0.26 1.63 12.20
CA ASP A 18 -0.80 1.03 13.42
C ASP A 18 -2.11 0.29 13.17
N GLU A 19 -2.80 0.62 12.07
CA GLU A 19 -4.08 -0.02 11.75
C GLU A 19 -3.90 -1.07 10.65
N SER A 20 -3.55 -0.59 9.46
CA SER A 20 -3.34 -1.46 8.30
C SER A 20 -2.36 -2.56 8.65
N VAL A 21 -2.88 -3.75 8.83
CA VAL A 21 -2.05 -4.88 9.18
C VAL A 21 -1.79 -5.74 7.97
N GLU A 22 -0.59 -6.29 7.91
CA GLU A 22 -0.22 -7.16 6.80
C GLU A 22 -0.90 -8.52 6.94
N GLY A 23 -1.87 -8.78 6.07
CA GLY A 23 -2.58 -10.05 6.10
C GLY A 23 -2.65 -10.71 4.73
N PHE A 24 -3.70 -10.38 3.97
CA PHE A 24 -3.88 -10.94 2.64
C PHE A 24 -5.29 -10.66 2.11
N ASN A 25 -5.73 -9.41 2.21
CA ASN A 25 -7.06 -9.03 1.74
C ASN A 25 -7.32 -7.55 1.99
N VAL A 26 -8.48 -7.07 1.55
CA VAL A 26 -8.85 -5.68 1.74
C VAL A 26 -8.76 -5.28 3.20
N GLY A 27 -7.92 -4.29 3.50
CA GLY A 27 -7.74 -3.86 4.86
C GLY A 27 -6.42 -4.34 5.45
N GLU A 28 -5.82 -5.34 4.79
CA GLU A 28 -4.56 -5.89 5.23
C GLU A 28 -3.63 -6.09 4.04
N TYR A 29 -2.37 -5.72 4.21
CA TYR A 29 -1.41 -5.84 3.11
C TYR A 29 -0.57 -7.10 3.24
N HIS A 30 0.30 -7.35 2.27
CA HIS A 30 1.14 -8.54 2.30
C HIS A 30 2.40 -8.32 3.13
N LYS A 31 3.32 -7.52 2.59
CA LYS A 31 4.57 -7.25 3.29
C LYS A 31 5.32 -6.08 2.65
N GLY A 32 6.04 -5.32 3.47
CA GLY A 32 6.79 -4.19 2.97
C GLY A 32 6.10 -2.86 3.20
N ALA A 33 4.85 -2.91 3.65
CA ALA A 33 4.09 -1.68 3.91
C ALA A 33 4.50 -1.03 5.24
N LYS A 34 4.31 -1.78 6.33
CA LYS A 34 4.62 -1.30 7.68
C LYS A 34 5.90 -0.45 7.74
N ASP A 35 6.85 -0.68 6.84
CA ASP A 35 8.10 0.09 6.86
C ASP A 35 7.98 1.45 6.18
N GLY A 36 7.85 1.46 4.85
CA GLY A 36 7.73 2.72 4.12
C GLY A 36 7.13 3.84 4.97
N LEU A 37 5.84 3.74 5.22
CA LEU A 37 5.14 4.73 6.02
C LEU A 37 5.87 5.04 7.34
N THR A 38 6.54 4.05 7.94
CA THR A 38 7.26 4.31 9.17
C THR A 38 8.58 4.99 8.86
N VAL A 39 9.17 4.60 7.74
CA VAL A 39 10.42 5.19 7.28
C VAL A 39 10.24 6.68 7.08
N GLU A 40 9.08 7.04 6.56
CA GLU A 40 8.75 8.44 6.35
C GLU A 40 8.35 9.04 7.69
N ILE A 41 7.78 8.20 8.57
CA ILE A 41 7.39 8.64 9.91
C ILE A 41 8.64 8.94 10.71
N ASN A 42 9.47 7.92 10.88
CA ASN A 42 10.73 8.07 11.59
C ASN A 42 11.46 9.27 11.03
N LYS A 43 11.38 9.42 9.71
CA LYS A 43 12.01 10.53 9.03
C LYS A 43 11.17 11.82 9.12
N ALA A 44 9.86 11.66 9.32
CA ALA A 44 8.96 12.81 9.42
C ALA A 44 8.91 13.34 10.83
N GLU A 45 8.45 12.50 11.77
CA GLU A 45 8.37 12.89 13.16
C GLU A 45 9.67 13.53 13.63
N GLU A 46 10.78 13.06 13.06
CA GLU A 46 12.08 13.62 13.39
C GLU A 46 12.12 15.09 13.02
N VAL A 47 11.28 15.47 12.05
CA VAL A 47 11.19 16.85 11.60
C VAL A 47 10.03 17.55 12.31
N PHE A 48 8.91 16.83 12.43
CA PHE A 48 7.72 17.36 13.09
C PHE A 48 8.08 18.01 14.42
N ASN A 49 8.77 17.25 15.26
CA ASN A 49 9.17 17.74 16.57
C ASN A 49 10.55 18.39 16.52
N LYS A 50 11.05 18.63 15.32
CA LYS A 50 12.37 19.25 15.16
C LYS A 50 12.30 20.76 15.21
N GLU A 51 13.45 21.40 15.41
CA GLU A 51 13.52 22.86 15.47
C GLU A 51 13.79 23.43 14.10
N ASP A 52 14.49 22.68 13.26
CA ASP A 52 14.77 23.14 11.91
C ASP A 52 13.63 22.75 10.99
N ALA A 53 12.50 22.37 11.57
CA ALA A 53 11.33 22.02 10.80
C ALA A 53 10.69 23.31 10.31
N THR A 54 11.55 24.15 9.75
CA THR A 54 11.17 25.44 9.22
C THR A 54 10.85 25.33 7.74
N GLU A 55 11.48 26.17 6.96
CA GLU A 55 11.28 26.19 5.52
C GLU A 55 12.25 25.24 4.81
N GLU A 56 13.26 24.77 5.51
CA GLU A 56 14.25 23.88 4.92
C GLU A 56 13.97 22.40 5.19
N GLU A 57 13.94 22.02 6.46
CA GLU A 57 13.73 20.63 6.85
C GLU A 57 12.34 20.09 6.50
N ILE A 58 11.28 20.85 6.81
CA ILE A 58 9.93 20.38 6.52
C ILE A 58 9.80 19.91 5.08
N ASN A 59 10.02 20.83 4.15
CA ASN A 59 9.94 20.51 2.73
C ASN A 59 10.66 19.20 2.44
N LEU A 60 11.86 19.07 2.97
CA LEU A 60 12.66 17.87 2.79
C LEU A 60 11.99 16.68 3.48
N ALA A 61 11.31 16.93 4.58
CA ALA A 61 10.63 15.86 5.33
C ALA A 61 9.23 15.58 4.79
N LYS A 62 8.67 16.53 4.05
CA LYS A 62 7.32 16.39 3.51
C LYS A 62 7.31 15.54 2.24
N GLU A 63 8.30 15.73 1.38
CA GLU A 63 8.38 14.98 0.13
C GLU A 63 8.50 13.47 0.39
N SER A 64 8.95 13.12 1.59
CA SER A 64 9.11 11.73 1.98
C SER A 64 7.89 11.25 2.76
N LEU A 65 7.01 12.17 3.14
CA LEU A 65 5.83 11.83 3.93
C LEU A 65 4.58 11.72 3.05
N GLU A 66 4.33 12.76 2.24
CA GLU A 66 3.16 12.78 1.36
C GLU A 66 3.16 11.60 0.41
N GLY A 67 4.17 11.53 -0.46
CA GLY A 67 4.27 10.44 -1.40
C GLY A 67 4.59 9.12 -0.73
N ALA A 68 4.76 9.15 0.59
CA ALA A 68 5.07 7.95 1.34
C ALA A 68 3.81 7.28 1.85
N ILE A 69 2.97 8.05 2.55
CA ILE A 69 1.72 7.53 3.06
C ILE A 69 0.88 7.08 1.90
N ALA A 70 0.92 7.89 0.85
CA ALA A 70 0.18 7.62 -0.36
C ALA A 70 0.45 6.20 -0.85
N ARG A 71 1.62 5.67 -0.51
CA ARG A 71 2.00 4.32 -0.89
C ARG A 71 1.40 3.31 0.07
N PHE A 72 1.82 3.37 1.33
CA PHE A 72 1.33 2.46 2.35
C PHE A 72 -0.20 2.37 2.34
N ASN A 73 -0.85 3.44 1.89
CA ASN A 73 -2.31 3.47 1.83
C ASN A 73 -2.81 2.45 0.82
N SER A 74 -2.02 2.23 -0.22
CA SER A 74 -2.37 1.27 -1.26
C SER A 74 -1.60 -0.04 -1.08
N LEU A 75 -1.32 -0.39 0.17
CA LEU A 75 -0.58 -1.62 0.47
C LEU A 75 -1.53 -2.71 0.96
N LEU A 76 -2.50 -2.32 1.76
CA LEU A 76 -3.50 -3.25 2.32
C LEU A 76 -4.48 -3.71 1.25
N ILE A 77 -3.96 -4.16 0.13
CA ILE A 77 -4.82 -4.60 -0.97
C ILE A 77 -5.83 -3.51 -1.24
N GLU A 78 -5.32 -2.36 -1.70
CA GLU A 78 -6.15 -1.21 -1.98
C GLU A 78 -7.61 -1.59 -2.05
N GLU A 79 -8.38 -0.97 -1.19
CA GLU A 79 -9.81 -1.23 -1.08
C GLU A 79 -10.46 -1.49 -2.45
N SER A 80 -9.85 -1.01 -3.53
CA SER A 80 -10.39 -1.22 -4.86
C SER A 80 -9.32 -1.68 -5.86
N THR A 81 -8.29 -2.42 -5.41
CA THR A 81 -7.25 -2.89 -6.33
C THR A 81 -7.62 -4.25 -6.92
N GLY A 82 -8.70 -4.86 -6.42
CA GLY A 82 -9.12 -6.15 -6.93
C GLY A 82 -9.19 -6.16 -8.44
N ASP A 83 -9.61 -5.05 -9.02
CA ASP A 83 -9.73 -4.93 -10.47
C ASP A 83 -8.35 -4.84 -11.11
N PHE A 84 -7.68 -6.00 -11.23
CA PHE A 84 -6.36 -6.07 -11.82
C PHE A 84 -6.38 -5.65 -13.28
N ASN A 85 -7.28 -6.26 -14.05
CA ASN A 85 -7.40 -5.94 -15.46
C ASN A 85 -7.76 -4.47 -15.65
N GLY A 86 -8.20 -3.83 -14.58
CA GLY A 86 -8.58 -2.43 -14.66
C GLY A 86 -9.92 -2.24 -15.31
N ASN A 87 -10.58 -3.35 -15.65
CA ASN A 87 -11.88 -3.30 -16.29
C ASN A 87 -12.98 -3.81 -15.35
N GLY A 88 -12.60 -4.66 -14.41
CA GLY A 88 -13.56 -5.22 -13.47
C GLY A 88 -13.67 -6.72 -13.56
N LYS A 89 -12.64 -7.42 -13.09
CA LYS A 89 -12.63 -8.88 -13.11
C LYS A 89 -11.65 -9.42 -12.09
N ILE A 90 -12.17 -10.14 -11.10
CA ILE A 90 -11.33 -10.71 -10.05
C ILE A 90 -11.52 -12.22 -9.95
N ASP A 91 -10.72 -12.95 -10.73
CA ASP A 91 -10.82 -14.42 -10.74
C ASP A 91 -9.75 -15.02 -11.64
N ILE A 92 -9.60 -14.44 -12.83
CA ILE A 92 -8.61 -14.93 -13.77
C ILE A 92 -7.45 -13.95 -13.88
N GLY A 93 -7.74 -12.67 -13.65
CA GLY A 93 -6.70 -11.66 -13.71
C GLY A 93 -5.56 -11.92 -12.75
N ASP A 94 -5.76 -12.85 -11.82
CA ASP A 94 -4.73 -13.18 -10.84
C ASP A 94 -3.70 -14.13 -11.45
N LEU A 95 -4.19 -15.16 -12.13
CA LEU A 95 -3.31 -16.14 -12.76
C LEU A 95 -3.13 -15.85 -14.24
N ALA A 96 -3.22 -14.58 -14.62
CA ALA A 96 -3.08 -14.19 -16.01
C ALA A 96 -2.73 -12.71 -16.17
N MET A 97 -3.36 -11.86 -15.36
CA MET A 97 -3.11 -10.42 -15.44
C MET A 97 -1.91 -10.00 -14.60
N VAL A 98 -2.07 -10.00 -13.28
CA VAL A 98 -1.00 -9.59 -12.39
C VAL A 98 0.14 -10.59 -12.35
N SER A 99 -0.17 -11.86 -12.08
CA SER A 99 0.86 -12.90 -12.00
C SER A 99 1.67 -13.01 -13.29
N LYS A 100 1.26 -12.29 -14.33
CA LYS A 100 1.96 -12.33 -15.60
C LYS A 100 3.41 -11.90 -15.47
N ASN A 101 3.62 -10.65 -15.06
CA ASN A 101 4.97 -10.14 -14.92
C ASN A 101 5.62 -10.64 -13.64
N ILE A 102 4.90 -10.53 -12.52
CA ILE A 102 5.41 -10.96 -11.23
C ILE A 102 6.84 -10.46 -11.02
N GLY A 103 6.95 -9.38 -10.27
CA GLY A 103 8.25 -8.81 -9.98
C GLY A 103 8.63 -7.71 -10.95
N SER A 104 7.64 -7.10 -11.59
CA SER A 104 7.89 -6.03 -12.54
C SER A 104 7.41 -4.69 -11.99
N THR A 105 8.36 -3.80 -11.69
CA THR A 105 8.05 -2.49 -11.16
C THR A 105 7.19 -1.70 -12.14
N THR A 106 7.56 -1.76 -13.42
CA THR A 106 6.81 -1.06 -14.45
C THR A 106 5.37 -1.56 -14.52
N ASN A 107 5.17 -2.81 -14.11
CA ASN A 107 3.84 -3.41 -14.12
C ASN A 107 3.22 -3.36 -12.72
N THR A 108 3.49 -2.27 -12.01
CA THR A 108 2.96 -2.08 -10.66
C THR A 108 1.51 -1.59 -10.70
N SER A 109 0.98 -1.37 -11.90
CA SER A 109 -0.40 -0.90 -12.06
C SER A 109 -1.36 -1.71 -11.20
N LEU A 110 -1.00 -2.97 -10.96
CA LEU A 110 -1.83 -3.86 -10.14
C LEU A 110 -1.38 -3.81 -8.68
N ASP A 111 -0.23 -4.46 -8.41
CA ASP A 111 0.34 -4.51 -7.09
C ASP A 111 -0.62 -4.12 -5.98
N LEU A 112 -1.42 -5.10 -5.53
CA LEU A 112 -2.36 -4.83 -4.44
C LEU A 112 -1.60 -4.17 -3.29
N ASN A 113 -0.30 -4.46 -3.28
CA ASN A 113 0.63 -3.95 -2.29
C ASN A 113 1.30 -2.66 -2.78
N LYS A 114 1.65 -2.65 -4.06
CA LYS A 114 2.32 -1.50 -4.66
C LYS A 114 3.80 -1.49 -4.29
N ASP A 115 4.36 -2.68 -4.11
CA ASP A 115 5.75 -2.81 -3.75
C ASP A 115 6.64 -2.56 -4.98
N GLY A 116 6.02 -2.51 -6.15
CA GLY A 116 6.78 -2.29 -7.38
C GLY A 116 7.28 -3.61 -7.92
N SER A 117 6.49 -4.65 -7.69
CA SER A 117 6.83 -6.00 -8.13
C SER A 117 5.65 -6.91 -7.91
N ILE A 118 5.12 -7.45 -8.99
CA ILE A 118 4.01 -8.35 -8.88
C ILE A 118 4.48 -9.62 -8.19
N ASP A 119 4.05 -9.75 -6.97
CA ASP A 119 4.43 -10.89 -6.15
C ASP A 119 3.24 -11.51 -5.43
N GLU A 120 3.47 -12.02 -4.23
CA GLU A 120 2.41 -12.65 -3.45
C GLU A 120 1.39 -11.61 -2.99
N TYR A 121 1.87 -10.39 -2.75
CA TYR A 121 1.00 -9.31 -2.31
C TYR A 121 -0.14 -9.07 -3.29
N GLU A 122 0.05 -9.50 -4.54
CA GLU A 122 -0.97 -9.33 -5.59
C GLU A 122 -1.94 -10.51 -5.63
N ILE A 123 -1.53 -11.61 -5.03
CA ILE A 123 -2.34 -12.82 -5.01
C ILE A 123 -3.14 -12.93 -3.71
N SER A 124 -2.56 -12.44 -2.62
CA SER A 124 -3.17 -12.48 -1.30
C SER A 124 -4.67 -12.17 -1.35
N PHE A 125 -5.08 -11.34 -2.30
CA PHE A 125 -6.50 -10.96 -2.40
C PHE A 125 -7.28 -11.95 -3.27
N ILE A 126 -7.05 -11.90 -4.58
CA ILE A 126 -7.76 -12.78 -5.51
C ILE A 126 -7.79 -14.21 -5.02
N ASN A 127 -6.66 -14.70 -4.50
CA ASN A 127 -6.57 -16.07 -3.99
C ASN A 127 -7.78 -16.41 -3.14
N HIS A 128 -8.29 -15.42 -2.40
CA HIS A 128 -9.45 -15.62 -1.55
C HIS A 128 -10.74 -15.25 -2.28
N ARG A 129 -10.74 -14.08 -2.91
CA ARG A 129 -11.91 -13.62 -3.66
C ARG A 129 -12.33 -14.63 -4.70
N ILE A 130 -11.35 -15.32 -5.28
CA ILE A 130 -11.63 -16.34 -6.29
C ILE A 130 -12.56 -17.41 -5.75
N LEU A 131 -12.04 -18.23 -4.84
CA LEU A 131 -12.81 -19.31 -4.24
C LEU A 131 -14.03 -18.75 -3.50
N ASN A 132 -13.88 -17.55 -2.96
CA ASN A 132 -14.96 -16.90 -2.22
C ASN A 132 -15.98 -16.29 -3.18
N LEU A 133 -16.60 -17.13 -3.99
CA LEU A 133 -17.60 -16.68 -4.96
C LEU A 133 -18.19 -17.85 -5.73
N GLU A 134 -17.33 -18.79 -6.12
CA GLU A 134 -17.77 -19.96 -6.86
C GLU A 134 -17.99 -21.15 -5.92
N HIS A 135 -18.28 -22.31 -6.51
CA HIS A 135 -18.51 -23.52 -5.73
C HIS A 135 -17.80 -24.71 -6.36
N HIS A 136 -17.98 -25.89 -5.75
CA HIS A 136 -17.35 -27.11 -6.25
C HIS A 136 -15.83 -27.00 -6.21
N HIS A 137 -15.16 -28.13 -6.05
CA HIS A 137 -13.70 -28.16 -6.00
C HIS A 137 -13.15 -29.25 -6.90
N HIS A 138 -11.84 -29.40 -6.90
CA HIS A 138 -11.18 -30.41 -7.73
C HIS A 138 -11.28 -31.79 -7.09
N HIS A 139 -11.07 -32.83 -7.89
CA HIS A 139 -11.14 -34.20 -7.40
C HIS A 139 -9.85 -34.95 -7.69
N HIS A 140 -9.82 -36.24 -7.35
CA HIS A 140 -8.64 -37.07 -7.57
C HIS A 140 -8.54 -37.49 -9.04
N MET A 1 -0.02 26.25 8.43
CA MET A 1 1.22 26.98 8.79
C MET A 1 2.46 26.10 8.57
N ASP A 2 3.63 26.70 8.74
CA ASP A 2 4.89 25.98 8.58
C ASP A 2 5.07 24.94 9.68
N LYS A 3 5.83 23.89 9.37
CA LYS A 3 6.09 22.82 10.34
C LYS A 3 4.82 22.04 10.67
N THR A 4 3.75 22.30 9.92
CA THR A 4 2.47 21.62 10.14
C THR A 4 2.37 20.39 9.24
N ASN A 5 2.83 20.53 8.00
CA ASN A 5 2.78 19.44 7.03
C ASN A 5 3.19 18.11 7.66
N LEU A 6 4.10 18.18 8.64
CA LEU A 6 4.58 17.00 9.32
C LEU A 6 3.55 16.52 10.32
N GLY A 7 3.35 17.29 11.38
CA GLY A 7 2.39 16.93 12.40
C GLY A 7 1.01 16.63 11.83
N GLU A 8 0.74 17.12 10.63
CA GLU A 8 -0.54 16.90 10.00
C GLU A 8 -0.50 15.70 9.05
N LEU A 9 0.70 15.31 8.62
CA LEU A 9 0.85 14.18 7.72
C LEU A 9 1.28 12.95 8.49
N ILE A 10 1.91 13.18 9.64
CA ILE A 10 2.37 12.08 10.47
C ILE A 10 1.31 11.64 11.48
N ASN A 11 0.51 12.60 11.96
CA ASN A 11 -0.56 12.29 12.91
C ASN A 11 -1.36 11.10 12.43
N GLN A 12 -1.44 10.96 11.11
CA GLN A 12 -2.18 9.87 10.49
C GLN A 12 -1.22 8.74 10.12
N GLY A 13 0.01 9.10 9.77
CA GLY A 13 1.00 8.12 9.40
C GLY A 13 1.21 7.05 10.46
N LYS A 14 1.74 7.46 11.60
CA LYS A 14 1.99 6.51 12.70
C LYS A 14 0.67 5.93 13.19
N SER A 15 -0.43 6.61 12.88
CA SER A 15 -1.75 6.14 13.28
C SER A 15 -2.24 5.07 12.31
N LEU A 16 -1.81 5.19 11.05
CA LEU A 16 -2.18 4.24 10.01
C LEU A 16 -1.38 2.96 10.21
N LEU A 17 -0.07 3.05 9.98
CA LEU A 17 0.85 1.93 10.11
C LEU A 17 0.65 1.19 11.44
N ASP A 18 0.16 1.91 12.45
CA ASP A 18 -0.07 1.31 13.76
C ASP A 18 -1.53 0.89 13.97
N GLU A 19 -2.36 1.16 12.96
CA GLU A 19 -3.77 0.80 13.03
C GLU A 19 -4.00 -0.37 12.09
N SER A 20 -3.32 -0.29 10.95
CA SER A 20 -3.39 -1.29 9.94
C SER A 20 -2.67 -2.54 10.41
N VAL A 21 -2.71 -3.53 9.57
CA VAL A 21 -2.08 -4.81 9.84
C VAL A 21 -1.79 -5.56 8.56
N GLU A 22 -0.58 -6.04 8.42
CA GLU A 22 -0.22 -6.82 7.24
C GLU A 22 -0.77 -8.23 7.36
N GLY A 23 -1.79 -8.53 6.54
CA GLY A 23 -2.38 -9.85 6.57
C GLY A 23 -2.46 -10.49 5.20
N PHE A 24 -3.59 -10.31 4.51
CA PHE A 24 -3.76 -10.88 3.18
C PHE A 24 -5.21 -10.72 2.71
N ASN A 25 -5.79 -9.56 2.98
CA ASN A 25 -7.17 -9.29 2.56
C ASN A 25 -7.57 -7.84 2.88
N VAL A 26 -8.72 -7.43 2.35
CA VAL A 26 -9.21 -6.07 2.57
C VAL A 26 -9.14 -5.70 4.05
N GLY A 27 -8.30 -4.72 4.36
CA GLY A 27 -8.14 -4.29 5.73
C GLY A 27 -6.74 -4.60 6.24
N GLU A 28 -6.10 -5.60 5.62
CA GLU A 28 -4.75 -6.00 5.99
C GLU A 28 -3.90 -6.10 4.75
N TYR A 29 -2.71 -5.54 4.81
CA TYR A 29 -1.80 -5.56 3.67
C TYR A 29 -0.81 -6.73 3.76
N HIS A 30 0.02 -6.89 2.74
CA HIS A 30 1.00 -7.99 2.74
C HIS A 30 2.41 -7.44 2.65
N LYS A 31 2.91 -6.94 3.78
CA LYS A 31 4.26 -6.39 3.83
C LYS A 31 4.43 -5.25 2.84
N GLY A 32 5.48 -4.46 3.02
CA GLY A 32 5.72 -3.35 2.13
C GLY A 32 5.11 -2.05 2.63
N ALA A 33 4.01 -2.15 3.37
CA ALA A 33 3.35 -0.97 3.90
C ALA A 33 4.05 -0.48 5.17
N LYS A 34 4.16 -1.38 6.16
CA LYS A 34 4.82 -1.05 7.43
C LYS A 34 6.14 -0.28 7.26
N ASP A 35 6.71 -0.31 6.06
CA ASP A 35 7.99 0.38 5.83
C ASP A 35 7.79 1.79 5.29
N GLY A 36 7.35 1.90 4.03
CA GLY A 36 7.14 3.19 3.41
C GLY A 36 6.44 4.19 4.31
N LEU A 37 5.14 4.01 4.51
CA LEU A 37 4.36 4.90 5.35
C LEU A 37 5.08 5.21 6.66
N THR A 38 5.97 4.33 7.09
CA THR A 38 6.71 4.55 8.33
C THR A 38 8.04 5.23 8.00
N VAL A 39 8.62 4.86 6.88
CA VAL A 39 9.88 5.44 6.43
C VAL A 39 9.73 6.95 6.36
N GLU A 40 8.53 7.37 5.99
CA GLU A 40 8.20 8.78 5.92
C GLU A 40 8.09 9.31 7.35
N ILE A 41 7.62 8.44 8.24
CA ILE A 41 7.46 8.77 9.65
C ILE A 41 8.81 8.86 10.34
N ASN A 42 9.55 7.75 10.34
CA ASN A 42 10.88 7.73 10.95
C ASN A 42 11.65 8.96 10.49
N LYS A 43 11.41 9.34 9.22
CA LYS A 43 12.06 10.50 8.64
C LYS A 43 11.27 11.78 8.93
N ALA A 44 9.95 11.67 9.09
CA ALA A 44 9.10 12.83 9.36
C ALA A 44 9.14 13.22 10.82
N GLU A 45 8.73 12.30 11.70
CA GLU A 45 8.71 12.55 13.13
C GLU A 45 10.03 13.17 13.58
N GLU A 46 11.13 12.70 13.01
CA GLU A 46 12.44 13.22 13.33
C GLU A 46 12.52 14.68 12.93
N VAL A 47 11.68 15.08 11.97
CA VAL A 47 11.63 16.45 11.50
C VAL A 47 10.53 17.22 12.23
N PHE A 48 9.38 16.57 12.42
CA PHE A 48 8.26 17.19 13.10
C PHE A 48 8.69 17.80 14.41
N ASN A 49 9.44 17.03 15.19
CA ASN A 49 9.94 17.50 16.48
C ASN A 49 11.31 18.14 16.31
N LYS A 50 11.71 18.40 15.07
CA LYS A 50 13.02 18.99 14.80
C LYS A 50 12.94 20.52 14.75
N GLU A 51 14.10 21.16 14.85
CA GLU A 51 14.17 22.62 14.80
C GLU A 51 14.51 23.08 13.40
N ASP A 52 15.18 22.24 12.64
CA ASP A 52 15.50 22.59 11.27
C ASP A 52 14.34 22.22 10.36
N ALA A 53 13.17 22.00 10.96
CA ALA A 53 11.98 21.71 10.21
C ALA A 53 11.48 23.01 9.62
N THR A 54 12.42 23.70 8.99
CA THR A 54 12.18 24.98 8.37
C THR A 54 11.80 24.82 6.91
N GLU A 55 12.48 25.54 6.06
CA GLU A 55 12.21 25.50 4.63
C GLU A 55 13.00 24.39 3.92
N GLU A 56 14.04 23.88 4.55
CA GLU A 56 14.87 22.85 3.95
C GLU A 56 14.49 21.42 4.40
N GLU A 57 14.39 21.22 5.70
CA GLU A 57 14.11 19.88 6.24
C GLU A 57 12.66 19.41 6.03
N ILE A 58 11.69 20.28 6.26
CA ILE A 58 10.28 19.89 6.10
C ILE A 58 10.03 19.27 4.74
N ASN A 59 10.25 20.05 3.69
CA ASN A 59 10.05 19.57 2.32
C ASN A 59 10.72 18.21 2.15
N LEU A 60 11.88 18.06 2.76
CA LEU A 60 12.62 16.81 2.68
C LEU A 60 11.88 15.71 3.45
N ALA A 61 11.20 16.10 4.52
CA ALA A 61 10.45 15.14 5.34
C ALA A 61 9.02 14.94 4.83
N LYS A 62 8.53 15.90 4.03
CA LYS A 62 7.18 15.82 3.50
C LYS A 62 7.12 14.99 2.22
N GLU A 63 8.27 14.78 1.58
CA GLU A 63 8.35 14.01 0.35
C GLU A 63 7.68 12.65 0.49
N SER A 64 8.06 11.90 1.52
CA SER A 64 7.50 10.57 1.75
C SER A 64 6.28 10.62 2.67
N LEU A 65 6.06 11.75 3.31
CA LEU A 65 4.92 11.89 4.20
C LEU A 65 3.64 11.95 3.39
N GLU A 66 3.69 12.65 2.28
CA GLU A 66 2.54 12.80 1.40
C GLU A 66 2.55 11.74 0.29
N GLY A 67 3.64 10.99 0.18
CA GLY A 67 3.74 9.98 -0.85
C GLY A 67 3.75 8.56 -0.31
N ALA A 68 4.02 8.41 0.98
CA ALA A 68 4.06 7.08 1.60
C ALA A 68 2.71 6.71 2.20
N ILE A 69 2.05 7.64 2.87
CA ILE A 69 0.75 7.38 3.45
C ILE A 69 -0.20 7.06 2.33
N ALA A 70 -0.08 7.84 1.26
CA ALA A 70 -0.90 7.63 0.08
C ALA A 70 -0.71 6.22 -0.45
N ARG A 71 0.44 5.64 -0.14
CA ARG A 71 0.76 4.28 -0.56
C ARG A 71 0.16 3.27 0.41
N PHE A 72 0.64 3.29 1.66
CA PHE A 72 0.14 2.38 2.68
C PHE A 72 -1.38 2.31 2.67
N ASN A 73 -2.03 3.45 2.40
CA ASN A 73 -3.49 3.51 2.37
C ASN A 73 -4.07 2.49 1.41
N SER A 74 -3.39 2.29 0.28
CA SER A 74 -3.83 1.33 -0.72
C SER A 74 -2.94 0.10 -0.72
N LEU A 75 -2.58 -0.37 0.47
CA LEU A 75 -1.72 -1.55 0.61
C LEU A 75 -2.46 -2.69 1.31
N LEU A 76 -3.47 -2.35 2.09
CA LEU A 76 -4.27 -3.34 2.83
C LEU A 76 -5.24 -4.04 1.89
N ILE A 77 -4.72 -4.57 0.80
CA ILE A 77 -5.56 -5.24 -0.19
C ILE A 77 -6.66 -4.27 -0.58
N GLU A 78 -6.21 -3.19 -1.22
CA GLU A 78 -7.11 -2.13 -1.66
C GLU A 78 -8.54 -2.59 -1.72
N GLU A 79 -9.41 -1.85 -1.07
CA GLU A 79 -10.82 -2.17 -1.02
C GLU A 79 -11.35 -2.58 -2.40
N SER A 80 -10.64 -2.17 -3.45
CA SER A 80 -11.03 -2.51 -4.82
C SER A 80 -9.88 -3.18 -5.59
N THR A 81 -8.93 -3.78 -4.86
CA THR A 81 -7.80 -4.46 -5.50
C THR A 81 -8.25 -5.40 -6.62
N GLY A 82 -9.49 -5.89 -6.52
CA GLY A 82 -10.01 -6.80 -7.53
C GLY A 82 -9.67 -6.37 -8.95
N ASP A 83 -9.59 -5.07 -9.16
CA ASP A 83 -9.27 -4.53 -10.47
C ASP A 83 -7.76 -4.49 -10.69
N PHE A 84 -7.19 -5.62 -11.11
CA PHE A 84 -5.76 -5.71 -11.36
C PHE A 84 -5.39 -4.86 -12.57
N ASN A 85 -6.21 -4.96 -13.61
CA ASN A 85 -5.98 -4.21 -14.84
C ASN A 85 -6.89 -2.98 -14.91
N GLY A 86 -8.02 -3.05 -14.23
CA GLY A 86 -8.96 -1.94 -14.23
C GLY A 86 -10.08 -2.13 -15.23
N ASN A 87 -9.98 -3.17 -16.07
CA ASN A 87 -11.01 -3.44 -17.07
C ASN A 87 -12.35 -3.72 -16.41
N GLY A 88 -12.31 -4.19 -15.16
CA GLY A 88 -13.53 -4.49 -14.45
C GLY A 88 -13.83 -5.98 -14.40
N LYS A 89 -12.81 -6.80 -14.64
CA LYS A 89 -12.98 -8.25 -14.61
C LYS A 89 -12.03 -8.87 -13.61
N ILE A 90 -12.58 -9.48 -12.57
CA ILE A 90 -11.76 -10.10 -11.54
C ILE A 90 -11.90 -11.62 -11.56
N ASP A 91 -10.95 -12.27 -12.20
CA ASP A 91 -10.95 -13.73 -12.29
C ASP A 91 -9.57 -14.23 -12.68
N ILE A 92 -9.14 -13.90 -13.89
CA ILE A 92 -7.83 -14.29 -14.37
C ILE A 92 -6.79 -13.27 -13.98
N GLY A 93 -7.25 -12.15 -13.42
CA GLY A 93 -6.33 -11.13 -12.98
C GLY A 93 -5.28 -11.72 -12.06
N ASP A 94 -5.56 -12.91 -11.55
CA ASP A 94 -4.64 -13.60 -10.66
C ASP A 94 -3.84 -14.65 -11.43
N LEU A 95 -4.43 -15.19 -12.49
CA LEU A 95 -3.77 -16.21 -13.30
C LEU A 95 -3.24 -15.66 -14.62
N ALA A 96 -2.88 -14.38 -14.65
CA ALA A 96 -2.35 -13.78 -15.87
C ALA A 96 -1.61 -12.47 -15.60
N MET A 97 -2.31 -11.34 -15.75
CA MET A 97 -1.70 -10.01 -15.55
C MET A 97 -0.68 -9.99 -14.42
N VAL A 98 -1.15 -10.06 -13.18
CA VAL A 98 -0.26 -10.01 -12.02
C VAL A 98 0.88 -11.03 -12.11
N SER A 99 0.56 -12.33 -12.10
CA SER A 99 1.60 -13.35 -12.17
C SER A 99 2.50 -13.17 -13.40
N LYS A 100 2.15 -12.27 -14.29
CA LYS A 100 2.94 -12.05 -15.50
C LYS A 100 4.27 -11.38 -15.20
N ASN A 101 4.23 -10.18 -14.63
CA ASN A 101 5.46 -9.47 -14.32
C ASN A 101 6.12 -10.07 -13.08
N ILE A 102 5.33 -10.20 -12.03
CA ILE A 102 5.79 -10.74 -10.75
C ILE A 102 7.19 -10.25 -10.42
N GLY A 103 7.23 -9.25 -9.56
CA GLY A 103 8.49 -8.67 -9.14
C GLY A 103 8.89 -7.45 -9.95
N SER A 104 7.97 -6.96 -10.78
CA SER A 104 8.24 -5.78 -11.60
C SER A 104 7.75 -4.51 -10.93
N THR A 105 8.55 -3.46 -11.03
CA THR A 105 8.21 -2.18 -10.43
C THR A 105 7.51 -1.27 -11.43
N THR A 106 7.84 -1.43 -12.71
CA THR A 106 7.24 -0.62 -13.77
C THR A 106 5.72 -0.82 -13.80
N ASN A 107 5.29 -1.91 -14.41
CA ASN A 107 3.86 -2.22 -14.50
C ASN A 107 3.31 -2.61 -13.14
N THR A 108 3.22 -1.62 -12.25
CA THR A 108 2.72 -1.85 -10.90
C THR A 108 1.21 -1.64 -10.81
N SER A 109 0.60 -1.27 -11.92
CA SER A 109 -0.85 -1.03 -11.95
C SER A 109 -1.62 -2.18 -11.31
N LEU A 110 -1.02 -3.37 -11.31
CA LEU A 110 -1.67 -4.55 -10.71
C LEU A 110 -1.45 -4.61 -9.21
N ASP A 111 -0.21 -4.38 -8.78
CA ASP A 111 0.14 -4.43 -7.39
C ASP A 111 -0.87 -3.67 -6.54
N LEU A 112 -1.88 -4.39 -6.06
CA LEU A 112 -2.87 -3.77 -5.20
C LEU A 112 -2.18 -3.18 -3.98
N ASN A 113 -0.90 -3.55 -3.82
CA ASN A 113 -0.05 -3.08 -2.75
C ASN A 113 0.88 -1.99 -3.27
N LYS A 114 1.09 -1.99 -4.59
CA LYS A 114 1.98 -1.04 -5.25
C LYS A 114 3.30 -0.93 -4.52
N ASP A 115 3.85 -2.08 -4.13
CA ASP A 115 5.13 -2.12 -3.42
C ASP A 115 6.29 -1.98 -4.41
N GLY A 116 6.01 -2.22 -5.69
CA GLY A 116 7.05 -2.10 -6.70
C GLY A 116 7.53 -3.45 -7.18
N SER A 117 6.64 -4.43 -7.12
CA SER A 117 6.96 -5.79 -7.54
C SER A 117 5.74 -6.68 -7.41
N ILE A 118 5.30 -7.22 -8.54
CA ILE A 118 4.16 -8.10 -8.52
C ILE A 118 4.50 -9.37 -7.77
N ASP A 119 4.02 -9.43 -6.55
CA ASP A 119 4.28 -10.56 -5.68
C ASP A 119 3.04 -11.00 -4.91
N GLU A 120 3.22 -11.52 -3.71
CA GLU A 120 2.11 -11.99 -2.89
C GLU A 120 1.21 -10.84 -2.42
N TYR A 121 1.82 -9.69 -2.16
CA TYR A 121 1.08 -8.53 -1.69
C TYR A 121 -0.12 -8.24 -2.58
N GLU A 122 -0.04 -8.60 -3.84
CA GLU A 122 -1.15 -8.35 -4.75
C GLU A 122 -2.10 -9.54 -4.83
N ILE A 123 -1.69 -10.55 -5.57
CA ILE A 123 -2.49 -11.76 -5.76
C ILE A 123 -3.11 -12.25 -4.44
N SER A 124 -2.44 -11.95 -3.33
CA SER A 124 -2.92 -12.37 -2.01
C SER A 124 -4.43 -12.23 -1.89
N PHE A 125 -4.99 -11.25 -2.59
CA PHE A 125 -6.42 -11.01 -2.57
C PHE A 125 -7.18 -12.01 -3.42
N ILE A 126 -6.98 -11.94 -4.73
CA ILE A 126 -7.66 -12.83 -5.66
C ILE A 126 -7.18 -14.28 -5.50
N ASN A 127 -6.09 -14.48 -4.78
CA ASN A 127 -5.56 -15.83 -4.56
C ASN A 127 -6.62 -16.74 -3.96
N HIS A 128 -7.31 -16.23 -2.94
CA HIS A 128 -8.37 -17.01 -2.28
C HIS A 128 -9.73 -16.71 -2.89
N ARG A 129 -9.99 -15.43 -3.14
CA ARG A 129 -11.26 -15.01 -3.73
C ARG A 129 -11.59 -15.85 -4.97
N ILE A 130 -10.54 -16.32 -5.64
CA ILE A 130 -10.69 -17.14 -6.83
C ILE A 130 -11.55 -18.37 -6.53
N LEU A 131 -10.99 -19.31 -5.78
CA LEU A 131 -11.70 -20.53 -5.43
C LEU A 131 -12.92 -20.21 -4.56
N ASN A 132 -12.83 -19.15 -3.77
CA ASN A 132 -13.91 -18.75 -2.90
C ASN A 132 -15.03 -18.06 -3.69
N LEU A 133 -15.64 -18.80 -4.60
CA LEU A 133 -16.71 -18.27 -5.42
C LEU A 133 -17.89 -19.23 -5.50
N GLU A 134 -18.02 -20.08 -4.48
CA GLU A 134 -19.10 -21.06 -4.43
C GLU A 134 -19.06 -21.98 -5.64
N HIS A 135 -18.64 -23.22 -5.43
CA HIS A 135 -18.57 -24.20 -6.51
C HIS A 135 -19.93 -24.82 -6.77
N HIS A 136 -19.96 -25.80 -7.66
CA HIS A 136 -21.20 -26.48 -8.02
C HIS A 136 -20.93 -27.72 -8.87
N HIS A 137 -21.99 -28.44 -9.21
CA HIS A 137 -21.87 -29.65 -10.02
C HIS A 137 -21.06 -30.72 -9.30
N HIS A 138 -19.74 -30.59 -9.33
CA HIS A 138 -18.86 -31.54 -8.67
C HIS A 138 -19.08 -32.95 -9.23
N HIS A 139 -18.22 -33.37 -10.14
CA HIS A 139 -18.31 -34.69 -10.75
C HIS A 139 -17.21 -35.60 -10.23
N HIS A 140 -15.97 -35.18 -10.41
CA HIS A 140 -14.82 -35.97 -9.97
C HIS A 140 -14.86 -36.18 -8.46
#